data_2MG5
#
_entry.id   2MG5
#
_cell.length_a   1.000
_cell.length_b   1.000
_cell.length_c   1.000
_cell.angle_alpha   90.00
_cell.angle_beta   90.00
_cell.angle_gamma   90.00
#
_symmetry.space_group_name_H-M   'P 1'
#
loop_
_entity.id
_entity.type
_entity.pdbx_description
1 polymer Calmodulin
2 polymer 'target peptide'
#
loop_
_entity_poly.entity_id
_entity_poly.type
_entity_poly.pdbx_seq_one_letter_code
_entity_poly.pdbx_strand_id
1 'polypeptide(L)'
;ADQLTEEQIAEFKEAFSLFDKDGDGTITTKELGTVMRSLGQNPTEAELQDMINEVDADGNGTIDFPEFLTMMARKMKDTD
SEEEIREAFRVFDKDGNGYISAAELRHVMTNLGEKLTDEEVDEMIREADIDGDGQVNYEEFVQMMTAK
;
A
2 'polypeptide(L)' (TPO)FKEVANAVKISASLM B
#
# COMPACT_ATOMS: atom_id res chain seq x y z
N ALA A 1 4.64 27.89 2.95
CA ALA A 1 4.02 28.30 1.65
C ALA A 1 4.28 27.26 0.56
N ASP A 2 5.51 26.74 0.52
CA ASP A 2 5.91 25.72 -0.47
C ASP A 2 5.86 24.31 0.12
N GLN A 3 6.32 24.17 1.37
CA GLN A 3 6.34 22.89 2.06
C GLN A 3 5.82 23.03 3.49
N LEU A 4 5.06 22.02 3.91
CA LEU A 4 4.53 21.95 5.28
C LEU A 4 5.27 20.81 5.97
N THR A 5 5.15 19.61 5.37
CA THR A 5 5.85 18.45 5.79
C THR A 5 6.28 17.70 4.54
N GLU A 6 7.57 17.55 4.42
CA GLU A 6 8.24 16.88 3.30
C GLU A 6 7.70 15.46 2.99
N GLU A 7 7.02 14.85 3.96
CA GLU A 7 6.46 13.49 3.82
C GLU A 7 5.25 13.45 2.88
N GLN A 8 4.42 14.49 2.93
CA GLN A 8 3.21 14.59 2.11
C GLN A 8 3.48 15.00 0.65
N ILE A 9 4.75 15.28 0.32
CA ILE A 9 5.11 15.69 -1.05
C ILE A 9 6.26 14.83 -1.61
N ALA A 10 7.28 14.57 -0.78
CA ALA A 10 8.44 13.77 -1.22
C ALA A 10 8.22 12.27 -1.08
N GLU A 11 7.64 11.85 0.06
CA GLU A 11 7.37 10.44 0.33
C GLU A 11 6.17 9.91 -0.45
N PHE A 12 5.41 10.80 -1.11
CA PHE A 12 4.29 10.40 -1.94
C PHE A 12 4.83 9.82 -3.23
N LYS A 13 5.89 10.47 -3.75
CA LYS A 13 6.60 10.00 -4.93
C LYS A 13 7.55 8.87 -4.55
N GLU A 14 7.44 8.50 -3.29
CA GLU A 14 8.17 7.41 -2.68
C GLU A 14 7.24 6.20 -2.64
N ALA A 15 5.94 6.52 -2.54
CA ALA A 15 4.86 5.53 -2.52
C ALA A 15 4.58 5.02 -3.94
N PHE A 16 4.69 5.93 -4.93
CA PHE A 16 4.47 5.59 -6.33
C PHE A 16 5.58 4.68 -6.83
N SER A 17 6.77 4.88 -6.25
CA SER A 17 7.96 4.09 -6.55
C SER A 17 7.85 2.66 -5.99
N LEU A 18 6.86 2.45 -5.10
CA LEU A 18 6.61 1.14 -4.48
C LEU A 18 5.95 0.17 -5.47
N PHE A 19 5.02 0.69 -6.28
CA PHE A 19 4.30 -0.10 -7.27
C PHE A 19 5.03 -0.12 -8.62
N ASP A 20 5.30 1.09 -9.17
CA ASP A 20 5.97 1.24 -10.48
C ASP A 20 7.43 0.78 -10.41
N LYS A 21 7.61 -0.47 -10.83
CA LYS A 21 8.90 -1.16 -10.86
C LYS A 21 9.83 -0.66 -11.97
N ASP A 22 9.25 -0.04 -13.01
CA ASP A 22 10.00 0.47 -14.16
C ASP A 22 10.59 1.86 -13.89
N GLY A 23 10.02 2.58 -12.92
CA GLY A 23 10.50 3.93 -12.58
C GLY A 23 10.06 5.01 -13.57
N ASP A 24 9.39 4.58 -14.66
CA ASP A 24 8.89 5.50 -15.68
C ASP A 24 7.47 5.98 -15.33
N GLY A 25 6.88 5.33 -14.32
CA GLY A 25 5.54 5.68 -13.87
C GLY A 25 4.46 4.79 -14.45
N THR A 26 4.77 3.49 -14.58
CA THR A 26 3.82 2.52 -15.11
C THR A 26 4.00 1.15 -14.50
N ILE A 27 2.89 0.58 -14.08
CA ILE A 27 2.88 -0.76 -13.50
C ILE A 27 1.96 -1.70 -14.27
N THR A 28 2.23 -3.00 -14.16
CA THR A 28 1.44 -4.05 -14.81
C THR A 28 0.06 -4.17 -14.15
N THR A 29 -0.96 -4.55 -14.95
CA THR A 29 -2.33 -4.69 -14.45
C THR A 29 -2.50 -5.90 -13.50
N LYS A 30 -1.45 -6.74 -13.44
CA LYS A 30 -1.42 -7.91 -12.59
C LYS A 30 -1.19 -7.52 -11.11
N GLU A 31 -0.46 -6.42 -10.92
CA GLU A 31 -0.11 -5.89 -9.60
C GLU A 31 -1.24 -5.18 -8.89
N LEU A 32 -1.88 -4.26 -9.61
CA LEU A 32 -2.96 -3.47 -9.06
C LEU A 32 -4.09 -4.33 -8.58
N GLY A 33 -4.32 -5.45 -9.28
CA GLY A 33 -5.36 -6.35 -8.89
C GLY A 33 -5.01 -7.16 -7.68
N THR A 34 -3.75 -7.10 -7.37
CA THR A 34 -3.16 -7.79 -6.22
C THR A 34 -3.45 -7.05 -4.90
N VAL A 35 -4.06 -5.85 -5.00
CA VAL A 35 -4.40 -5.02 -3.82
C VAL A 35 -5.33 -5.79 -2.86
N MET A 36 -6.18 -6.64 -3.44
CA MET A 36 -7.10 -7.49 -2.68
C MET A 36 -6.31 -8.58 -1.95
N ARG A 37 -5.33 -9.12 -2.66
CA ARG A 37 -4.49 -10.21 -2.16
C ARG A 37 -3.64 -9.85 -0.92
N SER A 38 -3.59 -8.55 -0.58
CA SER A 38 -2.89 -8.07 0.62
C SER A 38 -3.79 -8.35 1.83
N LEU A 39 -5.10 -8.36 1.53
CA LEU A 39 -6.15 -8.68 2.48
C LEU A 39 -6.26 -10.19 2.57
N GLY A 40 -5.34 -10.87 1.86
CA GLY A 40 -5.37 -12.33 1.76
C GLY A 40 -6.58 -12.74 0.94
N GLN A 41 -6.74 -12.04 -0.18
CA GLN A 41 -7.87 -12.19 -1.08
C GLN A 41 -7.49 -12.80 -2.42
N ASN A 42 -8.33 -12.45 -3.39
CA ASN A 42 -8.26 -12.91 -4.75
C ASN A 42 -7.73 -11.82 -5.71
N PRO A 43 -6.83 -12.15 -6.68
CA PRO A 43 -6.30 -11.17 -7.65
C PRO A 43 -7.27 -10.86 -8.79
N THR A 44 -7.56 -9.57 -9.01
CA THR A 44 -8.45 -9.14 -10.08
C THR A 44 -7.68 -8.64 -11.29
N GLU A 45 -7.25 -9.63 -12.04
CA GLU A 45 -6.49 -9.45 -13.27
C GLU A 45 -7.40 -8.91 -14.39
N ALA A 46 -8.52 -9.62 -14.58
CA ALA A 46 -9.50 -9.30 -15.61
C ALA A 46 -10.30 -8.03 -15.31
N GLU A 47 -10.60 -7.80 -14.03
CA GLU A 47 -11.38 -6.63 -13.62
C GLU A 47 -10.55 -5.34 -13.60
N LEU A 48 -9.25 -5.46 -13.30
CA LEU A 48 -8.38 -4.28 -13.28
C LEU A 48 -7.99 -3.85 -14.68
N GLN A 49 -8.28 -4.71 -15.66
CA GLN A 49 -8.12 -4.36 -17.05
C GLN A 49 -9.29 -3.47 -17.38
N ASP A 50 -10.38 -3.64 -16.61
CA ASP A 50 -11.56 -2.83 -16.70
C ASP A 50 -11.33 -1.45 -16.07
N MET A 51 -10.21 -1.32 -15.33
CA MET A 51 -9.85 -0.07 -14.66
C MET A 51 -8.59 0.52 -15.27
N ILE A 52 -7.70 -0.35 -15.78
CA ILE A 52 -6.46 0.08 -16.42
C ILE A 52 -6.81 0.64 -17.77
N ASN A 53 -7.78 -0.03 -18.37
CA ASN A 53 -8.33 0.31 -19.67
C ASN A 53 -8.91 1.73 -19.70
N GLU A 54 -9.62 2.08 -18.60
CA GLU A 54 -10.26 3.39 -18.45
C GLU A 54 -9.30 4.46 -17.93
N VAL A 55 -8.27 4.06 -17.20
CA VAL A 55 -7.32 5.01 -16.63
C VAL A 55 -6.09 5.26 -17.53
N ASP A 56 -5.83 4.35 -18.48
CA ASP A 56 -4.71 4.48 -19.43
C ASP A 56 -5.04 5.54 -20.51
N ALA A 57 -5.24 6.79 -20.05
CA ALA A 57 -5.59 7.93 -20.91
C ALA A 57 -4.47 8.26 -21.86
N ASP A 58 -3.25 8.03 -21.39
CA ASP A 58 -2.06 8.23 -22.18
C ASP A 58 -1.63 6.88 -22.73
N GLY A 59 -2.57 5.95 -22.59
CA GLY A 59 -2.48 4.56 -23.01
C GLY A 59 -1.08 3.95 -22.90
N ASN A 60 -0.72 3.59 -21.67
CA ASN A 60 0.58 3.01 -21.37
C ASN A 60 0.54 1.48 -21.45
N GLY A 61 -0.64 0.92 -21.74
CA GLY A 61 -0.82 -0.51 -21.73
C GLY A 61 -0.94 -0.95 -20.30
N THR A 62 -0.22 -0.20 -19.50
CA THR A 62 -0.16 -0.33 -18.09
C THR A 62 -0.92 0.87 -17.51
N ILE A 63 -0.32 1.58 -16.55
CA ILE A 63 -0.99 2.75 -15.94
C ILE A 63 -0.01 3.92 -15.80
N ASP A 64 -0.48 5.15 -15.97
CA ASP A 64 0.39 6.31 -15.88
C ASP A 64 0.35 7.00 -14.48
N PHE A 65 1.08 8.14 -14.38
CA PHE A 65 1.21 8.92 -13.14
C PHE A 65 -0.08 9.66 -12.68
N PRO A 66 -0.70 10.57 -13.52
CA PRO A 66 -1.90 11.35 -13.10
C PRO A 66 -3.19 10.54 -12.99
N GLU A 67 -3.44 9.66 -13.96
CA GLU A 67 -4.67 8.86 -14.00
C GLU A 67 -4.68 7.66 -13.02
N PHE A 68 -3.69 7.62 -12.11
CA PHE A 68 -3.60 6.53 -11.13
C PHE A 68 -4.67 6.68 -10.02
N LEU A 69 -4.77 7.90 -9.45
CA LEU A 69 -5.73 8.19 -8.37
C LEU A 69 -7.20 8.26 -8.84
N THR A 70 -7.43 8.22 -10.16
CA THR A 70 -8.78 8.31 -10.72
C THR A 70 -9.60 7.06 -10.53
N MET A 71 -8.93 5.93 -10.43
CA MET A 71 -9.60 4.67 -10.17
C MET A 71 -10.09 4.65 -8.72
N MET A 72 -9.28 5.28 -7.86
CA MET A 72 -9.59 5.45 -6.45
C MET A 72 -10.62 6.59 -6.29
N ALA A 73 -10.68 7.45 -7.32
CA ALA A 73 -11.57 8.62 -7.38
C ALA A 73 -13.05 8.27 -7.31
N ARG A 74 -13.47 7.23 -8.05
CA ARG A 74 -14.87 6.80 -8.09
C ARG A 74 -15.38 6.39 -6.70
N LYS A 75 -14.60 5.54 -6.02
CA LYS A 75 -14.94 5.06 -4.68
C LYS A 75 -14.53 6.04 -3.56
N MET A 76 -13.81 7.14 -3.92
CA MET A 76 -13.33 8.10 -2.92
C MET A 76 -14.41 9.08 -2.40
N LYS A 77 -15.66 8.65 -2.47
CA LYS A 77 -16.79 9.43 -1.99
C LYS A 77 -17.04 9.20 -0.49
N ASP A 78 -16.56 10.15 0.33
CA ASP A 78 -16.71 10.11 1.81
C ASP A 78 -16.01 8.87 2.42
N THR A 79 -14.80 9.10 2.94
CA THR A 79 -14.00 8.03 3.57
C THR A 79 -14.45 7.74 5.01
N ASP A 80 -14.34 6.47 5.41
CA ASP A 80 -14.71 6.04 6.76
C ASP A 80 -13.50 6.04 7.69
N SER A 81 -13.75 5.95 8.99
CA SER A 81 -12.68 5.95 10.00
C SER A 81 -12.04 4.56 10.17
N GLU A 82 -12.45 3.81 11.21
CA GLU A 82 -11.92 2.48 11.53
C GLU A 82 -12.08 1.47 10.39
N GLU A 83 -13.07 1.68 9.51
CA GLU A 83 -13.28 0.77 8.38
C GLU A 83 -12.14 0.94 7.38
N GLU A 84 -11.69 2.19 7.20
CA GLU A 84 -10.57 2.51 6.32
C GLU A 84 -9.25 2.17 7.04
N ILE A 85 -9.29 2.16 8.39
CA ILE A 85 -8.13 1.82 9.21
C ILE A 85 -7.89 0.31 9.17
N ARG A 86 -8.99 -0.46 9.27
CA ARG A 86 -8.90 -1.93 9.20
C ARG A 86 -8.50 -2.36 7.79
N GLU A 87 -8.83 -1.52 6.79
CA GLU A 87 -8.48 -1.75 5.39
C GLU A 87 -7.00 -1.56 5.15
N ALA A 88 -6.27 -1.43 6.25
CA ALA A 88 -4.85 -1.34 6.22
C ALA A 88 -4.25 -2.12 7.38
N PHE A 89 -5.02 -2.23 8.47
CA PHE A 89 -4.59 -2.95 9.68
C PHE A 89 -4.62 -4.48 9.53
N ARG A 90 -5.84 -5.08 9.35
CA ARG A 90 -5.97 -6.56 9.24
C ARG A 90 -5.42 -7.01 7.91
N VAL A 91 -5.28 -6.03 7.04
CA VAL A 91 -4.74 -6.17 5.70
C VAL A 91 -3.21 -6.30 5.81
N PHE A 92 -2.68 -5.63 6.84
CA PHE A 92 -1.26 -5.64 7.17
C PHE A 92 -0.92 -6.82 8.11
N ASP A 93 -1.55 -6.85 9.31
CA ASP A 93 -1.34 -7.90 10.30
C ASP A 93 -1.89 -9.27 9.83
N LYS A 94 -0.97 -10.16 9.42
CA LYS A 94 -1.32 -11.51 8.98
C LYS A 94 -1.92 -12.38 10.10
N ASP A 95 -1.63 -12.01 11.36
CA ASP A 95 -2.13 -12.74 12.52
C ASP A 95 -3.18 -11.90 13.28
N GLY A 96 -2.75 -10.75 13.83
CA GLY A 96 -3.65 -9.87 14.56
C GLY A 96 -3.88 -10.29 16.01
N ASN A 97 -2.79 -10.45 16.76
CA ASN A 97 -2.86 -10.83 18.16
C ASN A 97 -2.16 -9.81 19.06
N GLY A 98 -2.46 -8.52 18.83
CA GLY A 98 -1.84 -7.44 19.60
C GLY A 98 -0.50 -7.03 19.04
N TYR A 99 0.08 -7.92 18.22
CA TYR A 99 1.38 -7.73 17.58
C TYR A 99 1.28 -8.14 16.11
N ILE A 100 2.08 -7.51 15.26
CA ILE A 100 2.13 -7.83 13.83
C ILE A 100 3.36 -8.65 13.60
N SER A 101 3.17 -9.67 12.79
CA SER A 101 4.18 -10.65 12.52
C SER A 101 5.29 -10.11 11.65
N ALA A 102 6.46 -10.68 11.85
CA ALA A 102 7.66 -10.24 11.14
C ALA A 102 7.66 -10.59 9.67
N ALA A 103 7.41 -11.85 9.39
CA ALA A 103 7.38 -12.38 8.03
C ALA A 103 6.11 -12.01 7.26
N GLU A 104 5.39 -11.00 7.75
CA GLU A 104 4.16 -10.59 7.10
C GLU A 104 4.37 -9.74 5.88
N LEU A 105 5.15 -8.67 5.97
CA LEU A 105 5.36 -7.85 4.81
C LEU A 105 6.08 -8.58 3.70
N ARG A 106 6.95 -9.56 4.03
CA ARG A 106 7.56 -10.32 2.95
C ARG A 106 6.46 -11.13 2.26
N HIS A 107 5.39 -11.45 3.02
CA HIS A 107 4.21 -12.12 2.48
C HIS A 107 3.32 -11.12 1.70
N VAL A 108 2.95 -10.01 2.38
CA VAL A 108 2.10 -8.94 1.84
C VAL A 108 2.83 -8.03 0.83
N MET A 109 3.98 -7.44 1.23
CA MET A 109 4.78 -6.55 0.37
C MET A 109 5.19 -7.25 -0.93
N THR A 110 5.38 -8.57 -0.85
CA THR A 110 5.73 -9.39 -2.01
C THR A 110 4.53 -9.44 -2.95
N ASN A 111 3.37 -9.48 -2.30
CA ASN A 111 2.06 -9.47 -2.95
C ASN A 111 1.76 -8.07 -3.49
N LEU A 112 2.47 -7.07 -2.94
CA LEU A 112 2.28 -5.69 -3.34
C LEU A 112 3.29 -5.33 -4.47
N GLY A 113 4.06 -6.34 -4.93
CA GLY A 113 4.97 -6.17 -6.06
C GLY A 113 6.44 -5.99 -5.76
N GLU A 114 6.86 -6.22 -4.51
CA GLU A 114 8.28 -6.15 -4.17
C GLU A 114 8.69 -7.43 -3.44
N LYS A 115 9.14 -8.42 -4.25
CA LYS A 115 9.53 -9.75 -3.76
C LYS A 115 10.79 -9.73 -2.90
N LEU A 116 10.57 -9.85 -1.57
CA LEU A 116 11.66 -9.89 -0.60
C LEU A 116 11.36 -10.83 0.55
N THR A 117 12.40 -11.13 1.32
CA THR A 117 12.32 -11.99 2.49
C THR A 117 12.17 -11.11 3.76
N ASP A 118 11.94 -11.76 4.92
CA ASP A 118 11.75 -11.08 6.22
C ASP A 118 12.86 -10.06 6.54
N GLU A 119 14.06 -10.33 6.01
CA GLU A 119 15.24 -9.47 6.19
C GLU A 119 15.00 -8.01 5.79
N GLU A 120 14.46 -7.84 4.59
CA GLU A 120 14.16 -6.53 4.02
C GLU A 120 12.99 -5.92 4.77
N VAL A 121 12.05 -6.78 5.20
CA VAL A 121 10.88 -6.36 5.96
C VAL A 121 11.28 -6.04 7.41
N ASP A 122 12.34 -6.71 7.88
CA ASP A 122 12.86 -6.52 9.24
C ASP A 122 13.23 -5.06 9.51
N GLU A 123 13.78 -4.39 8.49
CA GLU A 123 14.07 -2.96 8.59
C GLU A 123 12.73 -2.22 8.50
N MET A 124 11.79 -2.87 7.79
CA MET A 124 10.43 -2.35 7.62
C MET A 124 9.62 -2.53 8.92
N ILE A 125 9.92 -3.60 9.70
CA ILE A 125 9.23 -3.84 10.98
C ILE A 125 9.95 -3.14 12.14
N ARG A 126 11.28 -2.98 11.97
CA ARG A 126 12.13 -2.30 12.97
C ARG A 126 11.69 -0.85 13.14
N GLU A 127 11.22 -0.25 12.04
CA GLU A 127 10.71 1.14 12.02
C GLU A 127 9.48 1.30 12.91
N ALA A 128 8.73 0.21 13.07
CA ALA A 128 7.54 0.17 13.92
C ALA A 128 7.90 -0.25 15.34
N ASP A 129 9.03 -0.91 15.49
CA ASP A 129 9.47 -1.38 16.77
C ASP A 129 10.69 -0.61 17.30
N ILE A 130 10.44 0.26 18.27
CA ILE A 130 11.49 1.07 18.91
C ILE A 130 12.34 0.23 19.87
N ASP A 131 11.75 -0.88 20.32
CA ASP A 131 12.39 -1.81 21.25
C ASP A 131 13.05 -2.99 20.50
N GLY A 132 12.91 -3.00 19.16
CA GLY A 132 13.50 -4.05 18.32
C GLY A 132 13.00 -5.45 18.66
N ASP A 133 11.67 -5.62 18.75
CA ASP A 133 11.07 -6.91 19.08
C ASP A 133 10.73 -7.73 17.82
N GLY A 134 10.88 -7.10 16.63
CA GLY A 134 10.62 -7.79 15.37
C GLY A 134 9.13 -8.00 15.05
N GLN A 135 8.23 -7.30 15.74
CA GLN A 135 6.79 -7.43 15.50
C GLN A 135 6.06 -6.12 15.76
N VAL A 136 4.83 -5.91 15.18
CA VAL A 136 4.18 -4.61 15.37
C VAL A 136 2.83 -4.64 16.10
N ASN A 137 2.78 -3.98 17.26
CA ASN A 137 1.55 -3.84 18.05
C ASN A 137 0.65 -2.74 17.45
N TYR A 138 -0.56 -2.59 18.02
CA TYR A 138 -1.54 -1.59 17.56
C TYR A 138 -1.04 -0.15 17.67
N GLU A 139 -0.30 0.13 18.74
CA GLU A 139 0.23 1.48 19.05
C GLU A 139 1.34 1.96 18.15
N GLU A 140 2.21 1.10 17.66
CA GLU A 140 3.29 1.59 16.84
C GLU A 140 2.84 1.91 15.39
N PHE A 141 2.16 0.96 14.76
CA PHE A 141 1.57 1.12 13.41
C PHE A 141 0.46 2.20 13.40
N VAL A 142 -0.13 2.48 14.57
CA VAL A 142 -1.21 3.45 14.71
C VAL A 142 -0.66 4.85 14.42
N GLN A 143 0.49 5.04 15.02
CA GLN A 143 1.34 6.21 14.93
C GLN A 143 1.70 6.55 13.48
N MET A 144 1.78 5.50 12.67
CA MET A 144 2.10 5.57 11.26
C MET A 144 0.97 6.22 10.42
N MET A 145 -0.28 6.13 10.89
CA MET A 145 -1.42 6.73 10.17
C MET A 145 -1.63 8.17 10.60
N THR A 146 -1.40 8.47 11.90
CA THR A 146 -1.49 9.85 12.38
C THR A 146 -0.35 10.65 11.73
N ALA A 147 0.59 9.88 11.14
CA ALA A 147 1.72 10.41 10.41
C ALA A 147 2.10 9.42 9.29
N LYS A 148 1.28 9.42 8.25
CA LYS A 148 1.47 8.59 7.05
C LYS A 148 2.72 9.01 6.26
N TPO B 1 8.12 -0.98 4.54
CA TPO B 1 8.18 0.06 5.60
CB TPO B 1 8.51 1.46 5.02
CG2 TPO B 1 10.01 1.72 5.04
OG1 TPO B 1 8.02 1.57 3.68
C TPO B 1 6.87 0.15 6.36
O TPO B 1 5.80 0.16 5.75
H1 TPO B 1 7.42 -0.71 3.82
H2 TPO B 1 7.84 -1.89 4.95
H3 TPO B 1 9.05 -1.08 4.09
HA TPO B 1 8.96 -0.21 6.30
HB TPO B 1 8.03 2.20 5.63
HG21 TPO B 1 10.37 1.68 6.05
HG22 TPO B 1 10.21 2.69 4.63
HG23 TPO B 1 10.52 0.97 4.44
N PHE B 2 6.93 0.19 7.68
CA PHE B 2 5.73 0.28 8.51
C PHE B 2 5.14 1.70 8.53
N LYS B 3 6.01 2.73 8.47
CA LYS B 3 5.58 4.15 8.51
C LYS B 3 4.95 4.70 7.20
N GLU B 4 5.69 4.64 6.07
CA GLU B 4 5.23 5.19 4.76
C GLU B 4 4.23 4.30 4.01
N VAL B 5 4.46 2.99 4.05
CA VAL B 5 3.64 1.97 3.36
C VAL B 5 2.12 2.09 3.64
N ALA B 6 1.74 2.66 4.79
CA ALA B 6 0.32 2.81 5.18
C ALA B 6 -0.55 3.40 4.08
N ASN B 7 -0.02 4.41 3.38
CA ASN B 7 -0.73 5.06 2.28
C ASN B 7 -0.80 4.14 1.04
N ALA B 8 0.14 3.18 0.97
CA ALA B 8 0.21 2.20 -0.13
C ALA B 8 -0.82 1.08 0.03
N VAL B 9 -0.91 0.48 1.23
CA VAL B 9 -1.87 -0.60 1.52
C VAL B 9 -3.32 -0.04 1.64
N LYS B 10 -3.44 1.24 2.05
CA LYS B 10 -4.73 1.90 2.23
C LYS B 10 -5.44 2.22 0.90
N ILE B 11 -4.68 2.21 -0.22
CA ILE B 11 -5.25 2.50 -1.55
C ILE B 11 -6.10 1.32 -2.09
N SER B 12 -6.26 0.28 -1.26
CA SER B 12 -7.04 -0.91 -1.62
C SER B 12 -8.46 -0.83 -1.02
N ALA B 13 -8.79 0.34 -0.46
CA ALA B 13 -10.09 0.57 0.18
C ALA B 13 -11.19 1.00 -0.81
N SER B 14 -10.79 1.26 -2.07
CA SER B 14 -11.74 1.69 -3.11
C SER B 14 -12.36 0.47 -3.81
N LEU B 15 -11.52 -0.44 -4.30
CA LEU B 15 -12.00 -1.64 -4.99
C LEU B 15 -12.29 -2.79 -4.01
N MET B 16 -11.80 -2.65 -2.77
CA MET B 16 -12.01 -3.66 -1.73
C MET B 16 -12.42 -2.98 -0.42
N ALA A 1 16.44 19.41 12.07
CA ALA A 1 16.43 17.95 11.80
C ALA A 1 15.02 17.37 11.95
N ASP A 2 14.67 16.43 11.04
CA ASP A 2 13.36 15.75 11.03
C ASP A 2 12.20 16.74 10.77
N GLN A 3 11.40 16.45 9.75
CA GLN A 3 10.26 17.27 9.37
C GLN A 3 9.05 16.41 9.02
N LEU A 4 7.87 16.93 9.33
CA LEU A 4 6.61 16.23 9.06
C LEU A 4 5.96 16.68 7.74
N THR A 5 6.51 17.74 7.14
CA THR A 5 6.00 18.28 5.87
C THR A 5 6.70 17.66 4.66
N GLU A 6 7.92 17.22 4.91
CA GLU A 6 8.76 16.60 3.90
C GLU A 6 8.30 15.18 3.51
N GLU A 7 7.68 14.48 4.47
CA GLU A 7 7.18 13.11 4.26
C GLU A 7 5.92 13.08 3.37
N GLN A 8 5.16 14.18 3.40
CA GLN A 8 3.92 14.31 2.62
C GLN A 8 4.19 14.61 1.14
N ILE A 9 5.33 15.24 0.85
CA ILE A 9 5.71 15.61 -0.52
C ILE A 9 6.67 14.57 -1.12
N ALA A 10 7.39 13.85 -0.25
CA ALA A 10 8.36 12.83 -0.68
C ALA A 10 7.69 11.49 -0.94
N GLU A 11 6.58 11.24 -0.25
CA GLU A 11 5.82 10.00 -0.37
C GLU A 11 5.11 9.86 -1.72
N PHE A 12 5.11 10.92 -2.53
CA PHE A 12 4.51 10.87 -3.86
C PHE A 12 5.39 10.05 -4.79
N LYS A 13 6.69 10.35 -4.78
CA LYS A 13 7.67 9.61 -5.55
C LYS A 13 8.03 8.31 -4.84
N GLU A 14 7.29 8.10 -3.77
CA GLU A 14 7.37 6.93 -2.94
C GLU A 14 6.19 6.04 -3.28
N ALA A 15 5.07 6.72 -3.62
CA ALA A 15 3.83 6.09 -4.04
C ALA A 15 3.92 5.61 -5.48
N PHE A 16 4.61 6.39 -6.32
CA PHE A 16 4.80 6.05 -7.73
C PHE A 16 5.75 4.86 -7.86
N SER A 17 6.69 4.78 -6.93
CA SER A 17 7.67 3.70 -6.86
C SER A 17 7.03 2.38 -6.41
N LEU A 18 5.75 2.44 -6.00
CA LEU A 18 5.00 1.26 -5.55
C LEU A 18 4.64 0.34 -6.71
N PHE A 19 3.71 0.81 -7.56
CA PHE A 19 3.26 0.05 -8.74
C PHE A 19 4.09 0.39 -9.97
N ASP A 20 4.31 1.71 -10.20
CA ASP A 20 5.09 2.19 -11.35
C ASP A 20 6.58 2.27 -10.99
N LYS A 21 7.09 1.16 -10.44
CA LYS A 21 8.51 1.05 -10.04
C LYS A 21 9.46 0.94 -11.26
N ASP A 22 8.92 1.20 -12.46
CA ASP A 22 9.69 1.12 -13.71
C ASP A 22 10.27 2.49 -14.10
N GLY A 23 9.57 3.57 -13.72
CA GLY A 23 10.02 4.93 -14.03
C GLY A 23 9.75 5.34 -15.48
N ASP A 24 9.09 4.46 -16.24
CA ASP A 24 8.74 4.73 -17.64
C ASP A 24 7.35 5.36 -17.72
N GLY A 25 6.64 5.35 -16.59
CA GLY A 25 5.30 5.91 -16.49
C GLY A 25 4.20 4.87 -16.63
N THR A 26 4.58 3.60 -16.48
CA THR A 26 3.64 2.48 -16.58
C THR A 26 3.98 1.42 -15.58
N ILE A 27 2.92 0.89 -15.02
CA ILE A 27 3.00 -0.14 -14.02
C ILE A 27 3.03 -1.55 -14.64
N THR A 28 3.16 -2.57 -13.80
CA THR A 28 3.19 -3.95 -14.27
C THR A 28 1.91 -4.65 -13.90
N THR A 29 1.27 -5.15 -14.94
CA THR A 29 0.02 -5.85 -14.87
C THR A 29 0.14 -7.26 -14.24
N LYS A 30 1.30 -7.53 -13.63
CA LYS A 30 1.54 -8.79 -12.96
C LYS A 30 0.83 -8.85 -11.60
N GLU A 31 1.38 -8.11 -10.62
CA GLU A 31 0.84 -8.04 -9.26
C GLU A 31 -0.38 -7.12 -9.11
N LEU A 32 -0.94 -6.58 -10.21
CA LEU A 32 -2.10 -5.67 -10.12
C LEU A 32 -3.21 -6.23 -9.23
N GLY A 33 -3.31 -7.57 -9.15
CA GLY A 33 -4.30 -8.21 -8.31
C GLY A 33 -3.96 -8.17 -6.84
N THR A 34 -3.19 -7.15 -6.49
CA THR A 34 -2.73 -6.91 -5.12
C THR A 34 -3.81 -6.35 -4.19
N VAL A 35 -4.99 -6.02 -4.76
CA VAL A 35 -6.12 -5.48 -3.98
C VAL A 35 -6.55 -6.46 -2.88
N MET A 36 -7.05 -7.63 -3.30
CA MET A 36 -7.47 -8.70 -2.40
C MET A 36 -6.29 -9.41 -1.73
N ARG A 37 -5.25 -9.63 -2.52
CA ARG A 37 -4.06 -10.39 -2.11
C ARG A 37 -3.22 -9.79 -0.98
N SER A 38 -3.59 -8.62 -0.48
CA SER A 38 -2.90 -7.99 0.64
C SER A 38 -3.63 -8.32 1.93
N LEU A 39 -4.92 -8.64 1.77
CA LEU A 39 -5.79 -9.05 2.85
C LEU A 39 -5.56 -10.54 3.13
N GLY A 40 -4.42 -11.05 2.61
CA GLY A 40 -4.11 -12.47 2.72
C GLY A 40 -5.18 -13.27 1.99
N GLN A 41 -5.54 -12.76 0.81
CA GLN A 41 -6.59 -13.28 -0.03
C GLN A 41 -6.08 -13.92 -1.32
N ASN A 42 -7.00 -13.91 -2.27
CA ASN A 42 -6.83 -14.47 -3.58
C ASN A 42 -6.87 -13.41 -4.70
N PRO A 43 -6.30 -13.69 -5.91
CA PRO A 43 -6.33 -12.73 -7.05
C PRO A 43 -7.67 -12.71 -7.78
N THR A 44 -8.12 -11.50 -8.15
CA THR A 44 -9.38 -11.32 -8.88
C THR A 44 -9.16 -11.04 -10.33
N GLU A 45 -9.39 -12.09 -11.13
CA GLU A 45 -9.24 -12.04 -12.59
C GLU A 45 -10.15 -10.97 -13.16
N ALA A 46 -11.33 -10.89 -12.55
CA ALA A 46 -12.36 -9.94 -12.91
C ALA A 46 -12.02 -8.51 -12.44
N GLU A 47 -11.24 -8.39 -11.35
CA GLU A 47 -10.92 -7.06 -10.78
C GLU A 47 -9.84 -6.27 -11.52
N LEU A 48 -8.61 -6.81 -11.69
CA LEU A 48 -7.53 -6.07 -12.35
C LEU A 48 -7.87 -5.60 -13.74
N GLN A 49 -8.62 -6.39 -14.49
CA GLN A 49 -9.04 -5.97 -15.81
C GLN A 49 -10.02 -4.84 -15.64
N ASP A 50 -10.81 -4.91 -14.58
CA ASP A 50 -11.72 -3.84 -14.23
C ASP A 50 -10.95 -2.67 -13.61
N MET A 51 -9.64 -2.86 -13.35
CA MET A 51 -8.81 -1.83 -12.75
C MET A 51 -7.91 -1.13 -13.77
N ILE A 52 -7.04 -1.87 -14.49
CA ILE A 52 -6.12 -1.24 -15.44
C ILE A 52 -6.88 -0.84 -16.69
N ASN A 53 -7.91 -1.63 -16.97
CA ASN A 53 -8.79 -1.46 -18.11
C ASN A 53 -9.70 -0.24 -17.95
N GLU A 54 -10.14 0.02 -16.71
CA GLU A 54 -11.02 1.15 -16.41
C GLU A 54 -10.26 2.45 -16.17
N VAL A 55 -8.98 2.35 -15.81
CA VAL A 55 -8.18 3.56 -15.54
C VAL A 55 -7.27 3.98 -16.72
N ASP A 56 -6.92 3.02 -17.59
CA ASP A 56 -6.05 3.30 -18.77
C ASP A 56 -6.80 4.19 -19.80
N ALA A 57 -6.94 5.48 -19.45
CA ALA A 57 -7.65 6.47 -20.29
C ALA A 57 -6.84 6.81 -21.52
N ASP A 58 -5.52 6.76 -21.35
CA ASP A 58 -4.60 7.00 -22.43
C ASP A 58 -4.08 5.66 -22.93
N GLY A 59 -4.78 4.64 -22.45
CA GLY A 59 -4.52 3.22 -22.72
C GLY A 59 -3.06 2.86 -22.92
N ASN A 60 -2.33 2.74 -21.81
CA ASN A 60 -0.92 2.41 -21.83
C ASN A 60 -0.68 0.90 -21.76
N GLY A 61 -1.76 0.12 -21.90
CA GLY A 61 -1.67 -1.33 -21.75
C GLY A 61 -1.64 -1.66 -20.28
N THR A 62 -0.87 -0.84 -19.59
CA THR A 62 -0.70 -0.91 -18.19
C THR A 62 -1.38 0.37 -17.64
N ILE A 63 -0.66 1.25 -16.96
CA ILE A 63 -1.29 2.49 -16.45
C ILE A 63 -0.41 3.72 -16.73
N ASP A 64 -0.95 4.92 -16.51
CA ASP A 64 -0.21 6.15 -16.76
C ASP A 64 -0.04 6.96 -15.44
N PHE A 65 0.47 8.21 -15.56
CA PHE A 65 0.71 9.09 -14.40
C PHE A 65 -0.60 9.59 -13.72
N PRO A 66 -1.49 10.38 -14.41
CA PRO A 66 -2.72 10.92 -13.80
C PRO A 66 -3.82 9.88 -13.57
N GLU A 67 -3.94 8.93 -14.51
CA GLU A 67 -4.96 7.88 -14.49
C GLU A 67 -4.83 6.88 -13.32
N PHE A 68 -3.68 6.92 -12.61
CA PHE A 68 -3.43 6.02 -11.47
C PHE A 68 -4.24 6.41 -10.23
N LEU A 69 -4.28 7.71 -9.91
CA LEU A 69 -5.00 8.22 -8.74
C LEU A 69 -6.53 8.19 -8.90
N THR A 70 -7.01 7.96 -10.13
CA THR A 70 -8.45 7.91 -10.42
C THR A 70 -9.08 6.64 -9.88
N MET A 71 -8.30 5.57 -9.80
CA MET A 71 -8.76 4.30 -9.26
C MET A 71 -9.12 4.50 -7.79
N MET A 72 -8.30 5.32 -7.11
CA MET A 72 -8.51 5.69 -5.72
C MET A 72 -9.63 6.77 -5.64
N ALA A 73 -9.85 7.45 -6.78
CA ALA A 73 -10.84 8.53 -6.90
C ALA A 73 -12.29 8.05 -6.83
N ARG A 74 -12.59 6.92 -7.47
CA ARG A 74 -13.95 6.36 -7.51
C ARG A 74 -14.46 6.02 -6.10
N LYS A 75 -13.60 5.38 -5.30
CA LYS A 75 -13.95 4.98 -3.93
C LYS A 75 -13.80 6.14 -2.92
N MET A 76 -13.03 7.18 -3.29
CA MET A 76 -12.81 8.33 -2.41
C MET A 76 -14.00 9.31 -2.41
N LYS A 77 -15.21 8.73 -2.32
CA LYS A 77 -16.46 9.50 -2.29
C LYS A 77 -16.82 9.94 -0.85
N ASP A 78 -15.80 10.44 -0.12
CA ASP A 78 -15.94 10.91 1.28
C ASP A 78 -16.39 9.77 2.22
N THR A 79 -15.55 8.74 2.32
CA THR A 79 -15.81 7.57 3.17
C THR A 79 -15.47 7.85 4.64
N ASP A 80 -15.71 6.84 5.51
CA ASP A 80 -15.44 6.96 6.95
C ASP A 80 -13.93 6.86 7.25
N SER A 81 -13.53 7.17 8.48
CA SER A 81 -12.13 7.14 8.90
C SER A 81 -11.66 5.71 9.23
N GLU A 82 -12.22 5.11 10.29
CA GLU A 82 -11.87 3.76 10.75
C GLU A 82 -12.00 2.70 9.66
N GLU A 83 -12.97 2.88 8.74
CA GLU A 83 -13.15 1.95 7.62
C GLU A 83 -11.97 2.08 6.67
N GLU A 84 -11.47 3.33 6.55
CA GLU A 84 -10.31 3.65 5.73
C GLU A 84 -9.03 3.23 6.47
N ILE A 85 -9.10 3.22 7.82
CA ILE A 85 -8.00 2.82 8.68
C ILE A 85 -7.81 1.30 8.63
N ARG A 86 -8.94 0.58 8.70
CA ARG A 86 -8.92 -0.89 8.62
C ARG A 86 -8.49 -1.33 7.21
N GLU A 87 -8.67 -0.42 6.23
CA GLU A 87 -8.27 -0.64 4.83
C GLU A 87 -6.76 -0.61 4.68
N ALA A 88 -6.08 -0.58 5.81
CA ALA A 88 -4.65 -0.64 5.82
C ALA A 88 -4.13 -1.55 6.93
N PHE A 89 -5.01 -1.87 7.91
CA PHE A 89 -4.66 -2.74 9.04
C PHE A 89 -4.58 -4.24 8.66
N ARG A 90 -5.76 -4.91 8.48
CA ARG A 90 -5.80 -6.36 8.17
C ARG A 90 -5.31 -6.59 6.74
N VAL A 91 -5.27 -5.47 6.04
CA VAL A 91 -4.82 -5.38 4.66
C VAL A 91 -3.28 -5.44 4.64
N PHE A 92 -2.71 -4.92 5.72
CA PHE A 92 -1.27 -4.91 5.97
C PHE A 92 -0.82 -6.22 6.64
N ASP A 93 -1.50 -6.60 7.75
CA ASP A 93 -1.23 -7.83 8.48
C ASP A 93 -1.87 -9.04 7.77
N LYS A 94 -1.06 -10.04 7.39
CA LYS A 94 -1.56 -11.24 6.72
C LYS A 94 -2.47 -12.10 7.59
N ASP A 95 -2.09 -12.28 8.87
CA ASP A 95 -2.87 -13.08 9.83
C ASP A 95 -3.76 -12.20 10.70
N GLY A 96 -3.15 -11.21 11.37
CA GLY A 96 -3.90 -10.29 12.23
C GLY A 96 -4.14 -10.85 13.63
N ASN A 97 -3.10 -10.80 14.46
CA ASN A 97 -3.18 -11.29 15.84
C ASN A 97 -2.81 -10.18 16.82
N GLY A 98 -3.28 -8.95 16.52
CA GLY A 98 -2.98 -7.79 17.37
C GLY A 98 -1.63 -7.17 17.03
N TYR A 99 -0.84 -7.90 16.25
CA TYR A 99 0.50 -7.47 15.81
C TYR A 99 0.74 -7.89 14.37
N ILE A 100 1.52 -7.07 13.65
CA ILE A 100 1.90 -7.35 12.26
C ILE A 100 3.23 -8.01 12.27
N SER A 101 3.31 -9.05 11.48
CA SER A 101 4.47 -9.89 11.38
C SER A 101 5.61 -9.19 10.67
N ALA A 102 6.83 -9.61 10.97
CA ALA A 102 8.00 -8.95 10.41
C ALA A 102 8.17 -9.19 8.93
N ALA A 103 8.18 -10.46 8.55
CA ALA A 103 8.30 -10.87 7.15
C ALA A 103 6.99 -10.70 6.39
N GLU A 104 6.05 -9.98 7.01
CA GLU A 104 4.74 -9.80 6.41
C GLU A 104 4.72 -8.77 5.31
N LEU A 105 5.24 -7.56 5.53
CA LEU A 105 5.21 -6.58 4.47
C LEU A 105 6.03 -7.05 3.27
N ARG A 106 7.11 -7.83 3.48
CA ARG A 106 7.84 -8.32 2.32
C ARG A 106 6.96 -9.31 1.56
N HIS A 107 6.03 -9.98 2.30
CA HIS A 107 5.07 -10.89 1.68
C HIS A 107 3.96 -10.10 0.98
N VAL A 108 3.48 -9.03 1.65
CA VAL A 108 2.42 -8.14 1.12
C VAL A 108 2.97 -7.20 0.03
N MET A 109 4.06 -6.47 0.37
CA MET A 109 4.72 -5.53 -0.57
C MET A 109 5.16 -6.23 -1.86
N THR A 110 5.49 -7.53 -1.74
CA THR A 110 5.90 -8.36 -2.88
C THR A 110 4.69 -8.61 -3.77
N ASN A 111 3.56 -8.81 -3.09
CA ASN A 111 2.28 -9.02 -3.73
C ASN A 111 1.76 -7.70 -4.31
N LEU A 112 2.33 -6.60 -3.78
CA LEU A 112 1.99 -5.24 -4.21
C LEU A 112 2.83 -4.83 -5.44
N GLY A 113 3.66 -5.78 -5.94
CA GLY A 113 4.45 -5.53 -7.16
C GLY A 113 5.90 -5.17 -6.92
N GLU A 114 6.32 -5.11 -5.67
CA GLU A 114 7.71 -4.83 -5.33
C GLU A 114 8.22 -5.95 -4.42
N LYS A 115 9.09 -6.79 -4.98
CA LYS A 115 9.64 -7.96 -4.27
C LYS A 115 10.83 -7.60 -3.38
N LEU A 116 10.61 -7.67 -2.06
CA LEU A 116 11.68 -7.40 -1.09
C LEU A 116 11.73 -8.47 0.00
N THR A 117 12.82 -8.43 0.76
CA THR A 117 13.06 -9.32 1.88
C THR A 117 12.72 -8.56 3.18
N ASP A 118 12.64 -9.29 4.31
CA ASP A 118 12.33 -8.72 5.64
C ASP A 118 13.20 -7.50 5.99
N GLU A 119 14.40 -7.48 5.43
CA GLU A 119 15.39 -6.40 5.62
C GLU A 119 14.83 -5.01 5.33
N GLU A 120 14.19 -4.89 4.18
CA GLU A 120 13.60 -3.64 3.73
C GLU A 120 12.35 -3.32 4.54
N VAL A 121 11.65 -4.39 4.96
CA VAL A 121 10.46 -4.25 5.81
C VAL A 121 10.88 -3.93 7.23
N ASP A 122 12.08 -4.41 7.62
CA ASP A 122 12.63 -4.19 8.95
C ASP A 122 12.75 -2.70 9.26
N GLU A 123 13.08 -1.90 8.24
CA GLU A 123 13.12 -0.45 8.38
C GLU A 123 11.67 0.04 8.45
N MET A 124 10.80 -0.73 7.78
CA MET A 124 9.36 -0.48 7.75
C MET A 124 8.73 -0.86 9.10
N ILE A 125 9.21 -1.94 9.74
CA ILE A 125 8.65 -2.42 11.02
C ILE A 125 9.32 -1.77 12.23
N ARG A 126 10.60 -1.40 12.08
CA ARG A 126 11.37 -0.75 13.16
C ARG A 126 10.79 0.64 13.49
N GLU A 127 10.26 1.31 12.46
CA GLU A 127 9.65 2.64 12.60
C GLU A 127 8.29 2.59 13.33
N ALA A 128 7.68 1.40 13.38
CA ALA A 128 6.41 1.20 14.06
C ALA A 128 6.60 0.67 15.47
N ASP A 129 7.76 0.08 15.72
CA ASP A 129 8.07 -0.49 17.00
C ASP A 129 9.13 0.32 17.73
N ILE A 130 8.69 1.03 18.78
CA ILE A 130 9.60 1.85 19.62
C ILE A 130 10.41 0.98 20.57
N ASP A 131 9.89 -0.22 20.82
CA ASP A 131 10.54 -1.20 21.71
C ASP A 131 11.38 -2.21 20.90
N GLY A 132 11.38 -2.06 19.56
CA GLY A 132 12.14 -2.94 18.67
C GLY A 132 11.78 -4.41 18.79
N ASP A 133 10.47 -4.71 18.73
CA ASP A 133 9.99 -6.10 18.83
C ASP A 133 9.90 -6.80 17.47
N GLY A 134 10.12 -6.03 16.38
CA GLY A 134 10.10 -6.59 15.03
C GLY A 134 8.70 -6.93 14.51
N GLN A 135 7.65 -6.41 15.14
CA GLN A 135 6.26 -6.68 14.71
C GLN A 135 5.38 -5.47 14.95
N VAL A 136 4.24 -5.32 14.20
CA VAL A 136 3.46 -4.10 14.40
C VAL A 136 2.03 -4.30 14.90
N ASN A 137 1.77 -3.83 16.13
CA ASN A 137 0.45 -3.85 16.74
C ASN A 137 -0.42 -2.70 16.18
N TYR A 138 -1.72 -2.77 16.40
CA TYR A 138 -2.67 -1.74 15.91
C TYR A 138 -2.37 -0.34 16.47
N GLU A 139 -1.87 -0.29 17.72
CA GLU A 139 -1.57 0.96 18.43
C GLU A 139 -0.58 1.88 17.73
N GLU A 140 0.57 1.38 17.31
CA GLU A 140 1.55 2.25 16.71
C GLU A 140 1.28 2.62 15.24
N PHE A 141 1.01 1.61 14.40
CA PHE A 141 0.73 1.81 12.96
C PHE A 141 -0.36 2.87 12.68
N VAL A 142 -1.34 2.98 13.59
CA VAL A 142 -2.43 3.95 13.43
C VAL A 142 -1.91 5.35 13.72
N GLN A 143 -1.14 5.37 14.80
CA GLN A 143 -0.47 6.52 15.34
C GLN A 143 0.50 7.13 14.31
N MET A 144 1.16 6.23 13.58
CA MET A 144 2.10 6.58 12.53
C MET A 144 1.40 7.10 11.27
N MET A 145 0.13 6.70 11.07
CA MET A 145 -0.64 7.13 9.90
C MET A 145 -1.40 8.41 10.18
N THR A 146 -1.89 8.57 11.43
CA THR A 146 -2.56 9.81 11.84
C THR A 146 -1.50 10.93 11.84
N ALA A 147 -0.23 10.48 11.77
CA ALA A 147 0.92 11.33 11.69
C ALA A 147 2.04 10.64 10.90
N LYS A 148 1.84 10.60 9.59
CA LYS A 148 2.83 10.04 8.66
C LYS A 148 3.56 11.14 7.89
N TPO B 1 9.36 2.64 8.13
CA TPO B 1 8.61 3.03 6.91
CB TPO B 1 9.17 2.37 5.64
CG2 TPO B 1 9.36 3.41 4.53
OG1 TPO B 1 10.42 1.73 5.90
C TPO B 1 7.11 2.68 7.04
O TPO B 1 6.34 2.90 6.11
H1 TPO B 1 9.08 1.69 8.43
H2 TPO B 1 9.16 3.31 8.89
H3 TPO B 1 10.38 2.65 7.93
HA TPO B 1 8.68 4.10 6.80
HB TPO B 1 8.47 1.64 5.29
HG21 TPO B 1 10.09 4.14 4.86
HG22 TPO B 1 8.42 3.91 4.34
HG23 TPO B 1 9.71 2.93 3.64
N PHE B 2 6.72 2.15 8.22
CA PHE B 2 5.31 1.79 8.52
C PHE B 2 4.38 3.00 8.31
N LYS B 3 4.95 4.21 8.44
CA LYS B 3 4.23 5.47 8.27
C LYS B 3 3.89 5.77 6.79
N GLU B 4 4.92 5.73 5.93
CA GLU B 4 4.78 6.00 4.48
C GLU B 4 4.16 4.82 3.72
N VAL B 5 4.57 3.60 4.12
CA VAL B 5 4.09 2.35 3.50
C VAL B 5 2.61 2.09 3.82
N ALA B 6 2.14 2.61 4.97
CA ALA B 6 0.74 2.45 5.41
C ALA B 6 -0.27 2.88 4.33
N ASN B 7 -0.01 4.03 3.69
CA ASN B 7 -0.87 4.57 2.62
C ASN B 7 -0.76 3.77 1.30
N ALA B 8 0.33 2.99 1.16
CA ALA B 8 0.59 2.20 -0.06
C ALA B 8 -0.53 1.20 -0.37
N VAL B 9 -0.84 0.32 0.59
CA VAL B 9 -1.90 -0.68 0.43
C VAL B 9 -3.31 -0.03 0.49
N LYS B 10 -3.41 1.07 1.23
CA LYS B 10 -4.67 1.82 1.44
C LYS B 10 -5.36 2.25 0.13
N ILE B 11 -4.56 2.75 -0.83
CA ILE B 11 -5.10 3.22 -2.13
C ILE B 11 -5.75 2.10 -2.96
N SER B 12 -5.15 0.90 -2.92
CA SER B 12 -5.67 -0.25 -3.65
C SER B 12 -6.65 -1.07 -2.81
N ALA B 13 -6.64 -0.83 -1.49
CA ALA B 13 -7.52 -1.52 -0.55
C ALA B 13 -8.93 -0.91 -0.54
N SER B 14 -9.11 0.17 -1.31
CA SER B 14 -10.40 0.87 -1.42
C SER B 14 -11.41 0.03 -2.22
N LEU B 15 -10.89 -0.98 -2.94
CA LEU B 15 -11.72 -1.89 -3.74
C LEU B 15 -12.26 -3.05 -2.90
N MET B 16 -11.46 -3.51 -1.93
CA MET B 16 -11.84 -4.62 -1.04
C MET B 16 -12.51 -4.08 0.23
N ALA A 1 9.29 25.13 -3.47
CA ALA A 1 8.46 24.15 -2.70
C ALA A 1 8.83 24.17 -1.21
N ASP A 2 7.80 24.17 -0.37
CA ASP A 2 7.99 24.19 1.09
C ASP A 2 7.81 22.78 1.67
N GLN A 3 8.64 22.46 2.67
CA GLN A 3 8.59 21.16 3.33
C GLN A 3 8.73 21.32 4.85
N LEU A 4 7.97 20.51 5.58
CA LEU A 4 8.03 20.47 7.04
C LEU A 4 8.70 19.14 7.40
N THR A 5 8.04 18.06 7.02
CA THR A 5 8.54 16.73 7.15
C THR A 5 8.21 15.98 5.88
N GLU A 6 9.25 15.52 5.23
CA GLU A 6 9.18 14.78 3.97
C GLU A 6 8.22 13.57 3.97
N GLU A 7 8.03 12.96 5.15
CA GLU A 7 7.13 11.78 5.29
C GLU A 7 5.64 12.13 5.15
N GLN A 8 5.31 13.41 5.36
CA GLN A 8 3.92 13.89 5.28
C GLN A 8 3.42 14.10 3.87
N ILE A 9 4.24 14.71 3.01
CA ILE A 9 3.78 15.00 1.64
C ILE A 9 4.86 14.77 0.56
N ALA A 10 6.12 14.60 0.96
CA ALA A 10 7.21 14.39 -0.01
C ALA A 10 7.36 12.93 -0.41
N GLU A 11 7.09 12.03 0.55
CA GLU A 11 7.18 10.58 0.33
C GLU A 11 6.00 10.03 -0.49
N PHE A 12 5.09 10.91 -0.92
CA PHE A 12 3.95 10.50 -1.76
C PHE A 12 4.48 10.16 -3.15
N LYS A 13 5.38 11.02 -3.65
CA LYS A 13 6.04 10.81 -4.92
C LYS A 13 7.19 9.81 -4.76
N GLU A 14 7.23 9.27 -3.56
CA GLU A 14 8.17 8.25 -3.15
C GLU A 14 7.44 6.93 -3.13
N ALA A 15 6.12 7.03 -2.85
CA ALA A 15 5.22 5.89 -2.81
C ALA A 15 4.82 5.46 -4.22
N PHE A 16 4.86 6.43 -5.16
CA PHE A 16 4.55 6.14 -6.56
C PHE A 16 5.61 5.23 -7.17
N SER A 17 6.82 5.35 -6.62
CA SER A 17 7.97 4.55 -7.03
C SER A 17 7.82 3.09 -6.57
N LEU A 18 6.83 2.83 -5.69
CA LEU A 18 6.54 1.49 -5.18
C LEU A 18 5.83 0.65 -6.25
N PHE A 19 4.78 1.23 -6.86
CA PHE A 19 4.00 0.56 -7.91
C PHE A 19 4.60 0.87 -9.29
N ASP A 20 4.98 2.13 -9.52
CA ASP A 20 5.57 2.57 -10.80
C ASP A 20 7.06 2.25 -10.82
N LYS A 21 7.30 0.96 -11.05
CA LYS A 21 8.64 0.37 -11.10
C LYS A 21 9.42 0.75 -12.38
N ASP A 22 8.72 1.40 -13.31
CA ASP A 22 9.32 1.82 -14.59
C ASP A 22 9.91 3.24 -14.50
N GLY A 23 9.26 4.12 -13.74
CA GLY A 23 9.73 5.50 -13.58
C GLY A 23 9.41 6.39 -14.77
N ASP A 24 8.86 5.78 -15.84
CA ASP A 24 8.47 6.52 -17.05
C ASP A 24 7.00 6.97 -16.94
N GLY A 25 6.39 6.67 -15.79
CA GLY A 25 5.01 7.02 -15.52
C GLY A 25 4.04 5.88 -15.79
N THR A 26 4.54 4.64 -15.70
CA THR A 26 3.73 3.44 -15.91
C THR A 26 4.15 2.35 -14.97
N ILE A 27 3.13 1.69 -14.50
CA ILE A 27 3.26 0.60 -13.56
C ILE A 27 3.37 -0.77 -14.26
N THR A 28 3.43 -1.84 -13.47
CA THR A 28 3.49 -3.20 -13.99
C THR A 28 2.11 -3.85 -13.85
N THR A 29 1.52 -4.21 -15.00
CA THR A 29 0.18 -4.81 -15.05
C THR A 29 0.12 -6.26 -14.54
N LYS A 30 1.23 -6.74 -14.00
CA LYS A 30 1.29 -8.09 -13.45
C LYS A 30 0.59 -8.17 -12.09
N GLU A 31 1.16 -7.48 -11.09
CA GLU A 31 0.66 -7.51 -9.71
C GLU A 31 -0.56 -6.64 -9.38
N LEU A 32 -1.23 -5.99 -10.34
CA LEU A 32 -2.41 -5.16 -9.98
C LEU A 32 -3.42 -5.90 -9.10
N GLY A 33 -3.41 -7.25 -9.17
CA GLY A 33 -4.31 -8.06 -8.38
C GLY A 33 -3.93 -8.12 -6.90
N THR A 34 -3.10 -7.16 -6.53
CA THR A 34 -2.58 -7.00 -5.16
C THR A 34 -3.61 -6.42 -4.17
N VAL A 35 -4.73 -5.90 -4.71
CA VAL A 35 -5.79 -5.29 -3.87
C VAL A 35 -6.29 -6.27 -2.79
N MET A 36 -6.77 -7.44 -3.23
CA MET A 36 -7.25 -8.50 -2.34
C MET A 36 -6.11 -9.20 -1.60
N ARG A 37 -5.07 -9.53 -2.35
CA ARG A 37 -3.91 -10.28 -1.85
C ARG A 37 -3.14 -9.67 -0.68
N SER A 38 -3.38 -8.40 -0.37
CA SER A 38 -2.72 -7.77 0.79
C SER A 38 -3.50 -8.10 2.05
N LEU A 39 -4.79 -8.42 1.85
CA LEU A 39 -5.69 -8.83 2.92
C LEU A 39 -5.46 -10.32 3.20
N GLY A 40 -4.32 -10.83 2.69
CA GLY A 40 -4.01 -12.24 2.80
C GLY A 40 -5.07 -13.04 2.08
N GLN A 41 -5.42 -12.53 0.90
CA GLN A 41 -6.46 -13.06 0.05
C GLN A 41 -5.93 -13.68 -1.23
N ASN A 42 -6.84 -13.67 -2.21
CA ASN A 42 -6.66 -14.22 -3.52
C ASN A 42 -6.42 -13.12 -4.57
N PRO A 43 -5.81 -13.44 -5.76
CA PRO A 43 -5.57 -12.45 -6.82
C PRO A 43 -6.83 -12.11 -7.63
N THR A 44 -6.96 -10.83 -8.01
CA THR A 44 -8.09 -10.33 -8.79
C THR A 44 -7.81 -10.39 -10.27
N GLU A 45 -8.27 -11.48 -10.86
CA GLU A 45 -8.13 -11.77 -12.29
C GLU A 45 -9.04 -10.83 -13.09
N ALA A 46 -10.30 -10.80 -12.66
CA ALA A 46 -11.32 -9.97 -13.28
C ALA A 46 -11.18 -8.47 -12.99
N GLU A 47 -10.89 -8.14 -11.73
CA GLU A 47 -10.80 -6.74 -11.29
C GLU A 47 -9.52 -5.98 -11.65
N LEU A 48 -8.41 -6.68 -11.94
CA LEU A 48 -7.15 -6.05 -12.24
C LEU A 48 -7.08 -5.48 -13.66
N GLN A 49 -7.45 -6.28 -14.66
CA GLN A 49 -7.51 -5.79 -16.04
C GLN A 49 -8.62 -4.79 -16.10
N ASP A 50 -9.57 -4.94 -15.18
CA ASP A 50 -10.66 -4.01 -15.05
C ASP A 50 -10.14 -2.71 -14.42
N MET A 51 -8.92 -2.76 -13.84
CA MET A 51 -8.32 -1.57 -13.22
C MET A 51 -7.50 -0.77 -14.23
N ILE A 52 -6.55 -1.39 -14.96
CA ILE A 52 -5.73 -0.66 -15.92
C ILE A 52 -6.57 -0.34 -17.12
N ASN A 53 -7.27 -1.36 -17.58
CA ASN A 53 -8.15 -1.30 -18.73
C ASN A 53 -9.13 -0.12 -18.66
N GLU A 54 -9.65 0.14 -17.44
CA GLU A 54 -10.59 1.21 -17.20
C GLU A 54 -9.94 2.56 -16.93
N VAL A 55 -8.78 2.56 -16.26
CA VAL A 55 -8.10 3.83 -15.93
C VAL A 55 -7.05 4.28 -16.97
N ASP A 56 -6.66 3.40 -17.90
CA ASP A 56 -5.69 3.73 -18.97
C ASP A 56 -6.38 4.57 -20.07
N ALA A 57 -6.91 5.74 -19.64
CA ALA A 57 -7.63 6.67 -20.52
C ALA A 57 -6.69 7.31 -21.53
N ASP A 58 -5.45 7.48 -21.10
CA ASP A 58 -4.41 8.02 -21.93
C ASP A 58 -3.59 6.87 -22.49
N GLY A 59 -4.16 5.69 -22.28
CA GLY A 59 -3.62 4.39 -22.69
C GLY A 59 -2.10 4.29 -22.66
N ASN A 60 -1.55 4.21 -21.45
CA ASN A 60 -0.12 4.10 -21.22
C ASN A 60 0.34 2.64 -21.22
N GLY A 61 -0.50 1.75 -21.77
CA GLY A 61 -0.23 0.32 -21.76
C GLY A 61 -0.55 -0.24 -20.41
N THR A 62 0.02 0.42 -19.39
CA THR A 62 -0.22 0.08 -18.04
C THR A 62 -1.02 1.26 -17.45
N ILE A 63 -0.41 2.11 -16.61
CA ILE A 63 -1.15 3.27 -16.08
C ILE A 63 -0.29 4.54 -16.16
N ASP A 64 -0.89 5.69 -15.82
CA ASP A 64 -0.18 6.96 -15.83
C ASP A 64 -0.26 7.63 -14.43
N PHE A 65 0.26 8.87 -14.33
CA PHE A 65 0.27 9.63 -13.06
C PHE A 65 -1.15 10.08 -12.60
N PRO A 66 -1.92 10.88 -13.40
CA PRO A 66 -3.26 11.37 -13.00
C PRO A 66 -4.35 10.29 -13.00
N GLU A 67 -4.28 9.39 -14.00
CA GLU A 67 -5.27 8.32 -14.18
C GLU A 67 -5.22 7.24 -13.09
N PHE A 68 -4.15 7.25 -12.27
CA PHE A 68 -3.99 6.28 -11.18
C PHE A 68 -4.92 6.57 -9.98
N LEU A 69 -4.97 7.84 -9.56
CA LEU A 69 -5.79 8.27 -8.43
C LEU A 69 -7.29 8.32 -8.73
N THR A 70 -7.68 8.14 -10.01
CA THR A 70 -9.09 8.16 -10.41
C THR A 70 -9.83 6.91 -10.01
N MET A 71 -9.13 5.78 -9.97
CA MET A 71 -9.72 4.52 -9.52
C MET A 71 -10.08 4.66 -8.04
N MET A 72 -9.19 5.37 -7.32
CA MET A 72 -9.36 5.68 -5.90
C MET A 72 -10.37 6.82 -5.73
N ALA A 73 -10.59 7.59 -6.82
CA ALA A 73 -11.51 8.73 -6.84
C ALA A 73 -12.97 8.33 -6.57
N ARG A 74 -13.42 7.26 -7.22
CA ARG A 74 -14.80 6.77 -7.05
C ARG A 74 -15.05 6.30 -5.61
N LYS A 75 -14.03 5.67 -5.01
CA LYS A 75 -14.11 5.17 -3.63
C LYS A 75 -13.86 6.27 -2.60
N MET A 76 -13.13 7.34 -3.00
CA MET A 76 -12.82 8.45 -2.11
C MET A 76 -14.01 9.43 -1.98
N LYS A 77 -15.21 8.87 -1.75
CA LYS A 77 -16.43 9.65 -1.59
C LYS A 77 -16.62 10.09 -0.12
N ASP A 78 -15.53 10.60 0.48
CA ASP A 78 -15.51 11.07 1.89
C ASP A 78 -15.84 9.93 2.87
N THR A 79 -14.87 9.02 3.03
CA THR A 79 -15.01 7.85 3.93
C THR A 79 -14.74 8.24 5.38
N ASP A 80 -15.10 7.32 6.31
CA ASP A 80 -14.90 7.53 7.75
C ASP A 80 -13.43 7.34 8.14
N SER A 81 -13.12 7.54 9.43
CA SER A 81 -11.75 7.42 9.94
C SER A 81 -11.32 5.95 10.10
N GLU A 82 -11.99 5.21 11.00
CA GLU A 82 -11.68 3.80 11.26
C GLU A 82 -11.89 2.92 10.02
N GLU A 83 -12.70 3.38 9.07
CA GLU A 83 -12.92 2.64 7.82
C GLU A 83 -11.69 2.72 6.94
N GLU A 84 -11.07 3.91 6.90
CA GLU A 84 -9.82 4.11 6.15
C GLU A 84 -8.64 3.54 6.94
N ILE A 85 -8.82 3.42 8.29
CA ILE A 85 -7.80 2.84 9.17
C ILE A 85 -7.77 1.33 9.00
N ARG A 86 -8.98 0.73 8.95
CA ARG A 86 -9.10 -0.73 8.75
C ARG A 86 -8.60 -1.12 7.35
N GLU A 87 -8.64 -0.15 6.41
CA GLU A 87 -8.16 -0.32 5.03
C GLU A 87 -6.64 -0.38 4.98
N ALA A 88 -6.04 -0.45 6.16
CA ALA A 88 -4.63 -0.58 6.28
C ALA A 88 -4.28 -1.53 7.44
N PHE A 89 -5.26 -1.76 8.33
CA PHE A 89 -5.09 -2.64 9.50
C PHE A 89 -5.09 -4.14 9.16
N ARG A 90 -6.28 -4.73 8.87
CA ARG A 90 -6.39 -6.17 8.55
C ARG A 90 -5.82 -6.44 7.17
N VAL A 91 -5.64 -5.34 6.46
CA VAL A 91 -5.07 -5.31 5.12
C VAL A 91 -3.56 -5.48 5.25
N PHE A 92 -3.07 -5.01 6.39
CA PHE A 92 -1.66 -5.11 6.77
C PHE A 92 -1.39 -6.45 7.49
N ASP A 93 -2.05 -6.68 8.64
CA ASP A 93 -1.90 -7.89 9.43
C ASP A 93 -2.50 -9.14 8.75
N LYS A 94 -1.64 -10.13 8.47
CA LYS A 94 -2.05 -11.40 7.87
C LYS A 94 -2.97 -12.24 8.78
N ASP A 95 -2.63 -12.28 10.08
CA ASP A 95 -3.43 -13.05 11.05
C ASP A 95 -4.27 -12.12 11.93
N GLY A 96 -3.61 -11.10 12.52
CA GLY A 96 -4.30 -10.13 13.37
C GLY A 96 -4.48 -10.60 14.81
N ASN A 97 -3.38 -10.63 15.56
CA ASN A 97 -3.38 -11.04 16.95
C ASN A 97 -2.82 -9.93 17.85
N GLY A 98 -3.24 -8.68 17.55
CA GLY A 98 -2.76 -7.53 18.30
C GLY A 98 -1.44 -7.01 17.74
N TYR A 99 -0.64 -7.96 17.23
CA TYR A 99 0.68 -7.68 16.63
C TYR A 99 0.71 -8.22 15.20
N ILE A 100 1.46 -7.52 14.35
CA ILE A 100 1.62 -7.89 12.95
C ILE A 100 2.90 -8.66 12.81
N SER A 101 2.81 -9.69 12.01
CA SER A 101 3.88 -10.63 11.82
C SER A 101 5.03 -10.06 11.02
N ALA A 102 6.21 -10.61 11.27
CA ALA A 102 7.43 -10.11 10.64
C ALA A 102 7.52 -10.40 9.16
N ALA A 103 7.31 -11.67 8.81
CA ALA A 103 7.34 -12.13 7.43
C ALA A 103 6.07 -11.72 6.67
N GLU A 104 5.32 -10.77 7.23
CA GLU A 104 4.08 -10.32 6.63
C GLU A 104 4.30 -9.38 5.46
N LEU A 105 5.08 -8.31 5.64
CA LEU A 105 5.28 -7.40 4.53
C LEU A 105 5.99 -8.08 3.37
N ARG A 106 6.84 -9.07 3.64
CA ARG A 106 7.47 -9.79 2.53
C ARG A 106 6.38 -10.65 1.86
N HIS A 107 5.36 -11.05 2.65
CA HIS A 107 4.22 -11.80 2.14
C HIS A 107 3.23 -10.88 1.38
N VAL A 108 2.79 -9.82 2.08
CA VAL A 108 1.82 -8.83 1.57
C VAL A 108 2.43 -7.84 0.56
N MET A 109 3.51 -7.14 0.96
CA MET A 109 4.18 -6.14 0.10
C MET A 109 4.70 -6.74 -1.20
N THR A 110 5.06 -8.04 -1.16
CA THR A 110 5.58 -8.77 -2.33
C THR A 110 4.57 -8.76 -3.46
N ASN A 111 3.31 -8.95 -3.08
CA ASN A 111 2.19 -8.91 -4.01
C ASN A 111 1.93 -7.48 -4.44
N LEU A 112 2.41 -6.53 -3.60
CA LEU A 112 2.27 -5.09 -3.86
C LEU A 112 3.26 -4.64 -4.95
N GLY A 113 4.11 -5.58 -5.41
CA GLY A 113 5.04 -5.31 -6.50
C GLY A 113 6.45 -5.01 -6.05
N GLU A 114 6.75 -5.30 -4.79
CA GLU A 114 8.09 -5.13 -4.26
C GLU A 114 8.51 -6.45 -3.61
N LYS A 115 9.13 -7.29 -4.43
CA LYS A 115 9.57 -8.64 -4.02
C LYS A 115 10.81 -8.60 -3.13
N LEU A 116 10.58 -8.82 -1.83
CA LEU A 116 11.65 -8.84 -0.84
C LEU A 116 11.41 -9.89 0.24
N THR A 117 12.46 -10.14 1.02
CA THR A 117 12.44 -11.08 2.12
C THR A 117 12.18 -10.32 3.44
N ASP A 118 12.14 -11.04 4.57
CA ASP A 118 11.90 -10.47 5.90
C ASP A 118 12.92 -9.37 6.26
N GLU A 119 14.12 -9.49 5.71
CA GLU A 119 15.22 -8.53 5.92
C GLU A 119 14.83 -7.08 5.58
N GLU A 120 14.27 -6.91 4.39
CA GLU A 120 13.86 -5.61 3.87
C GLU A 120 12.62 -5.13 4.62
N VAL A 121 11.79 -6.11 5.04
CA VAL A 121 10.59 -5.81 5.83
C VAL A 121 10.98 -5.47 7.26
N ASP A 122 12.11 -6.07 7.69
CA ASP A 122 12.65 -5.85 9.03
C ASP A 122 12.90 -4.37 9.29
N GLU A 123 13.34 -3.64 8.25
CA GLU A 123 13.51 -2.19 8.35
C GLU A 123 12.11 -1.58 8.35
N MET A 124 11.19 -2.29 7.67
CA MET A 124 9.78 -1.91 7.58
C MET A 124 9.05 -2.20 8.91
N ILE A 125 9.48 -3.25 9.64
CA ILE A 125 8.84 -3.62 10.91
C ILE A 125 9.55 -3.04 12.13
N ARG A 126 10.87 -2.83 12.02
CA ARG A 126 11.67 -2.24 13.11
C ARG A 126 11.18 -0.83 13.45
N GLU A 127 10.76 -0.11 12.39
CA GLU A 127 10.21 1.24 12.52
C GLU A 127 8.88 1.24 13.29
N ALA A 128 8.18 0.10 13.23
CA ALA A 128 6.91 -0.08 13.91
C ALA A 128 7.08 -0.58 15.34
N ASP A 129 8.23 -1.17 15.62
CA ASP A 129 8.53 -1.69 16.92
C ASP A 129 9.60 -0.87 17.64
N ILE A 130 9.17 -0.14 18.67
CA ILE A 130 10.09 0.69 19.48
C ILE A 130 10.92 -0.19 20.44
N ASP A 131 10.39 -1.38 20.71
CA ASP A 131 11.03 -2.35 21.60
C ASP A 131 11.83 -3.40 20.79
N GLY A 132 11.81 -3.28 19.44
CA GLY A 132 12.54 -4.20 18.57
C GLY A 132 12.12 -5.65 18.72
N ASP A 133 10.81 -5.91 18.68
CA ASP A 133 10.26 -7.26 18.82
C ASP A 133 10.07 -7.96 17.46
N GLY A 134 10.25 -7.21 16.35
CA GLY A 134 10.12 -7.78 15.01
C GLY A 134 8.67 -7.99 14.56
N GLN A 135 7.71 -7.36 15.24
CA GLN A 135 6.29 -7.49 14.89
C GLN A 135 5.53 -6.19 15.12
N VAL A 136 4.30 -6.00 14.56
CA VAL A 136 3.64 -4.71 14.78
C VAL A 136 2.33 -4.80 15.57
N ASN A 137 2.31 -4.13 16.73
CA ASN A 137 1.13 -4.06 17.59
C ASN A 137 0.12 -3.06 17.00
N TYR A 138 -1.05 -2.95 17.65
CA TYR A 138 -2.13 -2.07 17.20
C TYR A 138 -1.82 -0.57 17.31
N GLU A 139 -1.04 -0.20 18.34
CA GLU A 139 -0.69 1.20 18.63
C GLU A 139 0.27 1.88 17.68
N GLU A 140 1.30 1.19 17.21
CA GLU A 140 2.28 1.86 16.40
C GLU A 140 1.91 2.10 14.92
N PHE A 141 1.43 1.06 14.21
CA PHE A 141 1.06 1.18 12.78
C PHE A 141 -0.15 2.08 12.52
N VAL A 142 -1.02 2.28 13.53
CA VAL A 142 -2.23 3.10 13.38
C VAL A 142 -1.85 4.57 13.32
N GLN A 143 -0.91 4.87 14.22
CA GLN A 143 -0.32 6.17 14.40
C GLN A 143 0.28 6.70 13.10
N MET A 144 0.81 5.76 12.32
CA MET A 144 1.41 6.01 11.04
C MET A 144 0.40 6.29 9.93
N MET A 145 -0.85 5.82 10.09
CA MET A 145 -1.89 6.05 9.08
C MET A 145 -2.59 7.38 9.36
N THR A 146 -2.74 7.72 10.65
CA THR A 146 -3.31 9.02 11.03
C THR A 146 -2.29 10.12 10.65
N ALA A 147 -1.06 9.65 10.33
CA ALA A 147 0.04 10.46 9.86
C ALA A 147 0.96 9.65 8.96
N LYS A 148 0.48 9.40 7.74
CA LYS A 148 1.23 8.68 6.69
C LYS A 148 2.58 9.35 6.38
N TPO B 1 9.44 0.62 5.73
CA TPO B 1 9.01 1.57 6.78
CB TPO B 1 9.33 3.02 6.39
CG2 TPO B 1 10.82 3.31 6.48
OG1 TPO B 1 8.87 3.29 5.05
C TPO B 1 7.51 1.44 7.04
O TPO B 1 6.71 1.57 6.12
H1 TPO B 1 9.10 -0.34 5.94
H2 TPO B 1 10.48 0.59 5.66
H3 TPO B 1 9.06 0.90 4.80
HA TPO B 1 9.55 1.33 7.69
HB TPO B 1 8.81 3.69 7.07
HG21 TPO B 1 11.04 4.26 6.00
HG22 TPO B 1 11.37 2.52 5.98
HG23 TPO B 1 11.12 3.37 7.51
N PHE B 2 7.15 1.22 8.32
CA PHE B 2 5.74 1.09 8.75
C PHE B 2 4.92 2.35 8.34
N LYS B 3 5.63 3.50 8.22
CA LYS B 3 5.04 4.80 7.83
C LYS B 3 4.59 4.84 6.36
N GLU B 4 5.52 4.51 5.44
CA GLU B 4 5.26 4.53 3.99
C GLU B 4 4.25 3.46 3.55
N VAL B 5 4.27 2.31 4.23
CA VAL B 5 3.37 1.17 3.94
C VAL B 5 1.89 1.58 4.02
N ALA B 6 1.58 2.56 4.89
CA ALA B 6 0.20 3.05 5.09
C ALA B 6 -0.43 3.57 3.79
N ASN B 7 0.29 4.43 3.08
CA ASN B 7 -0.17 5.02 1.80
C ASN B 7 -0.14 3.99 0.65
N ALA B 8 0.73 2.98 0.76
CA ALA B 8 0.90 1.95 -0.28
C ALA B 8 -0.23 0.89 -0.28
N VAL B 9 -0.44 0.22 0.86
CA VAL B 9 -1.46 -0.84 0.98
C VAL B 9 -2.90 -0.28 1.03
N LYS B 10 -3.07 0.96 1.54
CA LYS B 10 -4.41 1.59 1.64
C LYS B 10 -4.97 2.02 0.28
N ILE B 11 -4.10 2.43 -0.66
CA ILE B 11 -4.54 2.87 -2.00
C ILE B 11 -5.15 1.69 -2.80
N SER B 12 -4.61 0.49 -2.58
CA SER B 12 -5.08 -0.73 -3.23
C SER B 12 -6.05 -1.48 -2.32
N ALA B 13 -6.54 -0.78 -1.29
CA ALA B 13 -7.48 -1.34 -0.33
C ALA B 13 -8.89 -0.79 -0.54
N SER B 14 -9.01 0.22 -1.43
CA SER B 14 -10.30 0.85 -1.73
C SER B 14 -11.16 -0.02 -2.66
N LEU B 15 -10.53 -1.02 -3.31
CA LEU B 15 -11.23 -1.93 -4.22
C LEU B 15 -11.80 -3.14 -3.48
N MET B 16 -11.24 -3.45 -2.30
CA MET B 16 -11.69 -4.58 -1.48
C MET B 16 -12.65 -4.09 -0.38
N ALA A 1 10.34 11.37 14.09
CA ALA A 1 9.89 12.06 12.86
C ALA A 1 11.06 12.30 11.91
N ASP A 2 10.87 11.93 10.64
CA ASP A 2 11.90 12.10 9.62
C ASP A 2 11.63 13.34 8.77
N GLN A 3 10.38 13.50 8.33
CA GLN A 3 9.97 14.64 7.51
C GLN A 3 8.62 15.18 7.97
N LEU A 4 8.48 16.51 7.94
CA LEU A 4 7.24 17.17 8.35
C LEU A 4 6.49 17.76 7.16
N THR A 5 5.17 17.48 7.09
CA THR A 5 4.27 17.96 6.03
C THR A 5 4.57 17.36 4.65
N GLU A 6 5.81 16.95 4.47
CA GLU A 6 6.30 16.39 3.22
C GLU A 6 5.77 14.97 2.96
N GLU A 7 5.68 14.16 4.02
CA GLU A 7 5.19 12.77 3.90
C GLU A 7 3.68 12.72 3.64
N GLN A 8 3.01 13.87 3.86
CA GLN A 8 1.56 13.99 3.64
C GLN A 8 1.19 14.18 2.16
N ILE A 9 2.11 14.70 1.36
CA ILE A 9 1.85 14.96 -0.06
C ILE A 9 2.90 14.31 -0.97
N ALA A 10 4.19 14.54 -0.67
CA ALA A 10 5.30 14.02 -1.47
C ALA A 10 5.36 12.49 -1.51
N GLU A 11 4.81 11.87 -0.47
CA GLU A 11 4.78 10.40 -0.34
C GLU A 11 3.85 9.72 -1.37
N PHE A 12 3.06 10.52 -2.10
CA PHE A 12 2.19 9.98 -3.13
C PHE A 12 3.05 9.50 -4.30
N LYS A 13 4.06 10.31 -4.64
CA LYS A 13 5.03 9.95 -5.67
C LYS A 13 6.07 9.00 -5.11
N GLU A 14 5.81 8.62 -3.87
CA GLU A 14 6.61 7.67 -3.13
C GLU A 14 5.87 6.35 -3.15
N ALA A 15 4.52 6.47 -3.11
CA ALA A 15 3.60 5.34 -3.17
C ALA A 15 3.47 4.83 -4.61
N PHE A 16 3.40 5.76 -5.57
CA PHE A 16 3.31 5.40 -6.99
C PHE A 16 4.59 4.75 -7.47
N SER A 17 5.71 5.18 -6.87
CA SER A 17 7.03 4.64 -7.15
C SER A 17 7.17 3.23 -6.57
N LEU A 18 6.35 2.94 -5.53
CA LEU A 18 6.35 1.63 -4.87
C LEU A 18 5.64 0.57 -5.72
N PHE A 19 4.57 0.97 -6.42
CA PHE A 19 3.82 0.06 -7.31
C PHE A 19 4.46 0.05 -8.70
N ASP A 20 4.78 1.25 -9.21
CA ASP A 20 5.43 1.42 -10.52
C ASP A 20 6.94 1.20 -10.37
N LYS A 21 7.28 -0.04 -10.02
CA LYS A 21 8.67 -0.47 -9.80
C LYS A 21 9.51 -0.52 -11.11
N ASP A 22 8.95 0.04 -12.19
CA ASP A 22 9.61 0.07 -13.50
C ASP A 22 10.35 1.39 -13.72
N GLY A 23 9.96 2.44 -12.97
CA GLY A 23 10.59 3.75 -13.08
C GLY A 23 10.17 4.55 -14.31
N ASP A 24 9.27 3.98 -15.11
CA ASP A 24 8.76 4.63 -16.32
C ASP A 24 7.39 5.28 -16.06
N GLY A 25 6.77 4.88 -14.94
CA GLY A 25 5.47 5.41 -14.56
C GLY A 25 4.32 4.51 -14.97
N THR A 26 4.57 3.20 -14.93
CA THR A 26 3.58 2.17 -15.29
C THR A 26 3.72 0.97 -14.43
N ILE A 27 2.57 0.51 -14.01
CA ILE A 27 2.47 -0.66 -13.16
C ILE A 27 2.21 -1.92 -13.98
N THR A 28 3.06 -2.91 -13.77
CA THR A 28 2.98 -4.20 -14.47
C THR A 28 1.70 -4.96 -14.11
N THR A 29 1.05 -5.49 -15.16
CA THR A 29 -0.18 -6.27 -15.02
C THR A 29 0.09 -7.68 -14.40
N LYS A 30 1.28 -7.86 -13.83
CA LYS A 30 1.64 -9.11 -13.15
C LYS A 30 0.96 -9.19 -11.76
N GLU A 31 1.49 -8.42 -10.80
CA GLU A 31 0.98 -8.34 -9.43
C GLU A 31 -0.27 -7.48 -9.30
N LEU A 32 -0.87 -7.04 -10.43
CA LEU A 32 -2.06 -6.15 -10.40
C LEU A 32 -3.14 -6.61 -9.42
N GLY A 33 -3.17 -7.92 -9.11
CA GLY A 33 -4.13 -8.44 -8.14
C GLY A 33 -3.76 -8.10 -6.72
N THR A 34 -3.05 -6.99 -6.59
CA THR A 34 -2.54 -6.49 -5.30
C THR A 34 -3.63 -5.84 -4.43
N VAL A 35 -4.70 -5.31 -5.05
CA VAL A 35 -5.79 -4.66 -4.31
C VAL A 35 -6.37 -5.62 -3.25
N MET A 36 -6.86 -6.77 -3.72
CA MET A 36 -7.40 -7.82 -2.86
C MET A 36 -6.33 -8.58 -2.08
N ARG A 37 -5.26 -8.93 -2.78
CA ARG A 37 -4.18 -9.76 -2.21
C ARG A 37 -3.42 -9.16 -1.03
N SER A 38 -3.57 -7.86 -0.81
CA SER A 38 -2.93 -7.20 0.32
C SER A 38 -3.76 -7.44 1.57
N LEU A 39 -5.05 -7.71 1.34
CA LEU A 39 -6.00 -8.04 2.38
C LEU A 39 -5.86 -9.52 2.72
N GLY A 40 -4.75 -10.12 2.24
CA GLY A 40 -4.53 -11.54 2.40
C GLY A 40 -5.62 -12.31 1.69
N GLN A 41 -5.92 -11.82 0.49
CA GLN A 41 -7.00 -12.33 -0.35
C GLN A 41 -6.51 -13.04 -1.60
N ASN A 42 -7.41 -13.02 -2.58
CA ASN A 42 -7.26 -13.64 -3.86
C ASN A 42 -7.18 -12.60 -5.00
N PRO A 43 -6.50 -12.91 -6.15
CA PRO A 43 -6.41 -11.96 -7.29
C PRO A 43 -7.68 -11.92 -8.15
N THR A 44 -8.14 -10.69 -8.45
CA THR A 44 -9.32 -10.47 -9.30
C THR A 44 -8.93 -10.13 -10.70
N GLU A 45 -9.01 -11.16 -11.53
CA GLU A 45 -8.67 -11.07 -12.97
C GLU A 45 -9.58 -10.06 -13.63
N ALA A 46 -10.84 -10.11 -13.22
CA ALA A 46 -11.88 -9.24 -13.72
C ALA A 46 -11.75 -7.79 -13.21
N GLU A 47 -11.07 -7.61 -12.06
CA GLU A 47 -10.93 -6.26 -11.47
C GLU A 47 -9.87 -5.38 -12.14
N LEU A 48 -8.58 -5.78 -12.11
CA LEU A 48 -7.51 -4.99 -12.71
C LEU A 48 -7.70 -4.84 -14.21
N GLN A 49 -8.32 -5.83 -14.84
CA GLN A 49 -8.60 -5.74 -16.26
C GLN A 49 -9.64 -4.65 -16.41
N ASP A 50 -10.51 -4.56 -15.42
CA ASP A 50 -11.50 -3.51 -15.35
C ASP A 50 -10.84 -2.19 -14.89
N MET A 51 -9.56 -2.27 -14.47
CA MET A 51 -8.83 -1.09 -13.96
C MET A 51 -7.70 -0.63 -14.89
N ILE A 52 -6.82 -1.54 -15.34
CA ILE A 52 -5.71 -1.14 -16.20
C ILE A 52 -6.27 -0.85 -17.59
N ASN A 53 -7.37 -1.53 -17.86
CA ASN A 53 -8.13 -1.43 -19.08
C ASN A 53 -8.94 -0.13 -19.21
N GLU A 54 -9.54 0.31 -18.09
CA GLU A 54 -10.40 1.50 -18.08
C GLU A 54 -9.66 2.83 -17.92
N VAL A 55 -8.65 2.86 -17.06
CA VAL A 55 -7.91 4.11 -16.82
C VAL A 55 -6.66 4.30 -17.70
N ASP A 56 -6.43 3.38 -18.65
CA ASP A 56 -5.30 3.49 -19.61
C ASP A 56 -5.67 4.45 -20.75
N ALA A 57 -5.89 5.73 -20.38
CA ALA A 57 -6.29 6.78 -21.32
C ALA A 57 -5.16 7.10 -22.30
N ASP A 58 -3.94 6.94 -21.80
CA ASP A 58 -2.76 7.15 -22.61
C ASP A 58 -2.24 5.78 -23.05
N GLY A 59 -3.12 4.80 -22.82
CA GLY A 59 -2.91 3.39 -23.12
C GLY A 59 -1.46 2.91 -23.01
N ASN A 60 -1.06 2.59 -21.79
CA ASN A 60 0.28 2.13 -21.51
C ASN A 60 0.37 0.60 -21.43
N GLY A 61 -0.76 -0.07 -21.72
CA GLY A 61 -0.83 -1.52 -21.57
C GLY A 61 -1.01 -1.84 -20.11
N THR A 62 -0.34 -0.98 -19.35
CA THR A 62 -0.35 -0.98 -17.94
C THR A 62 -1.12 0.30 -17.55
N ILE A 63 -0.59 1.13 -16.64
CA ILE A 63 -1.27 2.38 -16.28
C ILE A 63 -0.28 3.55 -16.23
N ASP A 64 -0.79 4.78 -16.26
CA ASP A 64 0.05 5.97 -16.20
C ASP A 64 -0.02 6.63 -14.82
N PHE A 65 0.66 7.78 -14.65
CA PHE A 65 0.71 8.51 -13.37
C PHE A 65 -0.63 9.18 -12.96
N PRO A 66 -1.21 10.15 -13.76
CA PRO A 66 -2.47 10.84 -13.39
C PRO A 66 -3.73 9.99 -13.50
N GLU A 67 -3.76 9.11 -14.52
CA GLU A 67 -4.91 8.24 -14.82
C GLU A 67 -5.27 7.27 -13.68
N PHE A 68 -4.30 6.94 -12.82
CA PHE A 68 -4.52 6.01 -11.70
C PHE A 68 -5.34 6.64 -10.56
N LEU A 69 -5.12 7.95 -10.32
CA LEU A 69 -5.81 8.68 -9.24
C LEU A 69 -7.31 8.89 -9.51
N THR A 70 -7.74 8.75 -10.77
CA THR A 70 -9.15 8.93 -11.13
C THR A 70 -9.99 7.71 -10.75
N MET A 71 -9.38 6.53 -10.82
CA MET A 71 -10.06 5.31 -10.40
C MET A 71 -10.28 5.37 -8.90
N MET A 72 -9.30 5.99 -8.22
CA MET A 72 -9.34 6.23 -6.77
C MET A 72 -10.26 7.41 -6.48
N ALA A 73 -10.48 8.26 -7.51
CA ALA A 73 -11.33 9.45 -7.40
C ALA A 73 -12.79 9.12 -7.06
N ARG A 74 -13.34 8.10 -7.74
CA ARG A 74 -14.72 7.66 -7.52
C ARG A 74 -14.89 7.05 -6.13
N LYS A 75 -13.86 6.31 -5.69
CA LYS A 75 -13.84 5.65 -4.39
C LYS A 75 -13.46 6.61 -3.26
N MET A 76 -12.84 7.77 -3.60
CA MET A 76 -12.43 8.77 -2.61
C MET A 76 -13.61 9.63 -2.12
N LYS A 77 -14.78 9.01 -2.04
CA LYS A 77 -16.00 9.67 -1.59
C LYS A 77 -16.13 9.59 -0.06
N ASP A 78 -15.73 10.69 0.62
CA ASP A 78 -15.78 10.81 2.09
C ASP A 78 -14.89 9.75 2.77
N THR A 79 -13.72 10.21 3.26
CA THR A 79 -12.76 9.32 3.92
C THR A 79 -13.15 9.01 5.36
N ASP A 80 -13.24 7.71 5.68
CA ASP A 80 -13.59 7.23 7.00
C ASP A 80 -12.34 7.06 7.87
N SER A 81 -12.55 6.96 9.20
CA SER A 81 -11.44 6.80 10.16
C SER A 81 -10.97 5.32 10.25
N GLU A 82 -11.51 4.57 11.23
CA GLU A 82 -11.16 3.17 11.49
C GLU A 82 -11.33 2.27 10.27
N GLU A 83 -12.29 2.57 9.40
CA GLU A 83 -12.50 1.78 8.18
C GLU A 83 -11.30 1.92 7.26
N GLU A 84 -10.74 3.13 7.20
CA GLU A 84 -9.54 3.40 6.42
C GLU A 84 -8.30 2.90 7.15
N ILE A 85 -8.42 2.78 8.51
CA ILE A 85 -7.33 2.29 9.34
C ILE A 85 -7.18 0.78 9.17
N ARG A 86 -8.31 0.06 9.14
CA ARG A 86 -8.28 -1.39 8.93
C ARG A 86 -7.83 -1.71 7.50
N GLU A 87 -8.03 -0.74 6.59
CA GLU A 87 -7.61 -0.85 5.19
C GLU A 87 -6.10 -0.75 5.05
N ALA A 88 -5.42 -0.78 6.19
CA ALA A 88 -3.99 -0.78 6.21
C ALA A 88 -3.47 -1.67 7.33
N PHE A 89 -4.24 -1.74 8.43
CA PHE A 89 -3.87 -2.55 9.60
C PHE A 89 -4.07 -4.06 9.37
N ARG A 90 -5.30 -4.49 9.03
CA ARG A 90 -5.60 -5.92 8.81
C ARG A 90 -4.99 -6.37 7.50
N VAL A 91 -4.75 -5.36 6.65
CA VAL A 91 -4.17 -5.50 5.33
C VAL A 91 -2.65 -5.73 5.43
N PHE A 92 -2.05 -5.11 6.45
CA PHE A 92 -0.62 -5.23 6.74
C PHE A 92 -0.37 -6.48 7.63
N ASP A 93 -1.24 -6.67 8.64
CA ASP A 93 -1.16 -7.81 9.55
C ASP A 93 -2.01 -8.98 9.00
N LYS A 94 -1.34 -9.95 8.37
CA LYS A 94 -2.01 -11.13 7.78
C LYS A 94 -2.80 -11.96 8.81
N ASP A 95 -2.35 -11.94 10.07
CA ASP A 95 -3.02 -12.69 11.14
C ASP A 95 -3.83 -11.75 12.04
N GLY A 96 -3.18 -10.71 12.58
CA GLY A 96 -3.85 -9.74 13.45
C GLY A 96 -3.98 -10.20 14.90
N ASN A 97 -2.86 -10.19 15.62
CA ASN A 97 -2.83 -10.59 17.02
C ASN A 97 -2.27 -9.47 17.90
N GLY A 98 -2.74 -8.24 17.63
CA GLY A 98 -2.27 -7.08 18.37
C GLY A 98 -0.96 -6.54 17.82
N TYR A 99 -0.13 -7.49 17.37
CA TYR A 99 1.19 -7.20 16.79
C TYR A 99 1.22 -7.73 15.35
N ILE A 100 1.96 -7.04 14.50
CA ILE A 100 2.11 -7.40 13.09
C ILE A 100 3.39 -8.13 12.91
N SER A 101 3.31 -9.17 12.10
CA SER A 101 4.42 -10.06 11.86
C SER A 101 5.48 -9.39 11.01
N ALA A 102 6.71 -9.86 11.17
CA ALA A 102 7.86 -9.25 10.51
C ALA A 102 7.87 -9.47 9.00
N ALA A 103 7.75 -10.72 8.60
CA ALA A 103 7.73 -11.10 7.19
C ALA A 103 6.38 -10.79 6.53
N GLU A 104 5.57 -9.95 7.19
CA GLU A 104 4.26 -9.61 6.67
C GLU A 104 4.26 -8.61 5.54
N LEU A 105 4.93 -7.45 5.68
CA LEU A 105 4.94 -6.52 4.56
C LEU A 105 5.63 -7.12 3.36
N ARG A 106 6.61 -8.02 3.56
CA ARG A 106 7.26 -8.66 2.41
C ARG A 106 6.25 -9.59 1.73
N HIS A 107 5.28 -10.10 2.53
CA HIS A 107 4.21 -10.95 1.99
C HIS A 107 3.19 -10.08 1.22
N VAL A 108 2.85 -8.92 1.83
CA VAL A 108 1.90 -7.95 1.25
C VAL A 108 2.57 -7.15 0.11
N MET A 109 3.71 -6.51 0.39
CA MET A 109 4.44 -5.70 -0.60
C MET A 109 4.82 -6.51 -1.86
N THR A 110 5.02 -7.84 -1.66
CA THR A 110 5.37 -8.74 -2.75
C THR A 110 4.23 -8.85 -3.77
N ASN A 111 3.01 -8.92 -3.24
CA ASN A 111 1.80 -8.97 -4.06
C ASN A 111 1.56 -7.58 -4.66
N LEU A 112 2.18 -6.58 -4.01
CA LEU A 112 2.10 -5.17 -4.44
C LEU A 112 3.01 -4.90 -5.65
N GLY A 113 3.79 -5.94 -6.05
CA GLY A 113 4.63 -5.82 -7.25
C GLY A 113 6.09 -5.52 -6.99
N GLU A 114 6.49 -5.39 -5.72
CA GLU A 114 7.88 -5.15 -5.40
C GLU A 114 8.41 -6.29 -4.52
N LYS A 115 8.99 -7.29 -5.19
CA LYS A 115 9.52 -8.49 -4.54
C LYS A 115 10.69 -8.18 -3.59
N LEU A 116 10.38 -8.21 -2.28
CA LEU A 116 11.37 -7.96 -1.24
C LEU A 116 11.21 -8.91 -0.08
N THR A 117 12.33 -9.15 0.61
CA THR A 117 12.34 -9.99 1.80
C THR A 117 12.18 -9.09 3.05
N ASP A 118 12.21 -9.70 4.24
CA ASP A 118 12.05 -8.98 5.52
C ASP A 118 12.96 -7.75 5.68
N GLU A 119 14.11 -7.76 5.01
CA GLU A 119 15.10 -6.65 5.07
C GLU A 119 14.51 -5.26 4.79
N GLU A 120 13.78 -5.14 3.68
CA GLU A 120 13.16 -3.87 3.28
C GLU A 120 11.97 -3.56 4.18
N VAL A 121 11.31 -4.63 4.64
CA VAL A 121 10.18 -4.51 5.56
C VAL A 121 10.70 -4.19 6.97
N ASP A 122 11.93 -4.65 7.24
CA ASP A 122 12.59 -4.41 8.53
C ASP A 122 12.68 -2.92 8.83
N GLU A 123 12.85 -2.10 7.78
CA GLU A 123 12.85 -0.64 7.92
C GLU A 123 11.40 -0.22 8.19
N MET A 124 10.48 -1.02 7.62
CA MET A 124 9.05 -0.87 7.77
C MET A 124 8.55 -1.32 9.16
N ILE A 125 9.24 -2.31 9.76
CA ILE A 125 8.83 -2.84 11.06
C ILE A 125 9.65 -2.28 12.24
N ARG A 126 10.92 -1.93 11.98
CA ARG A 126 11.81 -1.36 13.01
C ARG A 126 11.38 0.04 13.41
N GLU A 127 10.76 0.76 12.47
CA GLU A 127 10.27 2.12 12.70
C GLU A 127 8.95 2.11 13.47
N ALA A 128 8.27 0.96 13.44
CA ALA A 128 7.01 0.76 14.14
C ALA A 128 7.21 0.22 15.55
N ASP A 129 8.37 -0.37 15.78
CA ASP A 129 8.72 -0.94 17.05
C ASP A 129 9.80 -0.12 17.77
N ILE A 130 9.38 0.57 18.83
CA ILE A 130 10.31 1.39 19.64
C ILE A 130 11.18 0.51 20.55
N ASP A 131 10.69 -0.70 20.80
CA ASP A 131 11.37 -1.68 21.63
C ASP A 131 12.20 -2.66 20.77
N GLY A 132 12.15 -2.47 19.44
CA GLY A 132 12.90 -3.32 18.51
C GLY A 132 12.53 -4.80 18.59
N ASP A 133 11.23 -5.09 18.56
CA ASP A 133 10.74 -6.48 18.64
C ASP A 133 10.54 -7.11 17.25
N GLY A 134 10.68 -6.30 16.18
CA GLY A 134 10.54 -6.81 14.82
C GLY A 134 9.10 -7.08 14.39
N GLN A 135 8.12 -6.54 15.14
CA GLN A 135 6.71 -6.76 14.82
C GLN A 135 5.90 -5.47 15.03
N VAL A 136 4.65 -5.35 14.48
CA VAL A 136 3.96 -4.09 14.68
C VAL A 136 2.64 -4.20 15.48
N ASN A 137 2.60 -3.51 16.61
CA ASN A 137 1.40 -3.43 17.47
C ASN A 137 0.39 -2.45 16.86
N TYR A 138 -0.81 -2.39 17.46
CA TYR A 138 -1.91 -1.54 16.99
C TYR A 138 -1.64 -0.04 17.17
N GLU A 139 -0.95 0.33 18.26
CA GLU A 139 -0.67 1.72 18.61
C GLU A 139 0.32 2.45 17.73
N GLU A 140 1.38 1.79 17.28
CA GLU A 140 2.37 2.50 16.50
C GLU A 140 2.03 2.75 15.02
N PHE A 141 1.58 1.71 14.30
CA PHE A 141 1.25 1.84 12.85
C PHE A 141 0.04 2.76 12.59
N VAL A 142 -0.84 2.93 13.57
CA VAL A 142 -2.03 3.77 13.43
C VAL A 142 -1.61 5.24 13.42
N GLN A 143 -0.70 5.49 14.35
CA GLN A 143 -0.07 6.76 14.59
C GLN A 143 0.53 7.34 13.30
N MET A 144 1.04 6.43 12.47
CA MET A 144 1.64 6.76 11.20
C MET A 144 0.62 7.12 10.12
N MET A 145 -0.63 6.65 10.27
CA MET A 145 -1.69 6.97 9.29
C MET A 145 -2.35 8.29 9.64
N THR A 146 -2.46 8.59 10.93
CA THR A 146 -2.98 9.88 11.38
C THR A 146 -1.93 10.96 11.04
N ALA A 147 -0.72 10.47 10.69
CA ALA A 147 0.39 11.28 10.25
C ALA A 147 1.25 10.47 9.26
N LYS A 148 0.73 10.33 8.06
CA LYS A 148 1.42 9.64 6.94
C LYS A 148 2.71 10.36 6.54
N TPO B 1 9.21 2.25 5.05
CA TPO B 1 9.02 2.40 6.52
CB TPO B 1 9.60 3.75 7.02
CG2 TPO B 1 11.12 3.75 6.96
OG1 TPO B 1 9.10 4.83 6.22
C TPO B 1 7.54 2.33 6.90
O TPO B 1 6.67 2.51 6.04
H1 TPO B 1 8.73 3.02 4.55
H2 TPO B 1 8.81 1.34 4.74
H3 TPO B 1 10.22 2.26 4.82
HA TPO B 1 9.56 1.60 7.02
HB TPO B 1 9.29 3.90 8.04
HG21 TPO B 1 11.50 2.82 7.38
HG22 TPO B 1 11.51 4.58 7.54
HG23 TPO B 1 11.45 3.84 5.95
N PHE B 2 7.25 2.08 8.20
CA PHE B 2 5.86 2.01 8.72
C PHE B 2 5.09 3.32 8.38
N LYS B 3 5.85 4.44 8.25
CA LYS B 3 5.32 5.78 7.93
C LYS B 3 4.86 5.95 6.47
N GLU B 4 5.78 5.67 5.52
CA GLU B 4 5.51 5.83 4.08
C GLU B 4 4.68 4.68 3.50
N VAL B 5 5.00 3.46 3.96
CA VAL B 5 4.32 2.23 3.50
C VAL B 5 2.82 2.23 3.82
N ALA B 6 2.42 2.92 4.91
CA ALA B 6 1.02 3.02 5.33
C ALA B 6 0.10 3.52 4.20
N ASN B 7 0.52 4.64 3.57
CA ASN B 7 -0.23 5.24 2.45
C ASN B 7 -0.13 4.40 1.17
N ALA B 8 0.88 3.51 1.10
CA ALA B 8 1.12 2.67 -0.08
C ALA B 8 0.08 1.57 -0.27
N VAL B 9 -0.09 0.71 0.75
CA VAL B 9 -1.07 -0.40 0.70
C VAL B 9 -2.53 0.12 0.82
N LYS B 10 -2.70 1.27 1.51
CA LYS B 10 -4.03 1.86 1.72
C LYS B 10 -4.64 2.45 0.43
N ILE B 11 -3.79 2.86 -0.53
CA ILE B 11 -4.27 3.44 -1.80
C ILE B 11 -4.94 2.36 -2.71
N SER B 12 -4.48 1.12 -2.57
CA SER B 12 -5.02 0.00 -3.33
C SER B 12 -6.13 -0.73 -2.55
N ALA B 13 -6.34 -0.31 -1.30
CA ALA B 13 -7.35 -0.89 -0.42
C ALA B 13 -8.71 -0.17 -0.56
N SER B 14 -8.73 0.91 -1.36
CA SER B 14 -9.94 1.70 -1.58
C SER B 14 -10.88 1.03 -2.60
N LEU B 15 -10.39 -0.03 -3.23
CA LEU B 15 -11.17 -0.79 -4.23
C LEU B 15 -11.85 -2.00 -3.60
N MET B 16 -11.21 -2.56 -2.56
CA MET B 16 -11.73 -3.73 -1.85
C MET B 16 -12.58 -3.30 -0.65
N ALA A 1 -7.64 18.43 3.90
CA ALA A 1 -6.42 18.16 4.70
C ALA A 1 -5.17 18.17 3.83
N ASP A 2 -4.13 18.86 4.30
CA ASP A 2 -2.86 18.96 3.58
C ASP A 2 -1.70 18.62 4.49
N GLN A 3 -0.65 18.03 3.89
CA GLN A 3 0.54 17.64 4.62
C GLN A 3 1.77 18.36 4.07
N LEU A 4 2.68 18.74 4.98
CA LEU A 4 3.91 19.45 4.60
C LEU A 4 5.15 18.58 4.77
N THR A 5 5.98 18.52 3.71
CA THR A 5 7.26 17.76 3.66
C THR A 5 7.08 16.24 3.77
N GLU A 6 5.96 15.82 4.32
CA GLU A 6 5.65 14.42 4.55
C GLU A 6 5.31 13.62 3.27
N GLU A 7 4.06 13.15 3.16
CA GLU A 7 3.61 12.33 2.01
C GLU A 7 3.41 13.12 0.71
N GLN A 8 3.35 14.45 0.81
CA GLN A 8 3.14 15.32 -0.37
C GLN A 8 4.39 15.49 -1.21
N ILE A 9 5.54 15.20 -0.64
CA ILE A 9 6.81 15.32 -1.35
C ILE A 9 7.87 14.37 -0.79
N ALA A 10 8.86 14.01 -1.64
CA ALA A 10 9.97 13.10 -1.29
C ALA A 10 9.52 11.66 -1.08
N GLU A 11 8.69 11.44 -0.04
CA GLU A 11 8.19 10.10 0.29
C GLU A 11 7.08 9.64 -0.66
N PHE A 12 6.52 10.56 -1.47
CA PHE A 12 5.51 10.21 -2.45
C PHE A 12 6.21 9.49 -3.62
N LYS A 13 7.39 10.02 -3.97
CA LYS A 13 8.23 9.42 -4.99
C LYS A 13 8.99 8.23 -4.41
N GLU A 14 8.61 7.94 -3.17
CA GLU A 14 9.12 6.83 -2.40
C GLU A 14 8.07 5.73 -2.44
N ALA A 15 6.79 6.19 -2.40
CA ALA A 15 5.62 5.32 -2.47
C ALA A 15 5.35 4.90 -3.91
N PHE A 16 5.49 5.85 -4.86
CA PHE A 16 5.29 5.56 -6.27
C PHE A 16 6.39 4.67 -6.80
N SER A 17 7.58 4.83 -6.20
CA SER A 17 8.76 4.03 -6.53
C SER A 17 8.59 2.59 -6.02
N LEU A 18 7.64 2.41 -5.08
CA LEU A 18 7.35 1.09 -4.50
C LEU A 18 6.56 0.21 -5.48
N PHE A 19 5.63 0.83 -6.21
CA PHE A 19 4.79 0.15 -7.18
C PHE A 19 5.45 0.14 -8.57
N ASP A 20 5.74 1.33 -9.11
CA ASP A 20 6.36 1.48 -10.45
C ASP A 20 7.79 0.96 -10.46
N LYS A 21 7.89 -0.31 -10.85
CA LYS A 21 9.16 -1.05 -10.93
C LYS A 21 10.03 -0.59 -12.11
N ASP A 22 9.44 0.18 -13.03
CA ASP A 22 10.15 0.68 -14.22
C ASP A 22 10.73 2.08 -13.99
N GLY A 23 10.10 2.86 -13.10
CA GLY A 23 10.56 4.22 -12.81
C GLY A 23 10.18 5.23 -13.88
N ASP A 24 9.48 4.76 -14.93
CA ASP A 24 9.02 5.62 -16.02
C ASP A 24 7.63 6.18 -15.70
N GLY A 25 7.05 5.68 -14.61
CA GLY A 25 5.74 6.11 -14.16
C GLY A 25 4.61 5.19 -14.61
N THR A 26 4.90 3.88 -14.66
CA THR A 26 3.92 2.86 -15.06
C THR A 26 4.16 1.57 -14.30
N ILE A 27 3.07 0.91 -13.96
CA ILE A 27 3.15 -0.37 -13.25
C ILE A 27 2.47 -1.50 -14.02
N THR A 28 2.79 -2.73 -13.63
CA THR A 28 2.23 -3.94 -14.23
C THR A 28 0.76 -4.12 -13.79
N THR A 29 -0.02 -4.85 -14.58
CA THR A 29 -1.43 -5.09 -14.28
C THR A 29 -1.63 -6.06 -13.11
N LYS A 30 -0.83 -7.11 -13.09
CA LYS A 30 -0.86 -8.13 -12.05
C LYS A 30 -0.47 -7.53 -10.68
N GLU A 31 0.08 -6.31 -10.75
CA GLU A 31 0.53 -5.54 -9.60
C GLU A 31 -0.62 -4.92 -8.82
N LEU A 32 -1.41 -4.11 -9.52
CA LEU A 32 -2.53 -3.39 -8.90
C LEU A 32 -3.62 -4.33 -8.45
N GLY A 33 -3.57 -5.57 -8.93
CA GLY A 33 -4.56 -6.55 -8.52
C GLY A 33 -4.35 -7.07 -7.12
N THR A 34 -3.40 -6.42 -6.47
CA THR A 34 -2.97 -6.72 -5.09
C THR A 34 -3.93 -6.19 -4.01
N VAL A 35 -5.01 -5.52 -4.44
CA VAL A 35 -5.99 -4.93 -3.51
C VAL A 35 -6.55 -5.96 -2.53
N MET A 36 -7.12 -7.04 -3.07
CA MET A 36 -7.67 -8.14 -2.28
C MET A 36 -6.56 -8.98 -1.64
N ARG A 37 -5.59 -9.35 -2.46
CA ARG A 37 -4.48 -10.24 -2.07
C ARG A 37 -3.53 -9.70 -0.99
N SER A 38 -3.76 -8.48 -0.51
CA SER A 38 -2.95 -7.90 0.56
C SER A 38 -3.64 -8.12 1.90
N LEU A 39 -4.96 -8.31 1.81
CA LEU A 39 -5.82 -8.60 2.96
C LEU A 39 -5.73 -10.09 3.28
N GLY A 40 -4.68 -10.73 2.73
CA GLY A 40 -4.53 -12.17 2.89
C GLY A 40 -5.71 -12.88 2.22
N GLN A 41 -6.05 -12.32 1.05
CA GLN A 41 -7.19 -12.74 0.26
C GLN A 41 -6.79 -13.42 -1.03
N ASN A 42 -7.71 -13.33 -1.97
CA ASN A 42 -7.61 -13.90 -3.29
C ASN A 42 -7.10 -12.87 -4.32
N PRO A 43 -6.33 -13.30 -5.37
CA PRO A 43 -5.83 -12.38 -6.41
C PRO A 43 -6.89 -12.01 -7.45
N THR A 44 -7.40 -10.77 -7.34
CA THR A 44 -8.40 -10.23 -8.27
C THR A 44 -7.78 -9.96 -9.63
N GLU A 45 -7.81 -11.01 -10.44
CA GLU A 45 -7.26 -11.02 -11.79
C GLU A 45 -8.10 -10.15 -12.73
N ALA A 46 -9.41 -10.33 -12.62
CA ALA A 46 -10.38 -9.61 -13.43
C ALA A 46 -10.53 -8.13 -13.07
N GLU A 47 -9.97 -7.74 -11.91
CA GLU A 47 -10.07 -6.36 -11.41
C GLU A 47 -9.11 -5.36 -12.10
N LEU A 48 -7.81 -5.70 -12.24
CA LEU A 48 -6.83 -4.77 -12.83
C LEU A 48 -7.15 -4.37 -14.25
N GLN A 49 -7.82 -5.24 -15.00
CA GLN A 49 -8.23 -4.90 -16.34
C GLN A 49 -9.42 -3.96 -16.22
N ASP A 50 -10.23 -4.20 -15.20
CA ASP A 50 -11.34 -3.35 -14.91
C ASP A 50 -10.90 -2.03 -14.27
N MET A 51 -9.62 -1.94 -13.88
CA MET A 51 -9.10 -0.73 -13.24
C MET A 51 -8.12 0.02 -14.11
N ILE A 52 -7.26 -0.69 -14.85
CA ILE A 52 -6.30 -0.03 -15.71
C ILE A 52 -7.06 0.50 -16.90
N ASN A 53 -7.93 -0.37 -17.41
CA ASN A 53 -8.81 -0.08 -18.54
C ASN A 53 -9.59 1.22 -18.34
N GLU A 54 -10.00 1.46 -17.08
CA GLU A 54 -10.76 2.64 -16.71
C GLU A 54 -9.86 3.84 -16.40
N VAL A 55 -8.65 3.58 -15.90
CA VAL A 55 -7.74 4.68 -15.55
C VAL A 55 -6.68 5.01 -16.63
N ASP A 56 -6.38 4.05 -17.52
CA ASP A 56 -5.40 4.23 -18.61
C ASP A 56 -6.00 5.16 -19.70
N ALA A 57 -6.19 6.44 -19.33
CA ALA A 57 -6.78 7.46 -20.20
C ALA A 57 -5.83 7.84 -21.32
N ASP A 58 -4.54 7.75 -21.02
CA ASP A 58 -3.50 8.02 -21.97
C ASP A 58 -2.98 6.69 -22.50
N GLY A 59 -3.76 5.67 -22.14
CA GLY A 59 -3.53 4.27 -22.47
C GLY A 59 -2.06 3.86 -22.58
N ASN A 60 -1.45 3.62 -21.44
CA ASN A 60 -0.05 3.23 -21.35
C ASN A 60 0.13 1.72 -21.40
N GLY A 61 -0.97 0.97 -21.60
CA GLY A 61 -0.94 -0.48 -21.55
C GLY A 61 -0.92 -0.88 -20.10
N THR A 62 -0.20 -0.04 -19.36
CA THR A 62 -0.04 -0.13 -17.97
C THR A 62 -0.82 1.06 -17.38
N ILE A 63 -0.27 1.77 -16.40
CA ILE A 63 -0.96 2.93 -15.82
C ILE A 63 0.03 4.08 -15.67
N ASP A 64 -0.42 5.33 -15.88
CA ASP A 64 0.48 6.48 -15.80
C ASP A 64 0.46 7.18 -14.42
N PHE A 65 1.20 8.30 -14.33
CA PHE A 65 1.35 9.10 -13.10
C PHE A 65 0.05 9.82 -12.63
N PRO A 66 -0.64 10.67 -13.47
CA PRO A 66 -1.84 11.43 -13.05
C PRO A 66 -3.10 10.57 -12.87
N GLU A 67 -3.25 9.55 -13.71
CA GLU A 67 -4.40 8.66 -13.68
C GLU A 67 -4.36 7.61 -12.56
N PHE A 68 -3.30 7.64 -11.75
CA PHE A 68 -3.14 6.70 -10.62
C PHE A 68 -4.07 7.05 -9.45
N LEU A 69 -4.09 8.34 -9.07
CA LEU A 69 -4.93 8.82 -7.95
C LEU A 69 -6.43 8.87 -8.28
N THR A 70 -6.78 8.75 -9.57
CA THR A 70 -8.18 8.78 -10.00
C THR A 70 -8.92 7.50 -9.63
N MET A 71 -8.20 6.39 -9.62
CA MET A 71 -8.78 5.11 -9.21
C MET A 71 -9.20 5.20 -7.75
N MET A 72 -8.36 5.93 -6.97
CA MET A 72 -8.58 6.20 -5.56
C MET A 72 -9.62 7.32 -5.40
N ALA A 73 -9.75 8.15 -6.46
CA ALA A 73 -10.66 9.30 -6.48
C ALA A 73 -12.13 8.92 -6.29
N ARG A 74 -12.57 7.84 -6.94
CA ARG A 74 -13.97 7.38 -6.84
C ARG A 74 -14.35 7.01 -5.41
N LYS A 75 -13.47 6.26 -4.73
CA LYS A 75 -13.68 5.82 -3.35
C LYS A 75 -13.32 6.91 -2.32
N MET A 76 -12.47 7.87 -2.72
CA MET A 76 -12.05 8.95 -1.81
C MET A 76 -13.11 10.06 -1.66
N LYS A 77 -14.37 9.62 -1.48
CA LYS A 77 -15.51 10.52 -1.30
C LYS A 77 -15.67 10.94 0.17
N ASP A 78 -14.54 11.33 0.80
CA ASP A 78 -14.49 11.74 2.23
C ASP A 78 -14.86 10.58 3.16
N THR A 79 -13.92 9.62 3.29
CA THR A 79 -14.10 8.45 4.15
C THR A 79 -13.83 8.76 5.63
N ASP A 80 -14.22 7.83 6.52
CA ASP A 80 -14.03 7.98 7.96
C ASP A 80 -12.57 7.71 8.36
N SER A 81 -12.27 7.79 9.68
CA SER A 81 -10.91 7.59 10.19
C SER A 81 -10.56 6.08 10.26
N GLU A 82 -11.27 5.33 11.11
CA GLU A 82 -11.03 3.89 11.29
C GLU A 82 -11.27 3.10 10.01
N GLU A 83 -12.04 3.67 9.07
CA GLU A 83 -12.29 3.01 7.78
C GLU A 83 -11.04 3.09 6.92
N GLU A 84 -10.35 4.24 6.95
CA GLU A 84 -9.10 4.41 6.22
C GLU A 84 -7.95 3.74 7.00
N ILE A 85 -8.16 3.53 8.34
CA ILE A 85 -7.19 2.86 9.19
C ILE A 85 -7.23 1.35 8.92
N ARG A 86 -8.46 0.80 8.82
CA ARG A 86 -8.64 -0.63 8.54
C ARG A 86 -8.17 -0.95 7.11
N GLU A 87 -8.20 0.08 6.23
CA GLU A 87 -7.74 -0.03 4.84
C GLU A 87 -6.24 -0.12 4.78
N ALA A 88 -5.64 -0.28 5.95
CA ALA A 88 -4.23 -0.47 6.06
C ALA A 88 -3.92 -1.52 7.12
N PHE A 89 -4.87 -1.77 8.03
CA PHE A 89 -4.71 -2.74 9.12
C PHE A 89 -4.81 -4.21 8.65
N ARG A 90 -6.03 -4.67 8.26
CA ARG A 90 -6.23 -6.07 7.81
C ARG A 90 -5.58 -6.28 6.45
N VAL A 91 -5.32 -5.13 5.84
CA VAL A 91 -4.69 -5.02 4.53
C VAL A 91 -3.18 -5.26 4.69
N PHE A 92 -2.66 -4.88 5.86
CA PHE A 92 -1.25 -5.05 6.23
C PHE A 92 -1.04 -6.46 6.85
N ASP A 93 -1.78 -6.76 7.93
CA ASP A 93 -1.71 -8.04 8.63
C ASP A 93 -2.54 -9.12 7.91
N LYS A 94 -1.94 -10.30 7.71
CA LYS A 94 -2.62 -11.43 7.04
C LYS A 94 -3.81 -11.99 7.84
N ASP A 95 -3.57 -12.33 9.11
CA ASP A 95 -4.62 -12.89 9.98
C ASP A 95 -5.27 -11.81 10.84
N GLY A 96 -4.43 -10.93 11.41
CA GLY A 96 -4.92 -9.84 12.26
C GLY A 96 -5.17 -10.25 13.70
N ASN A 97 -4.12 -10.18 14.51
CA ASN A 97 -4.19 -10.52 15.93
C ASN A 97 -3.74 -9.33 16.78
N GLY A 98 -4.11 -8.12 16.33
CA GLY A 98 -3.73 -6.90 17.02
C GLY A 98 -2.35 -6.42 16.59
N TYR A 99 -1.49 -7.40 16.27
CA TYR A 99 -0.11 -7.14 15.83
C TYR A 99 0.10 -7.70 14.43
N ILE A 100 0.98 -7.04 13.67
CA ILE A 100 1.33 -7.47 12.32
C ILE A 100 2.58 -8.29 12.41
N SER A 101 2.55 -9.39 11.70
CA SER A 101 3.62 -10.36 11.73
C SER A 101 4.85 -9.89 11.01
N ALA A 102 5.97 -10.51 11.39
CA ALA A 102 7.26 -10.12 10.85
C ALA A 102 7.42 -10.49 9.39
N ALA A 103 7.21 -11.76 9.10
CA ALA A 103 7.27 -12.31 7.74
C ALA A 103 6.02 -11.96 6.94
N GLU A 104 5.19 -11.06 7.48
CA GLU A 104 3.96 -10.70 6.83
C GLU A 104 4.13 -9.77 5.66
N LEU A 105 4.86 -8.65 5.81
CA LEU A 105 5.02 -7.77 4.68
C LEU A 105 5.72 -8.46 3.52
N ARG A 106 6.63 -9.42 3.79
CA ARG A 106 7.26 -10.11 2.66
C ARG A 106 6.20 -10.96 1.96
N HIS A 107 5.19 -11.41 2.74
CA HIS A 107 4.07 -12.17 2.20
C HIS A 107 3.08 -11.24 1.47
N VAL A 108 2.70 -10.14 2.15
CA VAL A 108 1.75 -9.13 1.63
C VAL A 108 2.38 -8.21 0.56
N MET A 109 3.51 -7.55 0.91
CA MET A 109 4.21 -6.63 0.00
C MET A 109 4.65 -7.31 -1.30
N THR A 110 4.92 -8.63 -1.22
CA THR A 110 5.33 -9.41 -2.39
C THR A 110 4.27 -9.31 -3.49
N ASN A 111 3.01 -9.33 -3.04
CA ASN A 111 1.86 -9.18 -3.91
C ASN A 111 1.76 -7.70 -4.34
N LEU A 112 2.41 -6.83 -3.54
CA LEU A 112 2.44 -5.39 -3.81
C LEU A 112 3.47 -5.07 -4.91
N GLY A 113 4.15 -6.13 -5.43
CA GLY A 113 5.07 -5.97 -6.55
C GLY A 113 6.54 -5.92 -6.23
N GLU A 114 6.92 -6.15 -4.97
CA GLU A 114 8.32 -6.18 -4.59
C GLU A 114 8.63 -7.48 -3.85
N LYS A 115 9.08 -8.49 -4.62
CA LYS A 115 9.41 -9.82 -4.10
C LYS A 115 10.62 -9.78 -3.16
N LEU A 116 10.35 -9.73 -1.86
CA LEU A 116 11.40 -9.70 -0.84
C LEU A 116 11.13 -10.68 0.29
N THR A 117 12.17 -10.86 1.11
CA THR A 117 12.12 -11.72 2.28
C THR A 117 11.92 -10.85 3.54
N ASP A 118 11.74 -11.49 4.71
CA ASP A 118 11.51 -10.80 6.00
C ASP A 118 12.57 -9.72 6.30
N GLU A 119 13.78 -9.93 5.77
CA GLU A 119 14.93 -9.02 5.93
C GLU A 119 14.61 -7.57 5.54
N GLU A 120 14.06 -7.42 4.35
CA GLU A 120 13.69 -6.11 3.80
C GLU A 120 12.49 -5.55 4.55
N VAL A 121 11.60 -6.47 4.97
CA VAL A 121 10.42 -6.10 5.74
C VAL A 121 10.82 -5.80 7.19
N ASP A 122 11.90 -6.45 7.66
CA ASP A 122 12.41 -6.25 9.00
C ASP A 122 12.76 -4.79 9.26
N GLU A 123 13.22 -4.11 8.20
CA GLU A 123 13.48 -2.66 8.27
C GLU A 123 12.12 -1.98 8.28
N MET A 124 11.15 -2.64 7.64
CA MET A 124 9.77 -2.18 7.58
C MET A 124 9.06 -2.38 8.93
N ILE A 125 9.36 -3.50 9.62
CA ILE A 125 8.72 -3.78 10.92
C ILE A 125 9.46 -3.13 12.09
N ARG A 126 10.78 -2.94 11.93
CA ARG A 126 11.61 -2.29 12.96
C ARG A 126 11.26 -0.81 13.11
N GLU A 127 10.83 -0.20 11.99
CA GLU A 127 10.42 1.21 11.96
C GLU A 127 9.06 1.44 12.62
N ALA A 128 8.27 0.37 12.76
CA ALA A 128 6.96 0.43 13.39
C ALA A 128 7.04 0.04 14.86
N ASP A 129 8.10 -0.68 15.22
CA ASP A 129 8.31 -1.14 16.56
C ASP A 129 9.46 -0.40 17.24
N ILE A 130 9.11 0.47 18.19
CA ILE A 130 10.09 1.24 18.96
C ILE A 130 10.78 0.37 20.02
N ASP A 131 10.09 -0.72 20.38
CA ASP A 131 10.58 -1.68 21.37
C ASP A 131 11.29 -2.88 20.70
N GLY A 132 11.33 -2.86 19.34
CA GLY A 132 11.99 -3.93 18.58
C GLY A 132 11.41 -5.31 18.83
N ASP A 133 10.07 -5.43 18.76
CA ASP A 133 9.40 -6.72 18.99
C ASP A 133 9.24 -7.53 17.70
N GLY A 134 9.57 -6.91 16.54
CA GLY A 134 9.48 -7.61 15.26
C GLY A 134 8.07 -7.80 14.72
N GLN A 135 7.09 -7.06 15.28
CA GLN A 135 5.69 -7.18 14.84
C GLN A 135 4.98 -5.83 14.93
N VAL A 136 3.88 -5.61 14.14
CA VAL A 136 3.27 -4.29 14.19
C VAL A 136 1.80 -4.25 14.67
N ASN A 137 1.60 -3.66 15.86
CA ASN A 137 0.25 -3.46 16.43
C ASN A 137 -0.42 -2.25 15.77
N TYR A 138 -1.68 -2.01 16.14
CA TYR A 138 -2.47 -0.89 15.58
C TYR A 138 -1.96 0.48 16.04
N GLU A 139 -1.46 0.53 17.29
CA GLU A 139 -0.95 1.75 17.91
C GLU A 139 0.35 2.26 17.33
N GLU A 140 1.25 1.38 16.94
CA GLU A 140 2.52 1.83 16.43
C GLU A 140 2.47 2.32 14.96
N PHE A 141 1.88 1.50 14.06
CA PHE A 141 1.75 1.85 12.64
C PHE A 141 0.95 3.15 12.39
N VAL A 142 0.04 3.50 13.29
CA VAL A 142 -0.79 4.69 13.15
C VAL A 142 0.07 5.91 13.41
N GLN A 143 0.86 5.75 14.46
CA GLN A 143 1.81 6.71 14.97
C GLN A 143 2.80 7.15 13.89
N MET A 144 3.26 6.16 13.12
CA MET A 144 4.18 6.35 12.02
C MET A 144 3.48 6.97 10.81
N MET A 145 2.16 6.78 10.72
CA MET A 145 1.36 7.34 9.62
C MET A 145 0.85 8.72 9.97
N THR A 146 0.87 9.07 11.27
CA THR A 146 0.51 10.38 11.73
C THR A 146 1.72 11.29 11.49
N ALA A 147 2.83 10.60 11.20
CA ALA A 147 4.11 11.20 10.87
C ALA A 147 4.91 10.24 10.00
N LYS A 148 4.51 10.17 8.73
CA LYS A 148 5.15 9.32 7.71
C LYS A 148 6.60 9.75 7.46
N TPO B 1 9.44 1.03 4.22
CA TPO B 1 9.27 1.00 5.71
CB TPO B 1 10.08 2.13 6.38
CG2 TPO B 1 11.59 1.88 6.28
OG1 TPO B 1 9.77 3.40 5.77
C TPO B 1 7.81 1.13 6.09
O TPO B 1 7.01 1.66 5.31
H1 TPO B 1 10.44 0.93 3.98
H2 TPO B 1 9.08 1.92 3.84
H3 TPO B 1 8.90 0.24 3.79
HA TPO B 1 9.65 0.06 6.06
HB TPO B 1 9.81 2.18 7.42
HG21 TPO B 1 12.12 2.67 6.79
HG22 TPO B 1 11.87 1.86 5.24
HG23 TPO B 1 11.82 0.93 6.73
N PHE B 2 7.45 0.72 7.33
CA PHE B 2 6.06 0.79 7.84
C PHE B 2 5.48 2.22 7.73
N LYS B 3 6.38 3.24 7.77
CA LYS B 3 5.99 4.66 7.67
C LYS B 3 5.56 5.05 6.23
N GLU B 4 6.44 4.78 5.24
CA GLU B 4 6.15 5.11 3.83
C GLU B 4 5.22 4.07 3.18
N VAL B 5 5.51 2.79 3.45
CA VAL B 5 4.73 1.65 2.94
C VAL B 5 3.25 1.74 3.37
N ALA B 6 3.00 2.39 4.53
CA ALA B 6 1.65 2.57 5.08
C ALA B 6 0.68 3.14 4.03
N ASN B 7 1.15 4.13 3.27
CA ASN B 7 0.35 4.75 2.20
C ASN B 7 0.20 3.81 0.98
N ALA B 8 1.12 2.83 0.86
CA ALA B 8 1.13 1.88 -0.25
C ALA B 8 0.04 0.78 -0.11
N VAL B 9 0.01 0.12 1.06
CA VAL B 9 -0.98 -0.94 1.33
C VAL B 9 -2.40 -0.34 1.52
N LYS B 10 -2.45 0.92 2.01
CA LYS B 10 -3.70 1.64 2.26
C LYS B 10 -4.41 2.06 0.96
N ILE B 11 -3.62 2.43 -0.07
CA ILE B 11 -4.17 2.87 -1.37
C ILE B 11 -4.72 1.68 -2.20
N SER B 12 -4.38 0.46 -1.78
CA SER B 12 -4.84 -0.75 -2.46
C SER B 12 -5.83 -1.52 -1.58
N ALA B 13 -6.73 -0.78 -0.93
CA ALA B 13 -7.74 -1.36 -0.05
C ALA B 13 -9.13 -0.77 -0.32
N SER B 14 -9.16 0.38 -1.01
CA SER B 14 -10.42 1.05 -1.35
C SER B 14 -11.16 0.34 -2.50
N LEU B 15 -10.47 -0.60 -3.15
CA LEU B 15 -11.04 -1.36 -4.28
C LEU B 15 -11.79 -2.61 -3.81
N MET B 16 -11.31 -3.25 -2.74
CA MET B 16 -11.95 -4.47 -2.21
C MET B 16 -13.05 -4.13 -1.18
N ALA A 1 16.41 15.58 12.76
CA ALA A 1 16.11 14.26 12.13
C ALA A 1 14.63 14.15 11.79
N ASP A 2 14.34 13.66 10.57
CA ASP A 2 12.96 13.47 10.05
C ASP A 2 12.21 14.80 9.91
N GLN A 3 11.35 14.88 8.88
CA GLN A 3 10.57 16.06 8.60
C GLN A 3 9.07 15.75 8.68
N LEU A 4 8.30 16.72 9.21
CA LEU A 4 6.85 16.57 9.36
C LEU A 4 6.09 17.19 8.19
N THR A 5 6.79 17.99 7.37
CA THR A 5 6.17 18.66 6.21
C THR A 5 6.31 17.83 4.95
N GLU A 6 7.35 17.01 4.93
CA GLU A 6 7.67 16.14 3.81
C GLU A 6 6.71 14.96 3.68
N GLU A 7 6.30 14.39 4.83
CA GLU A 7 5.37 13.25 4.89
C GLU A 7 3.94 13.67 4.54
N GLN A 8 3.70 14.98 4.49
CA GLN A 8 2.37 15.55 4.20
C GLN A 8 2.02 15.52 2.71
N ILE A 9 2.91 16.04 1.87
CA ILE A 9 2.63 16.09 0.43
C ILE A 9 3.87 15.84 -0.44
N ALA A 10 5.07 15.84 0.18
CA ALA A 10 6.32 15.61 -0.56
C ALA A 10 6.58 14.13 -0.84
N GLU A 11 6.09 13.29 0.08
CA GLU A 11 6.24 11.83 -0.02
C GLU A 11 5.31 11.21 -1.07
N PHE A 12 4.47 12.04 -1.72
CA PHE A 12 3.59 11.56 -2.78
C PHE A 12 4.43 11.27 -4.01
N LYS A 13 5.37 12.18 -4.30
CA LYS A 13 6.31 12.03 -5.39
C LYS A 13 7.44 11.07 -4.98
N GLU A 14 7.23 10.52 -3.81
CA GLU A 14 8.09 9.53 -3.20
C GLU A 14 7.46 8.16 -3.40
N ALA A 15 6.13 8.19 -3.53
CA ALA A 15 5.30 7.01 -3.76
C ALA A 15 5.39 6.56 -5.21
N PHE A 16 5.82 7.49 -6.11
CA PHE A 16 5.96 7.18 -7.53
C PHE A 16 7.02 6.11 -7.75
N SER A 17 8.05 6.16 -6.91
CA SER A 17 9.15 5.20 -6.94
C SER A 17 8.69 3.82 -6.42
N LEU A 18 7.74 3.85 -5.45
CA LEU A 18 7.19 2.63 -4.86
C LEU A 18 6.20 1.94 -5.80
N PHE A 19 5.42 2.75 -6.54
CA PHE A 19 4.41 2.24 -7.46
C PHE A 19 5.01 2.02 -8.87
N ASP A 20 5.24 3.11 -9.62
CA ASP A 20 5.78 3.04 -10.99
C ASP A 20 7.22 2.54 -11.01
N LYS A 21 7.32 1.24 -11.24
CA LYS A 21 8.59 0.50 -11.30
C LYS A 21 9.38 0.80 -12.59
N ASP A 22 8.71 1.41 -13.57
CA ASP A 22 9.33 1.75 -14.86
C ASP A 22 9.93 3.16 -14.86
N GLY A 23 9.33 4.07 -14.09
CA GLY A 23 9.81 5.45 -14.01
C GLY A 23 9.42 6.30 -15.22
N ASP A 24 8.79 5.66 -16.22
CA ASP A 24 8.34 6.36 -17.43
C ASP A 24 6.89 6.87 -17.24
N GLY A 25 6.34 6.59 -16.05
CA GLY A 25 4.99 6.99 -15.70
C GLY A 25 3.97 5.89 -15.90
N THR A 26 4.40 4.63 -15.68
CA THR A 26 3.54 3.46 -15.82
C THR A 26 3.92 2.37 -14.83
N ILE A 27 2.95 1.54 -14.47
CA ILE A 27 3.19 0.45 -13.52
C ILE A 27 2.86 -0.91 -14.15
N THR A 28 3.28 -1.98 -13.45
CA THR A 28 3.04 -3.36 -13.87
C THR A 28 1.60 -3.79 -13.55
N THR A 29 1.10 -4.77 -14.31
CA THR A 29 -0.26 -5.29 -14.15
C THR A 29 -0.43 -6.14 -12.88
N LYS A 30 0.70 -6.67 -12.39
CA LYS A 30 0.73 -7.48 -11.17
C LYS A 30 0.42 -6.65 -9.92
N GLU A 31 0.56 -5.33 -10.06
CA GLU A 31 0.31 -4.34 -9.01
C GLU A 31 -1.15 -4.12 -8.75
N LEU A 32 -1.88 -3.77 -9.82
CA LEU A 32 -3.30 -3.47 -9.73
C LEU A 32 -4.11 -4.70 -9.41
N GLY A 33 -3.46 -5.88 -9.51
CA GLY A 33 -4.12 -7.11 -9.18
C GLY A 33 -4.31 -7.29 -7.69
N THR A 34 -3.94 -6.22 -7.00
CA THR A 34 -4.00 -6.10 -5.53
C THR A 34 -5.43 -5.88 -5.01
N VAL A 35 -6.44 -6.09 -5.86
CA VAL A 35 -7.86 -5.91 -5.49
C VAL A 35 -8.18 -6.75 -4.25
N MET A 36 -8.23 -8.08 -4.43
CA MET A 36 -8.49 -9.01 -3.34
C MET A 36 -7.32 -9.13 -2.38
N ARG A 37 -6.12 -9.21 -2.94
CA ARG A 37 -4.91 -9.40 -2.15
C ARG A 37 -4.57 -8.16 -1.29
N SER A 38 -3.62 -8.34 -0.31
CA SER A 38 -3.21 -7.34 0.68
C SER A 38 -4.33 -7.14 1.69
N LEU A 39 -5.52 -7.59 1.29
CA LEU A 39 -6.69 -7.57 2.14
C LEU A 39 -6.70 -8.88 2.93
N GLY A 40 -5.53 -9.54 2.94
CA GLY A 40 -5.38 -10.84 3.58
C GLY A 40 -6.19 -11.88 2.82
N GLN A 41 -6.31 -11.62 1.52
CA GLN A 41 -7.08 -12.43 0.59
C GLN A 41 -6.20 -13.15 -0.42
N ASN A 42 -6.83 -13.45 -1.55
CA ASN A 42 -6.26 -14.17 -2.65
C ASN A 42 -5.90 -13.27 -3.84
N PRO A 43 -4.97 -13.71 -4.75
CA PRO A 43 -4.58 -12.92 -5.93
C PRO A 43 -5.58 -13.02 -7.08
N THR A 44 -6.04 -11.86 -7.57
CA THR A 44 -6.98 -11.80 -8.70
C THR A 44 -6.26 -11.43 -9.97
N GLU A 45 -5.99 -12.48 -10.73
CA GLU A 45 -5.30 -12.40 -12.02
C GLU A 45 -6.19 -11.74 -13.05
N ALA A 46 -7.46 -12.12 -13.02
CA ALA A 46 -8.47 -11.61 -13.92
C ALA A 46 -8.89 -10.17 -13.62
N GLU A 47 -8.47 -9.64 -12.45
CA GLU A 47 -8.85 -8.28 -12.03
C GLU A 47 -8.06 -7.15 -12.71
N LEU A 48 -6.72 -7.26 -12.78
CA LEU A 48 -5.87 -6.20 -13.36
C LEU A 48 -6.19 -5.91 -14.80
N GLN A 49 -6.69 -6.91 -15.52
CA GLN A 49 -7.09 -6.70 -16.91
C GLN A 49 -8.41 -5.96 -16.87
N ASP A 50 -9.21 -6.28 -15.86
CA ASP A 50 -10.46 -5.61 -15.63
C ASP A 50 -10.26 -4.21 -15.04
N MET A 51 -9.01 -3.90 -14.64
CA MET A 51 -8.72 -2.60 -14.03
C MET A 51 -7.81 -1.76 -14.91
N ILE A 52 -6.84 -2.40 -15.60
CA ILE A 52 -5.96 -1.64 -16.47
C ILE A 52 -6.76 -1.27 -17.69
N ASN A 53 -7.54 -2.24 -18.14
CA ASN A 53 -8.43 -2.11 -19.29
C ASN A 53 -9.38 -0.92 -19.14
N GLU A 54 -9.81 -0.67 -17.89
CA GLU A 54 -10.73 0.43 -17.57
C GLU A 54 -10.00 1.76 -17.34
N VAL A 55 -8.85 1.71 -16.66
CA VAL A 55 -8.11 2.93 -16.37
C VAL A 55 -7.02 3.31 -17.41
N ASP A 56 -6.76 2.43 -18.39
CA ASP A 56 -5.76 2.70 -19.46
C ASP A 56 -6.46 3.50 -20.60
N ALA A 57 -6.95 4.70 -20.23
CA ALA A 57 -7.68 5.59 -21.15
C ALA A 57 -6.77 6.08 -22.26
N ASP A 58 -5.50 6.22 -21.93
CA ASP A 58 -4.50 6.64 -22.87
C ASP A 58 -3.72 5.39 -23.34
N GLY A 59 -4.31 4.26 -22.95
CA GLY A 59 -3.79 2.92 -23.23
C GLY A 59 -2.27 2.81 -23.29
N ASN A 60 -1.67 2.61 -22.11
CA ASN A 60 -0.23 2.50 -21.98
C ASN A 60 0.26 1.05 -21.97
N GLY A 61 -0.67 0.11 -22.14
CA GLY A 61 -0.34 -1.31 -22.01
C GLY A 61 -0.28 -1.63 -20.55
N THR A 62 0.24 -0.64 -19.85
CA THR A 62 0.38 -0.59 -18.45
C THR A 62 -0.69 0.40 -17.97
N ILE A 63 -0.39 1.23 -16.98
CA ILE A 63 -1.37 2.20 -16.49
C ILE A 63 -0.75 3.59 -16.29
N ASP A 64 -1.57 4.64 -16.48
CA ASP A 64 -1.13 6.01 -16.29
C ASP A 64 -1.62 6.53 -14.93
N PHE A 65 -0.70 7.12 -14.15
CA PHE A 65 -0.99 7.64 -12.79
C PHE A 65 -2.25 8.56 -12.70
N PRO A 66 -2.46 9.56 -13.62
CA PRO A 66 -3.65 10.43 -13.56
C PRO A 66 -4.97 9.65 -13.58
N GLU A 67 -5.02 8.60 -14.41
CA GLU A 67 -6.20 7.74 -14.54
C GLU A 67 -6.28 6.67 -13.43
N PHE A 68 -5.29 6.65 -12.52
CA PHE A 68 -5.23 5.68 -11.42
C PHE A 68 -6.27 5.99 -10.32
N LEU A 69 -6.45 7.28 -10.01
CA LEU A 69 -7.39 7.71 -8.97
C LEU A 69 -8.88 7.59 -9.38
N THR A 70 -9.14 7.28 -10.67
CA THR A 70 -10.51 7.13 -11.16
C THR A 70 -11.15 5.81 -10.77
N MET A 71 -10.34 4.78 -10.61
CA MET A 71 -10.83 3.50 -10.17
C MET A 71 -11.14 3.60 -8.67
N MET A 72 -10.32 4.44 -8.00
CA MET A 72 -10.47 4.77 -6.59
C MET A 72 -11.62 5.79 -6.42
N ALA A 73 -11.97 6.46 -7.55
CA ALA A 73 -13.03 7.46 -7.60
C ALA A 73 -14.40 6.92 -7.19
N ARG A 74 -14.75 5.73 -7.72
CA ARG A 74 -16.03 5.08 -7.41
C ARG A 74 -16.17 4.77 -5.92
N LYS A 75 -15.07 4.25 -5.33
CA LYS A 75 -15.03 3.92 -3.91
C LYS A 75 -14.76 5.15 -3.03
N MET A 76 -14.38 6.28 -3.67
CA MET A 76 -14.09 7.53 -2.95
C MET A 76 -15.38 8.28 -2.54
N LYS A 77 -16.40 7.51 -2.14
CA LYS A 77 -17.68 8.05 -1.70
C LYS A 77 -17.64 8.37 -0.21
N ASP A 78 -17.42 9.66 0.12
CA ASP A 78 -17.34 10.16 1.51
C ASP A 78 -16.19 9.50 2.27
N THR A 79 -15.11 10.26 2.46
CA THR A 79 -13.90 9.77 3.15
C THR A 79 -14.06 9.79 4.67
N ASP A 80 -14.17 8.60 5.26
CA ASP A 80 -14.30 8.44 6.70
C ASP A 80 -12.93 8.16 7.34
N SER A 81 -12.87 8.19 8.68
CA SER A 81 -11.61 7.95 9.40
C SER A 81 -11.28 6.46 9.54
N GLU A 82 -12.06 5.72 10.35
CA GLU A 82 -11.84 4.30 10.59
C GLU A 82 -11.92 3.43 9.33
N GLU A 83 -12.56 3.95 8.28
CA GLU A 83 -12.64 3.22 7.01
C GLU A 83 -11.29 3.25 6.31
N GLU A 84 -10.63 4.42 6.34
CA GLU A 84 -9.29 4.57 5.77
C GLU A 84 -8.25 3.96 6.72
N ILE A 85 -8.62 3.83 8.01
CA ILE A 85 -7.76 3.22 9.01
C ILE A 85 -7.75 1.70 8.83
N ARG A 86 -8.94 1.11 8.68
CA ARG A 86 -9.05 -0.34 8.47
C ARG A 86 -8.56 -0.72 7.07
N GLU A 87 -8.72 0.20 6.09
CA GLU A 87 -8.28 -0.01 4.71
C GLU A 87 -6.76 0.03 4.60
N ALA A 88 -6.11 0.05 5.75
CA ALA A 88 -4.69 0.00 5.82
C ALA A 88 -4.25 -0.88 6.98
N PHE A 89 -5.13 -1.03 7.98
CA PHE A 89 -4.87 -1.83 9.17
C PHE A 89 -4.94 -3.36 8.95
N ARG A 90 -6.15 -3.90 8.69
CA ARG A 90 -6.33 -5.36 8.49
C ARG A 90 -5.74 -5.77 7.15
N VAL A 91 -5.56 -4.74 6.35
CA VAL A 91 -4.99 -4.83 5.01
C VAL A 91 -3.45 -4.97 5.15
N PHE A 92 -2.95 -4.41 6.25
CA PHE A 92 -1.54 -4.47 6.60
C PHE A 92 -1.22 -5.77 7.38
N ASP A 93 -2.00 -6.02 8.46
CA ASP A 93 -1.87 -7.21 9.28
C ASP A 93 -2.64 -8.39 8.65
N LYS A 94 -1.94 -9.47 8.27
CA LYS A 94 -2.57 -10.64 7.65
C LYS A 94 -3.53 -11.39 8.61
N ASP A 95 -3.04 -11.73 9.81
CA ASP A 95 -3.85 -12.44 10.80
C ASP A 95 -4.59 -11.49 11.75
N GLY A 96 -3.83 -10.56 12.36
CA GLY A 96 -4.42 -9.59 13.29
C GLY A 96 -4.61 -10.14 14.69
N ASN A 97 -3.49 -10.25 15.42
CA ASN A 97 -3.52 -10.76 16.79
C ASN A 97 -2.90 -9.73 17.75
N GLY A 98 -3.24 -8.45 17.53
CA GLY A 98 -2.72 -7.37 18.36
C GLY A 98 -1.35 -6.90 17.90
N TYR A 99 -0.71 -7.72 17.05
CA TYR A 99 0.62 -7.44 16.49
C TYR A 99 0.70 -7.88 15.03
N ILE A 100 1.49 -7.15 14.25
CA ILE A 100 1.71 -7.43 12.84
C ILE A 100 2.99 -8.21 12.71
N SER A 101 2.90 -9.24 11.91
CA SER A 101 3.98 -10.18 11.72
C SER A 101 5.12 -9.58 10.91
N ALA A 102 6.32 -10.14 11.14
CA ALA A 102 7.51 -9.62 10.50
C ALA A 102 7.55 -9.90 9.01
N ALA A 103 7.37 -11.17 8.67
CA ALA A 103 7.36 -11.64 7.29
C ALA A 103 6.04 -11.30 6.59
N GLU A 104 5.29 -10.37 7.18
CA GLU A 104 4.00 -9.98 6.64
C GLU A 104 4.09 -9.06 5.45
N LEU A 105 4.84 -7.97 5.53
CA LEU A 105 4.94 -7.10 4.37
C LEU A 105 5.58 -7.81 3.20
N ARG A 106 6.50 -8.77 3.45
CA ARG A 106 7.07 -9.49 2.32
C ARG A 106 5.97 -10.36 1.69
N HIS A 107 4.98 -10.75 2.53
CA HIS A 107 3.82 -11.50 2.04
C HIS A 107 2.83 -10.58 1.31
N VAL A 108 2.41 -9.50 2.00
CA VAL A 108 1.44 -8.51 1.49
C VAL A 108 2.07 -7.53 0.46
N MET A 109 3.15 -6.84 0.86
CA MET A 109 3.85 -5.86 0.01
C MET A 109 4.31 -6.45 -1.32
N THR A 110 4.60 -7.76 -1.32
CA THR A 110 5.04 -8.48 -2.52
C THR A 110 3.98 -8.37 -3.62
N ASN A 111 2.73 -8.41 -3.16
CA ASN A 111 1.56 -8.26 -4.02
C ASN A 111 1.42 -6.79 -4.45
N LEU A 112 2.07 -5.92 -3.67
CA LEU A 112 2.07 -4.47 -3.94
C LEU A 112 3.12 -4.12 -5.01
N GLY A 113 3.84 -5.16 -5.51
CA GLY A 113 4.78 -4.96 -6.61
C GLY A 113 6.24 -4.85 -6.23
N GLU A 114 6.57 -5.16 -4.98
CA GLU A 114 7.94 -5.13 -4.52
C GLU A 114 8.28 -6.47 -3.87
N LYS A 115 8.78 -7.39 -4.71
CA LYS A 115 9.13 -8.76 -4.29
C LYS A 115 10.37 -8.75 -3.39
N LEU A 116 10.12 -8.72 -2.08
CA LEU A 116 11.20 -8.72 -1.09
C LEU A 116 10.97 -9.74 0.01
N THR A 117 12.02 -9.97 0.79
CA THR A 117 12.00 -10.89 1.91
C THR A 117 11.84 -10.09 3.22
N ASP A 118 11.82 -10.79 4.37
CA ASP A 118 11.66 -10.16 5.70
C ASP A 118 12.70 -9.06 5.98
N GLU A 119 13.87 -9.21 5.37
CA GLU A 119 14.98 -8.23 5.52
C GLU A 119 14.59 -6.80 5.17
N GLU A 120 13.98 -6.66 4.00
CA GLU A 120 13.54 -5.37 3.47
C GLU A 120 12.33 -4.87 4.26
N VAL A 121 11.52 -5.82 4.72
CA VAL A 121 10.36 -5.50 5.55
C VAL A 121 10.81 -5.15 6.96
N ASP A 122 11.95 -5.73 7.37
CA ASP A 122 12.54 -5.49 8.68
C ASP A 122 12.82 -4.01 8.90
N GLU A 123 13.18 -3.31 7.82
CA GLU A 123 13.36 -1.86 7.87
C GLU A 123 11.97 -1.23 7.95
N MET A 124 11.01 -1.94 7.36
CA MET A 124 9.60 -1.55 7.36
C MET A 124 8.98 -1.78 8.74
N ILE A 125 9.38 -2.88 9.43
CA ILE A 125 8.84 -3.21 10.76
C ILE A 125 9.63 -2.53 11.89
N ARG A 126 10.92 -2.29 11.66
CA ARG A 126 11.80 -1.63 12.64
C ARG A 126 11.34 -0.20 12.90
N GLU A 127 10.79 0.43 11.84
CA GLU A 127 10.27 1.80 11.92
C GLU A 127 9.04 1.92 12.82
N ALA A 128 8.32 0.81 13.00
CA ALA A 128 7.15 0.78 13.86
C ALA A 128 7.50 0.27 15.26
N ASP A 129 8.60 -0.45 15.37
CA ASP A 129 9.02 -1.00 16.62
C ASP A 129 10.27 -0.29 17.18
N ILE A 130 10.04 0.53 18.21
CA ILE A 130 11.12 1.27 18.88
C ILE A 130 11.93 0.35 19.80
N ASP A 131 11.30 -0.75 20.20
CA ASP A 131 11.91 -1.75 21.08
C ASP A 131 12.52 -2.91 20.27
N GLY A 132 12.39 -2.84 18.93
CA GLY A 132 12.94 -3.87 18.05
C GLY A 132 12.40 -5.28 18.31
N ASP A 133 11.07 -5.41 18.40
CA ASP A 133 10.44 -6.71 18.66
C ASP A 133 10.15 -7.48 17.35
N GLY A 134 10.36 -6.81 16.21
CA GLY A 134 10.16 -7.45 14.90
C GLY A 134 8.70 -7.66 14.50
N GLN A 135 7.75 -6.99 15.19
CA GLN A 135 6.32 -7.14 14.85
C GLN A 135 5.57 -5.85 15.14
N VAL A 136 4.40 -5.60 14.48
CA VAL A 136 3.75 -4.30 14.70
C VAL A 136 2.33 -4.35 15.31
N ASN A 137 2.22 -3.87 16.56
CA ASN A 137 0.95 -3.76 17.27
C ASN A 137 0.16 -2.52 16.79
N TYR A 138 -1.04 -2.32 17.36
CA TYR A 138 -1.93 -1.21 16.98
C TYR A 138 -1.37 0.17 17.39
N GLU A 139 -0.77 0.24 18.59
CA GLU A 139 -0.22 1.48 19.15
C GLU A 139 1.01 2.02 18.48
N GLU A 140 1.89 1.17 17.98
CA GLU A 140 3.09 1.70 17.37
C GLU A 140 2.86 2.26 15.94
N PHE A 141 2.20 1.47 15.08
CA PHE A 141 1.85 1.88 13.71
C PHE A 141 0.80 3.02 13.68
N VAL A 142 0.05 3.15 14.78
CA VAL A 142 -1.02 4.14 14.91
C VAL A 142 -0.43 5.54 14.78
N GLN A 143 0.67 5.63 15.48
CA GLN A 143 1.54 6.77 15.57
C GLN A 143 2.21 7.07 14.21
N MET A 144 2.44 5.98 13.46
CA MET A 144 3.04 6.03 12.13
C MET A 144 2.06 6.56 11.06
N MET A 145 0.75 6.40 11.31
CA MET A 145 -0.29 6.85 10.37
C MET A 145 -0.70 8.28 10.66
N THR A 146 -0.64 8.70 11.94
CA THR A 146 -0.93 10.09 12.31
C THR A 146 0.18 10.96 11.71
N ALA A 147 1.25 10.26 11.28
CA ALA A 147 2.39 10.83 10.62
C ALA A 147 2.95 9.83 9.60
N LYS A 148 2.22 9.69 8.50
CA LYS A 148 2.61 8.80 7.39
C LYS A 148 3.48 9.54 6.37
N TPO B 1 8.97 0.88 5.41
CA TPO B 1 8.58 1.92 6.39
CB TPO B 1 8.87 3.34 5.87
CG2 TPO B 1 10.36 3.66 5.94
OG1 TPO B 1 8.43 3.47 4.51
C TPO B 1 7.10 1.80 6.73
O TPO B 1 6.23 2.10 5.90
H1 TPO B 1 8.52 1.07 4.48
H2 TPO B 1 8.68 -0.06 5.74
H3 TPO B 1 10.01 0.89 5.28
HA TPO B 1 9.14 1.76 7.30
HB TPO B 1 8.34 4.04 6.48
HG21 TPO B 1 10.62 3.88 6.96
HG22 TPO B 1 10.58 4.52 5.32
HG23 TPO B 1 10.93 2.81 5.59
N PHE B 2 6.79 1.37 7.97
CA PHE B 2 5.41 1.20 8.45
C PHE B 2 4.59 2.51 8.33
N LYS B 3 5.29 3.66 8.41
CA LYS B 3 4.66 4.99 8.26
C LYS B 3 4.27 5.33 6.81
N GLU B 4 5.24 5.19 5.88
CA GLU B 4 5.05 5.51 4.46
C GLU B 4 4.23 4.43 3.71
N VAL B 5 4.48 3.15 4.04
CA VAL B 5 3.76 2.02 3.42
C VAL B 5 2.24 2.09 3.67
N ALA B 6 1.85 2.71 4.80
CA ALA B 6 0.43 2.87 5.18
C ALA B 6 -0.42 3.50 4.06
N ASN B 7 0.13 4.57 3.45
CA ASN B 7 -0.54 5.28 2.36
C ASN B 7 -0.52 4.45 1.06
N ALA B 8 0.44 3.50 0.97
CA ALA B 8 0.58 2.63 -0.20
C ALA B 8 -0.47 1.51 -0.21
N VAL B 9 -0.61 0.80 0.92
CA VAL B 9 -1.57 -0.30 1.06
C VAL B 9 -3.03 0.24 1.16
N LYS B 10 -3.18 1.47 1.67
CA LYS B 10 -4.49 2.13 1.82
C LYS B 10 -5.13 2.42 0.44
N ILE B 11 -4.33 2.99 -0.47
CA ILE B 11 -4.79 3.34 -1.83
C ILE B 11 -5.03 2.07 -2.69
N SER B 12 -4.48 0.93 -2.22
CA SER B 12 -4.62 -0.35 -2.91
C SER B 12 -5.80 -1.15 -2.37
N ALA B 13 -6.33 -0.73 -1.21
CA ALA B 13 -7.46 -1.38 -0.56
C ALA B 13 -8.80 -0.76 -0.96
N SER B 14 -8.73 0.35 -1.72
CA SER B 14 -9.94 1.06 -2.17
C SER B 14 -10.49 0.46 -3.48
N LEU B 15 -10.04 -0.76 -3.82
CA LEU B 15 -10.48 -1.45 -5.03
C LEU B 15 -11.38 -2.65 -4.69
N MET B 16 -11.21 -3.21 -3.48
CA MET B 16 -12.00 -4.35 -3.04
C MET B 16 -13.25 -3.89 -2.26
N ALA A 1 16.84 21.61 9.49
CA ALA A 1 17.11 20.23 9.01
C ALA A 1 16.03 19.27 9.48
N ASP A 2 15.56 18.40 8.55
CA ASP A 2 14.51 17.40 8.80
C ASP A 2 13.17 18.05 9.17
N GLN A 3 12.12 17.69 8.43
CA GLN A 3 10.78 18.22 8.65
C GLN A 3 9.73 17.12 8.54
N LEU A 4 8.67 17.23 9.34
CA LEU A 4 7.57 16.25 9.34
C LEU A 4 6.42 16.69 8.42
N THR A 5 6.55 17.89 7.83
CA THR A 5 5.52 18.42 6.92
C THR A 5 5.78 18.03 5.48
N GLU A 6 7.04 17.72 5.21
CA GLU A 6 7.51 17.33 3.88
C GLU A 6 7.05 15.93 3.48
N GLU A 7 6.90 15.03 4.46
CA GLU A 7 6.47 13.65 4.23
C GLU A 7 4.98 13.56 3.89
N GLN A 8 4.25 14.67 4.09
CA GLN A 8 2.82 14.75 3.81
C GLN A 8 2.52 14.93 2.32
N ILE A 9 3.54 15.35 1.55
CA ILE A 9 3.40 15.58 0.11
C ILE A 9 4.44 14.78 -0.69
N ALA A 10 5.58 14.48 -0.05
CA ALA A 10 6.67 13.72 -0.69
C ALA A 10 6.38 12.23 -0.75
N GLU A 11 5.56 11.76 0.19
CA GLU A 11 5.17 10.35 0.29
C GLU A 11 4.29 9.90 -0.89
N PHE A 12 3.78 10.84 -1.68
CA PHE A 12 2.99 10.52 -2.86
C PHE A 12 3.92 9.97 -3.94
N LYS A 13 5.08 10.63 -4.07
CA LYS A 13 6.12 10.20 -4.99
C LYS A 13 6.91 9.04 -4.38
N GLU A 14 6.42 8.64 -3.23
CA GLU A 14 6.93 7.52 -2.46
C GLU A 14 6.01 6.34 -2.72
N ALA A 15 4.71 6.67 -2.85
CA ALA A 15 3.66 5.71 -3.15
C ALA A 15 3.66 5.35 -4.63
N PHE A 16 3.87 6.36 -5.50
CA PHE A 16 3.93 6.13 -6.94
C PHE A 16 5.14 5.30 -7.31
N SER A 17 6.19 5.44 -6.51
CA SER A 17 7.42 4.69 -6.67
C SER A 17 7.22 3.23 -6.29
N LEU A 18 6.16 2.98 -5.49
CA LEU A 18 5.81 1.63 -5.03
C LEU A 18 5.13 0.82 -6.16
N PHE A 19 4.22 1.48 -6.88
CA PHE A 19 3.48 0.85 -7.99
C PHE A 19 4.23 1.01 -9.32
N ASP A 20 4.62 2.25 -9.65
CA ASP A 20 5.35 2.55 -10.89
C ASP A 20 6.82 2.15 -10.78
N LYS A 21 7.02 0.85 -10.95
CA LYS A 21 8.32 0.19 -10.89
C LYS A 21 9.19 0.48 -12.13
N ASP A 22 8.57 1.08 -13.15
CA ASP A 22 9.27 1.41 -14.40
C ASP A 22 9.86 2.83 -14.39
N GLY A 23 9.13 3.77 -13.75
CA GLY A 23 9.58 5.16 -13.68
C GLY A 23 9.35 5.95 -14.97
N ASP A 24 8.86 5.24 -16.01
CA ASP A 24 8.55 5.87 -17.30
C ASP A 24 7.10 6.37 -17.31
N GLY A 25 6.43 6.20 -16.16
CA GLY A 25 5.05 6.61 -15.99
C GLY A 25 4.05 5.49 -16.19
N THR A 26 4.51 4.25 -16.00
CA THR A 26 3.67 3.05 -16.13
C THR A 26 4.00 2.06 -15.07
N ILE A 27 2.94 1.49 -14.57
CA ILE A 27 2.99 0.51 -13.52
C ILE A 27 2.93 -0.93 -14.07
N THR A 28 2.63 -1.89 -13.19
CA THR A 28 2.49 -3.30 -13.57
C THR A 28 1.03 -3.71 -13.38
N THR A 29 0.38 -4.10 -14.49
CA THR A 29 -1.04 -4.49 -14.48
C THR A 29 -1.31 -5.83 -13.81
N LYS A 30 -0.26 -6.56 -13.48
CA LYS A 30 -0.39 -7.83 -12.82
C LYS A 30 -0.74 -7.68 -11.32
N GLU A 31 0.07 -6.88 -10.60
CA GLU A 31 -0.11 -6.70 -9.16
C GLU A 31 -1.19 -5.78 -8.66
N LEU A 32 -1.92 -5.03 -9.50
CA LEU A 32 -2.98 -4.16 -8.93
C LEU A 32 -3.98 -4.96 -8.11
N GLY A 33 -3.98 -6.30 -8.31
CA GLY A 33 -4.83 -7.18 -7.55
C GLY A 33 -4.33 -7.38 -6.14
N THR A 34 -3.48 -6.46 -5.76
CA THR A 34 -2.84 -6.43 -4.45
C THR A 34 -3.80 -5.98 -3.34
N VAL A 35 -4.78 -5.14 -3.71
CA VAL A 35 -5.80 -4.64 -2.76
C VAL A 35 -6.48 -5.81 -2.05
N MET A 36 -6.87 -6.80 -2.87
CA MET A 36 -7.49 -8.04 -2.39
C MET A 36 -6.48 -8.93 -1.68
N ARG A 37 -5.44 -9.30 -2.43
CA ARG A 37 -4.41 -10.23 -1.97
C ARG A 37 -3.45 -9.71 -0.87
N SER A 38 -3.70 -8.50 -0.38
CA SER A 38 -2.92 -7.95 0.75
C SER A 38 -3.67 -8.32 2.02
N LEU A 39 -4.98 -8.52 1.82
CA LEU A 39 -5.92 -8.97 2.84
C LEU A 39 -5.81 -10.47 2.97
N GLY A 40 -4.81 -11.04 2.25
CA GLY A 40 -4.65 -12.48 2.20
C GLY A 40 -5.85 -13.10 1.50
N GLN A 41 -6.20 -12.46 0.37
CA GLN A 41 -7.37 -12.81 -0.42
C GLN A 41 -7.01 -13.42 -1.77
N ASN A 42 -7.96 -13.25 -2.69
CA ASN A 42 -7.91 -13.77 -4.02
C ASN A 42 -7.48 -12.71 -5.06
N PRO A 43 -6.80 -13.12 -6.17
CA PRO A 43 -6.36 -12.18 -7.24
C PRO A 43 -7.49 -11.77 -8.20
N THR A 44 -7.47 -10.51 -8.61
CA THR A 44 -8.47 -9.95 -9.55
C THR A 44 -7.79 -9.63 -10.90
N GLU A 45 -6.72 -10.39 -11.20
CA GLU A 45 -5.94 -10.26 -12.44
C GLU A 45 -6.82 -10.21 -13.70
N ALA A 46 -7.88 -11.02 -13.69
CA ALA A 46 -8.82 -11.11 -14.81
C ALA A 46 -9.69 -9.86 -14.94
N GLU A 47 -10.29 -9.43 -13.81
CA GLU A 47 -11.13 -8.22 -13.76
C GLU A 47 -10.28 -6.95 -13.76
N LEU A 48 -8.96 -7.12 -13.63
CA LEU A 48 -8.04 -6.00 -13.62
C LEU A 48 -7.79 -5.43 -14.99
N GLN A 49 -7.93 -6.26 -16.02
CA GLN A 49 -7.82 -5.77 -17.37
C GLN A 49 -8.99 -4.84 -17.59
N ASP A 50 -10.03 -5.05 -16.77
CA ASP A 50 -11.19 -4.20 -16.78
C ASP A 50 -10.91 -2.85 -16.12
N MET A 51 -9.77 -2.76 -15.41
CA MET A 51 -9.37 -1.52 -14.73
C MET A 51 -8.26 -0.81 -15.48
N ILE A 52 -7.26 -1.56 -16.00
CA ILE A 52 -6.14 -0.95 -16.72
C ILE A 52 -6.63 -0.52 -18.09
N ASN A 53 -7.40 -1.44 -18.68
CA ASN A 53 -8.01 -1.28 -19.99
C ASN A 53 -8.87 -0.01 -20.09
N GLU A 54 -9.58 0.29 -18.99
CA GLU A 54 -10.49 1.45 -18.91
C GLU A 54 -9.76 2.73 -18.55
N VAL A 55 -8.66 2.61 -17.80
CA VAL A 55 -7.90 3.79 -17.38
C VAL A 55 -6.74 4.16 -18.32
N ASP A 56 -6.28 3.20 -19.13
CA ASP A 56 -5.19 3.44 -20.11
C ASP A 56 -5.75 4.21 -21.33
N ALA A 57 -6.31 5.40 -21.04
CA ALA A 57 -6.93 6.27 -22.07
C ALA A 57 -5.90 6.80 -23.03
N ASP A 58 -4.69 6.98 -22.51
CA ASP A 58 -3.56 7.42 -23.29
C ASP A 58 -2.73 6.19 -23.65
N GLY A 59 -3.39 5.05 -23.43
CA GLY A 59 -2.87 3.71 -23.66
C GLY A 59 -1.39 3.55 -23.34
N ASN A 60 -1.09 3.57 -22.05
CA ASN A 60 0.28 3.44 -21.55
C ASN A 60 0.67 1.97 -21.37
N GLY A 61 -0.14 1.06 -21.97
CA GLY A 61 0.07 -0.37 -21.82
C GLY A 61 -0.40 -0.82 -20.48
N THR A 62 0.12 -0.14 -19.45
CA THR A 62 -0.29 -0.40 -18.12
C THR A 62 -1.08 0.83 -17.66
N ILE A 63 -0.48 1.72 -16.87
CA ILE A 63 -1.22 2.93 -16.45
C ILE A 63 -0.34 4.20 -16.57
N ASP A 64 -0.98 5.37 -16.39
CA ASP A 64 -0.28 6.64 -16.43
C ASP A 64 -0.40 7.34 -15.05
N PHE A 65 0.06 8.60 -14.95
CA PHE A 65 0.01 9.38 -13.71
C PHE A 65 -1.43 9.76 -13.26
N PRO A 66 -2.20 10.59 -14.06
CA PRO A 66 -3.57 11.02 -13.68
C PRO A 66 -4.65 9.94 -13.77
N GLU A 67 -4.56 9.12 -14.83
CA GLU A 67 -5.54 8.05 -15.11
C GLU A 67 -5.61 6.94 -14.04
N PHE A 68 -4.66 6.91 -13.11
CA PHE A 68 -4.63 5.90 -12.04
C PHE A 68 -5.69 6.15 -10.95
N LEU A 69 -5.66 7.34 -10.35
CA LEU A 69 -6.60 7.71 -9.27
C LEU A 69 -8.04 7.97 -9.75
N THR A 70 -8.28 7.92 -11.06
CA THR A 70 -9.62 8.17 -11.62
C THR A 70 -10.55 6.99 -11.47
N MET A 71 -10.02 5.77 -11.62
CA MET A 71 -10.83 4.58 -11.43
C MET A 71 -11.20 4.48 -9.95
N MET A 72 -10.25 4.94 -9.12
CA MET A 72 -10.42 5.02 -7.67
C MET A 72 -11.29 6.23 -7.33
N ALA A 73 -11.37 7.19 -8.27
CA ALA A 73 -12.14 8.43 -8.10
C ALA A 73 -13.64 8.18 -7.99
N ARG A 74 -14.18 7.32 -8.87
CA ARG A 74 -15.61 6.98 -8.88
C ARG A 74 -16.02 6.28 -7.58
N LYS A 75 -15.13 5.43 -7.05
CA LYS A 75 -15.37 4.69 -5.82
C LYS A 75 -15.11 5.54 -4.57
N MET A 76 -14.20 6.53 -4.67
CA MET A 76 -13.85 7.41 -3.56
C MET A 76 -14.91 8.51 -3.31
N LYS A 77 -16.18 8.12 -3.41
CA LYS A 77 -17.30 9.02 -3.20
C LYS A 77 -17.69 9.09 -1.72
N ASP A 78 -17.00 9.98 -0.98
CA ASP A 78 -17.20 10.22 0.48
C ASP A 78 -17.00 8.95 1.32
N THR A 79 -15.73 8.49 1.37
CA THR A 79 -15.36 7.29 2.12
C THR A 79 -15.22 7.57 3.62
N ASP A 80 -15.38 6.52 4.44
CA ASP A 80 -15.26 6.62 5.89
C ASP A 80 -13.80 6.49 6.34
N SER A 81 -13.53 6.86 7.62
CA SER A 81 -12.18 6.81 8.17
C SER A 81 -11.78 5.38 8.61
N GLU A 82 -12.49 4.84 9.61
CA GLU A 82 -12.20 3.50 10.13
C GLU A 82 -12.30 2.40 9.08
N GLU A 83 -13.03 2.64 8.00
CA GLU A 83 -13.14 1.67 6.91
C GLU A 83 -11.84 1.63 6.12
N GLU A 84 -11.26 2.82 5.88
CA GLU A 84 -9.98 2.92 5.19
C GLU A 84 -8.84 2.57 6.17
N ILE A 85 -9.11 2.68 7.49
CA ILE A 85 -8.15 2.34 8.52
C ILE A 85 -8.03 0.82 8.64
N ARG A 86 -9.19 0.14 8.65
CA ARG A 86 -9.21 -1.33 8.73
C ARG A 86 -8.70 -1.96 7.43
N GLU A 87 -8.87 -1.21 6.31
CA GLU A 87 -8.40 -1.64 4.99
C GLU A 87 -6.89 -1.58 4.89
N ALA A 88 -6.26 -1.34 6.05
CA ALA A 88 -4.83 -1.32 6.13
C ALA A 88 -4.35 -2.06 7.37
N PHE A 89 -5.25 -2.23 8.35
CA PHE A 89 -4.93 -2.90 9.61
C PHE A 89 -4.80 -4.44 9.51
N ARG A 90 -5.94 -5.16 9.39
CA ARG A 90 -5.95 -6.64 9.31
C ARG A 90 -5.39 -7.07 7.97
N VAL A 91 -5.34 -6.08 7.09
CA VAL A 91 -4.82 -6.19 5.75
C VAL A 91 -3.29 -6.22 5.83
N PHE A 92 -2.79 -5.51 6.84
CA PHE A 92 -1.36 -5.44 7.13
C PHE A 92 -0.95 -6.60 8.05
N ASP A 93 -1.53 -6.68 9.26
CA ASP A 93 -1.25 -7.74 10.23
C ASP A 93 -1.74 -9.11 9.73
N LYS A 94 -0.79 -10.02 9.47
CA LYS A 94 -1.09 -11.38 9.00
C LYS A 94 -1.83 -12.22 10.04
N ASP A 95 -1.45 -12.06 11.32
CA ASP A 95 -2.08 -12.80 12.41
C ASP A 95 -3.07 -11.92 13.18
N GLY A 96 -2.59 -10.78 13.70
CA GLY A 96 -3.43 -9.85 14.44
C GLY A 96 -3.63 -10.24 15.90
N ASN A 97 -2.52 -10.36 16.63
CA ASN A 97 -2.56 -10.72 18.04
C ASN A 97 -1.87 -9.64 18.90
N GLY A 98 -2.21 -8.38 18.63
CA GLY A 98 -1.63 -7.25 19.35
C GLY A 98 -0.29 -6.82 18.77
N TYR A 99 0.30 -7.71 17.96
CA TYR A 99 1.59 -7.49 17.32
C TYR A 99 1.52 -7.95 15.85
N ILE A 100 2.30 -7.30 15.01
CA ILE A 100 2.40 -7.64 13.58
C ILE A 100 3.68 -8.37 13.37
N SER A 101 3.59 -9.40 12.57
CA SER A 101 4.68 -10.30 12.32
C SER A 101 5.77 -9.66 11.47
N ALA A 102 6.99 -10.17 11.65
CA ALA A 102 8.16 -9.63 10.97
C ALA A 102 8.17 -9.94 9.48
N ALA A 103 8.01 -11.21 9.20
CA ALA A 103 7.95 -11.74 7.84
C ALA A 103 6.59 -11.45 7.18
N GLU A 104 5.82 -10.56 7.80
CA GLU A 104 4.48 -10.24 7.32
C GLU A 104 4.47 -9.33 6.11
N LEU A 105 5.17 -8.19 6.14
CA LEU A 105 5.15 -7.34 4.98
C LEU A 105 5.85 -8.01 3.83
N ARG A 106 6.85 -8.86 4.10
CA ARG A 106 7.49 -9.59 3.01
C ARG A 106 6.43 -10.50 2.37
N HIS A 107 5.45 -10.94 3.18
CA HIS A 107 4.33 -11.74 2.70
C HIS A 107 3.29 -10.87 1.96
N VAL A 108 2.81 -9.82 2.65
CA VAL A 108 1.78 -8.89 2.12
C VAL A 108 2.35 -7.89 1.09
N MET A 109 3.40 -7.13 1.48
CA MET A 109 4.04 -6.13 0.61
C MET A 109 4.50 -6.70 -0.72
N THR A 110 4.86 -7.99 -0.71
CA THR A 110 5.33 -8.70 -1.90
C THR A 110 4.24 -8.69 -2.97
N ASN A 111 3.00 -8.83 -2.51
CA ASN A 111 1.83 -8.77 -3.36
C ASN A 111 1.56 -7.32 -3.76
N LEU A 112 2.13 -6.40 -2.98
CA LEU A 112 1.99 -4.96 -3.23
C LEU A 112 2.92 -4.51 -4.37
N GLY A 113 3.71 -5.48 -4.91
CA GLY A 113 4.57 -5.20 -6.07
C GLY A 113 6.03 -4.97 -5.74
N GLU A 114 6.39 -5.25 -4.49
CA GLU A 114 7.77 -5.14 -4.05
C GLU A 114 8.16 -6.46 -3.39
N LYS A 115 9.04 -7.21 -4.07
CA LYS A 115 9.47 -8.52 -3.59
C LYS A 115 10.67 -8.43 -2.62
N LEU A 116 10.37 -8.52 -1.32
CA LEU A 116 11.42 -8.50 -0.30
C LEU A 116 11.26 -9.65 0.66
N THR A 117 12.39 -10.04 1.24
CA THR A 117 12.40 -11.01 2.29
C THR A 117 12.39 -10.20 3.59
N ASP A 118 12.43 -10.83 4.74
CA ASP A 118 12.37 -10.14 6.03
C ASP A 118 13.41 -9.01 6.21
N GLU A 119 14.57 -9.11 5.56
CA GLU A 119 15.66 -8.10 5.74
C GLU A 119 15.35 -6.64 5.34
N GLU A 120 14.89 -6.43 4.11
CA GLU A 120 14.57 -5.08 3.61
C GLU A 120 13.20 -4.68 4.12
N VAL A 121 12.40 -5.73 4.32
CA VAL A 121 11.07 -5.64 4.87
C VAL A 121 11.15 -5.37 6.39
N ASP A 122 12.25 -5.84 7.01
CA ASP A 122 12.51 -5.61 8.43
C ASP A 122 12.69 -4.12 8.74
N GLU A 123 13.23 -3.37 7.76
CA GLU A 123 13.40 -1.92 7.90
C GLU A 123 12.02 -1.28 8.03
N MET A 124 11.03 -1.93 7.41
CA MET A 124 9.64 -1.51 7.46
C MET A 124 9.05 -1.78 8.85
N ILE A 125 9.43 -2.93 9.44
CA ILE A 125 8.92 -3.33 10.77
C ILE A 125 9.73 -2.68 11.91
N ARG A 126 11.01 -2.41 11.63
CA ARG A 126 11.93 -1.79 12.59
C ARG A 126 11.53 -0.33 12.88
N GLU A 127 10.92 0.31 11.88
CA GLU A 127 10.46 1.70 11.99
C GLU A 127 9.25 1.85 12.93
N ALA A 128 8.38 0.84 12.95
CA ALA A 128 7.20 0.85 13.82
C ALA A 128 7.55 0.47 15.25
N ASP A 129 8.70 -0.18 15.42
CA ASP A 129 9.18 -0.61 16.71
C ASP A 129 10.38 0.22 17.16
N ILE A 130 10.14 1.06 18.19
CA ILE A 130 11.19 1.91 18.76
C ILE A 130 12.15 1.10 19.64
N ASP A 131 11.64 -0.04 20.11
CA ASP A 131 12.40 -0.96 20.96
C ASP A 131 13.09 -2.06 20.12
N GLY A 132 12.87 -2.02 18.79
CA GLY A 132 13.47 -3.00 17.87
C GLY A 132 13.09 -4.44 18.18
N ASP A 133 11.79 -4.70 18.35
CA ASP A 133 11.31 -6.06 18.67
C ASP A 133 11.02 -6.88 17.40
N GLY A 134 11.08 -6.24 16.22
CA GLY A 134 10.86 -6.94 14.96
C GLY A 134 9.38 -7.29 14.69
N GLN A 135 8.46 -6.66 15.42
CA GLN A 135 7.02 -6.91 15.22
C GLN A 135 6.21 -5.65 15.48
N VAL A 136 5.00 -5.52 14.88
CA VAL A 136 4.28 -4.26 15.07
C VAL A 136 2.93 -4.37 15.78
N ASN A 137 2.84 -3.68 16.93
CA ASN A 137 1.59 -3.59 17.71
C ASN A 137 0.65 -2.56 17.07
N TYR A 138 -0.62 -2.60 17.50
CA TYR A 138 -1.67 -1.71 16.97
C TYR A 138 -1.38 -0.22 17.25
N GLU A 139 -0.73 0.06 18.39
CA GLU A 139 -0.40 1.42 18.83
C GLU A 139 0.67 2.13 18.04
N GLU A 140 1.67 1.42 17.56
CA GLU A 140 2.73 2.11 16.84
C GLU A 140 2.39 2.46 15.38
N PHE A 141 1.90 1.47 14.62
CA PHE A 141 1.49 1.67 13.20
C PHE A 141 0.49 2.81 13.00
N VAL A 142 -0.39 3.03 13.99
CA VAL A 142 -1.39 4.10 13.93
C VAL A 142 -0.72 5.43 14.15
N GLN A 143 0.15 5.40 15.15
CA GLN A 143 0.97 6.50 15.59
C GLN A 143 1.88 6.98 14.45
N MET A 144 2.31 6.02 13.63
CA MET A 144 3.16 6.25 12.48
C MET A 144 2.41 6.89 11.31
N MET A 145 1.08 6.69 11.25
CA MET A 145 0.25 7.26 10.17
C MET A 145 -0.27 8.63 10.57
N THR A 146 -0.61 8.81 11.85
CA THR A 146 -1.03 10.14 12.35
C THR A 146 0.17 11.08 12.23
N ALA A 147 1.35 10.45 12.00
CA ALA A 147 2.60 11.13 11.78
C ALA A 147 3.49 10.30 10.85
N LYS A 148 3.13 10.33 9.58
CA LYS A 148 3.89 9.64 8.52
C LYS A 148 4.64 10.66 7.65
N TPO B 1 8.55 1.95 4.61
CA TPO B 1 8.51 1.90 6.10
CB TPO B 1 9.15 3.17 6.73
CG2 TPO B 1 10.62 3.27 6.38
OG1 TPO B 1 8.48 4.35 6.28
C TPO B 1 7.06 1.76 6.61
O TPO B 1 6.13 2.12 5.90
H1 TPO B 1 9.53 2.08 4.28
H2 TPO B 1 7.97 2.75 4.26
H3 TPO B 1 8.17 1.07 4.21
HA TPO B 1 9.07 1.04 6.42
HB TPO B 1 9.06 3.09 7.81
HG21 TPO B 1 10.74 3.63 5.36
HG22 TPO B 1 11.09 2.29 6.46
HG23 TPO B 1 11.12 3.95 7.06
N PHE B 2 6.91 1.27 7.85
CA PHE B 2 5.57 1.09 8.47
C PHE B 2 4.77 2.40 8.46
N LYS B 3 5.49 3.55 8.46
CA LYS B 3 4.89 4.89 8.43
C LYS B 3 4.34 5.27 7.03
N GLU B 4 5.19 5.20 5.99
CA GLU B 4 4.80 5.56 4.61
C GLU B 4 3.98 4.47 3.91
N VAL B 5 4.39 3.21 4.09
CA VAL B 5 3.72 2.04 3.49
C VAL B 5 2.22 1.98 3.87
N ALA B 6 1.89 2.53 5.05
CA ALA B 6 0.49 2.56 5.55
C ALA B 6 -0.48 3.15 4.52
N ASN B 7 -0.02 4.20 3.80
CA ASN B 7 -0.81 4.85 2.76
C ASN B 7 -0.93 4.00 1.49
N ALA B 8 -0.01 3.03 1.32
CA ALA B 8 0.01 2.14 0.15
C ALA B 8 -1.08 1.06 0.22
N VAL B 9 -1.14 0.35 1.37
CA VAL B 9 -2.14 -0.71 1.59
C VAL B 9 -3.54 -0.08 1.84
N LYS B 10 -3.56 1.16 2.37
CA LYS B 10 -4.79 1.90 2.68
C LYS B 10 -5.67 2.15 1.43
N ILE B 11 -5.03 2.38 0.28
CA ILE B 11 -5.75 2.63 -0.99
C ILE B 11 -6.33 1.30 -1.56
N SER B 12 -7.20 0.67 -0.75
CA SER B 12 -7.84 -0.59 -1.11
C SER B 12 -9.34 -0.58 -0.77
N ALA B 13 -9.82 0.54 -0.20
CA ALA B 13 -11.22 0.70 0.19
C ALA B 13 -12.13 1.04 -1.00
N SER B 14 -11.53 1.15 -2.20
CA SER B 14 -12.25 1.47 -3.41
C SER B 14 -12.61 0.21 -4.21
N LEU B 15 -11.63 -0.69 -4.39
CA LEU B 15 -11.85 -1.94 -5.13
C LEU B 15 -12.22 -3.08 -4.19
N MET B 16 -11.59 -3.10 -3.00
CA MET B 16 -11.84 -4.14 -2.00
C MET B 16 -12.83 -3.63 -0.95
N ALA A 1 12.57 8.90 14.61
CA ALA A 1 12.15 9.39 13.27
C ALA A 1 11.45 10.75 13.38
N ASP A 2 11.89 11.69 12.53
CA ASP A 2 11.31 13.04 12.52
C ASP A 2 10.94 13.46 11.10
N GLN A 3 9.70 13.92 10.93
CA GLN A 3 9.20 14.36 9.64
C GLN A 3 8.78 15.83 9.69
N LEU A 4 8.86 16.50 8.54
CA LEU A 4 8.49 17.91 8.45
C LEU A 4 7.18 18.13 7.68
N THR A 5 7.19 17.83 6.36
CA THR A 5 6.00 18.01 5.52
C THR A 5 6.05 17.13 4.27
N GLU A 6 7.25 16.67 3.96
CA GLU A 6 7.52 15.86 2.78
C GLU A 6 6.98 14.41 2.86
N GLU A 7 6.72 13.93 4.09
CA GLU A 7 6.20 12.57 4.29
C GLU A 7 4.72 12.47 3.87
N GLN A 8 3.96 13.52 4.15
CA GLN A 8 2.53 13.58 3.83
C GLN A 8 2.21 13.91 2.36
N ILE A 9 3.16 14.52 1.64
CA ILE A 9 2.92 14.90 0.24
C ILE A 9 3.99 14.32 -0.71
N ALA A 10 5.27 14.66 -0.48
CA ALA A 10 6.38 14.21 -1.34
C ALA A 10 6.48 12.69 -1.44
N GLU A 11 6.08 12.01 -0.38
CA GLU A 11 6.10 10.54 -0.32
C GLU A 11 5.00 9.89 -1.16
N PHE A 12 4.08 10.70 -1.70
CA PHE A 12 3.02 10.19 -2.57
C PHE A 12 3.65 9.79 -3.90
N LYS A 13 4.57 10.64 -4.37
CA LYS A 13 5.32 10.37 -5.58
C LYS A 13 6.46 9.39 -5.30
N GLU A 14 6.44 8.93 -4.06
CA GLU A 14 7.36 7.95 -3.53
C GLU A 14 6.64 6.62 -3.50
N ALA A 15 5.32 6.71 -3.26
CA ALA A 15 4.42 5.56 -3.22
C ALA A 15 4.08 5.08 -4.62
N PHE A 16 3.97 6.03 -5.57
CA PHE A 16 3.68 5.71 -6.97
C PHE A 16 4.83 4.93 -7.60
N SER A 17 6.03 5.26 -7.14
CA SER A 17 7.26 4.61 -7.59
C SER A 17 7.38 3.18 -7.04
N LEU A 18 6.57 2.87 -6.01
CA LEU A 18 6.55 1.54 -5.38
C LEU A 18 5.81 0.52 -6.27
N PHE A 19 4.71 0.98 -6.89
CA PHE A 19 3.90 0.14 -7.79
C PHE A 19 4.42 0.26 -9.22
N ASP A 20 4.67 1.50 -9.68
CA ASP A 20 5.17 1.78 -11.03
C ASP A 20 6.61 1.30 -11.20
N LYS A 21 6.70 0.06 -11.66
CA LYS A 21 7.96 -0.65 -11.89
C LYS A 21 8.72 -0.12 -13.12
N ASP A 22 8.07 0.77 -13.88
CA ASP A 22 8.66 1.36 -15.09
C ASP A 22 9.39 2.68 -14.79
N GLY A 23 8.90 3.41 -13.78
CA GLY A 23 9.49 4.69 -13.40
C GLY A 23 9.12 5.85 -14.32
N ASP A 24 8.43 5.53 -15.43
CA ASP A 24 7.99 6.53 -16.39
C ASP A 24 6.55 6.98 -16.09
N GLY A 25 5.98 6.40 -15.02
CA GLY A 25 4.62 6.71 -14.60
C GLY A 25 3.59 5.71 -15.11
N THR A 26 4.02 4.45 -15.24
CA THR A 26 3.15 3.36 -15.70
C THR A 26 3.48 2.07 -14.99
N ILE A 27 2.46 1.24 -14.78
CA ILE A 27 2.64 -0.04 -14.10
C ILE A 27 2.33 -1.22 -15.01
N THR A 28 2.82 -2.39 -14.58
CA THR A 28 2.60 -3.67 -15.27
C THR A 28 1.15 -4.13 -15.03
N THR A 29 0.41 -4.33 -16.11
CA THR A 29 -1.01 -4.73 -16.01
C THR A 29 -1.23 -6.18 -15.56
N LYS A 30 -0.14 -6.89 -15.31
CA LYS A 30 -0.21 -8.26 -14.84
C LYS A 30 -0.57 -8.34 -13.35
N GLU A 31 0.19 -7.60 -12.52
CA GLU A 31 0.01 -7.62 -11.06
C GLU A 31 -1.11 -6.81 -10.45
N LEU A 32 -1.78 -5.91 -11.16
CA LEU A 32 -2.83 -5.08 -10.51
C LEU A 32 -3.85 -5.89 -9.73
N GLY A 33 -3.99 -7.19 -10.06
CA GLY A 33 -4.95 -8.02 -9.35
C GLY A 33 -4.52 -8.39 -7.95
N THR A 34 -3.35 -7.90 -7.62
CA THR A 34 -2.72 -8.10 -6.31
C THR A 34 -3.30 -7.21 -5.21
N VAL A 35 -4.18 -6.27 -5.60
CA VAL A 35 -4.80 -5.30 -4.67
C VAL A 35 -5.51 -5.99 -3.48
N MET A 36 -6.29 -7.03 -3.78
CA MET A 36 -7.01 -7.81 -2.77
C MET A 36 -6.06 -8.67 -1.93
N ARG A 37 -5.06 -9.21 -2.60
CA ARG A 37 -4.07 -10.12 -2.00
C ARG A 37 -3.22 -9.55 -0.84
N SER A 38 -3.37 -8.26 -0.55
CA SER A 38 -2.67 -7.63 0.59
C SER A 38 -3.55 -7.73 1.82
N LEU A 39 -4.85 -7.87 1.54
CA LEU A 39 -5.89 -8.06 2.55
C LEU A 39 -5.92 -9.54 2.93
N GLY A 40 -4.88 -10.27 2.49
CA GLY A 40 -4.84 -11.71 2.69
C GLY A 40 -5.99 -12.36 1.95
N GLN A 41 -6.16 -11.88 0.71
CA GLN A 41 -7.26 -12.26 -0.16
C GLN A 41 -6.81 -13.08 -1.36
N ASN A 42 -7.65 -12.98 -2.38
CA ASN A 42 -7.52 -13.66 -3.64
C ASN A 42 -7.13 -12.70 -4.78
N PRO A 43 -6.54 -13.20 -5.91
CA PRO A 43 -6.16 -12.36 -7.06
C PRO A 43 -7.35 -11.97 -7.95
N THR A 44 -7.36 -10.72 -8.42
CA THR A 44 -8.42 -10.22 -9.29
C THR A 44 -8.05 -10.31 -10.74
N GLU A 45 -8.40 -11.45 -11.30
CA GLU A 45 -8.16 -11.78 -12.71
C GLU A 45 -9.06 -10.95 -13.61
N ALA A 46 -10.36 -10.97 -13.27
CA ALA A 46 -11.39 -10.25 -14.01
C ALA A 46 -11.37 -8.73 -13.79
N GLU A 47 -11.17 -8.32 -12.53
CA GLU A 47 -11.21 -6.89 -12.16
C GLU A 47 -9.95 -6.07 -12.49
N LEU A 48 -8.79 -6.72 -12.69
CA LEU A 48 -7.54 -6.03 -12.94
C LEU A 48 -7.42 -5.53 -14.38
N GLN A 49 -7.66 -6.40 -15.37
CA GLN A 49 -7.66 -5.97 -16.77
C GLN A 49 -8.84 -5.07 -16.96
N ASP A 50 -9.82 -5.25 -16.07
CA ASP A 50 -10.98 -4.40 -16.06
C ASP A 50 -10.63 -3.03 -15.45
N MET A 51 -9.46 -2.93 -14.79
CA MET A 51 -9.06 -1.67 -14.18
C MET A 51 -8.16 -0.82 -15.08
N ILE A 52 -7.09 -1.39 -15.67
CA ILE A 52 -6.21 -0.61 -16.54
C ILE A 52 -6.92 -0.37 -17.84
N ASN A 53 -7.57 -1.44 -18.30
CA ASN A 53 -8.34 -1.46 -19.52
C ASN A 53 -9.36 -0.31 -19.54
N GLU A 54 -9.94 -0.04 -18.35
CA GLU A 54 -10.93 1.01 -18.16
C GLU A 54 -10.32 2.38 -17.90
N VAL A 55 -9.18 2.42 -17.20
CA VAL A 55 -8.54 3.71 -16.87
C VAL A 55 -7.47 4.18 -17.88
N ASP A 56 -7.06 3.29 -18.81
CA ASP A 56 -6.06 3.64 -19.85
C ASP A 56 -6.73 4.50 -20.94
N ALA A 57 -7.25 5.68 -20.52
CA ALA A 57 -7.96 6.63 -21.40
C ALA A 57 -7.02 7.22 -22.42
N ASP A 58 -5.75 7.36 -22.02
CA ASP A 58 -4.72 7.86 -22.88
C ASP A 58 -3.98 6.66 -23.48
N GLY A 59 -4.61 5.52 -23.22
CA GLY A 59 -4.16 4.19 -23.63
C GLY A 59 -2.65 4.00 -23.68
N ASN A 60 -2.07 3.76 -22.51
CA ASN A 60 -0.64 3.56 -22.37
C ASN A 60 -0.27 2.08 -22.43
N GLY A 61 -1.27 1.22 -22.66
CA GLY A 61 -1.08 -0.22 -22.61
C GLY A 61 -1.05 -0.63 -21.18
N THR A 62 -0.42 0.26 -20.42
CA THR A 62 -0.29 0.16 -19.02
C THR A 62 -1.21 1.26 -18.46
N ILE A 63 -0.81 1.93 -17.38
CA ILE A 63 -1.64 3.01 -16.82
C ILE A 63 -0.76 4.23 -16.50
N ASP A 64 -1.29 5.44 -16.69
CA ASP A 64 -0.50 6.66 -16.45
C ASP A 64 -0.68 7.22 -15.02
N PHE A 65 -0.16 8.44 -14.80
CA PHE A 65 -0.20 9.14 -13.49
C PHE A 65 -1.61 9.60 -13.05
N PRO A 66 -2.36 10.45 -13.85
CA PRO A 66 -3.69 10.98 -13.45
C PRO A 66 -4.82 9.94 -13.45
N GLU A 67 -4.80 9.03 -14.43
CA GLU A 67 -5.85 8.01 -14.59
C GLU A 67 -5.81 6.91 -13.50
N PHE A 68 -4.79 6.94 -12.64
CA PHE A 68 -4.65 5.93 -11.56
C PHE A 68 -5.65 6.16 -10.41
N LEU A 69 -5.73 7.40 -9.91
CA LEU A 69 -6.60 7.74 -8.79
C LEU A 69 -8.10 7.78 -9.14
N THR A 70 -8.44 7.64 -10.43
CA THR A 70 -9.83 7.68 -10.87
C THR A 70 -10.59 6.40 -10.61
N MET A 71 -9.90 5.29 -10.68
CA MET A 71 -10.52 4.02 -10.37
C MET A 71 -10.72 3.91 -8.87
N MET A 72 -9.76 4.52 -8.15
CA MET A 72 -9.80 4.61 -6.69
C MET A 72 -10.76 5.74 -6.28
N ALA A 73 -11.11 6.60 -7.28
CA ALA A 73 -12.00 7.75 -7.07
C ALA A 73 -13.43 7.37 -6.65
N ARG A 74 -14.02 6.38 -7.33
CA ARG A 74 -15.39 5.93 -7.03
C ARG A 74 -15.50 5.41 -5.59
N LYS A 75 -14.44 4.74 -5.13
CA LYS A 75 -14.38 4.20 -3.77
C LYS A 75 -14.00 5.29 -2.77
N MET A 76 -13.00 6.12 -3.12
CA MET A 76 -12.53 7.21 -2.27
C MET A 76 -13.45 8.43 -2.37
N LYS A 77 -14.57 8.39 -1.63
CA LYS A 77 -15.53 9.49 -1.61
C LYS A 77 -15.14 10.56 -0.57
N ASP A 78 -13.83 10.65 -0.33
CA ASP A 78 -13.17 11.60 0.60
C ASP A 78 -13.57 11.42 2.08
N THR A 79 -14.88 11.31 2.36
CA THR A 79 -15.37 11.17 3.75
C THR A 79 -15.26 9.73 4.30
N ASP A 80 -14.05 9.15 4.20
CA ASP A 80 -13.81 7.81 4.73
C ASP A 80 -13.15 7.87 6.10
N SER A 81 -13.86 7.42 7.12
CA SER A 81 -13.33 7.40 8.48
C SER A 81 -12.43 6.16 8.69
N GLU A 82 -13.00 5.12 9.32
CA GLU A 82 -12.32 3.87 9.58
C GLU A 82 -12.12 3.00 8.33
N GLU A 83 -12.78 3.36 7.21
CA GLU A 83 -12.66 2.58 5.98
C GLU A 83 -11.24 2.67 5.43
N GLU A 84 -10.66 3.88 5.52
CA GLU A 84 -9.29 4.11 5.11
C GLU A 84 -8.33 3.58 6.18
N ILE A 85 -8.86 3.45 7.41
CA ILE A 85 -8.10 2.92 8.55
C ILE A 85 -7.95 1.40 8.44
N ARG A 86 -9.08 0.72 8.18
CA ARG A 86 -9.05 -0.75 8.04
C ARG A 86 -8.35 -1.15 6.73
N GLU A 87 -8.35 -0.21 5.77
CA GLU A 87 -7.70 -0.39 4.46
C GLU A 87 -6.18 -0.30 4.58
N ALA A 88 -5.70 -0.28 5.83
CA ALA A 88 -4.30 -0.30 6.08
C ALA A 88 -3.98 -1.13 7.32
N PHE A 89 -4.98 -1.35 8.18
CA PHE A 89 -4.84 -2.11 9.41
C PHE A 89 -4.77 -3.65 9.18
N ARG A 90 -5.91 -4.28 8.82
CA ARG A 90 -5.97 -5.75 8.62
C ARG A 90 -5.25 -6.12 7.33
N VAL A 91 -5.05 -5.09 6.53
CA VAL A 91 -4.37 -5.16 5.25
C VAL A 91 -2.86 -5.26 5.52
N PHE A 92 -2.47 -4.63 6.63
CA PHE A 92 -1.10 -4.61 7.12
C PHE A 92 -0.82 -5.85 7.99
N ASP A 93 -1.65 -6.08 9.03
CA ASP A 93 -1.51 -7.22 9.92
C ASP A 93 -2.05 -8.53 9.32
N LYS A 94 -1.13 -9.45 8.97
CA LYS A 94 -1.51 -10.76 8.41
C LYS A 94 -2.27 -11.62 9.43
N ASP A 95 -1.81 -11.59 10.70
CA ASP A 95 -2.44 -12.37 11.77
C ASP A 95 -3.47 -11.52 12.56
N GLY A 96 -3.01 -10.39 13.13
CA GLY A 96 -3.89 -9.50 13.89
C GLY A 96 -4.11 -9.93 15.33
N ASN A 97 -3.03 -9.98 16.11
CA ASN A 97 -3.10 -10.38 17.51
C ASN A 97 -2.54 -9.29 18.43
N GLY A 98 -2.95 -8.03 18.18
CA GLY A 98 -2.47 -6.90 18.97
C GLY A 98 -1.12 -6.38 18.48
N TYR A 99 -0.39 -7.26 17.78
CA TYR A 99 0.92 -6.97 17.21
C TYR A 99 0.98 -7.51 15.79
N ILE A 100 1.72 -6.81 14.95
CA ILE A 100 1.90 -7.18 13.54
C ILE A 100 3.17 -7.96 13.41
N SER A 101 3.07 -9.00 12.60
CA SER A 101 4.14 -9.95 12.41
C SER A 101 5.29 -9.38 11.61
N ALA A 102 6.45 -9.97 11.83
CA ALA A 102 7.67 -9.48 11.17
C ALA A 102 7.75 -9.79 9.69
N ALA A 103 7.57 -11.05 9.36
CA ALA A 103 7.63 -11.53 7.98
C ALA A 103 6.37 -11.20 7.17
N GLU A 104 5.54 -10.31 7.69
CA GLU A 104 4.31 -9.97 7.00
C GLU A 104 4.49 -9.01 5.85
N LEU A 105 5.18 -7.89 6.04
CA LEU A 105 5.34 -6.97 4.95
C LEU A 105 6.14 -7.58 3.81
N ARG A 106 7.05 -8.52 4.11
CA ARG A 106 7.75 -9.18 3.01
C ARG A 106 6.70 -10.03 2.25
N HIS A 107 5.66 -10.47 2.98
CA HIS A 107 4.54 -11.20 2.39
C HIS A 107 3.57 -10.24 1.66
N VAL A 108 3.14 -9.18 2.40
CA VAL A 108 2.20 -8.15 1.91
C VAL A 108 2.85 -7.16 0.93
N MET A 109 3.96 -6.51 1.35
CA MET A 109 4.66 -5.54 0.48
C MET A 109 5.15 -6.18 -0.81
N THR A 110 5.47 -7.50 -0.75
CA THR A 110 5.90 -8.26 -1.92
C THR A 110 4.71 -8.43 -2.85
N ASN A 111 3.54 -8.48 -2.20
CA ASN A 111 2.26 -8.56 -2.88
C ASN A 111 1.94 -7.20 -3.50
N LEU A 112 2.63 -6.16 -3.00
CA LEU A 112 2.47 -4.80 -3.51
C LEU A 112 3.29 -4.59 -4.79
N GLY A 113 4.03 -5.64 -5.21
CA GLY A 113 4.80 -5.60 -6.45
C GLY A 113 6.27 -5.31 -6.29
N GLU A 114 6.75 -5.32 -5.05
CA GLU A 114 8.18 -5.10 -4.78
C GLU A 114 8.69 -6.23 -3.90
N LYS A 115 9.31 -7.23 -4.55
CA LYS A 115 9.84 -8.43 -3.88
C LYS A 115 11.01 -8.14 -2.94
N LEU A 116 10.73 -8.26 -1.64
CA LEU A 116 11.74 -8.06 -0.60
C LEU A 116 11.53 -9.02 0.56
N THR A 117 12.63 -9.38 1.21
CA THR A 117 12.62 -10.25 2.36
C THR A 117 12.45 -9.42 3.65
N ASP A 118 12.47 -10.08 4.81
CA ASP A 118 12.29 -9.43 6.13
C ASP A 118 13.20 -8.20 6.36
N GLU A 119 14.36 -8.16 5.71
CA GLU A 119 15.32 -7.04 5.84
C GLU A 119 14.72 -5.64 5.61
N GLU A 120 14.00 -5.49 4.49
CA GLU A 120 13.36 -4.22 4.14
C GLU A 120 12.16 -3.96 5.03
N VAL A 121 11.51 -5.06 5.45
CA VAL A 121 10.38 -5.00 6.36
C VAL A 121 10.88 -4.69 7.76
N ASP A 122 12.12 -5.13 8.04
CA ASP A 122 12.78 -4.88 9.31
C ASP A 122 12.92 -3.39 9.56
N GLU A 123 13.09 -2.63 8.47
CA GLU A 123 13.13 -1.17 8.54
C GLU A 123 11.69 -0.70 8.80
N MET A 124 10.74 -1.52 8.30
CA MET A 124 9.30 -1.31 8.46
C MET A 124 8.85 -1.67 9.88
N ILE A 125 9.53 -2.64 10.53
CA ILE A 125 9.15 -3.06 11.88
C ILE A 125 10.01 -2.42 12.97
N ARG A 126 11.26 -2.10 12.65
CA ARG A 126 12.18 -1.45 13.60
C ARG A 126 11.76 -0.01 13.89
N GLU A 127 11.12 0.60 12.89
CA GLU A 127 10.61 1.98 12.99
C GLU A 127 9.24 1.99 13.66
N ALA A 128 8.58 0.83 13.64
CA ALA A 128 7.28 0.63 14.23
C ALA A 128 7.38 0.11 15.66
N ASP A 129 8.52 -0.46 16.00
CA ASP A 129 8.77 -1.00 17.30
C ASP A 129 9.78 -0.17 18.09
N ILE A 130 9.28 0.56 19.08
CA ILE A 130 10.13 1.40 19.95
C ILE A 130 10.90 0.55 20.97
N ASP A 131 10.37 -0.65 21.22
CA ASP A 131 10.95 -1.60 22.16
C ASP A 131 11.83 -2.64 21.44
N GLY A 132 11.91 -2.53 20.09
CA GLY A 132 12.72 -3.45 19.28
C GLY A 132 12.31 -4.91 19.43
N ASP A 133 11.00 -5.19 19.29
CA ASP A 133 10.47 -6.55 19.42
C ASP A 133 10.30 -7.22 18.06
N GLY A 134 10.50 -6.46 16.96
CA GLY A 134 10.39 -7.02 15.61
C GLY A 134 8.95 -7.22 15.14
N GLN A 135 7.97 -6.62 15.81
CA GLN A 135 6.55 -6.76 15.44
C GLN A 135 5.80 -5.44 15.62
N VAL A 136 4.60 -5.26 15.00
CA VAL A 136 3.94 -3.97 15.16
C VAL A 136 2.57 -4.03 15.86
N ASN A 137 2.50 -3.39 17.02
CA ASN A 137 1.24 -3.27 17.78
C ASN A 137 0.37 -2.17 17.18
N TYR A 138 -0.92 -2.15 17.55
CA TYR A 138 -1.90 -1.19 17.04
C TYR A 138 -1.51 0.29 17.26
N GLU A 139 -0.82 0.56 18.37
CA GLU A 139 -0.42 1.93 18.76
C GLU A 139 0.60 2.60 17.87
N GLU A 140 1.63 1.90 17.44
CA GLU A 140 2.65 2.56 16.64
C GLU A 140 2.31 2.80 15.17
N PHE A 141 1.84 1.75 14.46
CA PHE A 141 1.51 1.86 13.02
C PHE A 141 0.36 2.83 12.70
N VAL A 142 -0.51 3.11 13.68
CA VAL A 142 -1.66 4.00 13.46
C VAL A 142 -1.18 5.43 13.34
N GLN A 143 -0.21 5.69 14.18
CA GLN A 143 0.50 6.96 14.29
C GLN A 143 1.07 7.38 12.93
N MET A 144 1.50 6.38 12.15
CA MET A 144 2.05 6.58 10.84
C MET A 144 1.00 6.88 9.78
N MET A 145 -0.26 6.48 10.03
CA MET A 145 -1.36 6.75 9.07
C MET A 145 -1.92 8.14 9.29
N THR A 146 -1.97 8.58 10.56
CA THR A 146 -2.41 9.94 10.89
C THR A 146 -1.34 10.93 10.35
N ALA A 147 -0.17 10.34 10.00
CA ALA A 147 0.94 11.05 9.39
C ALA A 147 1.72 10.10 8.48
N LYS A 148 1.12 9.82 7.34
CA LYS A 148 1.73 8.97 6.31
C LYS A 148 2.62 9.79 5.36
N TPO B 1 9.69 1.46 5.28
CA TPO B 1 9.47 1.76 6.73
CB TPO B 1 10.08 3.13 7.10
CG2 TPO B 1 11.61 3.06 7.14
OG1 TPO B 1 9.66 4.12 6.18
C TPO B 1 7.99 1.76 7.07
O TPO B 1 7.15 1.88 6.18
H1 TPO B 1 9.30 0.52 5.05
H2 TPO B 1 10.70 1.45 5.06
H3 TPO B 1 9.22 2.17 4.69
HA TPO B 1 9.98 1.00 7.30
HB TPO B 1 9.74 3.39 8.09
HG21 TPO B 1 11.92 2.21 7.73
HG22 TPO B 1 12.00 3.97 7.56
HG23 TPO B 1 11.98 2.95 6.12
N PHE B 2 7.66 1.63 8.38
CA PHE B 2 6.26 1.64 8.87
C PHE B 2 5.53 2.94 8.42
N LYS B 3 6.32 4.02 8.22
CA LYS B 3 5.82 5.35 7.76
C LYS B 3 5.43 5.40 6.27
N GLU B 4 6.38 5.01 5.40
CA GLU B 4 6.20 5.05 3.94
C GLU B 4 5.32 3.90 3.43
N VAL B 5 5.46 2.73 4.07
CA VAL B 5 4.69 1.53 3.70
C VAL B 5 3.18 1.72 3.97
N ALA B 6 2.85 2.55 4.98
CA ALA B 6 1.45 2.83 5.33
C ALA B 6 0.66 3.48 4.18
N ASN B 7 1.31 4.39 3.46
CA ASN B 7 0.69 5.11 2.32
C ASN B 7 0.51 4.21 1.09
N ALA B 8 1.38 3.19 0.95
CA ALA B 8 1.34 2.26 -0.20
C ALA B 8 0.21 1.24 -0.09
N VAL B 9 0.11 0.58 1.08
CA VAL B 9 -0.92 -0.45 1.34
C VAL B 9 -2.33 0.18 1.52
N LYS B 10 -2.37 1.43 2.00
CA LYS B 10 -3.64 2.16 2.24
C LYS B 10 -4.34 2.56 0.92
N ILE B 11 -3.54 2.93 -0.10
CA ILE B 11 -4.09 3.34 -1.41
C ILE B 11 -4.58 2.12 -2.23
N SER B 12 -3.77 1.05 -2.27
CA SER B 12 -4.12 -0.17 -3.02
C SER B 12 -4.90 -1.15 -2.13
N ALA B 13 -5.89 -0.60 -1.42
CA ALA B 13 -6.75 -1.38 -0.53
C ALA B 13 -8.19 -0.86 -0.58
N SER B 14 -8.37 0.31 -1.23
CA SER B 14 -9.68 0.94 -1.38
C SER B 14 -10.51 0.29 -2.49
N LEU B 15 -9.87 -0.63 -3.23
CA LEU B 15 -10.53 -1.34 -4.32
C LEU B 15 -11.31 -2.57 -3.83
N MET B 16 -10.95 -3.07 -2.65
CA MET B 16 -11.61 -4.23 -2.04
C MET B 16 -12.66 -3.77 -1.02
N ALA A 1 17.02 19.20 9.09
CA ALA A 1 15.93 19.90 9.83
C ALA A 1 14.76 18.96 10.12
N ASP A 2 14.39 18.13 9.12
CA ASP A 2 13.28 17.15 9.22
C ASP A 2 11.92 17.85 9.43
N GLN A 3 10.95 17.51 8.57
CA GLN A 3 9.62 18.08 8.64
C GLN A 3 8.56 16.99 8.48
N LEU A 4 7.42 17.17 9.16
CA LEU A 4 6.32 16.21 9.12
C LEU A 4 5.28 16.59 8.04
N THR A 5 5.54 17.70 7.32
CA THR A 5 4.64 18.18 6.26
C THR A 5 5.01 17.60 4.91
N GLU A 6 6.26 17.23 4.78
CA GLU A 6 6.82 16.67 3.57
C GLU A 6 6.35 15.22 3.32
N GLU A 7 6.18 14.45 4.40
CA GLU A 7 5.73 13.05 4.32
C GLU A 7 4.27 12.94 3.87
N GLN A 8 3.50 14.01 4.08
CA GLN A 8 2.08 14.06 3.70
C GLN A 8 1.87 14.31 2.20
N ILE A 9 2.94 14.71 1.49
CA ILE A 9 2.87 15.00 0.05
C ILE A 9 3.85 14.11 -0.74
N ALA A 10 5.10 14.01 -0.25
CA ALA A 10 6.15 13.22 -0.91
C ALA A 10 5.85 11.72 -0.94
N GLU A 11 5.04 11.28 0.03
CA GLU A 11 4.65 9.87 0.15
C GLU A 11 3.74 9.40 -0.99
N PHE A 12 3.20 10.35 -1.77
CA PHE A 12 2.37 10.00 -2.92
C PHE A 12 3.26 9.45 -4.02
N LYS A 13 4.39 10.11 -4.23
CA LYS A 13 5.40 9.68 -5.18
C LYS A 13 6.24 8.55 -4.58
N GLU A 14 5.79 8.16 -3.41
CA GLU A 14 6.35 7.07 -2.63
C GLU A 14 5.45 5.87 -2.80
N ALA A 15 4.12 6.17 -2.86
CA ALA A 15 3.08 5.18 -3.05
C ALA A 15 2.99 4.77 -4.52
N PHE A 16 3.16 5.75 -5.43
CA PHE A 16 3.13 5.50 -6.87
C PHE A 16 4.34 4.67 -7.28
N SER A 17 5.45 4.93 -6.60
CA SER A 17 6.71 4.22 -6.80
C SER A 17 6.62 2.77 -6.28
N LEU A 18 5.66 2.53 -5.37
CA LEU A 18 5.44 1.21 -4.78
C LEU A 18 4.74 0.26 -5.77
N PHE A 19 3.78 0.81 -6.53
CA PHE A 19 3.03 0.05 -7.53
C PHE A 19 3.73 0.08 -8.90
N ASP A 20 4.16 1.28 -9.31
CA ASP A 20 4.84 1.48 -10.60
C ASP A 20 6.31 1.03 -10.52
N LYS A 21 6.55 -0.15 -11.08
CA LYS A 21 7.87 -0.79 -11.10
C LYS A 21 8.84 -0.09 -12.08
N ASP A 22 8.28 0.63 -13.05
CA ASP A 22 9.08 1.34 -14.07
C ASP A 22 9.54 2.71 -13.60
N GLY A 23 8.74 3.36 -12.74
CA GLY A 23 9.09 4.69 -12.22
C GLY A 23 8.82 5.81 -13.22
N ASP A 24 8.42 5.44 -14.45
CA ASP A 24 8.11 6.41 -15.50
C ASP A 24 6.62 6.83 -15.40
N GLY A 25 5.93 6.22 -14.44
CA GLY A 25 4.52 6.51 -14.20
C GLY A 25 3.58 5.50 -14.85
N THR A 26 3.98 4.22 -14.82
CA THR A 26 3.20 3.13 -15.40
C THR A 26 3.39 1.87 -14.63
N ILE A 27 2.29 1.18 -14.48
CA ILE A 27 2.26 -0.07 -13.76
C ILE A 27 2.11 -1.27 -14.69
N THR A 28 3.06 -2.19 -14.58
CA THR A 28 3.10 -3.40 -15.39
C THR A 28 1.90 -4.33 -15.08
N THR A 29 1.32 -4.88 -16.15
CA THR A 29 0.20 -5.81 -16.04
C THR A 29 0.65 -7.19 -15.49
N LYS A 30 1.86 -7.25 -14.94
CA LYS A 30 2.39 -8.46 -14.31
C LYS A 30 1.75 -8.67 -12.93
N GLU A 31 2.21 -7.88 -11.94
CA GLU A 31 1.71 -7.92 -10.55
C GLU A 31 0.36 -7.21 -10.39
N LEU A 32 -0.29 -6.83 -11.51
CA LEU A 32 -1.57 -6.09 -11.47
C LEU A 32 -2.60 -6.67 -10.50
N GLY A 33 -2.43 -7.96 -10.13
CA GLY A 33 -3.32 -8.59 -9.18
C GLY A 33 -3.09 -8.11 -7.75
N THR A 34 -2.44 -6.96 -7.68
CA THR A 34 -2.08 -6.30 -6.42
C THR A 34 -3.26 -5.61 -5.73
N VAL A 35 -4.35 -5.36 -6.48
CA VAL A 35 -5.56 -4.71 -5.93
C VAL A 35 -6.17 -5.54 -4.79
N MET A 36 -6.58 -6.78 -5.11
CA MET A 36 -7.15 -7.73 -4.13
C MET A 36 -6.08 -8.27 -3.21
N ARG A 37 -4.90 -8.52 -3.76
CA ARG A 37 -3.79 -9.08 -2.99
C ARG A 37 -3.27 -8.06 -1.94
N SER A 38 -2.36 -8.50 -1.03
CA SER A 38 -1.83 -7.68 0.09
C SER A 38 -2.90 -7.54 1.15
N LEU A 39 -4.13 -7.75 0.68
CA LEU A 39 -5.31 -7.77 1.52
C LEU A 39 -5.52 -9.20 1.97
N GLY A 40 -4.47 -10.02 1.73
CA GLY A 40 -4.53 -11.44 2.03
C GLY A 40 -5.56 -12.12 1.15
N GLN A 41 -5.64 -11.61 -0.09
CA GLN A 41 -6.60 -12.06 -1.08
C GLN A 41 -5.95 -12.79 -2.24
N ASN A 42 -6.68 -12.74 -3.35
CA ASN A 42 -6.35 -13.42 -4.57
C ASN A 42 -6.31 -12.48 -5.80
N PRO A 43 -5.61 -12.86 -6.92
CA PRO A 43 -5.54 -12.04 -8.14
C PRO A 43 -6.80 -12.14 -9.01
N THR A 44 -7.28 -10.99 -9.51
CA THR A 44 -8.45 -10.92 -10.38
C THR A 44 -8.07 -10.52 -11.78
N GLU A 45 -8.00 -11.56 -12.62
CA GLU A 45 -7.64 -11.44 -14.03
C GLU A 45 -8.63 -10.51 -14.73
N ALA A 46 -9.90 -10.69 -14.34
CA ALA A 46 -10.99 -9.90 -14.86
C ALA A 46 -11.01 -8.46 -14.34
N GLU A 47 -10.40 -8.22 -13.15
CA GLU A 47 -10.40 -6.89 -12.55
C GLU A 47 -9.41 -5.89 -13.17
N LEU A 48 -8.10 -6.18 -13.12
CA LEU A 48 -7.09 -5.27 -13.67
C LEU A 48 -7.26 -5.03 -15.16
N GLN A 49 -7.77 -6.03 -15.88
CA GLN A 49 -8.04 -5.85 -17.29
C GLN A 49 -9.21 -4.91 -17.40
N ASP A 50 -10.08 -4.97 -16.40
CA ASP A 50 -11.19 -4.05 -16.30
C ASP A 50 -10.73 -2.68 -15.79
N MET A 51 -9.47 -2.58 -15.35
CA MET A 51 -8.94 -1.32 -14.82
C MET A 51 -7.81 -0.73 -15.65
N ILE A 52 -6.88 -1.56 -16.17
CA ILE A 52 -5.80 -1.06 -17.02
C ILE A 52 -6.40 -0.70 -18.37
N ASN A 53 -7.49 -1.39 -18.64
CA ASN A 53 -8.29 -1.23 -19.84
C ASN A 53 -9.16 0.05 -19.85
N GLU A 54 -9.79 0.34 -18.70
CA GLU A 54 -10.73 1.46 -18.58
C GLU A 54 -10.13 2.83 -18.30
N VAL A 55 -9.10 2.90 -17.46
CA VAL A 55 -8.50 4.20 -17.11
C VAL A 55 -7.32 4.58 -18.01
N ASP A 56 -6.61 3.58 -18.54
CA ASP A 56 -5.49 3.80 -19.45
C ASP A 56 -6.03 4.11 -20.86
N ALA A 57 -6.74 5.27 -20.93
CA ALA A 57 -7.38 5.76 -22.16
C ALA A 57 -6.37 6.28 -23.14
N ASP A 58 -5.27 6.81 -22.59
CA ASP A 58 -4.15 7.29 -23.39
C ASP A 58 -3.22 6.12 -23.63
N GLY A 59 -3.68 5.02 -23.05
CA GLY A 59 -3.07 3.71 -23.06
C GLY A 59 -1.55 3.66 -23.10
N ASN A 60 -0.98 3.34 -21.96
CA ASN A 60 0.45 3.19 -21.78
C ASN A 60 0.83 1.71 -21.83
N GLY A 61 -0.15 0.87 -22.23
CA GLY A 61 0.02 -0.57 -22.21
C GLY A 61 -0.25 -1.07 -20.82
N THR A 62 0.12 -0.18 -19.91
CA THR A 62 -0.03 -0.35 -18.53
C THR A 62 -1.09 0.67 -18.08
N ILE A 63 -0.72 1.63 -17.23
CA ILE A 63 -1.66 2.70 -16.80
C ILE A 63 -0.92 4.05 -16.87
N ASP A 64 -1.57 5.15 -16.47
CA ASP A 64 -0.92 6.44 -16.45
C ASP A 64 -1.00 7.08 -15.04
N PHE A 65 -0.48 8.32 -14.89
CA PHE A 65 -0.47 9.03 -13.60
C PHE A 65 -1.88 9.47 -13.11
N PRO A 66 -2.60 10.42 -13.81
CA PRO A 66 -3.93 10.91 -13.37
C PRO A 66 -5.07 9.89 -13.58
N GLU A 67 -4.91 9.07 -14.63
CA GLU A 67 -5.90 8.06 -15.03
C GLU A 67 -6.20 7.01 -13.95
N PHE A 68 -5.18 6.59 -13.18
CA PHE A 68 -5.35 5.58 -12.13
C PHE A 68 -6.08 6.14 -10.90
N LEU A 69 -5.81 7.41 -10.56
CA LEU A 69 -6.43 8.06 -9.38
C LEU A 69 -7.92 8.36 -9.56
N THR A 70 -8.42 8.32 -10.81
CA THR A 70 -9.84 8.58 -11.08
C THR A 70 -10.71 7.39 -10.72
N MET A 71 -10.17 6.19 -10.88
CA MET A 71 -10.88 4.98 -10.50
C MET A 71 -11.10 5.00 -8.99
N MET A 72 -10.08 5.53 -8.28
CA MET A 72 -10.12 5.70 -6.83
C MET A 72 -10.98 6.93 -6.49
N ALA A 73 -11.15 7.81 -7.50
CA ALA A 73 -11.93 9.05 -7.34
C ALA A 73 -13.42 8.78 -7.12
N ARG A 74 -14.00 7.90 -7.97
CA ARG A 74 -15.42 7.54 -7.87
C ARG A 74 -15.72 6.79 -6.56
N LYS A 75 -14.69 6.10 -6.04
CA LYS A 75 -14.78 5.34 -4.80
C LYS A 75 -14.64 6.25 -3.57
N MET A 76 -13.81 7.30 -3.69
CA MET A 76 -13.57 8.25 -2.60
C MET A 76 -14.72 9.28 -2.45
N LYS A 77 -15.94 8.82 -2.72
CA LYS A 77 -17.13 9.66 -2.63
C LYS A 77 -17.70 9.68 -1.19
N ASP A 78 -17.19 10.62 -0.37
CA ASP A 78 -17.63 10.80 1.04
C ASP A 78 -17.37 9.54 1.88
N THR A 79 -16.14 8.99 1.78
CA THR A 79 -15.74 7.79 2.51
C THR A 79 -15.38 8.09 3.96
N ASP A 80 -15.53 7.09 4.83
CA ASP A 80 -15.23 7.21 6.26
C ASP A 80 -13.72 7.03 6.52
N SER A 81 -13.27 7.52 7.69
CA SER A 81 -11.85 7.43 8.07
C SER A 81 -11.51 6.05 8.65
N GLU A 82 -12.19 5.67 9.75
CA GLU A 82 -11.97 4.38 10.43
C GLU A 82 -12.12 3.18 9.50
N GLU A 83 -13.00 3.30 8.50
CA GLU A 83 -13.19 2.21 7.52
C GLU A 83 -11.95 2.13 6.62
N GLU A 84 -11.34 3.31 6.39
CA GLU A 84 -10.11 3.42 5.61
C GLU A 84 -8.92 3.03 6.50
N ILE A 85 -9.08 3.21 7.82
CA ILE A 85 -8.06 2.86 8.81
C ILE A 85 -8.01 1.35 8.99
N ARG A 86 -9.20 0.73 9.10
CA ARG A 86 -9.29 -0.73 9.24
C ARG A 86 -8.92 -1.41 7.93
N GLU A 87 -9.14 -0.69 6.81
CA GLU A 87 -8.79 -1.17 5.47
C GLU A 87 -7.29 -1.18 5.24
N ALA A 88 -6.56 -0.95 6.32
CA ALA A 88 -5.14 -1.01 6.28
C ALA A 88 -4.59 -1.70 7.52
N PHE A 89 -5.43 -1.81 8.57
CA PHE A 89 -5.05 -2.44 9.84
C PHE A 89 -4.99 -3.98 9.80
N ARG A 90 -6.17 -4.66 9.80
CA ARG A 90 -6.23 -6.15 9.80
C ARG A 90 -5.81 -6.65 8.43
N VAL A 91 -5.78 -5.70 7.52
CA VAL A 91 -5.37 -5.88 6.15
C VAL A 91 -3.84 -5.97 6.13
N PHE A 92 -3.24 -5.29 7.11
CA PHE A 92 -1.80 -5.26 7.33
C PHE A 92 -1.38 -6.45 8.22
N ASP A 93 -1.85 -6.47 9.48
CA ASP A 93 -1.55 -7.52 10.45
C ASP A 93 -2.16 -8.88 10.04
N LYS A 94 -1.28 -9.81 9.66
CA LYS A 94 -1.69 -11.16 9.24
C LYS A 94 -2.31 -11.98 10.38
N ASP A 95 -1.78 -11.81 11.60
CA ASP A 95 -2.28 -12.53 12.77
C ASP A 95 -3.27 -11.67 13.58
N GLY A 96 -2.79 -10.50 14.05
CA GLY A 96 -3.64 -9.60 14.82
C GLY A 96 -3.73 -9.97 16.29
N ASN A 97 -2.58 -10.04 16.97
CA ASN A 97 -2.52 -10.38 18.38
C ASN A 97 -1.82 -9.27 19.17
N GLY A 98 -2.18 -8.02 18.89
CA GLY A 98 -1.58 -6.87 19.56
C GLY A 98 -0.27 -6.45 18.92
N TYR A 99 0.30 -7.36 18.12
CA TYR A 99 1.57 -7.15 17.42
C TYR A 99 1.45 -7.61 15.97
N ILE A 100 2.20 -6.97 15.08
CA ILE A 100 2.25 -7.32 13.67
C ILE A 100 3.49 -8.11 13.44
N SER A 101 3.33 -9.15 12.67
CA SER A 101 4.38 -10.11 12.40
C SER A 101 5.47 -9.55 11.51
N ALA A 102 6.67 -10.08 11.71
CA ALA A 102 7.85 -9.62 10.99
C ALA A 102 7.83 -10.03 9.53
N ALA A 103 7.58 -11.30 9.31
CA ALA A 103 7.49 -11.87 7.97
C ALA A 103 6.19 -11.51 7.27
N GLU A 104 5.47 -10.53 7.83
CA GLU A 104 4.19 -10.10 7.29
C GLU A 104 4.34 -9.22 6.06
N LEU A 105 5.14 -8.15 6.14
CA LEU A 105 5.27 -7.30 4.97
C LEU A 105 5.85 -8.05 3.78
N ARG A 106 6.72 -9.07 4.03
CA ARG A 106 7.21 -9.87 2.90
C ARG A 106 6.05 -10.66 2.34
N HIS A 107 5.11 -11.02 3.23
CA HIS A 107 3.90 -11.75 2.82
C HIS A 107 2.89 -10.83 2.10
N VAL A 108 2.57 -9.69 2.73
CA VAL A 108 1.61 -8.71 2.21
C VAL A 108 2.19 -7.86 1.05
N MET A 109 3.34 -7.21 1.29
CA MET A 109 4.00 -6.37 0.28
C MET A 109 4.43 -7.15 -0.96
N THR A 110 4.75 -8.45 -0.77
CA THR A 110 5.14 -9.31 -1.89
C THR A 110 3.92 -9.56 -2.77
N ASN A 111 2.79 -9.66 -2.09
CA ASN A 111 1.48 -9.87 -2.68
C ASN A 111 1.02 -8.58 -3.36
N LEU A 112 1.63 -7.46 -2.95
CA LEU A 112 1.31 -6.15 -3.49
C LEU A 112 2.23 -5.84 -4.70
N GLY A 113 3.07 -6.83 -5.09
CA GLY A 113 3.91 -6.70 -6.29
C GLY A 113 5.37 -6.36 -6.08
N GLU A 114 5.87 -6.42 -4.84
CA GLU A 114 7.29 -6.18 -4.58
C GLU A 114 7.86 -7.33 -3.75
N LYS A 115 8.41 -8.32 -4.47
CA LYS A 115 8.97 -9.52 -3.85
C LYS A 115 10.26 -9.24 -3.08
N LEU A 116 10.12 -9.08 -1.75
CA LEU A 116 11.26 -8.82 -0.88
C LEU A 116 11.30 -9.76 0.32
N THR A 117 12.49 -9.83 0.92
CA THR A 117 12.74 -10.63 2.10
C THR A 117 12.56 -9.73 3.35
N ASP A 118 12.58 -10.34 4.55
CA ASP A 118 12.39 -9.63 5.83
C ASP A 118 13.30 -8.40 5.99
N GLU A 119 14.45 -8.44 5.35
CA GLU A 119 15.44 -7.35 5.36
C GLU A 119 14.85 -5.99 5.00
N GLU A 120 14.09 -5.99 3.91
CA GLU A 120 13.44 -4.80 3.38
C GLU A 120 12.29 -4.40 4.29
N VAL A 121 11.60 -5.42 4.82
CA VAL A 121 10.49 -5.21 5.75
C VAL A 121 11.03 -4.85 7.15
N ASP A 122 12.24 -5.33 7.47
CA ASP A 122 12.88 -5.05 8.75
C ASP A 122 13.08 -3.56 8.96
N GLU A 123 13.35 -2.84 7.86
CA GLU A 123 13.46 -1.38 7.90
C GLU A 123 12.04 -0.83 8.05
N MET A 124 11.09 -1.62 7.52
CA MET A 124 9.68 -1.32 7.61
C MET A 124 9.14 -1.58 9.02
N ILE A 125 9.65 -2.64 9.70
CA ILE A 125 9.19 -2.99 11.05
C ILE A 125 10.00 -2.30 12.16
N ARG A 126 11.27 -2.00 11.88
CA ARG A 126 12.16 -1.33 12.84
C ARG A 126 11.68 0.09 13.13
N GLU A 127 11.08 0.73 12.12
CA GLU A 127 10.55 2.10 12.23
C GLU A 127 9.29 2.16 13.11
N ALA A 128 8.61 1.02 13.27
CA ALA A 128 7.41 0.92 14.09
C ALA A 128 7.74 0.48 15.52
N ASP A 129 8.89 -0.16 15.66
CA ASP A 129 9.33 -0.65 16.94
C ASP A 129 10.50 0.15 17.50
N ILE A 130 10.23 0.94 18.54
CA ILE A 130 11.26 1.76 19.21
C ILE A 130 12.15 0.90 20.10
N ASP A 131 11.62 -0.27 20.48
CA ASP A 131 12.33 -1.22 21.34
C ASP A 131 13.01 -2.32 20.50
N GLY A 132 12.86 -2.24 19.17
CA GLY A 132 13.47 -3.22 18.25
C GLY A 132 13.04 -4.66 18.50
N ASP A 133 11.73 -4.90 18.61
CA ASP A 133 11.19 -6.23 18.88
C ASP A 133 10.92 -7.01 17.57
N GLY A 134 11.05 -6.34 16.42
CA GLY A 134 10.84 -6.99 15.13
C GLY A 134 9.38 -7.26 14.78
N GLN A 135 8.44 -6.62 15.50
CA GLN A 135 7.01 -6.80 15.24
C GLN A 135 6.24 -5.50 15.48
N VAL A 136 5.01 -5.33 14.93
CA VAL A 136 4.35 -4.04 15.12
C VAL A 136 3.00 -4.11 15.87
N ASN A 137 2.97 -3.41 17.01
CA ASN A 137 1.76 -3.30 17.84
C ASN A 137 0.79 -2.29 17.23
N TYR A 138 -0.47 -2.32 17.70
CA TYR A 138 -1.54 -1.43 17.23
C TYR A 138 -1.24 0.05 17.50
N GLU A 139 -0.56 0.32 18.62
CA GLU A 139 -0.22 1.68 19.06
C GLU A 139 0.85 2.38 18.25
N GLU A 140 1.86 1.66 17.76
CA GLU A 140 2.91 2.34 17.05
C GLU A 140 2.57 2.68 15.58
N PHE A 141 2.08 1.70 14.82
CA PHE A 141 1.69 1.90 13.40
C PHE A 141 0.68 3.03 13.20
N VAL A 142 -0.19 3.26 14.19
CA VAL A 142 -1.20 4.33 14.13
C VAL A 142 -0.52 5.67 14.34
N GLN A 143 0.36 5.64 15.33
CA GLN A 143 1.17 6.74 15.78
C GLN A 143 2.09 7.23 14.66
N MET A 144 2.62 6.27 13.91
CA MET A 144 3.49 6.50 12.79
C MET A 144 2.73 7.03 11.55
N MET A 145 1.42 6.72 11.48
CA MET A 145 0.59 7.17 10.35
C MET A 145 -0.05 8.52 10.65
N THR A 146 -0.41 8.76 11.93
CA THR A 146 -0.95 10.05 12.33
C THR A 146 0.18 11.09 12.21
N ALA A 147 1.41 10.53 12.07
CA ALA A 147 2.63 11.28 11.88
C ALA A 147 3.61 10.45 11.04
N LYS A 148 3.32 10.39 9.75
CA LYS A 148 4.15 9.69 8.76
C LYS A 148 5.60 10.20 8.76
N TPO B 1 9.65 1.15 5.67
CA TPO B 1 9.22 2.02 6.79
CB TPO B 1 9.63 3.51 6.54
CG2 TPO B 1 9.20 4.01 5.16
OG1 TPO B 1 9.08 4.36 7.56
C TPO B 1 7.71 1.91 7.04
O TPO B 1 6.90 2.26 6.17
H1 TPO B 1 9.20 1.45 4.78
H2 TPO B 1 9.38 0.16 5.86
H3 TPO B 1 10.68 1.19 5.55
HA TPO B 1 9.73 1.68 7.68
HB TPO B 1 10.71 3.57 6.60
HG21 TPO B 1 9.89 3.65 4.42
HG22 TPO B 1 9.19 5.09 5.16
HG23 TPO B 1 8.21 3.64 4.94
N PHE B 2 7.34 1.46 8.25
CA PHE B 2 5.94 1.30 8.67
C PHE B 2 5.14 2.62 8.53
N LYS B 3 5.85 3.76 8.58
CA LYS B 3 5.24 5.10 8.48
C LYS B 3 4.73 5.45 7.07
N GLU B 4 5.62 5.37 6.05
CA GLU B 4 5.24 5.68 4.65
C GLU B 4 4.50 4.52 4.00
N VAL B 5 4.98 3.30 4.28
CA VAL B 5 4.39 2.05 3.76
C VAL B 5 2.93 1.87 4.21
N ALA B 6 2.58 2.45 5.38
CA ALA B 6 1.24 2.37 5.97
C ALA B 6 0.14 2.78 4.98
N ASN B 7 0.40 3.83 4.19
CA ASN B 7 -0.54 4.35 3.17
C ASN B 7 -0.66 3.43 1.94
N ALA B 8 0.34 2.55 1.73
CA ALA B 8 0.37 1.64 0.56
C ALA B 8 -0.86 0.72 0.44
N VAL B 9 -1.16 -0.03 1.51
CA VAL B 9 -2.31 -0.95 1.52
C VAL B 9 -3.66 -0.18 1.59
N LYS B 10 -3.62 1.02 2.19
CA LYS B 10 -4.81 1.88 2.35
C LYS B 10 -5.39 2.31 0.99
N ILE B 11 -4.51 2.66 0.03
CA ILE B 11 -4.93 3.10 -1.31
C ILE B 11 -5.41 1.92 -2.19
N SER B 12 -4.95 0.71 -1.86
CA SER B 12 -5.33 -0.50 -2.62
C SER B 12 -6.64 -1.10 -2.11
N ALA B 13 -7.18 -0.53 -1.01
CA ALA B 13 -8.44 -1.00 -0.42
C ALA B 13 -9.64 -0.25 -1.01
N SER B 14 -9.37 0.86 -1.72
CA SER B 14 -10.43 1.66 -2.35
C SER B 14 -10.89 1.05 -3.68
N LEU B 15 -10.19 -0.01 -4.09
CA LEU B 15 -10.51 -0.72 -5.34
C LEU B 15 -11.06 -2.12 -5.04
N MET B 16 -10.81 -2.61 -3.82
CA MET B 16 -11.28 -3.93 -3.39
C MET B 16 -12.63 -3.82 -2.68
N ALA A 1 18.49 17.15 8.56
CA ALA A 1 17.18 17.84 8.65
C ALA A 1 16.03 16.86 8.46
N ASP A 2 15.05 16.93 9.38
CA ASP A 2 13.88 16.05 9.33
C ASP A 2 12.59 16.86 9.42
N GLN A 3 11.67 16.60 8.50
CA GLN A 3 10.38 17.29 8.45
C GLN A 3 9.25 16.31 8.13
N LEU A 4 8.08 16.57 8.70
CA LEU A 4 6.89 15.73 8.49
C LEU A 4 6.00 16.26 7.36
N THR A 5 6.36 17.44 6.82
CA THR A 5 5.59 18.08 5.73
C THR A 5 6.11 17.65 4.36
N GLU A 6 7.35 17.22 4.34
CA GLU A 6 8.04 16.78 3.14
C GLU A 6 7.54 15.43 2.61
N GLU A 7 7.05 14.58 3.53
CA GLU A 7 6.54 13.24 3.19
C GLU A 7 5.19 13.30 2.47
N GLN A 8 4.52 14.46 2.57
CA GLN A 8 3.21 14.68 1.93
C GLN A 8 3.31 14.93 0.43
N ILE A 9 4.54 15.21 -0.05
CA ILE A 9 4.78 15.49 -1.47
C ILE A 9 5.93 14.62 -2.01
N ALA A 10 6.94 14.35 -1.17
CA ALA A 10 8.10 13.55 -1.57
C ALA A 10 7.87 12.05 -1.37
N GLU A 11 7.33 11.69 -0.21
CA GLU A 11 7.04 10.29 0.13
C GLU A 11 5.81 9.75 -0.63
N PHE A 12 5.06 10.63 -1.29
CA PHE A 12 3.93 10.22 -2.10
C PHE A 12 4.47 9.59 -3.37
N LYS A 13 5.58 10.18 -3.85
CA LYS A 13 6.31 9.67 -5.01
C LYS A 13 7.18 8.49 -4.59
N GLU A 14 7.03 8.16 -3.32
CA GLU A 14 7.69 7.04 -2.70
C GLU A 14 6.70 5.88 -2.67
N ALA A 15 5.41 6.27 -2.50
CA ALA A 15 4.30 5.33 -2.49
C ALA A 15 3.94 4.90 -3.91
N PHE A 16 3.97 5.87 -4.85
CA PHE A 16 3.69 5.59 -6.26
C PHE A 16 4.84 4.77 -6.86
N SER A 17 6.03 4.99 -6.32
CA SER A 17 7.24 4.29 -6.72
C SER A 17 7.20 2.82 -6.26
N LEU A 18 6.27 2.52 -5.34
CA LEU A 18 6.09 1.17 -4.81
C LEU A 18 5.43 0.26 -5.87
N PHE A 19 4.41 0.80 -6.54
CA PHE A 19 3.69 0.07 -7.60
C PHE A 19 4.33 0.31 -8.97
N ASP A 20 4.75 1.56 -9.23
CA ASP A 20 5.39 1.94 -10.51
C ASP A 20 6.80 1.32 -10.61
N LYS A 21 6.81 0.09 -11.12
CA LYS A 21 8.02 -0.71 -11.30
C LYS A 21 8.89 -0.20 -12.46
N ASP A 22 8.29 0.63 -13.33
CA ASP A 22 8.99 1.19 -14.50
C ASP A 22 9.64 2.55 -14.20
N GLY A 23 9.03 3.31 -13.27
CA GLY A 23 9.56 4.63 -12.91
C GLY A 23 9.24 5.71 -13.93
N ASP A 24 8.58 5.32 -15.04
CA ASP A 24 8.18 6.25 -16.09
C ASP A 24 6.76 6.76 -15.85
N GLY A 25 6.14 6.24 -14.79
CA GLY A 25 4.79 6.62 -14.41
C GLY A 25 3.73 5.65 -14.90
N THR A 26 4.10 4.35 -14.93
CA THR A 26 3.20 3.29 -15.36
C THR A 26 3.47 2.03 -14.62
N ILE A 27 2.37 1.44 -14.21
CA ILE A 27 2.39 0.21 -13.46
C ILE A 27 2.15 -1.01 -14.35
N THR A 28 3.06 -1.99 -14.24
CA THR A 28 2.99 -3.22 -15.02
C THR A 28 1.78 -4.04 -14.66
N THR A 29 1.10 -4.44 -15.72
CA THR A 29 -0.11 -5.22 -15.66
C THR A 29 0.15 -6.68 -15.23
N LYS A 30 1.36 -6.96 -14.73
CA LYS A 30 1.73 -8.27 -14.23
C LYS A 30 1.14 -8.50 -12.83
N GLU A 31 1.71 -7.81 -11.83
CA GLU A 31 1.28 -7.89 -10.43
C GLU A 31 0.01 -7.09 -10.12
N LEU A 32 -0.67 -6.55 -11.15
CA LEU A 32 -1.89 -5.73 -10.94
C LEU A 32 -2.90 -6.37 -9.98
N GLY A 33 -2.81 -7.70 -9.79
CA GLY A 33 -3.68 -8.39 -8.85
C GLY A 33 -3.29 -8.15 -7.41
N THR A 34 -2.59 -7.04 -7.22
CA THR A 34 -2.08 -6.60 -5.92
C THR A 34 -3.17 -6.00 -5.00
N VAL A 35 -4.36 -5.74 -5.57
CA VAL A 35 -5.48 -5.18 -4.79
C VAL A 35 -5.97 -6.17 -3.72
N MET A 36 -6.46 -7.33 -4.18
CA MET A 36 -6.94 -8.41 -3.32
C MET A 36 -5.81 -9.13 -2.60
N ARG A 37 -4.67 -9.23 -3.27
CA ARG A 37 -3.52 -9.99 -2.77
C ARG A 37 -2.85 -9.47 -1.49
N SER A 38 -3.33 -8.36 -0.93
CA SER A 38 -2.80 -7.85 0.33
C SER A 38 -3.64 -8.38 1.48
N LEU A 39 -4.89 -8.74 1.14
CA LEU A 39 -5.84 -9.32 2.07
C LEU A 39 -5.56 -10.81 2.19
N GLY A 40 -4.35 -11.20 1.74
CA GLY A 40 -3.98 -12.62 1.71
C GLY A 40 -4.93 -13.36 0.79
N GLN A 41 -5.17 -12.72 -0.36
CA GLN A 41 -6.12 -13.18 -1.35
C GLN A 41 -5.47 -13.68 -2.63
N ASN A 42 -6.29 -13.58 -3.68
CA ASN A 42 -5.98 -14.03 -5.00
C ASN A 42 -5.97 -12.88 -6.03
N PRO A 43 -5.30 -13.05 -7.21
CA PRO A 43 -5.26 -12.01 -8.26
C PRO A 43 -6.55 -11.95 -9.10
N THR A 44 -7.22 -10.78 -9.07
CA THR A 44 -8.44 -10.55 -9.82
C THR A 44 -8.16 -10.18 -11.27
N GLU A 45 -8.01 -11.23 -12.06
CA GLU A 45 -7.69 -11.13 -13.50
C GLU A 45 -8.74 -10.32 -14.23
N ALA A 46 -10.00 -10.58 -13.85
CA ALA A 46 -11.15 -9.92 -14.41
C ALA A 46 -11.31 -8.47 -13.94
N GLU A 47 -10.88 -8.18 -12.69
CA GLU A 47 -11.04 -6.85 -12.09
C GLU A 47 -10.03 -5.79 -12.55
N LEU A 48 -8.70 -6.04 -12.48
CA LEU A 48 -7.73 -5.02 -12.89
C LEU A 48 -7.87 -4.66 -14.36
N GLN A 49 -8.38 -5.58 -15.17
CA GLN A 49 -8.62 -5.30 -16.58
C GLN A 49 -9.73 -4.28 -16.63
N ASP A 50 -10.64 -4.38 -15.67
CA ASP A 50 -11.70 -3.41 -15.52
C ASP A 50 -11.16 -2.12 -14.86
N MET A 51 -9.88 -2.17 -14.41
CA MET A 51 -9.25 -1.04 -13.74
C MET A 51 -8.19 -0.36 -14.61
N ILE A 52 -7.23 -1.11 -15.17
CA ILE A 52 -6.17 -0.49 -15.97
C ILE A 52 -6.77 -0.09 -17.31
N ASN A 53 -7.79 -0.84 -17.68
CA ASN A 53 -8.55 -0.66 -18.89
C ASN A 53 -9.45 0.58 -18.86
N GLU A 54 -10.05 0.84 -17.69
CA GLU A 54 -10.98 1.97 -17.50
C GLU A 54 -10.30 3.29 -17.19
N VAL A 55 -9.21 3.26 -16.43
CA VAL A 55 -8.52 4.50 -16.04
C VAL A 55 -7.38 4.92 -17.00
N ASP A 56 -7.05 4.07 -18.00
CA ASP A 56 -5.99 4.38 -18.99
C ASP A 56 -6.52 5.42 -20.01
N ALA A 57 -6.77 6.65 -19.52
CA ALA A 57 -7.30 7.75 -20.33
C ALA A 57 -6.26 8.24 -21.34
N ASP A 58 -5.00 8.12 -20.93
CA ASP A 58 -3.90 8.48 -21.78
C ASP A 58 -3.33 7.20 -22.40
N GLY A 59 -4.12 6.15 -22.20
CA GLY A 59 -3.84 4.78 -22.64
C GLY A 59 -2.38 4.39 -22.66
N ASN A 60 -1.87 3.99 -21.50
CA ASN A 60 -0.48 3.59 -21.35
C ASN A 60 -0.31 2.08 -21.43
N GLY A 61 -1.41 1.36 -21.70
CA GLY A 61 -1.40 -0.10 -21.69
C GLY A 61 -1.47 -0.55 -20.25
N THR A 62 -0.77 0.25 -19.46
CA THR A 62 -0.71 0.12 -18.05
C THR A 62 -1.50 1.32 -17.50
N ILE A 63 -0.94 2.09 -16.56
CA ILE A 63 -1.66 3.27 -16.05
C ILE A 63 -0.74 4.49 -15.98
N ASP A 64 -1.32 5.68 -15.88
CA ASP A 64 -0.54 6.92 -15.79
C ASP A 64 -0.57 7.47 -14.35
N PHE A 65 0.04 8.65 -14.14
CA PHE A 65 0.13 9.29 -12.82
C PHE A 65 -1.23 9.82 -12.27
N PRO A 66 -1.94 10.79 -12.97
CA PRO A 66 -3.21 11.35 -12.47
C PRO A 66 -4.41 10.40 -12.60
N GLU A 67 -4.44 9.61 -13.68
CA GLU A 67 -5.54 8.67 -13.98
C GLU A 67 -5.74 7.59 -12.91
N PHE A 68 -4.70 7.30 -12.12
CA PHE A 68 -4.77 6.27 -11.06
C PHE A 68 -5.59 6.73 -9.85
N LEU A 69 -5.49 8.03 -9.52
CA LEU A 69 -6.19 8.61 -8.36
C LEU A 69 -7.71 8.76 -8.56
N THR A 70 -8.19 8.64 -9.81
CA THR A 70 -9.62 8.75 -10.11
C THR A 70 -10.39 7.51 -9.72
N MET A 71 -9.76 6.35 -9.86
CA MET A 71 -10.36 5.09 -9.45
C MET A 71 -10.57 5.11 -7.94
N MET A 72 -9.61 5.75 -7.25
CA MET A 72 -9.64 5.95 -5.81
C MET A 72 -10.63 7.10 -5.49
N ALA A 73 -10.87 7.95 -6.51
CA ALA A 73 -11.77 9.10 -6.38
C ALA A 73 -13.23 8.69 -6.19
N ARG A 74 -13.70 7.76 -7.04
CA ARG A 74 -15.08 7.26 -6.97
C ARG A 74 -15.32 6.50 -5.66
N LYS A 75 -14.23 5.96 -5.10
CA LYS A 75 -14.27 5.21 -3.83
C LYS A 75 -14.28 6.15 -2.62
N MET A 76 -13.39 7.16 -2.61
CA MET A 76 -13.31 8.11 -1.49
C MET A 76 -14.40 9.20 -1.54
N LYS A 77 -15.58 8.82 -2.04
CA LYS A 77 -16.71 9.73 -2.17
C LYS A 77 -17.56 9.77 -0.89
N ASP A 78 -17.20 10.70 0.02
CA ASP A 78 -17.91 10.91 1.31
C ASP A 78 -17.85 9.66 2.22
N THR A 79 -16.88 8.77 1.96
CA THR A 79 -16.71 7.53 2.74
C THR A 79 -16.00 7.78 4.07
N ASP A 80 -16.20 6.85 5.02
CA ASP A 80 -15.60 6.94 6.35
C ASP A 80 -14.11 6.57 6.32
N SER A 81 -13.38 6.99 7.38
CA SER A 81 -11.94 6.72 7.49
C SER A 81 -11.67 5.31 8.01
N GLU A 82 -12.40 4.89 9.07
CA GLU A 82 -12.27 3.58 9.70
C GLU A 82 -12.39 2.43 8.70
N GLU A 83 -13.22 2.62 7.66
CA GLU A 83 -13.39 1.60 6.62
C GLU A 83 -12.09 1.48 5.82
N GLU A 84 -11.43 2.63 5.64
CA GLU A 84 -10.13 2.71 4.97
C GLU A 84 -9.02 2.25 5.91
N ILE A 85 -9.29 2.35 7.24
CA ILE A 85 -8.35 1.94 8.28
C ILE A 85 -8.31 0.42 8.37
N ARG A 86 -9.50 -0.21 8.34
CA ARG A 86 -9.58 -1.69 8.38
C ARG A 86 -9.05 -2.29 7.07
N GLU A 87 -9.10 -1.47 5.99
CA GLU A 87 -8.58 -1.86 4.67
C GLU A 87 -7.06 -1.88 4.65
N ALA A 88 -6.48 -1.74 5.84
CA ALA A 88 -5.06 -1.82 5.98
C ALA A 88 -4.65 -2.59 7.22
N PHE A 89 -5.58 -2.76 8.17
CA PHE A 89 -5.30 -3.47 9.41
C PHE A 89 -5.24 -5.01 9.25
N ARG A 90 -6.39 -5.67 9.01
CA ARG A 90 -6.44 -7.15 8.87
C ARG A 90 -5.80 -7.53 7.56
N VAL A 91 -5.70 -6.52 6.71
CA VAL A 91 -5.11 -6.58 5.39
C VAL A 91 -3.58 -6.58 5.53
N PHE A 92 -3.12 -5.87 6.55
CA PHE A 92 -1.70 -5.74 6.89
C PHE A 92 -1.24 -6.89 7.81
N ASP A 93 -1.79 -6.95 9.05
CA ASP A 93 -1.48 -7.99 10.02
C ASP A 93 -2.17 -9.33 9.64
N LYS A 94 -1.36 -10.32 9.24
CA LYS A 94 -1.87 -11.64 8.84
C LYS A 94 -2.52 -12.42 9.99
N ASP A 95 -1.93 -12.32 11.20
CA ASP A 95 -2.44 -13.03 12.37
C ASP A 95 -3.42 -12.17 13.18
N GLY A 96 -2.96 -10.98 13.59
CA GLY A 96 -3.79 -10.06 14.36
C GLY A 96 -3.84 -10.37 15.85
N ASN A 97 -2.71 -10.17 16.52
CA ASN A 97 -2.58 -10.42 17.95
C ASN A 97 -2.13 -9.16 18.69
N GLY A 98 -2.62 -8.00 18.21
CA GLY A 98 -2.26 -6.72 18.82
C GLY A 98 -0.94 -6.18 18.28
N TYR A 99 -0.22 -7.05 17.56
CA TYR A 99 1.08 -6.74 16.97
C TYR A 99 1.20 -7.37 15.58
N ILE A 100 1.91 -6.70 14.69
CA ILE A 100 2.16 -7.17 13.33
C ILE A 100 3.49 -7.87 13.34
N SER A 101 3.50 -8.99 12.68
CA SER A 101 4.65 -9.86 12.62
C SER A 101 5.75 -9.29 11.76
N ALA A 102 6.98 -9.72 12.06
CA ALA A 102 8.14 -9.20 11.37
C ALA A 102 8.21 -9.68 9.92
N ALA A 103 8.08 -10.98 9.76
CA ALA A 103 8.08 -11.62 8.44
C ALA A 103 6.75 -11.43 7.72
N GLU A 104 5.93 -10.49 8.21
CA GLU A 104 4.62 -10.26 7.63
C GLU A 104 4.64 -9.46 6.35
N LEU A 105 5.31 -8.30 6.29
CA LEU A 105 5.33 -7.58 5.04
C LEU A 105 6.03 -8.37 3.95
N ARG A 106 7.02 -9.21 4.29
CA ARG A 106 7.63 -10.05 3.24
C ARG A 106 6.57 -11.00 2.73
N HIS A 107 5.65 -11.39 3.64
CA HIS A 107 4.53 -12.26 3.28
C HIS A 107 3.43 -11.49 2.50
N VAL A 108 2.95 -10.39 3.10
CA VAL A 108 1.88 -9.55 2.53
C VAL A 108 2.39 -8.65 1.37
N MET A 109 3.44 -7.85 1.65
CA MET A 109 4.02 -6.93 0.65
C MET A 109 4.53 -7.67 -0.59
N THR A 110 4.96 -8.93 -0.41
CA THR A 110 5.45 -9.76 -1.51
C THR A 110 4.26 -10.14 -2.40
N ASN A 111 3.13 -10.32 -1.71
CA ASN A 111 1.86 -10.64 -2.34
C ASN A 111 1.32 -9.39 -3.05
N LEU A 112 1.84 -8.21 -2.62
CA LEU A 112 1.47 -6.93 -3.21
C LEU A 112 2.28 -6.67 -4.48
N GLY A 113 3.19 -7.61 -4.81
CA GLY A 113 3.96 -7.54 -6.05
C GLY A 113 5.37 -6.98 -5.91
N GLU A 114 5.88 -6.92 -4.69
CA GLU A 114 7.25 -6.45 -4.46
C GLU A 114 7.98 -7.49 -3.60
N LYS A 115 8.63 -8.43 -4.29
CA LYS A 115 9.37 -9.53 -3.64
C LYS A 115 10.59 -9.04 -2.87
N LEU A 116 10.42 -8.92 -1.54
CA LEU A 116 11.49 -8.48 -0.65
C LEU A 116 11.52 -9.31 0.62
N THR A 117 12.73 -9.52 1.13
CA THR A 117 12.93 -10.25 2.38
C THR A 117 12.77 -9.28 3.57
N ASP A 118 12.94 -9.79 4.80
CA ASP A 118 12.76 -9.02 6.05
C ASP A 118 13.49 -7.67 6.08
N GLU A 119 14.60 -7.56 5.37
CA GLU A 119 15.42 -6.33 5.33
C GLU A 119 14.63 -5.05 5.02
N GLU A 120 13.84 -5.11 3.94
CA GLU A 120 13.02 -3.97 3.52
C GLU A 120 11.85 -3.78 4.47
N VAL A 121 11.34 -4.90 5.00
CA VAL A 121 10.25 -4.87 5.97
C VAL A 121 10.78 -4.43 7.33
N ASP A 122 12.07 -4.74 7.59
CA ASP A 122 12.74 -4.37 8.83
C ASP A 122 12.81 -2.86 8.95
N GLU A 123 12.96 -2.19 7.81
CA GLU A 123 12.94 -0.72 7.76
C GLU A 123 11.50 -0.30 7.99
N MET A 124 10.58 -1.20 7.58
CA MET A 124 9.16 -1.02 7.77
C MET A 124 8.77 -1.25 9.23
N ILE A 125 9.31 -2.30 9.86
CA ILE A 125 8.98 -2.64 11.25
C ILE A 125 9.76 -1.81 12.28
N ARG A 126 10.97 -1.38 11.90
CA ARG A 126 11.81 -0.55 12.79
C ARG A 126 11.25 0.87 12.92
N GLU A 127 10.57 1.33 11.86
CA GLU A 127 9.97 2.67 11.84
C GLU A 127 8.65 2.72 12.61
N ALA A 128 8.06 1.54 12.85
CA ALA A 128 6.81 1.43 13.59
C ALA A 128 7.06 1.05 15.04
N ASP A 129 8.24 0.50 15.31
CA ASP A 129 8.60 0.09 16.63
C ASP A 129 9.69 0.99 17.23
N ILE A 130 9.27 1.84 18.18
CA ILE A 130 10.19 2.76 18.87
C ILE A 130 11.03 2.02 19.92
N ASP A 131 10.52 0.87 20.35
CA ASP A 131 11.18 0.03 21.35
C ASP A 131 12.02 -1.08 20.69
N GLY A 132 12.01 -1.12 19.34
CA GLY A 132 12.78 -2.11 18.57
C GLY A 132 12.42 -3.55 18.90
N ASP A 133 11.12 -3.87 18.89
CA ASP A 133 10.64 -5.22 19.19
C ASP A 133 10.51 -6.08 17.92
N GLY A 134 10.68 -5.45 16.75
CA GLY A 134 10.60 -6.17 15.47
C GLY A 134 9.19 -6.55 15.04
N GLN A 135 8.16 -5.96 15.66
CA GLN A 135 6.76 -6.26 15.32
C GLN A 135 5.90 -5.01 15.41
N VAL A 136 4.72 -4.95 14.74
CA VAL A 136 3.97 -3.70 14.79
C VAL A 136 2.57 -3.80 15.43
N ASN A 137 2.41 -3.12 16.57
CA ASN A 137 1.13 -3.03 17.29
C ASN A 137 0.21 -2.00 16.62
N TYR A 138 -1.08 -2.06 16.98
CA TYR A 138 -2.11 -1.18 16.42
C TYR A 138 -1.86 0.32 16.67
N GLU A 139 -1.26 0.63 17.83
CA GLU A 139 -0.99 2.02 18.26
C GLU A 139 0.06 2.74 17.44
N GLU A 140 1.13 2.08 17.07
CA GLU A 140 2.18 2.79 16.35
C GLU A 140 1.90 3.00 14.85
N PHE A 141 1.51 1.93 14.13
CA PHE A 141 1.20 2.01 12.67
C PHE A 141 0.15 3.10 12.34
N VAL A 142 -0.79 3.34 13.24
CA VAL A 142 -1.84 4.35 13.03
C VAL A 142 -1.24 5.73 13.20
N GLN A 143 -0.43 5.80 14.26
CA GLN A 143 0.32 6.96 14.67
C GLN A 143 1.28 7.40 13.56
N MET A 144 1.76 6.40 12.82
CA MET A 144 2.68 6.60 11.71
C MET A 144 1.99 7.17 10.47
N MET A 145 0.66 6.96 10.34
CA MET A 145 -0.09 7.48 9.19
C MET A 145 -0.64 8.86 9.50
N THR A 146 -1.11 9.08 10.73
CA THR A 146 -1.57 10.40 11.16
C THR A 146 -0.36 11.36 11.13
N ALA A 147 0.83 10.73 11.02
CA ALA A 147 2.10 11.40 10.91
C ALA A 147 3.07 10.55 10.10
N LYS A 148 2.84 10.53 8.79
CA LYS A 148 3.69 9.82 7.83
C LYS A 148 4.85 10.70 7.35
N TPO B 1 8.59 1.78 4.12
CA TPO B 1 8.52 1.82 5.61
CB TPO B 1 9.16 3.11 6.17
CG2 TPO B 1 10.68 3.07 6.04
OG1 TPO B 1 8.64 4.26 5.49
C TPO B 1 7.06 1.74 6.09
O TPO B 1 6.15 2.05 5.33
H1 TPO B 1 9.58 1.84 3.82
H2 TPO B 1 8.07 2.58 3.72
H3 TPO B 1 8.18 0.89 3.77
HA TPO B 1 9.07 0.98 5.99
HB TPO B 1 8.91 3.19 7.22
HG21 TPO B 1 11.09 3.99 6.42
HG22 TPO B 1 10.94 2.97 4.99
HG23 TPO B 1 11.07 2.24 6.59
N PHE B 2 6.86 1.36 7.38
CA PHE B 2 5.50 1.25 7.96
C PHE B 2 4.68 2.55 7.81
N LYS B 3 5.39 3.70 7.72
CA LYS B 3 4.76 5.01 7.56
C LYS B 3 4.19 5.22 6.13
N GLU B 4 5.06 5.04 5.11
CA GLU B 4 4.68 5.20 3.69
C GLU B 4 3.88 4.00 3.14
N VAL B 5 4.29 2.79 3.56
CA VAL B 5 3.65 1.53 3.14
C VAL B 5 2.15 1.52 3.50
N ALA B 6 1.78 2.22 4.59
CA ALA B 6 0.38 2.32 5.05
C ALA B 6 -0.56 2.76 3.92
N ASN B 7 -0.13 3.77 3.17
CA ASN B 7 -0.88 4.31 2.02
C ASN B 7 -0.84 3.35 0.82
N ALA B 8 0.14 2.43 0.81
CA ALA B 8 0.33 1.45 -0.28
C ALA B 8 -0.77 0.38 -0.30
N VAL B 9 -0.99 -0.29 0.84
CA VAL B 9 -2.04 -1.32 0.95
C VAL B 9 -3.45 -0.69 0.93
N LYS B 10 -3.55 0.57 1.39
CA LYS B 10 -4.83 1.31 1.42
C LYS B 10 -5.28 1.74 0.02
N ILE B 11 -4.32 2.16 -0.81
CA ILE B 11 -4.57 2.60 -2.19
C ILE B 11 -4.88 1.41 -3.14
N SER B 12 -4.84 0.20 -2.60
CA SER B 12 -5.09 -1.02 -3.38
C SER B 12 -6.19 -1.88 -2.74
N ALA B 13 -6.52 -1.59 -1.47
CA ALA B 13 -7.55 -2.32 -0.74
C ALA B 13 -8.93 -1.67 -0.90
N SER B 14 -8.95 -0.49 -1.56
CA SER B 14 -10.20 0.25 -1.79
C SER B 14 -11.05 -0.40 -2.89
N LEU B 15 -10.46 -1.38 -3.58
CA LEU B 15 -11.14 -2.10 -4.66
C LEU B 15 -11.77 -3.40 -4.14
N MET B 16 -11.29 -3.88 -2.98
CA MET B 16 -11.80 -5.10 -2.35
C MET B 16 -12.88 -4.77 -1.31
N ALA A 1 12.88 9.97 11.26
CA ALA A 1 12.30 11.11 10.50
C ALA A 1 12.98 12.42 10.90
N ASP A 2 13.28 13.25 9.89
CA ASP A 2 13.93 14.55 10.11
C ASP A 2 12.92 15.68 10.08
N GLN A 3 11.98 15.62 9.12
CA GLN A 3 10.95 16.63 8.96
C GLN A 3 9.59 15.99 8.72
N LEU A 4 8.54 16.68 9.17
CA LEU A 4 7.15 16.20 9.02
C LEU A 4 6.47 16.83 7.78
N THR A 5 7.27 17.47 6.93
CA THR A 5 6.76 18.13 5.71
C THR A 5 6.76 17.17 4.52
N GLU A 6 7.62 16.17 4.62
CA GLU A 6 7.79 15.15 3.60
C GLU A 6 6.62 14.17 3.52
N GLU A 7 5.94 13.95 4.66
CA GLU A 7 4.79 13.05 4.74
C GLU A 7 3.54 13.63 4.07
N GLN A 8 3.61 14.92 3.70
CA GLN A 8 2.50 15.63 3.07
C GLN A 8 2.37 15.31 1.58
N ILE A 9 3.47 15.44 0.84
CA ILE A 9 3.43 15.18 -0.60
C ILE A 9 4.71 14.52 -1.14
N ALA A 10 5.74 14.38 -0.28
CA ALA A 10 7.01 13.76 -0.69
C ALA A 10 6.97 12.24 -0.60
N GLU A 11 6.28 11.73 0.41
CA GLU A 11 6.13 10.29 0.63
C GLU A 11 5.13 9.66 -0.35
N PHE A 12 4.38 10.51 -1.07
CA PHE A 12 3.46 10.02 -2.10
C PHE A 12 4.28 9.57 -3.30
N LYS A 13 5.37 10.34 -3.55
CA LYS A 13 6.32 10.03 -4.60
C LYS A 13 7.27 8.93 -4.12
N GLU A 14 6.97 8.48 -2.92
CA GLU A 14 7.66 7.40 -2.25
C GLU A 14 6.84 6.13 -2.45
N ALA A 15 5.51 6.33 -2.40
CA ALA A 15 4.53 5.28 -2.60
C ALA A 15 4.36 4.95 -4.09
N PHE A 16 4.35 5.99 -4.94
CA PHE A 16 4.21 5.80 -6.39
C PHE A 16 5.40 5.02 -6.95
N SER A 17 6.55 5.22 -6.31
CA SER A 17 7.79 4.54 -6.67
C SER A 17 7.72 3.05 -6.29
N LEU A 18 6.80 2.73 -5.36
CA LEU A 18 6.62 1.36 -4.87
C LEU A 18 5.86 0.51 -5.90
N PHE A 19 4.85 1.10 -6.55
CA PHE A 19 4.04 0.41 -7.56
C PHE A 19 4.64 0.57 -8.96
N ASP A 20 5.04 1.81 -9.30
CA ASP A 20 5.62 2.13 -10.63
C ASP A 20 7.03 1.58 -10.77
N LYS A 21 7.07 0.34 -11.23
CA LYS A 21 8.31 -0.42 -11.46
C LYS A 21 9.09 0.08 -12.67
N ASP A 22 8.44 0.91 -13.50
CA ASP A 22 9.06 1.46 -14.71
C ASP A 22 9.69 2.84 -14.46
N GLY A 23 9.04 3.65 -13.60
CA GLY A 23 9.55 4.98 -13.28
C GLY A 23 9.26 6.02 -14.37
N ASP A 24 8.72 5.56 -15.51
CA ASP A 24 8.36 6.44 -16.62
C ASP A 24 6.90 6.90 -16.49
N GLY A 25 6.27 6.49 -15.38
CA GLY A 25 4.89 6.85 -15.09
C GLY A 25 3.90 5.78 -15.48
N THR A 26 4.30 4.52 -15.34
CA THR A 26 3.45 3.36 -15.66
C THR A 26 3.71 2.23 -14.73
N ILE A 27 2.61 1.62 -14.35
CA ILE A 27 2.62 0.50 -13.44
C ILE A 27 2.29 -0.82 -14.14
N THR A 28 3.07 -1.86 -13.82
CA THR A 28 2.89 -3.19 -14.40
C THR A 28 1.60 -3.85 -13.90
N THR A 29 0.71 -4.18 -14.83
CA THR A 29 -0.61 -4.80 -14.55
C THR A 29 -0.49 -6.23 -13.96
N LYS A 30 0.71 -6.58 -13.51
CA LYS A 30 0.95 -7.87 -12.91
C LYS A 30 0.37 -7.97 -11.48
N GLU A 31 1.10 -7.40 -10.50
CA GLU A 31 0.70 -7.46 -9.09
C GLU A 31 -0.38 -6.51 -8.63
N LEU A 32 -1.02 -5.72 -9.49
CA LEU A 32 -2.04 -4.80 -8.97
C LEU A 32 -3.23 -5.52 -8.35
N GLY A 33 -3.25 -6.87 -8.46
CA GLY A 33 -4.27 -7.66 -7.82
C GLY A 33 -4.00 -7.80 -6.33
N THR A 34 -3.13 -6.91 -5.88
CA THR A 34 -2.68 -6.83 -4.49
C THR A 34 -3.72 -6.21 -3.54
N VAL A 35 -4.83 -5.71 -4.10
CA VAL A 35 -5.90 -5.09 -3.32
C VAL A 35 -6.45 -6.06 -2.26
N MET A 36 -6.95 -7.20 -2.73
CA MET A 36 -7.48 -8.26 -1.85
C MET A 36 -6.38 -9.00 -1.10
N ARG A 37 -5.31 -9.32 -1.82
CA ARG A 37 -4.19 -10.09 -1.28
C ARG A 37 -3.25 -9.30 -0.33
N SER A 38 -3.87 -8.67 0.66
CA SER A 38 -3.19 -7.94 1.74
C SER A 38 -4.04 -8.14 2.99
N LEU A 39 -5.33 -8.36 2.72
CA LEU A 39 -6.35 -8.63 3.73
C LEU A 39 -6.32 -10.13 4.09
N GLY A 40 -5.23 -10.80 3.67
CA GLY A 40 -5.12 -12.23 3.86
C GLY A 40 -6.17 -12.92 3.02
N GLN A 41 -6.28 -12.41 1.79
CA GLN A 41 -7.27 -12.84 0.83
C GLN A 41 -6.68 -13.58 -0.36
N ASN A 42 -7.45 -13.49 -1.43
CA ASN A 42 -7.18 -14.13 -2.69
C ASN A 42 -6.61 -13.14 -3.73
N PRO A 43 -5.71 -13.59 -4.66
CA PRO A 43 -5.14 -12.71 -5.69
C PRO A 43 -6.09 -12.44 -6.87
N THR A 44 -6.67 -11.23 -6.88
CA THR A 44 -7.59 -10.80 -7.95
C THR A 44 -6.82 -10.39 -9.19
N GLU A 45 -6.58 -11.40 -10.02
CA GLU A 45 -5.85 -11.26 -11.29
C GLU A 45 -6.70 -10.51 -12.32
N ALA A 46 -7.96 -10.92 -12.41
CA ALA A 46 -8.91 -10.35 -13.34
C ALA A 46 -9.37 -8.93 -12.98
N GLU A 47 -9.03 -8.48 -11.77
CA GLU A 47 -9.43 -7.14 -11.28
C GLU A 47 -8.60 -5.98 -11.87
N LEU A 48 -7.26 -6.08 -11.81
CA LEU A 48 -6.39 -5.01 -12.32
C LEU A 48 -6.54 -4.78 -13.81
N GLN A 49 -6.92 -5.82 -14.54
CA GLN A 49 -7.17 -5.68 -15.96
C GLN A 49 -8.50 -4.97 -16.11
N ASP A 50 -9.38 -5.23 -15.15
CA ASP A 50 -10.66 -4.56 -15.09
C ASP A 50 -10.51 -3.11 -14.60
N MET A 51 -9.30 -2.77 -14.09
CA MET A 51 -9.05 -1.42 -13.57
C MET A 51 -8.13 -0.63 -14.48
N ILE A 52 -7.08 -1.28 -15.02
CA ILE A 52 -6.13 -0.60 -15.89
C ILE A 52 -6.80 -0.37 -17.24
N ASN A 53 -7.59 -1.35 -17.62
CA ASN A 53 -8.35 -1.36 -18.85
C ASN A 53 -9.30 -0.15 -18.95
N GLU A 54 -9.94 0.16 -17.82
CA GLU A 54 -10.90 1.26 -17.73
C GLU A 54 -10.24 2.61 -17.47
N VAL A 55 -9.08 2.60 -16.79
CA VAL A 55 -8.39 3.86 -16.46
C VAL A 55 -7.33 4.28 -17.49
N ASP A 56 -6.89 3.35 -18.36
CA ASP A 56 -5.88 3.63 -19.42
C ASP A 56 -6.51 4.45 -20.56
N ALA A 57 -6.87 5.71 -20.23
CA ALA A 57 -7.50 6.64 -21.19
C ALA A 57 -6.50 7.13 -22.22
N ASP A 58 -5.24 7.21 -21.79
CA ASP A 58 -4.15 7.60 -22.64
C ASP A 58 -3.43 6.34 -23.12
N GLY A 59 -4.10 5.24 -22.80
CA GLY A 59 -3.68 3.87 -23.10
C GLY A 59 -2.17 3.63 -23.10
N ASN A 60 -1.63 3.36 -21.92
CA ASN A 60 -0.22 3.10 -21.74
C ASN A 60 0.07 1.60 -21.65
N GLY A 61 -0.97 0.78 -21.91
CA GLY A 61 -0.84 -0.67 -21.75
C GLY A 61 -0.97 -0.99 -20.29
N THR A 62 -0.35 -0.10 -19.53
CA THR A 62 -0.34 -0.11 -18.11
C THR A 62 -1.17 1.13 -17.70
N ILE A 63 -0.63 2.01 -16.87
CA ILE A 63 -1.38 3.23 -16.49
C ILE A 63 -0.49 4.46 -16.56
N ASP A 64 -1.10 5.65 -16.53
CA ASP A 64 -0.35 6.88 -16.54
C ASP A 64 -0.44 7.58 -15.16
N PHE A 65 0.10 8.80 -15.05
CA PHE A 65 0.11 9.56 -13.79
C PHE A 65 -1.29 10.06 -13.33
N PRO A 66 -2.06 10.85 -14.15
CA PRO A 66 -3.38 11.39 -13.75
C PRO A 66 -4.51 10.36 -13.68
N GLU A 67 -4.55 9.44 -14.66
CA GLU A 67 -5.60 8.42 -14.76
C GLU A 67 -5.52 7.31 -13.68
N PHE A 68 -4.48 7.35 -12.84
CA PHE A 68 -4.30 6.35 -11.77
C PHE A 68 -5.27 6.55 -10.60
N LEU A 69 -5.43 7.80 -10.15
CA LEU A 69 -6.32 8.13 -9.01
C LEU A 69 -7.81 8.06 -9.36
N THR A 70 -8.15 7.81 -10.63
CA THR A 70 -9.55 7.72 -11.06
C THR A 70 -10.24 6.44 -10.65
N MET A 71 -9.46 5.41 -10.39
CA MET A 71 -9.98 4.15 -9.92
C MET A 71 -10.40 4.31 -8.45
N MET A 72 -9.60 5.11 -7.75
CA MET A 72 -9.86 5.46 -6.35
C MET A 72 -10.96 6.53 -6.29
N ALA A 73 -11.21 7.18 -7.46
CA ALA A 73 -12.21 8.24 -7.60
C ALA A 73 -13.64 7.75 -7.31
N ARG A 74 -14.05 6.66 -7.99
CA ARG A 74 -15.40 6.08 -7.81
C ARG A 74 -15.63 5.63 -6.37
N LYS A 75 -14.56 5.12 -5.74
CA LYS A 75 -14.61 4.65 -4.36
C LYS A 75 -14.49 5.81 -3.34
N MET A 76 -13.90 6.95 -3.77
CA MET A 76 -13.70 8.10 -2.88
C MET A 76 -14.97 8.95 -2.67
N LYS A 77 -16.12 8.34 -2.87
CA LYS A 77 -17.41 8.97 -2.69
C LYS A 77 -17.89 8.89 -1.24
N ASP A 78 -17.71 9.99 -0.49
CA ASP A 78 -18.13 10.11 0.93
C ASP A 78 -17.41 9.07 1.83
N THR A 79 -16.09 8.97 1.65
CA THR A 79 -15.26 8.03 2.43
C THR A 79 -14.93 8.57 3.82
N ASP A 80 -14.99 7.67 4.81
CA ASP A 80 -14.68 8.01 6.20
C ASP A 80 -13.18 7.83 6.50
N SER A 81 -12.76 8.27 7.69
CA SER A 81 -11.35 8.16 8.11
C SER A 81 -11.01 6.75 8.59
N GLU A 82 -11.72 6.28 9.64
CA GLU A 82 -11.52 4.95 10.22
C GLU A 82 -11.69 3.83 9.20
N GLU A 83 -12.56 4.06 8.20
CA GLU A 83 -12.77 3.08 7.13
C GLU A 83 -11.52 3.02 6.26
N GLU A 84 -10.87 4.19 6.12
CA GLU A 84 -9.62 4.32 5.38
C GLU A 84 -8.46 3.80 6.25
N ILE A 85 -8.65 3.86 7.57
CA ILE A 85 -7.66 3.39 8.54
C ILE A 85 -7.67 1.86 8.58
N ARG A 86 -8.88 1.29 8.61
CA ARG A 86 -9.04 -0.18 8.59
C ARG A 86 -8.56 -0.75 7.26
N GLU A 87 -8.60 0.11 6.21
CA GLU A 87 -8.12 -0.23 4.87
C GLU A 87 -6.61 -0.30 4.81
N ALA A 88 -6.00 -0.26 5.99
CA ALA A 88 -4.59 -0.39 6.11
C ALA A 88 -4.23 -1.25 7.32
N PHE A 89 -5.20 -1.51 8.21
CA PHE A 89 -5.00 -2.32 9.41
C PHE A 89 -4.91 -3.83 9.13
N ARG A 90 -6.07 -4.49 8.87
CA ARG A 90 -6.12 -5.95 8.62
C ARG A 90 -5.53 -6.24 7.25
N VAL A 91 -5.45 -5.17 6.48
CA VAL A 91 -4.90 -5.14 5.14
C VAL A 91 -3.37 -5.18 5.23
N PHE A 92 -2.88 -4.64 6.35
CA PHE A 92 -1.46 -4.59 6.69
C PHE A 92 -1.02 -5.90 7.40
N ASP A 93 -1.78 -6.29 8.45
CA ASP A 93 -1.53 -7.50 9.20
C ASP A 93 -2.29 -8.70 8.57
N LYS A 94 -1.53 -9.71 8.11
CA LYS A 94 -2.12 -10.91 7.48
C LYS A 94 -2.95 -11.77 8.46
N ASP A 95 -2.43 -11.97 9.67
CA ASP A 95 -3.11 -12.79 10.69
C ASP A 95 -4.05 -11.96 11.57
N GLY A 96 -3.52 -10.84 12.10
CA GLY A 96 -4.31 -9.96 12.96
C GLY A 96 -4.36 -10.41 14.41
N ASN A 97 -3.22 -10.26 15.11
CA ASN A 97 -3.11 -10.62 16.51
C ASN A 97 -2.65 -9.43 17.35
N GLY A 98 -3.07 -8.23 16.92
CA GLY A 98 -2.69 -6.99 17.60
C GLY A 98 -1.34 -6.48 17.12
N TYR A 99 -0.49 -7.43 16.71
CA TYR A 99 0.85 -7.15 16.21
C TYR A 99 0.97 -7.67 14.78
N ILE A 100 1.78 -6.96 13.98
CA ILE A 100 2.04 -7.33 12.59
C ILE A 100 3.31 -8.10 12.54
N SER A 101 3.26 -9.18 11.80
CA SER A 101 4.34 -10.12 11.67
C SER A 101 5.47 -9.54 10.85
N ALA A 102 6.68 -10.07 11.08
CA ALA A 102 7.86 -9.54 10.42
C ALA A 102 7.89 -9.83 8.93
N ALA A 103 7.73 -11.09 8.60
CA ALA A 103 7.69 -11.55 7.21
C ALA A 103 6.34 -11.23 6.55
N GLU A 104 5.52 -10.44 7.24
CA GLU A 104 4.20 -10.10 6.75
C GLU A 104 4.20 -9.04 5.69
N LEU A 105 4.89 -7.91 5.91
CA LEU A 105 4.91 -6.90 4.88
C LEU A 105 5.62 -7.41 3.63
N ARG A 106 6.61 -8.32 3.78
CA ARG A 106 7.26 -8.88 2.59
C ARG A 106 6.25 -9.75 1.83
N HIS A 107 5.28 -10.32 2.56
CA HIS A 107 4.23 -11.12 1.94
C HIS A 107 3.23 -10.20 1.20
N VAL A 108 2.92 -9.07 1.84
CA VAL A 108 2.00 -8.05 1.27
C VAL A 108 2.71 -7.25 0.16
N MET A 109 3.91 -6.72 0.49
CA MET A 109 4.74 -5.94 -0.44
C MET A 109 5.14 -6.73 -1.69
N THR A 110 5.28 -8.06 -1.53
CA THR A 110 5.63 -8.93 -2.66
C THR A 110 4.47 -9.00 -3.65
N ASN A 111 3.28 -9.12 -3.07
CA ASN A 111 2.03 -9.14 -3.82
C ASN A 111 1.71 -7.74 -4.34
N LEU A 112 2.33 -6.74 -3.69
CA LEU A 112 2.13 -5.33 -4.03
C LEU A 112 3.14 -4.90 -5.13
N GLY A 113 3.99 -5.84 -5.59
CA GLY A 113 4.90 -5.56 -6.71
C GLY A 113 6.34 -5.24 -6.35
N GLU A 114 6.76 -5.50 -5.11
CA GLU A 114 8.15 -5.30 -4.74
C GLU A 114 8.68 -6.58 -4.07
N LYS A 115 9.26 -7.46 -4.90
CA LYS A 115 9.80 -8.75 -4.44
C LYS A 115 10.97 -8.57 -3.48
N LEU A 116 10.64 -8.58 -2.18
CA LEU A 116 11.65 -8.43 -1.12
C LEU A 116 11.37 -9.33 0.07
N THR A 117 12.46 -9.72 0.74
CA THR A 117 12.39 -10.54 1.94
C THR A 117 12.28 -9.63 3.18
N ASP A 118 12.26 -10.22 4.38
CA ASP A 118 12.12 -9.51 5.65
C ASP A 118 13.09 -8.33 5.83
N GLU A 119 14.26 -8.39 5.19
CA GLU A 119 15.29 -7.32 5.28
C GLU A 119 14.78 -5.91 4.97
N GLU A 120 14.10 -5.76 3.83
CA GLU A 120 13.56 -4.46 3.40
C GLU A 120 12.36 -4.10 4.24
N VAL A 121 11.62 -5.12 4.68
CA VAL A 121 10.46 -4.94 5.55
C VAL A 121 10.93 -4.62 6.96
N ASP A 122 12.13 -5.12 7.30
CA ASP A 122 12.74 -4.87 8.60
C ASP A 122 12.91 -3.39 8.84
N GLU A 123 13.16 -2.63 7.76
CA GLU A 123 13.23 -1.18 7.85
C GLU A 123 11.79 -0.66 8.01
N MET A 124 10.86 -1.45 7.43
CA MET A 124 9.43 -1.19 7.50
C MET A 124 8.86 -1.54 8.88
N ILE A 125 9.46 -2.55 9.56
CA ILE A 125 8.98 -2.98 10.89
C ILE A 125 9.78 -2.38 12.05
N ARG A 126 11.06 -2.08 11.81
CA ARG A 126 11.94 -1.47 12.83
C ARG A 126 11.51 -0.02 13.13
N GLU A 127 10.93 0.63 12.13
CA GLU A 127 10.44 2.00 12.26
C GLU A 127 9.15 2.06 13.07
N ALA A 128 8.47 0.91 13.18
CA ALA A 128 7.24 0.79 13.94
C ALA A 128 7.47 0.25 15.34
N ASP A 129 8.62 -0.41 15.53
CA ASP A 129 8.97 -0.98 16.79
C ASP A 129 10.12 -0.23 17.46
N ILE A 130 9.78 0.51 18.53
CA ILE A 130 10.76 1.29 19.30
C ILE A 130 11.59 0.37 20.21
N ASP A 131 11.01 -0.80 20.51
CA ASP A 131 11.65 -1.81 21.36
C ASP A 131 12.37 -2.88 20.52
N GLY A 132 12.32 -2.73 19.18
CA GLY A 132 12.97 -3.68 18.26
C GLY A 132 12.49 -5.12 18.42
N ASP A 133 11.18 -5.32 18.43
CA ASP A 133 10.59 -6.66 18.58
C ASP A 133 10.37 -7.35 17.22
N GLY A 134 10.57 -6.61 16.12
CA GLY A 134 10.42 -7.18 14.78
C GLY A 134 8.98 -7.38 14.34
N GLN A 135 8.01 -6.77 15.03
CA GLN A 135 6.58 -6.92 14.69
C GLN A 135 5.82 -5.62 14.93
N VAL A 136 4.63 -5.43 14.30
CA VAL A 136 3.95 -4.15 14.49
C VAL A 136 2.57 -4.24 15.17
N ASN A 137 2.52 -3.70 16.40
CA ASN A 137 1.29 -3.61 17.21
C ASN A 137 0.40 -2.46 16.70
N TYR A 138 -0.75 -2.28 17.36
CA TYR A 138 -1.72 -1.25 16.99
C TYR A 138 -1.24 0.19 17.30
N GLU A 139 -0.45 0.33 18.37
CA GLU A 139 0.06 1.62 18.85
C GLU A 139 0.86 2.45 17.86
N GLU A 140 1.93 1.90 17.29
CA GLU A 140 2.76 2.70 16.42
C GLU A 140 2.25 2.90 14.98
N PHE A 141 1.84 1.82 14.30
CA PHE A 141 1.37 1.88 12.90
C PHE A 141 0.15 2.80 12.67
N VAL A 142 -0.65 3.07 13.71
CA VAL A 142 -1.86 3.90 13.57
C VAL A 142 -1.47 5.35 13.38
N GLN A 143 -0.46 5.70 14.14
CA GLN A 143 0.16 7.00 14.19
C GLN A 143 0.64 7.43 12.78
N MET A 144 1.11 6.44 12.05
CA MET A 144 1.60 6.60 10.69
C MET A 144 0.49 6.78 9.66
N MET A 145 -0.72 6.31 9.97
CA MET A 145 -1.86 6.47 9.04
C MET A 145 -2.55 7.80 9.26
N THR A 146 -2.58 8.26 10.52
CA THR A 146 -3.12 9.57 10.84
C THR A 146 -2.16 10.65 10.27
N ALA A 147 -0.96 10.16 9.88
CA ALA A 147 0.07 10.94 9.24
C ALA A 147 0.91 10.05 8.32
N LYS A 148 0.30 9.71 7.19
CA LYS A 148 0.96 8.91 6.14
C LYS A 148 1.67 9.81 5.12
N TPO B 1 9.22 1.94 4.71
CA TPO B 1 9.03 2.19 6.18
CB TPO B 1 9.53 3.60 6.57
CG2 TPO B 1 11.04 3.71 6.45
OG1 TPO B 1 8.90 4.60 5.74
C TPO B 1 7.56 2.04 6.57
O TPO B 1 6.67 2.11 5.72
H1 TPO B 1 10.22 1.98 4.47
H2 TPO B 1 8.72 2.67 4.17
H3 TPO B 1 8.84 1.00 4.46
HA TPO B 1 9.62 1.47 6.72
HB TPO B 1 9.25 3.79 7.60
HG21 TPO B 1 11.49 2.80 6.82
HG22 TPO B 1 11.38 4.56 7.03
HG23 TPO B 1 11.31 3.85 5.42
N PHE B 2 7.30 1.86 7.89
CA PHE B 2 5.92 1.72 8.42
C PHE B 2 5.05 2.94 8.00
N LYS B 3 5.73 4.10 7.78
CA LYS B 3 5.07 5.37 7.37
C LYS B 3 4.61 5.36 5.89
N GLU B 4 5.54 5.07 4.97
CA GLU B 4 5.25 5.09 3.51
C GLU B 4 4.47 3.84 3.06
N VAL B 5 4.79 2.69 3.67
CA VAL B 5 4.14 1.42 3.35
C VAL B 5 2.63 1.47 3.66
N ALA B 6 2.25 2.30 4.65
CA ALA B 6 0.84 2.47 5.05
C ALA B 6 0.03 3.21 3.98
N ASN B 7 0.68 4.15 3.28
CA ASN B 7 0.04 4.96 2.23
C ASN B 7 -0.23 4.14 0.95
N ALA B 8 0.62 3.13 0.71
CA ALA B 8 0.49 2.26 -0.48
C ALA B 8 -0.63 1.23 -0.34
N VAL B 9 -0.73 0.61 0.85
CA VAL B 9 -1.75 -0.40 1.13
C VAL B 9 -3.18 0.19 1.25
N LYS B 10 -3.29 1.47 1.68
CA LYS B 10 -4.59 2.14 1.84
C LYS B 10 -5.25 2.51 0.50
N ILE B 11 -4.43 2.87 -0.51
CA ILE B 11 -4.93 3.23 -1.84
C ILE B 11 -5.43 1.98 -2.61
N SER B 12 -4.72 0.87 -2.44
CA SER B 12 -5.08 -0.41 -3.07
C SER B 12 -5.93 -1.24 -2.09
N ALA B 13 -6.81 -0.52 -1.37
CA ALA B 13 -7.70 -1.14 -0.38
C ALA B 13 -9.14 -0.67 -0.58
N SER B 14 -9.31 0.38 -1.40
CA SER B 14 -10.64 0.95 -1.70
C SER B 14 -11.40 0.07 -2.71
N LEU B 15 -10.73 -0.98 -3.20
CA LEU B 15 -11.31 -1.91 -4.16
C LEU B 15 -11.97 -3.11 -3.47
N MET B 16 -11.68 -3.30 -2.17
CA MET B 16 -12.24 -4.40 -1.39
C MET B 16 -13.60 -4.02 -0.78
N ALA A 1 18.09 14.56 6.26
CA ALA A 1 17.15 15.18 7.24
C ALA A 1 15.72 14.78 6.96
N ASP A 2 15.01 14.36 8.00
CA ASP A 2 13.60 13.94 7.89
C ASP A 2 12.66 15.06 8.35
N GLN A 3 11.49 15.11 7.73
CA GLN A 3 10.48 16.12 8.06
C GLN A 3 9.08 15.50 8.10
N LEU A 4 8.21 16.08 8.93
CA LEU A 4 6.83 15.60 9.08
C LEU A 4 5.86 16.31 8.13
N THR A 5 6.39 17.27 7.35
CA THR A 5 5.57 18.04 6.40
C THR A 5 5.58 17.39 5.02
N GLU A 6 6.63 16.65 4.75
CA GLU A 6 6.83 15.95 3.50
C GLU A 6 5.91 14.73 3.33
N GLU A 7 5.63 14.04 4.45
CA GLU A 7 4.76 12.84 4.46
C GLU A 7 3.28 13.20 4.27
N GLN A 8 2.98 14.50 4.31
CA GLN A 8 1.61 15.01 4.18
C GLN A 8 1.11 15.03 2.74
N ILE A 9 1.91 15.56 1.82
CA ILE A 9 1.49 15.65 0.42
C ILE A 9 2.64 15.45 -0.58
N ALA A 10 3.88 15.72 -0.14
CA ALA A 10 5.06 15.60 -1.00
C ALA A 10 5.47 14.14 -1.25
N GLU A 11 5.33 13.32 -0.20
CA GLU A 11 5.66 11.89 -0.26
C GLU A 11 4.63 11.06 -1.02
N PHE A 12 3.58 11.72 -1.54
CA PHE A 12 2.56 11.04 -2.33
C PHE A 12 3.15 10.71 -3.71
N LYS A 13 3.88 11.69 -4.26
CA LYS A 13 4.58 11.52 -5.52
C LYS A 13 5.88 10.76 -5.30
N GLU A 14 6.02 10.33 -4.06
CA GLU A 14 7.12 9.53 -3.58
C GLU A 14 6.64 8.09 -3.54
N ALA A 15 5.32 7.96 -3.31
CA ALA A 15 4.62 6.68 -3.27
C ALA A 15 4.38 6.17 -4.69
N PHE A 16 4.02 7.10 -5.61
CA PHE A 16 3.81 6.76 -7.01
C PHE A 16 5.13 6.35 -7.66
N SER A 17 6.22 6.90 -7.13
CA SER A 17 7.57 6.60 -7.58
C SER A 17 7.96 5.18 -7.15
N LEU A 18 7.28 4.70 -6.08
CA LEU A 18 7.49 3.35 -5.54
C LEU A 18 6.83 2.29 -6.44
N PHE A 19 5.84 2.72 -7.23
CA PHE A 19 5.10 1.85 -8.14
C PHE A 19 5.77 1.76 -9.52
N ASP A 20 6.13 2.93 -10.10
CA ASP A 20 6.77 2.99 -11.43
C ASP A 20 8.20 2.42 -11.36
N LYS A 21 8.28 1.12 -11.65
CA LYS A 21 9.54 0.35 -11.61
C LYS A 21 10.46 0.70 -12.78
N ASP A 22 9.86 1.13 -13.91
CA ASP A 22 10.61 1.49 -15.11
C ASP A 22 10.95 2.99 -15.16
N GLY A 23 10.28 3.79 -14.30
CA GLY A 23 10.52 5.23 -14.25
C GLY A 23 9.86 5.99 -15.39
N ASP A 24 9.12 5.27 -16.25
CA ASP A 24 8.40 5.87 -17.37
C ASP A 24 6.99 6.26 -16.96
N GLY A 25 6.54 5.70 -15.82
CA GLY A 25 5.22 5.97 -15.28
C GLY A 25 4.19 4.92 -15.64
N THR A 26 4.61 3.65 -15.57
CA THR A 26 3.73 2.51 -15.88
C THR A 26 4.09 1.31 -15.04
N ILE A 27 3.05 0.68 -14.51
CA ILE A 27 3.23 -0.53 -13.71
C ILE A 27 2.46 -1.71 -14.29
N THR A 28 2.90 -2.93 -13.94
CA THR A 28 2.28 -4.18 -14.38
C THR A 28 0.90 -4.35 -13.72
N THR A 29 -0.05 -4.92 -14.47
CA THR A 29 -1.42 -5.12 -14.01
C THR A 29 -1.55 -6.16 -12.88
N LYS A 30 -0.76 -7.22 -12.97
CA LYS A 30 -0.73 -8.31 -11.99
C LYS A 30 -0.49 -7.82 -10.55
N GLU A 31 0.18 -6.66 -10.44
CA GLU A 31 0.50 -6.02 -9.16
C GLU A 31 -0.67 -5.35 -8.51
N LEU A 32 -1.35 -4.51 -9.29
CA LEU A 32 -2.49 -3.74 -8.79
C LEU A 32 -3.61 -4.65 -8.31
N GLY A 33 -3.50 -5.93 -8.67
CA GLY A 33 -4.46 -6.90 -8.22
C GLY A 33 -4.27 -7.27 -6.75
N THR A 34 -3.39 -6.50 -6.14
CA THR A 34 -2.99 -6.64 -4.74
C THR A 34 -4.04 -6.09 -3.75
N VAL A 35 -5.17 -5.61 -4.28
CA VAL A 35 -6.25 -5.03 -3.45
C VAL A 35 -6.72 -6.04 -2.37
N MET A 36 -7.16 -7.21 -2.82
CA MET A 36 -7.60 -8.30 -1.94
C MET A 36 -6.43 -8.96 -1.21
N ARG A 37 -5.43 -9.34 -1.98
CA ARG A 37 -4.25 -10.08 -1.50
C ARG A 37 -3.40 -9.41 -0.41
N SER A 38 -3.76 -8.20 0.00
CA SER A 38 -3.05 -7.51 1.06
C SER A 38 -3.77 -7.70 2.39
N LEU A 39 -5.07 -7.98 2.28
CA LEU A 39 -5.93 -8.25 3.43
C LEU A 39 -5.75 -9.71 3.85
N GLY A 40 -4.61 -10.30 3.42
CA GLY A 40 -4.36 -11.71 3.67
C GLY A 40 -5.43 -12.53 3.00
N GLN A 41 -5.75 -12.09 1.77
CA GLN A 41 -6.80 -12.64 0.96
C GLN A 41 -6.28 -13.37 -0.27
N ASN A 42 -7.16 -13.41 -1.25
CA ASN A 42 -6.96 -14.06 -2.52
C ASN A 42 -6.53 -13.07 -3.61
N PRO A 43 -5.70 -13.49 -4.62
CA PRO A 43 -5.25 -12.61 -5.70
C PRO A 43 -6.32 -12.42 -6.81
N THR A 44 -6.96 -11.24 -6.81
CA THR A 44 -7.98 -10.89 -7.80
C THR A 44 -7.33 -10.58 -9.13
N GLU A 45 -7.15 -11.67 -9.89
CA GLU A 45 -6.54 -11.65 -11.23
C GLU A 45 -7.44 -10.96 -12.24
N ALA A 46 -8.72 -11.31 -12.18
CA ALA A 46 -9.73 -10.76 -13.07
C ALA A 46 -10.06 -9.28 -12.79
N GLU A 47 -9.63 -8.79 -11.63
CA GLU A 47 -9.91 -7.40 -11.22
C GLU A 47 -9.00 -6.35 -11.89
N LEU A 48 -7.66 -6.56 -11.88
CA LEU A 48 -6.73 -5.59 -12.47
C LEU A 48 -6.92 -5.37 -13.94
N GLN A 49 -7.42 -6.37 -14.65
CA GLN A 49 -7.72 -6.21 -16.07
C GLN A 49 -8.98 -5.40 -16.16
N ASP A 50 -9.85 -5.58 -15.16
CA ASP A 50 -11.07 -4.83 -15.05
C ASP A 50 -10.79 -3.40 -14.56
N MET A 51 -9.55 -3.15 -14.09
CA MET A 51 -9.18 -1.81 -13.58
C MET A 51 -8.15 -1.13 -14.46
N ILE A 52 -7.23 -1.90 -15.05
CA ILE A 52 -6.20 -1.36 -15.92
C ILE A 52 -6.86 -0.96 -17.22
N ASN A 53 -7.80 -1.82 -17.60
CA ASN A 53 -8.61 -1.67 -18.81
C ASN A 53 -9.38 -0.36 -18.83
N GLU A 54 -9.93 0.01 -17.66
CA GLU A 54 -10.73 1.23 -17.50
C GLU A 54 -9.87 2.46 -17.23
N VAL A 55 -8.68 2.25 -16.65
CA VAL A 55 -7.79 3.39 -16.35
C VAL A 55 -6.77 3.70 -17.46
N ASP A 56 -6.48 2.72 -18.31
CA ASP A 56 -5.51 2.89 -19.43
C ASP A 56 -6.15 3.76 -20.55
N ALA A 57 -6.49 5.01 -20.18
CA ALA A 57 -7.11 5.98 -21.10
C ALA A 57 -6.13 6.45 -22.15
N ASP A 58 -4.86 6.48 -21.74
CA ASP A 58 -3.77 6.85 -22.63
C ASP A 58 -3.13 5.57 -23.14
N GLY A 59 -3.87 4.49 -22.88
CA GLY A 59 -3.53 3.11 -23.22
C GLY A 59 -2.05 2.78 -23.20
N ASN A 60 -1.52 2.57 -21.99
CA ASN A 60 -0.13 2.23 -21.79
C ASN A 60 0.10 0.73 -21.75
N GLY A 61 -1.00 -0.04 -21.94
CA GLY A 61 -0.94 -1.48 -21.82
C GLY A 61 -0.94 -1.83 -20.36
N THR A 62 -0.24 -0.96 -19.64
CA THR A 62 -0.11 -1.03 -18.24
C THR A 62 -0.98 0.10 -17.67
N ILE A 63 -0.40 1.02 -16.89
CA ILE A 63 -1.17 2.13 -16.34
C ILE A 63 -0.38 3.45 -16.51
N ASP A 64 -0.99 4.59 -16.20
CA ASP A 64 -0.30 5.87 -16.33
C ASP A 64 -0.27 6.66 -15.00
N PHE A 65 0.25 7.91 -15.07
CA PHE A 65 0.38 8.80 -13.90
C PHE A 65 -0.98 9.31 -13.33
N PRO A 66 -1.79 10.12 -14.10
CA PRO A 66 -3.08 10.67 -13.60
C PRO A 66 -4.21 9.64 -13.50
N GLU A 67 -4.20 8.69 -14.45
CA GLU A 67 -5.23 7.65 -14.55
C GLU A 67 -5.21 6.62 -13.40
N PHE A 68 -4.23 6.73 -12.50
CA PHE A 68 -4.10 5.80 -11.36
C PHE A 68 -5.17 6.07 -10.28
N LEU A 69 -5.30 7.34 -9.87
CA LEU A 69 -6.27 7.73 -8.83
C LEU A 69 -7.74 7.72 -9.30
N THR A 70 -7.97 7.50 -10.60
CA THR A 70 -9.33 7.48 -11.15
C THR A 70 -10.10 6.22 -10.85
N MET A 71 -9.39 5.14 -10.65
CA MET A 71 -10.02 3.89 -10.28
C MET A 71 -10.46 3.99 -8.82
N MET A 72 -9.61 4.68 -8.04
CA MET A 72 -9.87 4.96 -6.64
C MET A 72 -10.87 6.10 -6.50
N ALA A 73 -11.09 6.83 -7.63
CA ALA A 73 -12.00 7.97 -7.69
C ALA A 73 -13.44 7.59 -7.34
N ARG A 74 -13.94 6.49 -7.94
CA ARG A 74 -15.29 5.99 -7.69
C ARG A 74 -15.45 5.52 -6.24
N LYS A 75 -14.39 4.92 -5.71
CA LYS A 75 -14.35 4.42 -4.32
C LYS A 75 -14.09 5.54 -3.31
N MET A 76 -13.59 6.70 -3.79
CA MET A 76 -13.29 7.84 -2.92
C MET A 76 -14.56 8.63 -2.53
N LYS A 77 -15.63 7.89 -2.23
CA LYS A 77 -16.90 8.46 -1.83
C LYS A 77 -16.92 8.69 -0.30
N ASP A 78 -16.68 9.96 0.10
CA ASP A 78 -16.66 10.38 1.52
C ASP A 78 -15.56 9.65 2.31
N THR A 79 -14.47 10.38 2.59
CA THR A 79 -13.33 9.84 3.33
C THR A 79 -13.57 9.82 4.85
N ASP A 80 -13.73 8.61 5.40
CA ASP A 80 -13.94 8.42 6.83
C ASP A 80 -12.61 8.11 7.53
N SER A 81 -12.62 8.08 8.88
CA SER A 81 -11.41 7.81 9.67
C SER A 81 -11.09 6.30 9.76
N GLU A 82 -11.84 5.58 10.61
CA GLU A 82 -11.66 4.13 10.83
C GLU A 82 -11.71 3.31 9.54
N GLU A 83 -12.45 3.78 8.53
CA GLU A 83 -12.53 3.07 7.25
C GLU A 83 -11.19 3.22 6.53
N GLU A 84 -10.57 4.39 6.70
CA GLU A 84 -9.25 4.67 6.13
C GLU A 84 -8.16 4.01 6.98
N ILE A 85 -8.47 3.79 8.28
CA ILE A 85 -7.57 3.13 9.21
C ILE A 85 -7.56 1.62 8.94
N ARG A 86 -8.76 1.05 8.74
CA ARG A 86 -8.88 -0.38 8.42
C ARG A 86 -8.34 -0.67 7.02
N GLU A 87 -8.41 0.36 6.14
CA GLU A 87 -7.90 0.29 4.76
C GLU A 87 -6.39 0.30 4.73
N ALA A 88 -5.81 0.17 5.92
CA ALA A 88 -4.40 0.07 6.07
C ALA A 88 -4.04 -0.91 7.17
N PHE A 89 -5.04 -1.20 8.04
CA PHE A 89 -4.89 -2.12 9.17
C PHE A 89 -4.86 -3.61 8.75
N ARG A 90 -6.05 -4.17 8.38
CA ARG A 90 -6.15 -5.61 7.99
C ARG A 90 -5.50 -5.83 6.64
N VAL A 91 -5.29 -4.70 5.98
CA VAL A 91 -4.66 -4.61 4.68
C VAL A 91 -3.15 -4.79 4.87
N PHE A 92 -2.69 -4.33 6.05
CA PHE A 92 -1.31 -4.42 6.49
C PHE A 92 -1.06 -5.78 7.21
N ASP A 93 -1.81 -6.04 8.29
CA ASP A 93 -1.70 -7.27 9.08
C ASP A 93 -2.26 -8.51 8.34
N LYS A 94 -1.38 -9.46 7.99
CA LYS A 94 -1.78 -10.70 7.34
C LYS A 94 -2.66 -11.59 8.24
N ASP A 95 -2.37 -11.56 9.55
CA ASP A 95 -3.13 -12.34 10.53
C ASP A 95 -3.98 -11.42 11.43
N GLY A 96 -3.30 -10.49 12.14
CA GLY A 96 -4.00 -9.55 13.02
C GLY A 96 -4.33 -10.11 14.38
N ASN A 97 -3.30 -10.46 15.15
CA ASN A 97 -3.48 -11.01 16.49
C ASN A 97 -2.75 -10.15 17.54
N GLY A 98 -3.08 -8.85 17.56
CA GLY A 98 -2.45 -7.92 18.50
C GLY A 98 -1.11 -7.40 18.00
N TYR A 99 -0.52 -8.14 17.06
CA TYR A 99 0.77 -7.82 16.45
C TYR A 99 0.76 -8.20 14.98
N ILE A 100 1.50 -7.44 14.18
CA ILE A 100 1.62 -7.67 12.74
C ILE A 100 2.86 -8.47 12.50
N SER A 101 2.71 -9.42 11.62
CA SER A 101 3.72 -10.39 11.32
C SER A 101 4.88 -9.80 10.54
N ALA A 102 6.03 -10.44 10.70
CA ALA A 102 7.25 -9.98 10.07
C ALA A 102 7.29 -10.21 8.57
N ALA A 103 6.99 -11.43 8.18
CA ALA A 103 6.98 -11.83 6.77
C ALA A 103 5.76 -11.34 6.00
N GLU A 104 5.02 -10.42 6.59
CA GLU A 104 3.82 -9.91 5.94
C GLU A 104 4.09 -8.88 4.87
N LEU A 105 4.87 -7.85 5.16
CA LEU A 105 5.12 -6.84 4.15
C LEU A 105 5.87 -7.42 2.96
N ARG A 106 6.72 -8.45 3.19
CA ARG A 106 7.37 -9.09 2.03
C ARG A 106 6.29 -9.77 1.22
N HIS A 107 5.26 -10.28 1.95
CA HIS A 107 4.11 -10.92 1.30
C HIS A 107 3.16 -9.91 0.65
N VAL A 108 2.81 -8.85 1.41
CA VAL A 108 1.89 -7.79 0.96
C VAL A 108 2.55 -6.82 -0.04
N MET A 109 3.68 -6.23 0.34
CA MET A 109 4.40 -5.27 -0.51
C MET A 109 4.90 -5.89 -1.81
N THR A 110 5.19 -7.20 -1.79
CA THR A 110 5.66 -7.93 -2.98
C THR A 110 4.62 -7.86 -4.09
N ASN A 111 3.36 -7.96 -3.68
CA ASN A 111 2.21 -7.87 -4.56
C ASN A 111 2.02 -6.40 -4.98
N LEU A 112 2.63 -5.51 -4.18
CA LEU A 112 2.57 -4.06 -4.45
C LEU A 112 3.60 -3.67 -5.53
N GLY A 113 4.41 -4.66 -5.96
CA GLY A 113 5.36 -4.43 -7.04
C GLY A 113 6.79 -4.18 -6.61
N GLU A 114 7.10 -4.45 -5.35
CA GLU A 114 8.46 -4.30 -4.85
C GLU A 114 8.89 -5.61 -4.17
N LYS A 115 9.50 -6.50 -4.96
CA LYS A 115 9.95 -7.82 -4.49
C LYS A 115 11.09 -7.69 -3.48
N LEU A 116 10.73 -7.74 -2.20
CA LEU A 116 11.70 -7.63 -1.12
C LEU A 116 11.52 -8.70 -0.06
N THR A 117 12.65 -9.09 0.55
CA THR A 117 12.65 -10.05 1.63
C THR A 117 12.49 -9.30 2.97
N ASP A 118 12.50 -10.03 4.09
CA ASP A 118 12.31 -9.47 5.44
C ASP A 118 13.21 -8.26 5.75
N GLU A 119 14.37 -8.20 5.12
CA GLU A 119 15.34 -7.10 5.33
C GLU A 119 14.74 -5.70 5.15
N GLU A 120 14.04 -5.49 4.03
CA GLU A 120 13.43 -4.20 3.73
C GLU A 120 12.21 -3.98 4.61
N VAL A 121 11.49 -5.07 4.91
CA VAL A 121 10.33 -4.99 5.80
C VAL A 121 10.81 -4.76 7.23
N ASP A 122 12.02 -5.24 7.52
CA ASP A 122 12.66 -5.06 8.83
C ASP A 122 12.79 -3.59 9.17
N GLU A 123 12.98 -2.75 8.14
CA GLU A 123 13.02 -1.30 8.32
C GLU A 123 11.59 -0.83 8.63
N MET A 124 10.64 -1.58 8.04
CA MET A 124 9.20 -1.36 8.23
C MET A 124 8.74 -1.84 9.60
N ILE A 125 9.38 -2.90 10.14
CA ILE A 125 8.98 -3.45 11.44
C ILE A 125 9.83 -2.90 12.60
N ARG A 126 11.07 -2.53 12.31
CA ARG A 126 11.98 -1.95 13.33
C ARG A 126 11.53 -0.54 13.70
N GLU A 127 10.89 0.13 12.74
CA GLU A 127 10.35 1.49 12.92
C GLU A 127 8.99 1.41 13.62
N ALA A 128 8.33 0.26 13.47
CA ALA A 128 7.03 0.00 14.06
C ALA A 128 7.14 -0.63 15.45
N ASP A 129 8.29 -1.22 15.74
CA ASP A 129 8.54 -1.85 17.00
C ASP A 129 9.55 -1.08 17.84
N ILE A 130 9.07 -0.45 18.91
CA ILE A 130 9.92 0.31 19.84
C ILE A 130 10.71 -0.63 20.76
N ASP A 131 10.20 -1.85 20.90
CA ASP A 131 10.79 -2.88 21.74
C ASP A 131 11.64 -3.86 20.90
N GLY A 132 11.69 -3.64 19.57
CA GLY A 132 12.46 -4.51 18.65
C GLY A 132 12.05 -5.98 18.69
N ASP A 133 10.74 -6.24 18.58
CA ASP A 133 10.22 -7.61 18.60
C ASP A 133 10.06 -8.20 17.19
N GLY A 134 10.26 -7.37 16.16
CA GLY A 134 10.15 -7.84 14.78
C GLY A 134 8.72 -7.99 14.26
N GLN A 135 7.75 -7.40 14.98
CA GLN A 135 6.33 -7.49 14.59
C GLN A 135 5.60 -6.19 14.91
N VAL A 136 4.38 -5.93 14.35
CA VAL A 136 3.73 -4.66 14.64
C VAL A 136 2.39 -4.78 15.38
N ASN A 137 2.34 -4.25 16.60
CA ASN A 137 1.13 -4.22 17.42
C ASN A 137 0.18 -3.11 16.96
N TYR A 138 -1.08 -3.18 17.42
CA TYR A 138 -2.14 -2.23 17.08
C TYR A 138 -1.78 -0.76 17.35
N GLU A 139 -0.99 -0.53 18.41
CA GLU A 139 -0.61 0.82 18.85
C GLU A 139 0.36 1.59 17.97
N GLU A 140 1.40 0.95 17.46
CA GLU A 140 2.38 1.70 16.70
C GLU A 140 2.01 2.05 15.25
N PHE A 141 1.56 1.07 14.46
CA PHE A 141 1.20 1.29 13.04
C PHE A 141 -0.01 2.23 12.82
N VAL A 142 -0.88 2.36 13.83
CA VAL A 142 -2.08 3.20 13.69
C VAL A 142 -1.68 4.67 13.69
N GLN A 143 -0.73 4.93 14.56
CA GLN A 143 -0.12 6.22 14.78
C GLN A 143 0.44 6.79 13.47
N MET A 144 0.97 5.88 12.66
CA MET A 144 1.54 6.17 11.37
C MET A 144 0.50 6.47 10.29
N MET A 145 -0.73 5.98 10.47
CA MET A 145 -1.80 6.25 9.49
C MET A 145 -2.52 7.54 9.83
N THR A 146 -2.66 7.84 11.13
CA THR A 146 -3.25 9.11 11.57
C THR A 146 -2.27 10.25 11.17
N ALA A 147 -1.05 9.81 10.82
CA ALA A 147 0.02 10.67 10.32
C ALA A 147 0.87 9.87 9.35
N LYS A 148 0.31 9.68 8.16
CA LYS A 148 0.98 8.98 7.04
C LYS A 148 2.23 9.71 6.57
N TPO B 1 9.22 2.07 5.17
CA TPO B 1 9.05 1.98 6.64
CB TPO B 1 9.68 3.21 7.35
CG2 TPO B 1 11.20 3.14 7.31
OG1 TPO B 1 9.24 4.42 6.73
C TPO B 1 7.57 1.89 7.02
O TPO B 1 6.71 2.12 6.18
H1 TPO B 1 10.23 2.13 4.92
H2 TPO B 1 8.75 2.92 4.80
H3 TPO B 1 8.81 1.23 4.71
HA TPO B 1 9.56 1.10 6.98
HB TPO B 1 9.36 3.21 8.38
HG21 TPO B 1 11.54 3.30 6.30
HG22 TPO B 1 11.53 2.18 7.66
HG23 TPO B 1 11.61 3.92 7.95
N PHE B 2 7.29 1.58 8.31
CA PHE B 2 5.90 1.47 8.82
C PHE B 2 5.11 2.78 8.54
N LYS B 3 5.85 3.91 8.47
CA LYS B 3 5.27 5.26 8.21
C LYS B 3 4.81 5.50 6.76
N GLU B 4 5.74 5.31 5.80
CA GLU B 4 5.45 5.55 4.37
C GLU B 4 4.65 4.41 3.73
N VAL B 5 4.97 3.18 4.12
CA VAL B 5 4.32 1.97 3.61
C VAL B 5 2.78 1.99 3.81
N ALA B 6 2.32 2.66 4.87
CA ALA B 6 0.89 2.77 5.17
C ALA B 6 0.12 3.48 4.05
N ASN B 7 0.78 4.45 3.39
CA ASN B 7 0.18 5.22 2.29
C ASN B 7 0.02 4.40 1.00
N ALA B 8 0.97 3.46 0.76
CA ALA B 8 0.97 2.62 -0.44
C ALA B 8 -0.07 1.50 -0.38
N VAL B 9 -0.12 0.79 0.76
CA VAL B 9 -1.06 -0.33 0.95
C VAL B 9 -2.52 0.17 1.14
N LYS B 10 -2.68 1.39 1.67
CA LYS B 10 -4.01 1.99 1.90
C LYS B 10 -4.72 2.34 0.57
N ILE B 11 -3.95 2.76 -0.43
CA ILE B 11 -4.49 3.12 -1.76
C ILE B 11 -4.90 1.88 -2.60
N SER B 12 -4.98 0.71 -1.94
CA SER B 12 -5.36 -0.55 -2.58
C SER B 12 -6.46 -1.28 -1.80
N ALA B 13 -6.89 -0.67 -0.70
CA ALA B 13 -7.95 -1.25 0.15
C ALA B 13 -9.31 -0.61 -0.15
N SER B 14 -9.31 0.44 -0.98
CA SER B 14 -10.53 1.15 -1.36
C SER B 14 -11.35 0.35 -2.38
N LEU B 15 -10.75 -0.72 -2.93
CA LEU B 15 -11.41 -1.59 -3.90
C LEU B 15 -12.03 -2.81 -3.24
N MET B 16 -11.55 -3.13 -2.02
CA MET B 16 -12.04 -4.27 -1.25
C MET B 16 -13.18 -3.85 -0.32
N ALA A 1 9.16 26.56 -0.39
CA ALA A 1 8.21 25.52 0.07
C ALA A 1 8.48 25.14 1.52
N ASP A 2 7.40 24.85 2.26
CA ASP A 2 7.50 24.47 3.67
C ASP A 2 7.39 22.94 3.84
N GLN A 3 8.14 22.41 4.81
CA GLN A 3 8.15 20.98 5.10
C GLN A 3 8.10 20.72 6.59
N LEU A 4 7.35 19.69 6.97
CA LEU A 4 7.23 19.26 8.36
C LEU A 4 8.04 17.97 8.48
N THR A 5 7.59 16.95 7.74
CA THR A 5 8.26 15.71 7.62
C THR A 5 8.18 15.27 6.17
N GLU A 6 9.35 15.11 5.59
CA GLU A 6 9.53 14.69 4.20
C GLU A 6 8.81 13.38 3.81
N GLU A 7 8.33 12.63 4.82
CA GLU A 7 7.63 11.35 4.60
C GLU A 7 6.22 11.55 4.03
N GLN A 8 5.49 12.51 4.59
CA GLN A 8 4.10 12.81 4.16
C GLN A 8 4.02 13.65 2.87
N ILE A 9 5.15 14.20 2.40
CA ILE A 9 5.14 15.04 1.18
C ILE A 9 6.15 14.54 0.12
N ALA A 10 7.41 14.37 0.52
CA ALA A 10 8.46 13.94 -0.42
C ALA A 10 8.41 12.44 -0.74
N GLU A 11 8.14 11.63 0.28
CA GLU A 11 8.07 10.17 0.14
C GLU A 11 6.76 9.70 -0.53
N PHE A 12 5.90 10.65 -0.93
CA PHE A 12 4.66 10.32 -1.63
C PHE A 12 5.02 9.83 -3.03
N LYS A 13 5.96 10.54 -3.66
CA LYS A 13 6.48 10.18 -4.97
C LYS A 13 7.51 9.07 -4.84
N GLU A 14 7.62 8.60 -3.61
CA GLU A 14 8.48 7.51 -3.22
C GLU A 14 7.61 6.27 -3.04
N ALA A 15 6.33 6.54 -2.69
CA ALA A 15 5.32 5.52 -2.51
C ALA A 15 4.78 5.04 -3.85
N PHE A 16 4.81 5.94 -4.86
CA PHE A 16 4.36 5.61 -6.21
C PHE A 16 5.31 4.61 -6.86
N SER A 17 6.59 4.70 -6.48
CA SER A 17 7.64 3.81 -6.96
C SER A 17 7.52 2.40 -6.37
N LEU A 18 6.61 2.24 -5.38
CA LEU A 18 6.39 0.95 -4.73
C LEU A 18 5.63 -0.03 -5.66
N PHE A 19 4.58 0.47 -6.31
CA PHE A 19 3.78 -0.32 -7.25
C PHE A 19 4.34 -0.22 -8.67
N ASP A 20 4.64 1.02 -9.10
CA ASP A 20 5.18 1.28 -10.45
C ASP A 20 6.61 0.76 -10.59
N LYS A 21 6.68 -0.47 -11.06
CA LYS A 21 7.93 -1.21 -11.27
C LYS A 21 8.74 -0.70 -12.47
N ASP A 22 8.11 0.18 -13.27
CA ASP A 22 8.74 0.75 -14.47
C ASP A 22 9.47 2.07 -14.15
N GLY A 23 8.95 2.83 -13.17
CA GLY A 23 9.55 4.11 -12.78
C GLY A 23 9.21 5.25 -13.75
N ASP A 24 8.53 4.93 -14.85
CA ASP A 24 8.12 5.91 -15.85
C ASP A 24 6.71 6.44 -15.53
N GLY A 25 6.11 5.89 -14.47
CA GLY A 25 4.77 6.27 -14.04
C GLY A 25 3.69 5.33 -14.54
N THR A 26 4.03 4.04 -14.61
CA THR A 26 3.10 2.99 -15.07
C THR A 26 3.37 1.69 -14.36
N ILE A 27 2.29 1.03 -13.96
CA ILE A 27 2.41 -0.26 -13.28
C ILE A 27 2.19 -1.40 -14.26
N THR A 28 2.68 -2.57 -13.87
CA THR A 28 2.56 -3.79 -14.66
C THR A 28 1.23 -4.49 -14.40
N THR A 29 0.54 -4.83 -15.50
CA THR A 29 -0.74 -5.55 -15.44
C THR A 29 -0.56 -7.03 -15.03
N LYS A 30 0.65 -7.38 -14.57
CA LYS A 30 0.95 -8.73 -14.09
C LYS A 30 0.37 -8.91 -12.67
N GLU A 31 1.03 -8.28 -11.67
CA GLU A 31 0.63 -8.33 -10.26
C GLU A 31 -0.54 -7.41 -9.93
N LEU A 32 -1.19 -6.81 -10.96
CA LEU A 32 -2.29 -5.86 -10.74
C LEU A 32 -3.34 -6.36 -9.74
N GLY A 33 -3.44 -7.69 -9.56
CA GLY A 33 -4.36 -8.25 -8.57
C GLY A 33 -3.84 -8.07 -7.15
N THR A 34 -3.02 -7.05 -7.02
CA THR A 34 -2.35 -6.67 -5.76
C THR A 34 -3.30 -5.96 -4.78
N VAL A 35 -4.39 -5.37 -5.28
CA VAL A 35 -5.37 -4.65 -4.43
C VAL A 35 -5.93 -5.55 -3.32
N MET A 36 -6.61 -6.63 -3.72
CA MET A 36 -7.18 -7.62 -2.80
C MET A 36 -6.12 -8.48 -2.13
N ARG A 37 -5.05 -8.77 -2.87
CA ARG A 37 -3.98 -9.67 -2.42
C ARG A 37 -3.13 -9.18 -1.23
N SER A 38 -3.50 -8.04 -0.64
CA SER A 38 -2.83 -7.52 0.54
C SER A 38 -3.64 -7.93 1.76
N LEU A 39 -4.93 -8.15 1.50
CA LEU A 39 -5.89 -8.62 2.50
C LEU A 39 -5.76 -10.13 2.62
N GLY A 40 -4.67 -10.66 2.03
CA GLY A 40 -4.47 -12.10 1.97
C GLY A 40 -5.60 -12.70 1.16
N GLN A 41 -5.82 -12.08 -0.01
CA GLN A 41 -6.91 -12.41 -0.90
C GLN A 41 -6.46 -13.06 -2.19
N ASN A 42 -7.34 -12.85 -3.15
CA ASN A 42 -7.26 -13.38 -4.47
C ASN A 42 -7.13 -12.28 -5.54
N PRO A 43 -6.59 -12.60 -6.76
CA PRO A 43 -6.46 -11.61 -7.86
C PRO A 43 -7.77 -11.35 -8.61
N THR A 44 -8.17 -10.08 -8.70
CA THR A 44 -9.39 -9.68 -9.43
C THR A 44 -9.06 -9.36 -10.86
N GLU A 45 -9.14 -10.41 -11.66
CA GLU A 45 -8.85 -10.36 -13.10
C GLU A 45 -9.80 -9.38 -13.80
N ALA A 46 -11.06 -9.47 -13.38
CA ALA A 46 -12.12 -8.64 -13.91
C ALA A 46 -12.05 -7.18 -13.46
N GLU A 47 -11.39 -6.91 -12.31
CA GLU A 47 -11.32 -5.55 -11.78
C GLU A 47 -10.26 -4.65 -12.47
N LEU A 48 -8.96 -5.00 -12.37
CA LEU A 48 -7.90 -4.19 -12.98
C LEU A 48 -8.04 -4.07 -14.48
N GLN A 49 -8.64 -5.07 -15.12
CA GLN A 49 -8.88 -4.99 -16.55
C GLN A 49 -9.99 -3.99 -16.75
N ASP A 50 -10.89 -3.94 -15.78
CA ASP A 50 -11.94 -2.96 -15.75
C ASP A 50 -11.40 -1.59 -15.30
N MET A 51 -10.14 -1.56 -14.83
CA MET A 51 -9.56 -0.30 -14.32
C MET A 51 -8.35 0.17 -15.11
N ILE A 52 -7.41 -0.71 -15.48
CA ILE A 52 -6.23 -0.28 -16.24
C ILE A 52 -6.72 0.04 -17.65
N ASN A 53 -7.81 -0.63 -17.97
CA ASN A 53 -8.54 -0.50 -19.22
C ASN A 53 -9.28 0.85 -19.32
N GLU A 54 -9.85 1.29 -18.19
CA GLU A 54 -10.63 2.52 -18.12
C GLU A 54 -9.80 3.79 -17.93
N VAL A 55 -8.78 3.71 -17.08
CA VAL A 55 -7.94 4.88 -16.79
C VAL A 55 -6.68 5.02 -17.69
N ASP A 56 -6.57 4.16 -18.72
CA ASP A 56 -5.46 4.22 -19.69
C ASP A 56 -5.86 5.17 -20.85
N ALA A 57 -6.13 6.44 -20.50
CA ALA A 57 -6.56 7.48 -21.46
C ALA A 57 -5.47 7.78 -22.47
N ASP A 58 -4.23 7.62 -22.01
CA ASP A 58 -3.07 7.81 -22.84
C ASP A 58 -2.58 6.44 -23.31
N GLY A 59 -3.46 5.47 -23.03
CA GLY A 59 -3.28 4.05 -23.33
C GLY A 59 -1.84 3.56 -23.26
N ASN A 60 -1.41 3.23 -22.04
CA ASN A 60 -0.06 2.76 -21.79
C ASN A 60 0.02 1.24 -21.74
N GLY A 61 -1.12 0.56 -21.93
CA GLY A 61 -1.17 -0.89 -21.78
C GLY A 61 -1.22 -1.20 -20.31
N THR A 62 -0.54 -0.30 -19.62
CA THR A 62 -0.42 -0.27 -18.22
C THR A 62 -1.25 0.95 -17.77
N ILE A 63 -0.82 1.68 -16.73
CA ILE A 63 -1.58 2.85 -16.30
C ILE A 63 -0.63 4.04 -16.04
N ASP A 64 -0.99 5.23 -16.52
CA ASP A 64 -0.14 6.40 -16.37
C ASP A 64 -0.47 7.24 -15.10
N PHE A 65 0.25 8.37 -14.95
CA PHE A 65 0.14 9.28 -13.79
C PHE A 65 -1.20 10.08 -13.70
N PRO A 66 -1.66 10.81 -14.78
CA PRO A 66 -2.89 11.66 -14.70
C PRO A 66 -4.17 10.93 -14.28
N GLU A 67 -4.57 9.90 -15.05
CA GLU A 67 -5.79 9.14 -14.76
C GLU A 67 -5.62 8.08 -13.66
N PHE A 68 -4.51 8.16 -12.91
CA PHE A 68 -4.23 7.21 -11.83
C PHE A 68 -5.12 7.49 -10.60
N LEU A 69 -5.31 8.78 -10.28
CA LEU A 69 -6.12 9.22 -9.13
C LEU A 69 -7.63 9.02 -9.33
N THR A 70 -8.07 8.94 -10.60
CA THR A 70 -9.50 8.75 -10.91
C THR A 70 -10.00 7.39 -10.48
N MET A 71 -9.10 6.40 -10.48
CA MET A 71 -9.43 5.06 -10.01
C MET A 71 -9.83 5.13 -8.53
N MET A 72 -9.09 5.97 -7.80
CA MET A 72 -9.32 6.25 -6.38
C MET A 72 -10.52 7.19 -6.22
N ALA A 73 -10.85 7.92 -7.31
CA ALA A 73 -11.95 8.89 -7.33
C ALA A 73 -13.33 8.25 -7.13
N ARG A 74 -13.58 7.14 -7.83
CA ARG A 74 -14.86 6.42 -7.73
C ARG A 74 -15.11 5.89 -6.31
N LYS A 75 -14.04 5.41 -5.67
CA LYS A 75 -14.11 4.87 -4.31
C LYS A 75 -14.08 5.98 -3.24
N MET A 76 -13.46 7.13 -3.57
CA MET A 76 -13.35 8.25 -2.63
C MET A 76 -14.66 9.07 -2.57
N LYS A 77 -15.79 8.36 -2.51
CA LYS A 77 -17.12 8.97 -2.43
C LYS A 77 -17.51 9.28 -0.97
N ASP A 78 -16.56 9.85 -0.22
CA ASP A 78 -16.75 10.22 1.21
C ASP A 78 -17.04 8.97 2.07
N THR A 79 -16.07 8.06 2.10
CA THR A 79 -16.16 6.81 2.87
C THR A 79 -15.85 7.03 4.36
N ASP A 80 -16.05 5.99 5.18
CA ASP A 80 -15.80 6.03 6.62
C ASP A 80 -14.30 5.99 6.94
N SER A 81 -13.93 6.37 8.16
CA SER A 81 -12.53 6.39 8.60
C SER A 81 -12.04 4.99 9.01
N GLU A 82 -12.71 4.39 10.01
CA GLU A 82 -12.36 3.05 10.52
C GLU A 82 -12.35 1.98 9.43
N GLU A 83 -13.20 2.14 8.42
CA GLU A 83 -13.24 1.19 7.29
C GLU A 83 -11.98 1.37 6.46
N GLU A 84 -11.50 2.63 6.40
CA GLU A 84 -10.27 2.98 5.71
C GLU A 84 -9.07 2.60 6.58
N ILE A 85 -9.28 2.59 7.91
CA ILE A 85 -8.25 2.22 8.89
C ILE A 85 -8.05 0.71 8.87
N ARG A 86 -9.16 -0.03 8.82
CA ARG A 86 -9.12 -1.50 8.76
C ARG A 86 -8.53 -1.95 7.43
N GLU A 87 -8.58 -1.04 6.42
CA GLU A 87 -8.02 -1.27 5.09
C GLU A 87 -6.51 -1.25 5.10
N ALA A 88 -5.96 -1.19 6.30
CA ALA A 88 -4.55 -1.26 6.48
C ALA A 88 -4.19 -2.13 7.68
N PHE A 89 -5.17 -2.38 8.57
CA PHE A 89 -4.98 -3.20 9.77
C PHE A 89 -4.89 -4.71 9.48
N ARG A 90 -6.03 -5.34 9.11
CA ARG A 90 -6.09 -6.79 8.84
C ARG A 90 -5.37 -7.09 7.54
N VAL A 91 -5.23 -6.02 6.78
CA VAL A 91 -4.59 -5.99 5.50
C VAL A 91 -3.06 -6.02 5.71
N PHE A 92 -2.64 -5.40 6.82
CA PHE A 92 -1.25 -5.37 7.24
C PHE A 92 -0.94 -6.62 8.10
N ASP A 93 -1.54 -6.72 9.31
CA ASP A 93 -1.35 -7.85 10.22
C ASP A 93 -1.93 -9.17 9.66
N LYS A 94 -1.04 -10.13 9.36
CA LYS A 94 -1.44 -11.45 8.86
C LYS A 94 -2.22 -12.28 9.88
N ASP A 95 -1.80 -12.23 11.15
CA ASP A 95 -2.45 -12.98 12.22
C ASP A 95 -3.42 -12.10 13.00
N GLY A 96 -2.92 -10.96 13.51
CA GLY A 96 -3.75 -10.02 14.27
C GLY A 96 -3.91 -10.42 15.74
N ASN A 97 -2.78 -10.48 16.44
CA ASN A 97 -2.76 -10.83 17.86
C ASN A 97 -2.12 -9.72 18.69
N GLY A 98 -2.53 -8.48 18.42
CA GLY A 98 -1.98 -7.32 19.11
C GLY A 98 -0.67 -6.86 18.50
N TYR A 99 0.09 -7.82 17.96
CA TYR A 99 1.39 -7.58 17.32
C TYR A 99 1.37 -8.13 15.89
N ILE A 100 2.13 -7.49 15.02
CA ILE A 100 2.26 -7.89 13.62
C ILE A 100 3.52 -8.66 13.46
N SER A 101 3.42 -9.70 12.66
CA SER A 101 4.50 -10.63 12.43
C SER A 101 5.60 -10.03 11.59
N ALA A 102 6.81 -10.57 11.78
CA ALA A 102 8.00 -10.06 11.12
C ALA A 102 8.02 -10.36 9.63
N ALA A 103 7.80 -11.62 9.30
CA ALA A 103 7.75 -12.09 7.92
C ALA A 103 6.45 -11.72 7.23
N GLU A 104 5.72 -10.77 7.83
CA GLU A 104 4.44 -10.36 7.31
C GLU A 104 4.52 -9.45 6.11
N LEU A 105 5.27 -8.33 6.17
CA LEU A 105 5.34 -7.48 5.00
C LEU A 105 6.04 -8.18 3.85
N ARG A 106 6.99 -9.10 4.13
CA ARG A 106 7.60 -9.86 3.02
C ARG A 106 6.50 -10.71 2.41
N HIS A 107 5.57 -11.15 3.26
CA HIS A 107 4.42 -11.94 2.79
C HIS A 107 3.36 -11.07 2.09
N VAL A 108 2.90 -10.00 2.79
CA VAL A 108 1.86 -9.09 2.28
C VAL A 108 2.39 -8.12 1.19
N MET A 109 3.47 -7.36 1.51
CA MET A 109 4.05 -6.40 0.56
C MET A 109 4.53 -7.05 -0.72
N THR A 110 4.95 -8.33 -0.62
CA THR A 110 5.41 -9.09 -1.78
C THR A 110 4.22 -9.33 -2.71
N ASN A 111 3.07 -9.53 -2.07
CA ASN A 111 1.81 -9.72 -2.73
C ASN A 111 1.31 -8.40 -3.30
N LEU A 112 1.87 -7.30 -2.75
CA LEU A 112 1.54 -5.93 -3.20
C LEU A 112 2.35 -5.57 -4.46
N GLY A 113 3.24 -6.48 -4.89
CA GLY A 113 4.01 -6.28 -6.10
C GLY A 113 5.42 -5.79 -5.89
N GLU A 114 5.90 -5.87 -4.65
CA GLU A 114 7.27 -5.47 -4.33
C GLU A 114 7.95 -6.62 -3.58
N LYS A 115 8.61 -7.50 -4.35
CA LYS A 115 9.29 -8.68 -3.81
C LYS A 115 10.52 -8.31 -2.98
N LEU A 116 10.35 -8.32 -1.66
CA LEU A 116 11.42 -8.01 -0.73
C LEU A 116 11.60 -9.08 0.34
N THR A 117 12.76 -9.02 0.99
CA THR A 117 13.10 -9.91 2.08
C THR A 117 12.80 -9.18 3.40
N ASP A 118 12.96 -9.87 4.54
CA ASP A 118 12.70 -9.29 5.88
C ASP A 118 13.47 -8.00 6.11
N GLU A 119 14.62 -7.88 5.45
CA GLU A 119 15.50 -6.70 5.53
C GLU A 119 14.77 -5.37 5.27
N GLU A 120 13.95 -5.37 4.22
CA GLU A 120 13.19 -4.21 3.81
C GLU A 120 12.01 -4.01 4.76
N VAL A 121 11.44 -5.13 5.22
CA VAL A 121 10.36 -5.10 6.20
C VAL A 121 10.91 -4.77 7.59
N ASP A 122 12.18 -5.14 7.82
CA ASP A 122 12.87 -4.88 9.07
C ASP A 122 12.92 -3.38 9.36
N GLU A 123 12.99 -2.57 8.30
CA GLU A 123 12.92 -1.12 8.45
C GLU A 123 11.48 -0.77 8.79
N MET A 124 10.57 -1.61 8.27
CA MET A 124 9.13 -1.52 8.50
C MET A 124 8.74 -2.02 9.90
N ILE A 125 9.51 -2.97 10.46
CA ILE A 125 9.18 -3.53 11.78
C ILE A 125 10.04 -2.95 12.92
N ARG A 126 11.27 -2.55 12.61
CA ARG A 126 12.19 -1.96 13.61
C ARG A 126 11.80 -0.52 13.93
N GLU A 127 11.20 0.16 12.96
CA GLU A 127 10.74 1.53 13.12
C GLU A 127 9.39 1.58 13.84
N ALA A 128 8.70 0.44 13.85
CA ALA A 128 7.42 0.31 14.52
C ALA A 128 7.58 -0.24 15.93
N ASP A 129 8.72 -0.87 16.18
CA ASP A 129 9.02 -1.45 17.46
C ASP A 129 10.11 -0.66 18.19
N ILE A 130 9.71 0.06 19.24
CA ILE A 130 10.64 0.85 20.06
C ILE A 130 11.46 -0.05 20.99
N ASP A 131 10.92 -1.23 21.25
CA ASP A 131 11.55 -2.22 22.12
C ASP A 131 12.37 -3.24 21.30
N GLY A 132 12.37 -3.09 19.97
CA GLY A 132 13.11 -3.98 19.07
C GLY A 132 12.71 -5.44 19.18
N ASP A 133 11.40 -5.71 19.12
CA ASP A 133 10.87 -7.08 19.23
C ASP A 133 10.70 -7.75 17.86
N GLY A 134 10.90 -6.97 16.77
CA GLY A 134 10.77 -7.51 15.42
C GLY A 134 9.33 -7.76 14.96
N GLN A 135 8.36 -7.18 15.68
CA GLN A 135 6.93 -7.35 15.35
C GLN A 135 6.17 -6.05 15.54
N VAL A 136 4.94 -5.89 14.98
CA VAL A 136 4.28 -4.60 15.15
C VAL A 136 2.95 -4.64 15.91
N ASN A 137 2.96 -4.01 17.09
CA ASN A 137 1.77 -3.86 17.94
C ASN A 137 0.86 -2.74 17.41
N TYR A 138 -0.25 -2.49 18.13
CA TYR A 138 -1.25 -1.48 17.76
C TYR A 138 -0.74 -0.03 17.90
N GLU A 139 0.13 0.20 18.89
CA GLU A 139 0.67 1.54 19.21
C GLU A 139 1.36 2.30 18.07
N GLU A 140 2.39 1.72 17.48
CA GLU A 140 3.13 2.45 16.46
C GLU A 140 2.47 2.48 15.07
N PHE A 141 2.01 1.33 14.57
CA PHE A 141 1.39 1.23 13.23
C PHE A 141 0.18 2.16 13.02
N VAL A 142 -0.51 2.55 14.09
CA VAL A 142 -1.67 3.44 14.00
C VAL A 142 -1.21 4.85 13.70
N GLN A 143 -0.15 5.19 14.42
CA GLN A 143 0.56 6.46 14.35
C GLN A 143 1.00 6.78 12.92
N MET A 144 1.29 5.71 12.19
CA MET A 144 1.73 5.75 10.81
C MET A 144 0.59 6.12 9.84
N MET A 145 -0.67 5.85 10.22
CA MET A 145 -1.81 6.19 9.35
C MET A 145 -2.35 7.57 9.67
N THR A 146 -2.39 7.93 10.96
CA THR A 146 -2.80 9.28 11.38
C THR A 146 -1.76 10.28 10.82
N ALA A 147 -0.63 9.69 10.38
CA ALA A 147 0.46 10.40 9.75
C ALA A 147 1.14 9.48 8.72
N LYS A 148 0.45 9.31 7.60
CA LYS A 148 0.94 8.50 6.48
C LYS A 148 1.92 9.30 5.60
N TPO B 1 9.44 1.14 5.26
CA TPO B 1 9.25 1.45 6.70
CB TPO B 1 9.71 2.88 7.04
CG2 TPO B 1 11.23 2.97 7.07
OG1 TPO B 1 9.19 3.81 6.08
C TPO B 1 7.78 1.29 7.11
O TPO B 1 6.90 1.29 6.25
H1 TPO B 1 10.44 1.28 4.99
H2 TPO B 1 8.86 1.78 4.67
H3 TPO B 1 9.17 0.16 5.06
HA TPO B 1 9.86 0.76 7.27
HB TPO B 1 9.33 3.14 8.02
HG21 TPO B 1 11.63 2.69 6.11
HG22 TPO B 1 11.61 2.30 7.82
HG23 TPO B 1 11.53 3.98 7.31
N PHE B 2 7.53 1.17 8.44
CA PHE B 2 6.17 1.03 9.00
C PHE B 2 5.28 2.21 8.55
N LYS B 3 5.91 3.39 8.39
CA LYS B 3 5.25 4.65 8.00
C LYS B 3 4.81 4.68 6.51
N GLU B 4 5.77 4.40 5.61
CA GLU B 4 5.52 4.44 4.15
C GLU B 4 4.41 3.48 3.70
N VAL B 5 4.30 2.33 4.38
CA VAL B 5 3.29 1.30 4.05
C VAL B 5 1.84 1.82 4.12
N ALA B 6 1.57 2.82 4.99
CA ALA B 6 0.21 3.37 5.16
C ALA B 6 -0.40 3.89 3.85
N ASN B 7 0.33 4.76 3.16
CA ASN B 7 -0.14 5.33 1.90
C ASN B 7 -0.10 4.30 0.75
N ALA B 8 0.71 3.25 0.91
CA ALA B 8 0.84 2.19 -0.10
C ALA B 8 -0.33 1.19 -0.10
N VAL B 9 -0.58 0.55 1.05
CA VAL B 9 -1.66 -0.46 1.18
C VAL B 9 -3.07 0.19 1.21
N LYS B 10 -3.17 1.44 1.69
CA LYS B 10 -4.46 2.16 1.78
C LYS B 10 -4.99 2.57 0.39
N ILE B 11 -4.08 2.94 -0.52
CA ILE B 11 -4.45 3.36 -1.89
C ILE B 11 -4.86 2.16 -2.76
N SER B 12 -4.33 0.98 -2.44
CA SER B 12 -4.64 -0.25 -3.16
C SER B 12 -5.74 -1.06 -2.47
N ALA B 13 -6.23 -0.54 -1.34
CA ALA B 13 -7.29 -1.20 -0.56
C ALA B 13 -8.69 -0.71 -0.95
N SER B 14 -8.75 0.37 -1.76
CA SER B 14 -10.02 0.95 -2.21
C SER B 14 -10.71 0.06 -3.27
N LEU B 15 -9.89 -0.70 -4.01
CA LEU B 15 -10.39 -1.61 -5.06
C LEU B 15 -10.75 -2.99 -4.50
N MET B 16 -11.04 -3.05 -3.19
CA MET B 16 -11.41 -4.30 -2.52
C MET B 16 -12.93 -4.49 -2.52
N ALA A 1 17.62 10.99 7.10
CA ALA A 1 16.91 12.28 7.33
C ALA A 1 15.42 12.14 7.04
N ASP A 2 14.61 12.63 7.98
CA ASP A 2 13.15 12.58 7.85
C ASP A 2 12.53 13.96 8.08
N GLN A 3 11.40 14.21 7.42
CA GLN A 3 10.69 15.47 7.53
C GLN A 3 9.19 15.25 7.71
N LEU A 4 8.53 16.18 8.40
CA LEU A 4 7.08 16.11 8.65
C LEU A 4 6.27 16.85 7.58
N THR A 5 6.96 17.57 6.69
CA THR A 5 6.30 18.33 5.62
C THR A 5 6.21 17.53 4.33
N GLU A 6 7.17 16.66 4.16
CA GLU A 6 7.27 15.80 2.98
C GLU A 6 6.22 14.69 2.97
N GLU A 7 5.91 14.14 4.16
CA GLU A 7 4.91 13.06 4.31
C GLU A 7 3.47 13.56 4.11
N GLN A 8 3.31 14.88 3.99
CA GLN A 8 2.00 15.52 3.82
C GLN A 8 1.47 15.42 2.40
N ILE A 9 2.30 15.76 1.41
CA ILE A 9 1.87 15.72 0.01
C ILE A 9 2.98 15.31 -0.97
N ALA A 10 4.21 15.80 -0.72
CA ALA A 10 5.37 15.51 -1.57
C ALA A 10 5.69 14.01 -1.68
N GLU A 11 5.41 13.29 -0.59
CA GLU A 11 5.66 11.84 -0.51
C GLU A 11 4.63 11.02 -1.30
N PHE A 12 3.68 11.69 -1.97
CA PHE A 12 2.70 11.01 -2.81
C PHE A 12 3.38 10.54 -4.08
N LYS A 13 4.24 11.41 -4.62
CA LYS A 13 5.04 11.10 -5.80
C LYS A 13 6.25 10.25 -5.39
N GLU A 14 6.23 9.93 -4.11
CA GLU A 14 7.21 9.09 -3.47
C GLU A 14 6.60 7.70 -3.34
N ALA A 15 5.26 7.70 -3.13
CA ALA A 15 4.47 6.48 -3.02
C ALA A 15 4.21 5.89 -4.40
N PHE A 16 3.97 6.77 -5.40
CA PHE A 16 3.75 6.33 -6.77
C PHE A 16 5.03 5.76 -7.36
N SER A 17 6.15 6.30 -6.86
CA SER A 17 7.48 5.87 -7.26
C SER A 17 7.79 4.47 -6.72
N LEU A 18 7.00 4.05 -5.71
CA LEU A 18 7.12 2.73 -5.09
C LEU A 18 6.54 1.64 -6.00
N PHE A 19 5.53 2.04 -6.81
CA PHE A 19 4.87 1.12 -7.74
C PHE A 19 5.55 1.09 -9.11
N ASP A 20 5.67 2.27 -9.78
CA ASP A 20 6.28 2.35 -11.12
C ASP A 20 7.77 1.97 -11.10
N LYS A 21 7.98 0.70 -11.41
CA LYS A 21 9.30 0.07 -11.47
C LYS A 21 10.13 0.53 -12.67
N ASP A 22 9.48 1.23 -13.61
CA ASP A 22 10.14 1.74 -14.82
C ASP A 22 10.61 3.18 -14.64
N GLY A 23 10.02 3.91 -13.69
CA GLY A 23 10.39 5.30 -13.43
C GLY A 23 9.80 6.29 -14.44
N ASP A 24 9.06 5.76 -15.42
CA ASP A 24 8.42 6.58 -16.45
C ASP A 24 6.97 6.91 -16.05
N GLY A 25 6.50 6.25 -14.99
CA GLY A 25 5.15 6.45 -14.49
C GLY A 25 4.17 5.41 -14.99
N THR A 26 4.65 4.16 -15.12
CA THR A 26 3.83 3.04 -15.58
C THR A 26 4.23 1.76 -14.89
N ILE A 27 3.22 1.01 -14.45
CA ILE A 27 3.47 -0.26 -13.78
C ILE A 27 2.78 -1.42 -14.50
N THR A 28 3.28 -2.63 -14.24
CA THR A 28 2.74 -3.86 -14.83
C THR A 28 1.36 -4.16 -14.23
N THR A 29 0.43 -4.62 -15.08
CA THR A 29 -0.94 -4.92 -14.65
C THR A 29 -1.04 -6.10 -13.68
N LYS A 30 -0.09 -7.02 -13.77
CA LYS A 30 -0.01 -8.20 -12.92
C LYS A 30 0.04 -7.87 -11.42
N GLU A 31 0.65 -6.72 -11.10
CA GLU A 31 0.81 -6.25 -9.72
C GLU A 31 -0.45 -5.67 -9.13
N LEU A 32 -1.06 -4.74 -9.88
CA LEU A 32 -2.24 -4.02 -9.43
C LEU A 32 -3.39 -4.93 -9.02
N GLY A 33 -3.28 -6.22 -9.37
CA GLY A 33 -4.27 -7.17 -8.95
C GLY A 33 -4.14 -7.52 -7.48
N THR A 34 -3.25 -6.77 -6.86
CA THR A 34 -2.88 -6.86 -5.45
C THR A 34 -3.92 -6.27 -4.49
N VAL A 35 -5.01 -5.73 -5.02
CA VAL A 35 -6.07 -5.11 -4.19
C VAL A 35 -6.59 -6.09 -3.13
N MET A 36 -7.12 -7.23 -3.60
CA MET A 36 -7.63 -8.29 -2.72
C MET A 36 -6.50 -9.05 -2.01
N ARG A 37 -5.48 -9.39 -2.79
CA ARG A 37 -4.36 -10.20 -2.32
C ARG A 37 -3.33 -9.45 -1.43
N SER A 38 -3.85 -8.85 -0.37
CA SER A 38 -3.09 -8.15 0.69
C SER A 38 -3.87 -8.38 1.97
N LEU A 39 -5.19 -8.55 1.75
CA LEU A 39 -6.17 -8.83 2.80
C LEU A 39 -6.15 -10.33 3.12
N GLY A 40 -5.09 -11.01 2.66
CA GLY A 40 -4.99 -12.46 2.83
C GLY A 40 -6.12 -13.10 2.04
N GLN A 41 -6.29 -12.57 0.82
CA GLN A 41 -7.36 -12.95 -0.08
C GLN A 41 -6.88 -13.71 -1.30
N ASN A 42 -7.72 -13.60 -2.32
CA ASN A 42 -7.57 -14.24 -3.59
C ASN A 42 -7.12 -13.27 -4.70
N PRO A 43 -6.29 -13.73 -5.68
CA PRO A 43 -5.82 -12.88 -6.78
C PRO A 43 -6.87 -12.67 -7.88
N THR A 44 -7.32 -11.42 -8.03
CA THR A 44 -8.30 -11.06 -9.07
C THR A 44 -7.60 -10.60 -10.32
N GLU A 45 -7.50 -11.54 -11.24
CA GLU A 45 -6.85 -11.36 -12.54
C GLU A 45 -7.69 -10.43 -13.40
N ALA A 46 -9.00 -10.64 -13.32
CA ALA A 46 -9.97 -9.86 -14.05
C ALA A 46 -10.13 -8.42 -13.53
N GLU A 47 -9.52 -8.14 -12.36
CA GLU A 47 -9.61 -6.80 -11.75
C GLU A 47 -8.68 -5.78 -12.40
N LEU A 48 -7.38 -6.09 -12.50
CA LEU A 48 -6.40 -5.16 -13.08
C LEU A 48 -6.68 -4.82 -14.52
N GLN A 49 -7.35 -5.72 -15.24
CA GLN A 49 -7.74 -5.45 -16.60
C GLN A 49 -8.92 -4.51 -16.55
N ASP A 50 -9.73 -4.70 -15.51
CA ASP A 50 -10.86 -3.83 -15.26
C ASP A 50 -10.40 -2.49 -14.67
N MET A 51 -9.11 -2.40 -14.28
CA MET A 51 -8.56 -1.19 -13.69
C MET A 51 -7.55 -0.52 -14.60
N ILE A 52 -6.74 -1.32 -15.30
CA ILE A 52 -5.72 -0.78 -16.20
C ILE A 52 -6.42 -0.29 -17.46
N ASN A 53 -7.50 -1.00 -17.78
CA ASN A 53 -8.34 -0.73 -18.93
C ASN A 53 -9.17 0.54 -18.76
N GLU A 54 -9.57 0.81 -17.51
CA GLU A 54 -10.41 1.97 -17.19
C GLU A 54 -9.61 3.25 -16.98
N VAL A 55 -8.49 3.15 -16.28
CA VAL A 55 -7.67 4.34 -15.99
C VAL A 55 -6.52 4.63 -16.99
N ASP A 56 -6.36 3.79 -18.03
CA ASP A 56 -5.33 4.03 -19.06
C ASP A 56 -5.88 5.01 -20.12
N ALA A 57 -6.26 6.22 -19.64
CA ALA A 57 -6.85 7.28 -20.48
C ALA A 57 -5.85 7.79 -21.49
N ASP A 58 -4.59 7.75 -21.08
CA ASP A 58 -3.49 8.15 -21.92
C ASP A 58 -2.87 6.91 -22.54
N GLY A 59 -3.62 5.82 -22.33
CA GLY A 59 -3.31 4.47 -22.79
C GLY A 59 -1.83 4.14 -22.83
N ASN A 60 -1.28 3.81 -21.66
CA ASN A 60 0.13 3.47 -21.51
C ASN A 60 0.37 1.97 -21.66
N GLY A 61 -0.70 1.22 -21.98
CA GLY A 61 -0.62 -0.23 -22.03
C GLY A 61 -0.67 -0.76 -20.63
N THR A 62 -0.02 0.02 -19.77
CA THR A 62 0.05 -0.20 -18.38
C THR A 62 -0.81 0.89 -17.72
N ILE A 63 -0.24 1.67 -16.79
CA ILE A 63 -1.01 2.75 -16.14
C ILE A 63 -0.16 4.03 -16.07
N ASP A 64 -0.77 5.18 -15.77
CA ASP A 64 -0.03 6.43 -15.70
C ASP A 64 -0.10 7.07 -14.29
N PHE A 65 0.53 8.25 -14.14
CA PHE A 65 0.62 9.00 -12.87
C PHE A 65 -0.72 9.62 -12.37
N PRO A 66 -1.39 10.54 -13.16
CA PRO A 66 -2.63 11.23 -12.71
C PRO A 66 -3.90 10.37 -12.66
N GLU A 67 -4.13 9.58 -13.71
CA GLU A 67 -5.32 8.73 -13.84
C GLU A 67 -5.42 7.60 -12.81
N PHE A 68 -4.39 7.43 -11.96
CA PHE A 68 -4.39 6.38 -10.94
C PHE A 68 -5.33 6.70 -9.76
N LEU A 69 -5.25 7.93 -9.24
CA LEU A 69 -6.06 8.35 -8.09
C LEU A 69 -7.54 8.57 -8.41
N THR A 70 -7.92 8.52 -9.70
CA THR A 70 -9.31 8.73 -10.11
C THR A 70 -10.18 7.51 -9.85
N MET A 71 -9.59 6.33 -9.99
CA MET A 71 -10.30 5.09 -9.69
C MET A 71 -10.60 5.06 -8.19
N MET A 72 -9.63 5.60 -7.43
CA MET A 72 -9.72 5.74 -5.99
C MET A 72 -10.63 6.94 -5.66
N ALA A 73 -10.81 7.82 -6.66
CA ALA A 73 -11.63 9.03 -6.52
C ALA A 73 -13.14 8.74 -6.44
N ARG A 74 -13.62 7.87 -7.35
CA ARG A 74 -15.05 7.50 -7.40
C ARG A 74 -15.51 6.83 -6.10
N LYS A 75 -14.62 6.00 -5.52
CA LYS A 75 -14.90 5.29 -4.27
C LYS A 75 -14.70 6.17 -3.03
N MET A 76 -13.81 7.17 -3.12
CA MET A 76 -13.52 8.07 -2.00
C MET A 76 -14.60 9.16 -1.82
N LYS A 77 -15.86 8.75 -2.00
CA LYS A 77 -17.01 9.65 -1.87
C LYS A 77 -17.50 9.72 -0.41
N ASP A 78 -16.69 10.38 0.45
CA ASP A 78 -16.99 10.56 1.89
C ASP A 78 -17.07 9.20 2.62
N THR A 79 -16.02 8.39 2.47
CA THR A 79 -15.95 7.07 3.10
C THR A 79 -15.54 7.16 4.57
N ASP A 80 -15.73 6.04 5.31
CA ASP A 80 -15.40 5.96 6.73
C ASP A 80 -13.89 5.84 6.94
N SER A 81 -13.41 6.27 8.12
CA SER A 81 -11.98 6.22 8.47
C SER A 81 -11.54 4.82 8.93
N GLU A 82 -12.16 4.33 10.03
CA GLU A 82 -11.85 3.02 10.62
C GLU A 82 -11.94 1.87 9.62
N GLU A 83 -12.89 1.97 8.68
CA GLU A 83 -13.04 0.94 7.65
C GLU A 83 -11.84 0.98 6.72
N GLU A 84 -11.33 2.21 6.50
CA GLU A 84 -10.14 2.44 5.69
C GLU A 84 -8.88 2.10 6.51
N ILE A 85 -9.01 2.19 7.85
CA ILE A 85 -7.93 1.87 8.76
C ILE A 85 -7.74 0.35 8.84
N ARG A 86 -8.87 -0.37 8.92
CA ARG A 86 -8.84 -1.84 8.96
C ARG A 86 -8.42 -2.40 7.59
N GLU A 87 -8.76 -1.63 6.52
CA GLU A 87 -8.38 -1.99 5.15
C GLU A 87 -6.91 -1.80 4.91
N ALA A 88 -6.19 -1.57 6.01
CA ALA A 88 -4.78 -1.45 5.98
C ALA A 88 -4.16 -2.19 7.17
N PHE A 89 -4.94 -2.30 8.26
CA PHE A 89 -4.51 -2.98 9.50
C PHE A 89 -4.49 -4.52 9.37
N ARG A 90 -5.67 -5.14 9.10
CA ARG A 90 -5.78 -6.60 8.98
C ARG A 90 -5.13 -7.06 7.69
N VAL A 91 -5.06 -6.10 6.78
CA VAL A 91 -4.48 -6.23 5.46
C VAL A 91 -2.94 -6.23 5.56
N PHE A 92 -2.45 -5.50 6.55
CA PHE A 92 -1.02 -5.40 6.84
C PHE A 92 -0.59 -6.55 7.76
N ASP A 93 -1.26 -6.67 8.92
CA ASP A 93 -1.00 -7.71 9.91
C ASP A 93 -1.72 -9.02 9.55
N LYS A 94 -0.93 -10.04 9.21
CA LYS A 94 -1.45 -11.36 8.83
C LYS A 94 -2.15 -12.09 10.00
N ASP A 95 -1.85 -11.66 11.24
CA ASP A 95 -2.46 -12.26 12.44
C ASP A 95 -3.43 -11.26 13.10
N GLY A 96 -2.88 -10.12 13.58
CA GLY A 96 -3.70 -9.09 14.23
C GLY A 96 -3.99 -9.39 15.70
N ASN A 97 -2.92 -9.49 16.50
CA ASN A 97 -3.05 -9.76 17.93
C ASN A 97 -2.37 -8.66 18.77
N GLY A 98 -2.73 -7.40 18.48
CA GLY A 98 -2.15 -6.26 19.19
C GLY A 98 -0.80 -5.84 18.61
N TYR A 99 -0.15 -6.78 17.91
CA TYR A 99 1.15 -6.57 17.29
C TYR A 99 1.13 -7.16 15.87
N ILE A 100 1.86 -6.51 14.98
CA ILE A 100 1.97 -6.95 13.59
C ILE A 100 3.18 -7.80 13.43
N SER A 101 2.98 -8.88 12.69
CA SER A 101 3.99 -9.89 12.50
C SER A 101 5.11 -9.42 11.61
N ALA A 102 6.27 -10.03 11.79
CA ALA A 102 7.45 -9.65 11.03
C ALA A 102 7.42 -10.06 9.57
N ALA A 103 7.15 -11.33 9.36
CA ALA A 103 7.10 -11.91 8.02
C ALA A 103 5.86 -11.57 7.23
N GLU A 104 5.07 -10.62 7.70
CA GLU A 104 3.86 -10.28 6.99
C GLU A 104 4.03 -9.40 5.78
N LEU A 105 4.86 -8.35 5.84
CA LEU A 105 5.02 -7.53 4.66
C LEU A 105 5.75 -8.27 3.55
N ARG A 106 6.64 -9.23 3.88
CA ARG A 106 7.27 -10.01 2.80
C ARG A 106 6.16 -10.81 2.11
N HIS A 107 5.17 -11.23 2.92
CA HIS A 107 4.01 -11.96 2.40
C HIS A 107 3.01 -11.03 1.66
N VAL A 108 2.57 -9.97 2.36
CA VAL A 108 1.59 -9.00 1.83
C VAL A 108 2.18 -8.03 0.78
N MET A 109 3.26 -7.32 1.16
CA MET A 109 3.90 -6.34 0.28
C MET A 109 4.45 -6.97 -1.01
N THR A 110 4.83 -8.25 -0.94
CA THR A 110 5.35 -8.98 -2.10
C THR A 110 4.32 -9.01 -3.22
N ASN A 111 3.06 -9.14 -2.82
CA ASN A 111 1.93 -9.11 -3.72
C ASN A 111 1.71 -7.68 -4.22
N LEU A 112 2.26 -6.73 -3.45
CA LEU A 112 2.16 -5.29 -3.78
C LEU A 112 3.16 -4.93 -4.90
N GLY A 113 3.93 -5.95 -5.37
CA GLY A 113 4.83 -5.76 -6.50
C GLY A 113 6.29 -5.54 -6.17
N GLU A 114 6.67 -5.71 -4.91
CA GLU A 114 8.07 -5.58 -4.52
C GLU A 114 8.49 -6.83 -3.74
N LYS A 115 9.06 -7.80 -4.47
CA LYS A 115 9.51 -9.07 -3.91
C LYS A 115 10.71 -8.88 -2.97
N LEU A 116 10.42 -8.81 -1.67
CA LEU A 116 11.45 -8.63 -0.66
C LEU A 116 11.30 -9.59 0.51
N THR A 117 12.44 -9.95 1.09
CA THR A 117 12.48 -10.80 2.27
C THR A 117 12.37 -9.93 3.53
N ASP A 118 12.42 -10.55 4.72
CA ASP A 118 12.28 -9.85 6.01
C ASP A 118 13.17 -8.61 6.17
N GLU A 119 14.31 -8.60 5.51
CA GLU A 119 15.28 -7.48 5.58
C GLU A 119 14.67 -6.10 5.30
N GLU A 120 13.94 -6.00 4.20
CA GLU A 120 13.29 -4.75 3.79
C GLU A 120 12.09 -4.48 4.68
N VAL A 121 11.41 -5.55 5.12
CA VAL A 121 10.28 -5.41 6.03
C VAL A 121 10.82 -5.07 7.43
N ASP A 122 12.05 -5.54 7.72
CA ASP A 122 12.72 -5.28 8.98
C ASP A 122 12.97 -3.78 9.15
N GLU A 123 13.27 -3.11 8.04
CA GLU A 123 13.43 -1.67 8.03
C GLU A 123 12.04 -1.07 8.21
N MET A 124 11.04 -1.82 7.74
CA MET A 124 9.64 -1.46 7.87
C MET A 124 9.16 -1.68 9.31
N ILE A 125 9.55 -2.81 9.93
CA ILE A 125 9.11 -3.13 11.29
C ILE A 125 9.94 -2.42 12.38
N ARG A 126 11.22 -2.14 12.06
CA ARG A 126 12.12 -1.44 12.99
C ARG A 126 11.71 0.03 13.16
N GLU A 127 11.12 0.58 12.09
CA GLU A 127 10.64 1.98 12.08
C GLU A 127 9.33 2.15 12.86
N ALA A 128 8.62 1.04 13.08
CA ALA A 128 7.36 1.05 13.80
C ALA A 128 7.52 0.60 15.24
N ASP A 129 8.61 -0.09 15.52
CA ASP A 129 8.90 -0.58 16.84
C ASP A 129 10.06 0.15 17.50
N ILE A 130 9.74 0.94 18.53
CA ILE A 130 10.75 1.69 19.30
C ILE A 130 11.52 0.78 20.25
N ASP A 131 10.90 -0.36 20.58
CA ASP A 131 11.48 -1.35 21.47
C ASP A 131 12.24 -2.44 20.70
N GLY A 132 12.24 -2.34 19.35
CA GLY A 132 12.94 -3.29 18.48
C GLY A 132 12.61 -4.76 18.74
N ASP A 133 11.32 -5.10 18.81
CA ASP A 133 10.90 -6.49 19.05
C ASP A 133 10.64 -7.25 17.75
N GLY A 134 10.67 -6.53 16.60
CA GLY A 134 10.45 -7.16 15.30
C GLY A 134 8.99 -7.32 14.90
N GLN A 135 8.09 -6.61 15.58
CA GLN A 135 6.64 -6.69 15.28
C GLN A 135 5.96 -5.33 15.46
N VAL A 136 4.74 -5.11 14.88
CA VAL A 136 4.16 -3.77 15.02
C VAL A 136 2.81 -3.72 15.77
N ASN A 137 2.84 -3.05 16.93
CA ASN A 137 1.64 -2.82 17.74
C ASN A 137 0.82 -1.66 17.13
N TYR A 138 -0.44 -1.53 17.56
CA TYR A 138 -1.36 -0.50 17.03
C TYR A 138 -0.82 0.94 17.13
N GLU A 139 -0.05 1.24 18.19
CA GLU A 139 0.48 2.60 18.46
C GLU A 139 1.21 3.27 17.30
N GLU A 140 2.25 2.66 16.74
CA GLU A 140 2.97 3.33 15.68
C GLU A 140 2.32 3.25 14.29
N PHE A 141 1.89 2.06 13.87
CA PHE A 141 1.26 1.85 12.54
C PHE A 141 0.01 2.74 12.29
N VAL A 142 -0.67 3.19 13.35
CA VAL A 142 -1.86 4.03 13.21
C VAL A 142 -1.44 5.43 12.79
N GLN A 143 -0.37 5.84 13.46
CA GLN A 143 0.30 7.11 13.25
C GLN A 143 0.75 7.24 11.80
N MET A 144 1.05 6.08 11.23
CA MET A 144 1.49 5.90 9.86
C MET A 144 0.41 6.26 8.84
N MET A 145 -0.87 6.12 9.20
CA MET A 145 -1.97 6.46 8.27
C MET A 145 -2.40 7.90 8.45
N THR A 146 -2.50 8.36 9.70
CA THR A 146 -2.81 9.77 9.97
C THR A 146 -1.64 10.63 9.45
N ALA A 147 -0.55 9.92 9.13
CA ALA A 147 0.65 10.47 8.56
C ALA A 147 1.34 9.44 7.66
N LYS A 148 0.73 9.23 6.50
CA LYS A 148 1.25 8.32 5.46
C LYS A 148 2.60 8.79 4.90
N TPO B 1 8.92 1.30 4.32
CA TPO B 1 8.87 1.60 5.77
CB TPO B 1 9.46 2.99 6.09
CG2 TPO B 1 10.98 2.98 5.96
OG1 TPO B 1 8.91 3.97 5.21
C TPO B 1 7.43 1.55 6.30
O TPO B 1 6.51 1.93 5.58
H1 TPO B 1 8.51 0.36 4.13
H2 TPO B 1 9.90 1.32 3.98
H3 TPO B 1 8.37 2.01 3.80
HA TPO B 1 9.46 0.86 6.29
HB TPO B 1 9.21 3.24 7.11
HG21 TPO B 1 11.37 3.95 6.24
HG22 TPO B 1 11.25 2.77 4.94
HG23 TPO B 1 11.39 2.22 6.61
N PHE B 2 7.26 1.12 7.56
CA PHE B 2 5.92 1.02 8.19
C PHE B 2 5.17 2.35 8.13
N LYS B 3 5.91 3.47 8.12
CA LYS B 3 5.32 4.83 8.05
C LYS B 3 4.78 5.24 6.66
N GLU B 4 5.66 5.17 5.62
CA GLU B 4 5.31 5.59 4.24
C GLU B 4 4.45 4.56 3.48
N VAL B 5 4.72 3.28 3.72
CA VAL B 5 4.04 2.15 3.05
C VAL B 5 2.49 2.22 3.09
N ALA B 6 1.92 2.90 4.11
CA ALA B 6 0.45 2.99 4.30
C ALA B 6 -0.32 3.42 3.03
N ASN B 7 0.27 4.30 2.23
CA ASN B 7 -0.37 4.78 1.00
C ASN B 7 -0.42 3.68 -0.08
N ALA B 8 0.46 2.67 0.07
CA ALA B 8 0.53 1.54 -0.86
C ALA B 8 -0.60 0.52 -0.64
N VAL B 9 -0.71 -0.01 0.59
CA VAL B 9 -1.74 -1.01 0.94
C VAL B 9 -3.17 -0.38 1.04
N LYS B 10 -3.24 0.91 1.43
CA LYS B 10 -4.53 1.61 1.60
C LYS B 10 -5.22 1.92 0.26
N ILE B 11 -4.49 1.78 -0.86
CA ILE B 11 -5.06 2.04 -2.19
C ILE B 11 -6.02 0.90 -2.63
N SER B 12 -6.06 -0.17 -1.83
CA SER B 12 -6.93 -1.32 -2.10
C SER B 12 -8.23 -1.23 -1.30
N ALA B 13 -8.37 -0.14 -0.52
CA ALA B 13 -9.57 0.09 0.31
C ALA B 13 -10.74 0.66 -0.51
N SER B 14 -10.50 0.88 -1.81
CA SER B 14 -11.50 1.41 -2.72
C SER B 14 -12.23 0.31 -3.50
N LEU B 15 -11.47 -0.69 -3.96
CA LEU B 15 -12.04 -1.81 -4.73
C LEU B 15 -12.50 -2.96 -3.84
N MET B 16 -11.91 -3.09 -2.65
CA MET B 16 -12.27 -4.15 -1.70
C MET B 16 -13.37 -3.67 -0.76
N ALA A 1 17.14 15.71 12.47
CA ALA A 1 15.85 16.19 13.04
C ALA A 1 14.67 15.67 12.24
N ASP A 2 13.54 15.45 12.93
CA ASP A 2 12.31 14.96 12.29
C ASP A 2 11.34 16.10 12.03
N GLN A 3 10.58 15.98 10.92
CA GLN A 3 9.61 16.99 10.54
C GLN A 3 8.30 16.35 10.10
N LEU A 4 7.19 17.04 10.37
CA LEU A 4 5.85 16.55 10.01
C LEU A 4 5.40 17.09 8.65
N THR A 5 6.26 17.90 8.00
CA THR A 5 5.97 18.49 6.69
C THR A 5 6.37 17.56 5.55
N GLU A 6 7.29 16.68 5.86
CA GLU A 6 7.83 15.70 4.92
C GLU A 6 6.82 14.58 4.60
N GLU A 7 6.11 14.10 5.63
CA GLU A 7 5.11 13.03 5.46
C GLU A 7 3.84 13.53 4.77
N GLN A 8 3.63 14.85 4.80
CA GLN A 8 2.45 15.48 4.19
C GLN A 8 2.56 15.61 2.68
N ILE A 9 3.66 16.17 2.19
CA ILE A 9 3.83 16.35 0.76
C ILE A 9 5.30 16.13 0.31
N ALA A 10 5.71 14.86 0.32
CA ALA A 10 7.07 14.45 -0.10
C ALA A 10 7.12 12.94 -0.31
N GLU A 11 6.46 12.22 0.61
CA GLU A 11 6.38 10.75 0.58
C GLU A 11 5.42 10.24 -0.50
N PHE A 12 4.75 11.17 -1.22
CA PHE A 12 3.86 10.79 -2.31
C PHE A 12 4.70 10.28 -3.48
N LYS A 13 5.81 10.99 -3.73
CA LYS A 13 6.77 10.61 -4.74
C LYS A 13 7.67 9.49 -4.24
N GLU A 14 7.31 9.05 -3.05
CA GLU A 14 7.94 7.96 -2.35
C GLU A 14 7.05 6.73 -2.52
N ALA A 15 5.74 7.01 -2.55
CA ALA A 15 4.70 6.00 -2.74
C ALA A 15 4.58 5.59 -4.21
N PHE A 16 4.75 6.58 -5.11
CA PHE A 16 4.69 6.34 -6.55
C PHE A 16 5.81 5.41 -7.00
N SER A 17 6.95 5.55 -6.34
CA SER A 17 8.13 4.73 -6.59
C SER A 17 7.92 3.29 -6.10
N LEU A 18 6.95 3.12 -5.18
CA LEU A 18 6.63 1.80 -4.61
C LEU A 18 5.85 0.92 -5.60
N PHE A 19 4.83 1.51 -6.25
CA PHE A 19 4.00 0.77 -7.22
C PHE A 19 4.59 0.87 -8.63
N ASP A 20 4.78 2.11 -9.12
CA ASP A 20 5.32 2.36 -10.47
C ASP A 20 6.81 2.06 -10.55
N LYS A 21 7.08 0.83 -10.98
CA LYS A 21 8.44 0.29 -11.14
C LYS A 21 9.18 0.92 -12.34
N ASP A 22 8.43 1.64 -13.19
CA ASP A 22 8.99 2.27 -14.38
C ASP A 22 9.37 3.73 -14.12
N GLY A 23 8.57 4.43 -13.30
CA GLY A 23 8.83 5.84 -12.97
C GLY A 23 8.42 6.80 -14.08
N ASP A 24 7.99 6.25 -15.22
CA ASP A 24 7.54 7.06 -16.37
C ASP A 24 6.02 7.29 -16.28
N GLY A 25 5.43 6.79 -15.19
CA GLY A 25 4.00 6.93 -14.94
C GLY A 25 3.21 5.71 -15.36
N THR A 26 3.80 4.52 -15.13
CA THR A 26 3.16 3.24 -15.47
C THR A 26 3.56 2.18 -14.50
N ILE A 27 2.61 1.31 -14.28
CA ILE A 27 2.77 0.20 -13.38
C ILE A 27 2.71 -1.12 -14.12
N THR A 28 3.62 -2.03 -13.77
CA THR A 28 3.72 -3.34 -14.41
C THR A 28 2.49 -4.17 -14.11
N THR A 29 2.07 -4.85 -15.17
CA THR A 29 0.91 -5.70 -15.19
C THR A 29 1.13 -7.00 -14.39
N LYS A 30 2.18 -7.02 -13.57
CA LYS A 30 2.49 -8.14 -12.70
C LYS A 30 1.57 -8.14 -11.46
N GLU A 31 1.75 -7.11 -10.60
CA GLU A 31 0.96 -6.96 -9.37
C GLU A 31 -0.46 -6.42 -9.56
N LEU A 32 -0.92 -6.23 -10.80
CA LEU A 32 -2.27 -5.71 -11.05
C LEU A 32 -3.35 -6.43 -10.25
N GLY A 33 -3.05 -7.69 -9.85
CA GLY A 33 -3.99 -8.45 -9.03
C GLY A 33 -4.04 -7.99 -7.59
N THR A 34 -3.60 -6.76 -7.40
CA THR A 34 -3.55 -6.10 -6.08
C THR A 34 -4.93 -5.62 -5.59
N VAL A 35 -6.00 -6.03 -6.28
CA VAL A 35 -7.37 -5.66 -5.89
C VAL A 35 -7.67 -6.25 -4.51
N MET A 36 -7.85 -7.58 -4.47
CA MET A 36 -8.11 -8.32 -3.22
C MET A 36 -6.88 -8.45 -2.34
N ARG A 37 -5.73 -8.70 -2.94
CA ARG A 37 -4.50 -8.93 -2.19
C ARG A 37 -3.93 -7.67 -1.50
N SER A 38 -3.02 -7.90 -0.53
CA SER A 38 -2.40 -6.87 0.33
C SER A 38 -3.43 -6.31 1.29
N LEU A 39 -4.67 -6.77 1.08
CA LEU A 39 -5.79 -6.47 1.93
C LEU A 39 -5.93 -7.63 2.90
N GLY A 40 -4.86 -8.44 2.94
CA GLY A 40 -4.84 -9.65 3.75
C GLY A 40 -5.78 -10.69 3.14
N GLN A 41 -5.94 -10.57 1.82
CA GLN A 41 -6.83 -11.40 1.02
C GLN A 41 -6.09 -12.32 0.07
N ASN A 42 -6.84 -12.67 -0.98
CA ASN A 42 -6.43 -13.57 -2.03
C ASN A 42 -6.09 -12.80 -3.33
N PRO A 43 -5.30 -13.40 -4.28
CA PRO A 43 -4.95 -12.74 -5.55
C PRO A 43 -6.09 -12.76 -6.59
N THR A 44 -6.42 -11.58 -7.12
CA THR A 44 -7.47 -11.44 -8.14
C THR A 44 -6.90 -11.63 -9.53
N GLU A 45 -6.99 -12.89 -9.94
CA GLU A 45 -6.52 -13.35 -11.25
C GLU A 45 -7.40 -12.81 -12.37
N ALA A 46 -8.70 -12.95 -12.16
CA ALA A 46 -9.71 -12.50 -13.11
C ALA A 46 -9.92 -10.97 -13.15
N GLU A 47 -9.73 -10.30 -12.00
CA GLU A 47 -9.98 -8.86 -11.87
C GLU A 47 -8.94 -7.89 -12.44
N LEU A 48 -7.72 -8.34 -12.82
CA LEU A 48 -6.73 -7.39 -13.34
C LEU A 48 -7.09 -6.80 -14.68
N GLN A 49 -7.66 -7.61 -15.58
CA GLN A 49 -8.07 -7.12 -16.87
C GLN A 49 -9.21 -6.16 -16.65
N ASP A 50 -9.97 -6.38 -15.59
CA ASP A 50 -11.02 -5.47 -15.24
C ASP A 50 -10.46 -4.18 -14.61
N MET A 51 -9.13 -4.17 -14.31
CA MET A 51 -8.52 -2.98 -13.70
C MET A 51 -7.61 -2.22 -14.68
N ILE A 52 -6.62 -2.90 -15.31
CA ILE A 52 -5.73 -2.19 -16.22
C ILE A 52 -6.46 -1.91 -17.52
N ASN A 53 -7.31 -2.87 -17.86
CA ASN A 53 -8.14 -2.85 -19.06
C ASN A 53 -9.28 -1.83 -19.01
N GLU A 54 -9.88 -1.67 -17.82
CA GLU A 54 -11.02 -0.76 -17.65
C GLU A 54 -10.60 0.68 -17.41
N VAL A 55 -9.36 0.92 -17.00
CA VAL A 55 -8.92 2.30 -16.74
C VAL A 55 -7.82 2.81 -17.70
N ASP A 56 -7.22 1.90 -18.52
CA ASP A 56 -6.18 2.30 -19.50
C ASP A 56 -6.84 2.99 -20.71
N ALA A 57 -7.44 4.17 -20.45
CA ALA A 57 -8.16 4.95 -21.47
C ALA A 57 -7.19 5.60 -22.45
N ASP A 58 -5.99 5.90 -21.95
CA ASP A 58 -4.95 6.48 -22.78
C ASP A 58 -3.98 5.38 -23.17
N GLY A 59 -4.42 4.18 -22.80
CA GLY A 59 -3.73 2.91 -23.02
C GLY A 59 -2.21 2.95 -23.00
N ASN A 60 -1.63 2.56 -21.87
CA ASN A 60 -0.20 2.52 -21.68
C ASN A 60 0.32 1.08 -21.66
N GLY A 61 -0.59 0.13 -21.98
CA GLY A 61 -0.26 -1.29 -21.88
C GLY A 61 -0.36 -1.68 -20.43
N THR A 62 0.06 -0.71 -19.63
CA THR A 62 0.05 -0.76 -18.22
C THR A 62 -0.98 0.30 -17.78
N ILE A 63 -0.60 1.22 -16.90
CA ILE A 63 -1.53 2.29 -16.45
C ILE A 63 -0.78 3.65 -16.41
N ASP A 64 -1.50 4.78 -16.51
CA ASP A 64 -0.88 6.11 -16.41
C ASP A 64 -1.55 6.93 -15.29
N PHE A 65 -1.15 8.21 -15.15
CA PHE A 65 -1.65 9.11 -14.09
C PHE A 65 -3.13 9.61 -14.19
N PRO A 66 -3.58 10.24 -15.33
CA PRO A 66 -4.93 10.83 -15.42
C PRO A 66 -6.16 9.89 -15.43
N GLU A 67 -6.51 9.36 -16.61
CA GLU A 67 -7.71 8.52 -16.84
C GLU A 67 -7.69 7.19 -16.10
N PHE A 68 -6.52 6.74 -15.75
CA PHE A 68 -6.31 5.45 -15.11
C PHE A 68 -6.70 5.42 -13.62
N LEU A 69 -6.37 6.49 -12.88
CA LEU A 69 -6.68 6.61 -11.44
C LEU A 69 -8.17 6.84 -11.13
N THR A 70 -9.02 6.93 -12.18
CA THR A 70 -10.46 7.15 -11.99
C THR A 70 -11.14 5.98 -11.29
N MET A 71 -10.43 4.87 -11.19
CA MET A 71 -10.92 3.71 -10.47
C MET A 71 -10.96 4.03 -8.97
N MET A 72 -9.91 4.72 -8.50
CA MET A 72 -9.80 5.17 -7.12
C MET A 72 -10.70 6.41 -6.91
N ALA A 73 -11.17 6.99 -8.04
CA ALA A 73 -12.02 8.18 -8.05
C ALA A 73 -13.43 7.92 -7.48
N ARG A 74 -14.03 6.79 -7.89
CA ARG A 74 -15.38 6.42 -7.45
C ARG A 74 -15.45 6.24 -5.93
N LYS A 75 -14.42 5.62 -5.36
CA LYS A 75 -14.34 5.38 -3.92
C LYS A 75 -13.86 6.61 -3.14
N MET A 76 -13.12 7.52 -3.82
CA MET A 76 -12.59 8.73 -3.19
C MET A 76 -13.66 9.83 -3.05
N LYS A 77 -14.88 9.41 -2.72
CA LYS A 77 -16.01 10.31 -2.53
C LYS A 77 -16.07 10.85 -1.10
N ASP A 78 -14.89 11.26 -0.58
CA ASP A 78 -14.71 11.83 0.79
C ASP A 78 -15.12 10.81 1.88
N THR A 79 -14.26 9.81 2.09
CA THR A 79 -14.49 8.75 3.10
C THR A 79 -14.13 9.22 4.51
N ASP A 80 -14.50 8.41 5.51
CA ASP A 80 -14.22 8.70 6.92
C ASP A 80 -12.75 8.45 7.26
N SER A 81 -12.35 8.78 8.51
CA SER A 81 -10.97 8.60 8.96
C SER A 81 -10.66 7.14 9.33
N GLU A 82 -11.43 6.60 10.30
CA GLU A 82 -11.27 5.21 10.77
C GLU A 82 -11.40 4.19 9.64
N GLU A 83 -12.22 4.52 8.63
CA GLU A 83 -12.39 3.63 7.46
C GLU A 83 -11.10 3.65 6.65
N GLU A 84 -10.44 4.82 6.63
CA GLU A 84 -9.16 5.00 5.95
C GLU A 84 -8.04 4.42 6.81
N ILE A 85 -8.27 4.38 8.14
CA ILE A 85 -7.32 3.82 9.11
C ILE A 85 -7.33 2.30 9.01
N ARG A 86 -8.55 1.73 8.92
CA ARG A 86 -8.69 0.27 8.78
C ARG A 86 -8.19 -0.17 7.41
N GLU A 87 -8.22 0.75 6.42
CA GLU A 87 -7.73 0.50 5.06
C GLU A 87 -6.21 0.44 5.03
N ALA A 88 -5.63 0.43 6.22
CA ALA A 88 -4.21 0.29 6.37
C ALA A 88 -3.88 -0.67 7.52
N PHE A 89 -4.87 -0.91 8.40
CA PHE A 89 -4.72 -1.79 9.56
C PHE A 89 -4.73 -3.31 9.20
N ARG A 90 -5.93 -3.87 8.90
CA ARG A 90 -6.06 -5.31 8.58
C ARG A 90 -5.44 -5.60 7.22
N VAL A 91 -5.21 -4.50 6.54
CA VAL A 91 -4.60 -4.45 5.22
C VAL A 91 -3.08 -4.67 5.38
N PHE A 92 -2.58 -4.18 6.53
CA PHE A 92 -1.17 -4.29 6.91
C PHE A 92 -0.92 -5.64 7.63
N ASP A 93 -1.78 -5.99 8.60
CA ASP A 93 -1.71 -7.23 9.35
C ASP A 93 -2.49 -8.36 8.61
N LYS A 94 -1.79 -9.41 8.15
CA LYS A 94 -2.43 -10.54 7.46
C LYS A 94 -3.37 -11.34 8.38
N ASP A 95 -2.98 -11.50 9.65
CA ASP A 95 -3.78 -12.23 10.63
C ASP A 95 -4.45 -11.27 11.62
N GLY A 96 -3.64 -10.42 12.28
CA GLY A 96 -4.16 -9.45 13.24
C GLY A 96 -4.38 -10.04 14.63
N ASN A 97 -3.28 -10.23 15.36
CA ASN A 97 -3.34 -10.78 16.71
C ASN A 97 -2.68 -9.82 17.71
N GLY A 98 -2.95 -8.51 17.54
CA GLY A 98 -2.38 -7.49 18.41
C GLY A 98 -1.00 -7.06 17.94
N TYR A 99 -0.41 -7.88 17.06
CA TYR A 99 0.92 -7.64 16.48
C TYR A 99 0.94 -8.09 15.03
N ILE A 100 1.73 -7.40 14.22
CA ILE A 100 1.90 -7.70 12.80
C ILE A 100 3.15 -8.49 12.65
N SER A 101 3.05 -9.51 11.82
CA SER A 101 4.11 -10.46 11.60
C SER A 101 5.26 -9.86 10.81
N ALA A 102 6.45 -10.45 11.00
CA ALA A 102 7.65 -9.92 10.36
C ALA A 102 7.68 -10.15 8.87
N ALA A 103 7.46 -11.39 8.48
CA ALA A 103 7.43 -11.79 7.07
C ALA A 103 6.12 -11.37 6.41
N GLU A 104 5.34 -10.54 7.12
CA GLU A 104 4.06 -10.10 6.63
C GLU A 104 4.17 -9.00 5.59
N LEU A 105 4.95 -7.95 5.85
CA LEU A 105 5.08 -6.91 4.85
C LEU A 105 5.70 -7.43 3.57
N ARG A 106 6.59 -8.45 3.63
CA ARG A 106 7.14 -8.98 2.38
C ARG A 106 6.01 -9.70 1.63
N HIS A 107 5.03 -10.22 2.40
CA HIS A 107 3.86 -10.87 1.81
C HIS A 107 2.89 -9.83 1.22
N VAL A 108 2.64 -8.75 2.01
CA VAL A 108 1.74 -7.65 1.63
C VAL A 108 2.38 -6.71 0.58
N MET A 109 3.58 -6.19 0.90
CA MET A 109 4.32 -5.26 0.04
C MET A 109 4.71 -5.85 -1.31
N THR A 110 4.93 -7.18 -1.34
CA THR A 110 5.32 -7.89 -2.58
C THR A 110 4.26 -7.73 -3.65
N ASN A 111 3.01 -7.78 -3.21
CA ASN A 111 1.85 -7.60 -4.07
C ASN A 111 1.71 -6.13 -4.44
N LEU A 112 2.38 -5.27 -3.64
CA LEU A 112 2.38 -3.82 -3.87
C LEU A 112 3.37 -3.46 -5.00
N GLY A 113 4.12 -4.46 -5.49
CA GLY A 113 5.03 -4.25 -6.61
C GLY A 113 6.48 -4.06 -6.25
N GLU A 114 6.83 -4.42 -5.02
CA GLU A 114 8.22 -4.36 -4.57
C GLU A 114 8.61 -5.73 -3.99
N LYS A 115 9.14 -6.57 -4.88
CA LYS A 115 9.53 -7.95 -4.54
C LYS A 115 10.74 -7.99 -3.61
N LEU A 116 10.44 -8.13 -2.32
CA LEU A 116 11.47 -8.21 -1.28
C LEU A 116 11.08 -9.18 -0.18
N THR A 117 12.10 -9.75 0.47
CA THR A 117 11.90 -10.66 1.59
C THR A 117 11.84 -9.87 2.91
N ASP A 118 11.71 -10.58 4.03
CA ASP A 118 11.61 -9.98 5.37
C ASP A 118 12.70 -8.95 5.69
N GLU A 119 13.88 -9.11 5.08
CA GLU A 119 15.03 -8.21 5.28
C GLU A 119 14.73 -6.71 5.09
N GLU A 120 14.12 -6.39 3.95
CA GLU A 120 13.78 -5.00 3.61
C GLU A 120 12.57 -4.56 4.40
N VAL A 121 11.71 -5.54 4.74
CA VAL A 121 10.53 -5.28 5.55
C VAL A 121 10.96 -5.09 7.01
N ASP A 122 12.09 -5.76 7.36
CA ASP A 122 12.66 -5.66 8.70
C ASP A 122 12.98 -4.21 9.06
N GLU A 123 13.41 -3.44 8.05
CA GLU A 123 13.64 -2.01 8.23
C GLU A 123 12.29 -1.34 8.29
N MET A 124 11.32 -1.98 7.60
CA MET A 124 9.93 -1.53 7.57
C MET A 124 9.21 -1.85 8.89
N ILE A 125 9.60 -2.97 9.55
CA ILE A 125 8.98 -3.37 10.81
C ILE A 125 9.74 -2.79 12.02
N ARG A 126 11.05 -2.57 11.84
CA ARG A 126 11.91 -1.98 12.88
C ARG A 126 11.45 -0.57 13.22
N GLU A 127 10.98 0.15 12.19
CA GLU A 127 10.46 1.52 12.33
C GLU A 127 9.21 1.56 13.21
N ALA A 128 8.47 0.43 13.27
CA ALA A 128 7.27 0.30 14.08
C ALA A 128 7.57 -0.27 15.45
N ASP A 129 8.71 -0.94 15.57
CA ASP A 129 9.11 -1.55 16.81
C ASP A 129 10.30 -0.83 17.44
N ILE A 130 10.02 -0.09 18.52
CA ILE A 130 11.06 0.65 19.26
C ILE A 130 11.90 -0.30 20.13
N ASP A 131 11.31 -1.46 20.43
CA ASP A 131 11.96 -2.48 21.25
C ASP A 131 12.63 -3.56 20.36
N GLY A 132 12.52 -3.41 19.03
CA GLY A 132 13.12 -4.35 18.08
C GLY A 132 12.62 -5.78 18.25
N ASP A 133 11.30 -5.96 18.30
CA ASP A 133 10.69 -7.29 18.46
C ASP A 133 10.41 -7.97 17.11
N GLY A 134 10.59 -7.22 16.01
CA GLY A 134 10.38 -7.78 14.67
C GLY A 134 8.92 -7.96 14.27
N GLN A 135 8.00 -7.33 15.00
CA GLN A 135 6.56 -7.44 14.70
C GLN A 135 5.83 -6.12 14.98
N VAL A 136 4.61 -5.89 14.41
CA VAL A 136 3.98 -4.60 14.67
C VAL A 136 2.64 -4.69 15.42
N ASN A 137 2.64 -4.14 16.63
CA ASN A 137 1.44 -4.05 17.48
C ASN A 137 0.54 -2.90 17.00
N TYR A 138 -0.71 -2.89 17.47
CA TYR A 138 -1.70 -1.86 17.09
C TYR A 138 -1.31 -0.43 17.48
N GLU A 139 -0.61 -0.29 18.60
CA GLU A 139 -0.19 1.01 19.14
C GLU A 139 0.82 1.78 18.32
N GLU A 140 1.81 1.12 17.76
CA GLU A 140 2.82 1.84 17.03
C GLU A 140 2.43 2.26 15.59
N PHE A 141 1.91 1.30 14.80
CA PHE A 141 1.52 1.57 13.40
C PHE A 141 0.37 2.59 13.24
N VAL A 142 -0.45 2.79 14.27
CA VAL A 142 -1.58 3.70 14.20
C VAL A 142 -1.09 5.14 14.17
N GLN A 143 -0.06 5.32 14.98
CA GLN A 143 0.65 6.57 15.14
C GLN A 143 1.12 7.11 13.79
N MET A 144 1.52 6.20 12.91
CA MET A 144 1.96 6.52 11.58
C MET A 144 0.82 6.88 10.63
N MET A 145 -0.40 6.42 10.92
CA MET A 145 -1.57 6.74 10.07
C MET A 145 -2.14 8.10 10.44
N THR A 146 -2.06 8.46 11.73
CA THR A 146 -2.48 9.78 12.18
C THR A 146 -1.46 10.82 11.67
N ALA A 147 -0.35 10.28 11.11
CA ALA A 147 0.71 11.04 10.47
C ALA A 147 1.45 10.16 9.46
N LYS A 148 0.78 9.94 8.33
CA LYS A 148 1.35 9.17 7.21
C LYS A 148 2.25 10.03 6.32
N TPO B 1 8.44 1.49 4.58
CA TPO B 1 8.48 1.61 6.05
CB TPO B 1 9.29 2.84 6.50
CG2 TPO B 1 10.78 2.63 6.28
OG1 TPO B 1 8.86 4.01 5.78
C TPO B 1 7.06 1.70 6.64
O TPO B 1 6.12 1.99 5.92
H1 TPO B 1 7.97 2.32 4.16
H2 TPO B 1 7.91 0.63 4.30
H3 TPO B 1 9.41 1.42 4.20
HA TPO B 1 8.95 0.73 6.45
HB TPO B 1 9.12 3.01 7.55
HG21 TPO B 1 11.10 1.72 6.79
HG22 TPO B 1 11.33 3.47 6.67
HG23 TPO B 1 10.98 2.53 5.22
N PHE B 2 6.94 1.50 7.97
CA PHE B 2 5.65 1.54 8.67
C PHE B 2 4.92 2.90 8.41
N LYS B 3 5.72 3.96 8.14
CA LYS B 3 5.21 5.31 7.84
C LYS B 3 4.57 5.45 6.45
N GLU B 4 5.33 5.08 5.40
CA GLU B 4 4.88 5.20 4.00
C GLU B 4 3.91 4.08 3.58
N VAL B 5 4.11 2.86 4.11
CA VAL B 5 3.28 1.70 3.78
C VAL B 5 1.77 1.97 4.04
N ALA B 6 1.46 2.83 5.02
CA ALA B 6 0.09 3.18 5.36
C ALA B 6 -0.66 3.81 4.17
N ASN B 7 -0.05 4.86 3.59
CA ASN B 7 -0.62 5.55 2.42
C ASN B 7 -0.49 4.72 1.14
N ALA B 8 0.51 3.82 1.10
CA ALA B 8 0.77 2.96 -0.07
C ALA B 8 -0.22 1.80 -0.18
N VAL B 9 -0.39 1.04 0.90
CA VAL B 9 -1.31 -0.11 0.92
C VAL B 9 -2.79 0.33 0.92
N LYS B 10 -3.06 1.54 1.46
CA LYS B 10 -4.41 2.11 1.53
C LYS B 10 -5.01 2.46 0.16
N ILE B 11 -4.15 2.79 -0.82
CA ILE B 11 -4.60 3.15 -2.18
C ILE B 11 -5.23 1.95 -2.92
N SER B 12 -4.73 0.75 -2.61
CA SER B 12 -5.24 -0.48 -3.22
C SER B 12 -6.32 -1.14 -2.35
N ALA B 13 -6.73 -0.43 -1.29
CA ALA B 13 -7.75 -0.93 -0.36
C ALA B 13 -9.16 -0.48 -0.76
N SER B 14 -9.25 0.43 -1.72
CA SER B 14 -10.55 0.96 -2.19
C SER B 14 -11.04 0.23 -3.45
N LEU B 15 -10.17 -0.60 -4.05
CA LEU B 15 -10.54 -1.34 -5.27
C LEU B 15 -11.23 -2.67 -4.95
N MET B 16 -11.27 -3.04 -3.67
CA MET B 16 -11.91 -4.28 -3.22
C MET B 16 -13.33 -4.02 -2.73
N ALA A 1 13.73 12.63 8.27
CA ALA A 1 15.05 12.88 8.89
C ALA A 1 15.56 14.28 8.59
N ASP A 2 15.37 14.73 7.33
CA ASP A 2 15.79 16.06 6.90
C ASP A 2 14.62 17.05 6.90
N GLN A 3 13.46 16.60 6.41
CA GLN A 3 12.26 17.43 6.35
C GLN A 3 11.03 16.61 6.74
N LEU A 4 10.08 17.28 7.41
CA LEU A 4 8.83 16.63 7.85
C LEU A 4 7.62 17.13 7.05
N THR A 5 7.87 18.00 6.05
CA THR A 5 6.80 18.56 5.22
C THR A 5 6.55 17.71 3.98
N GLU A 6 7.59 17.00 3.58
CA GLU A 6 7.58 16.13 2.41
C GLU A 6 6.76 14.85 2.64
N GLU A 7 6.83 14.31 3.86
CA GLU A 7 6.11 13.08 4.23
C GLU A 7 4.60 13.32 4.39
N GLN A 8 4.21 14.61 4.39
CA GLN A 8 2.80 15.01 4.56
C GLN A 8 1.99 14.85 3.29
N ILE A 9 2.48 15.37 2.16
CA ILE A 9 1.74 15.29 0.90
C ILE A 9 2.65 15.11 -0.33
N ALA A 10 3.97 15.23 -0.13
CA ALA A 10 4.94 15.09 -1.23
C ALA A 10 5.32 13.63 -1.50
N GLU A 11 5.34 12.84 -0.42
CA GLU A 11 5.68 11.42 -0.49
C GLU A 11 4.55 10.55 -1.08
N PHE A 12 3.42 11.18 -1.43
CA PHE A 12 2.31 10.47 -2.06
C PHE A 12 2.73 10.09 -3.48
N LYS A 13 3.37 11.06 -4.15
CA LYS A 13 3.91 10.87 -5.49
C LYS A 13 5.23 10.12 -5.42
N GLU A 14 5.53 9.71 -4.20
CA GLU A 14 6.70 8.94 -3.86
C GLU A 14 6.26 7.49 -3.66
N ALA A 15 4.97 7.35 -3.29
CA ALA A 15 4.32 6.06 -3.07
C ALA A 15 3.97 5.40 -4.40
N PHE A 16 3.87 6.24 -5.46
CA PHE A 16 3.56 5.75 -6.81
C PHE A 16 4.70 4.88 -7.35
N SER A 17 5.91 5.25 -6.94
CA SER A 17 7.13 4.54 -7.32
C SER A 17 7.26 3.18 -6.64
N LEU A 18 6.38 2.90 -5.66
CA LEU A 18 6.38 1.63 -4.93
C LEU A 18 5.91 0.47 -5.82
N PHE A 19 4.77 0.67 -6.48
CA PHE A 19 4.20 -0.34 -7.39
C PHE A 19 4.70 -0.15 -8.83
N ASP A 20 4.99 1.12 -9.21
CA ASP A 20 5.50 1.43 -10.56
C ASP A 20 6.97 1.03 -10.69
N LYS A 21 7.14 -0.16 -11.27
CA LYS A 21 8.46 -0.78 -11.49
C LYS A 21 9.25 -0.11 -12.62
N ASP A 22 8.53 0.56 -13.54
CA ASP A 22 9.14 1.23 -14.69
C ASP A 22 9.71 2.61 -14.32
N GLY A 23 9.06 3.30 -13.37
CA GLY A 23 9.51 4.63 -12.95
C GLY A 23 9.12 5.74 -13.92
N ASP A 24 8.64 5.34 -15.11
CA ASP A 24 8.20 6.30 -16.14
C ASP A 24 6.73 6.67 -15.93
N GLY A 25 6.13 6.11 -14.87
CA GLY A 25 4.75 6.38 -14.53
C GLY A 25 3.79 5.30 -15.03
N THR A 26 4.20 4.04 -14.93
CA THR A 26 3.38 2.90 -15.37
C THR A 26 3.62 1.70 -14.51
N ILE A 27 2.52 1.01 -14.31
CA ILE A 27 2.52 -0.21 -13.54
C ILE A 27 2.16 -1.42 -14.39
N THR A 28 3.00 -2.44 -14.31
CA THR A 28 2.79 -3.70 -15.05
C THR A 28 1.56 -4.42 -14.58
N THR A 29 0.83 -4.91 -15.57
CA THR A 29 -0.40 -5.62 -15.38
C THR A 29 -0.18 -7.03 -14.79
N LYS A 30 1.03 -7.28 -14.27
CA LYS A 30 1.36 -8.55 -13.62
C LYS A 30 0.76 -8.60 -12.21
N GLU A 31 1.33 -7.81 -11.29
CA GLU A 31 0.88 -7.72 -9.88
C GLU A 31 -0.37 -6.86 -9.69
N LEU A 32 -1.03 -6.43 -10.79
CA LEU A 32 -2.22 -5.56 -10.69
C LEU A 32 -3.23 -6.07 -9.66
N GLY A 33 -3.24 -7.38 -9.41
CA GLY A 33 -4.13 -7.96 -8.40
C GLY A 33 -3.66 -7.68 -6.99
N THR A 34 -2.94 -6.59 -6.85
CA THR A 34 -2.36 -6.15 -5.57
C THR A 34 -3.38 -5.56 -4.59
N VAL A 35 -4.61 -5.29 -5.07
CA VAL A 35 -5.66 -4.74 -4.21
C VAL A 35 -6.11 -5.79 -3.17
N MET A 36 -6.62 -6.92 -3.68
CA MET A 36 -7.06 -8.05 -2.84
C MET A 36 -5.87 -8.80 -2.23
N ARG A 37 -4.81 -8.91 -3.02
CA ARG A 37 -3.62 -9.66 -2.62
C ARG A 37 -2.72 -8.93 -1.59
N SER A 38 -3.33 -8.65 -0.44
CA SER A 38 -2.68 -8.05 0.72
C SER A 38 -3.41 -8.61 1.93
N LEU A 39 -4.69 -8.89 1.68
CA LEU A 39 -5.62 -9.50 2.62
C LEU A 39 -5.41 -11.02 2.63
N GLY A 40 -4.32 -11.45 1.97
CA GLY A 40 -4.05 -12.87 1.81
C GLY A 40 -5.15 -13.45 0.93
N GLN A 41 -5.39 -12.73 -0.17
CA GLN A 41 -6.45 -13.02 -1.11
C GLN A 41 -5.99 -13.54 -2.45
N ASN A 42 -6.89 -13.30 -3.41
CA ASN A 42 -6.77 -13.72 -4.76
C ASN A 42 -6.84 -12.56 -5.77
N PRO A 43 -6.22 -12.68 -6.98
CA PRO A 43 -6.26 -11.64 -8.02
C PRO A 43 -7.57 -11.63 -8.82
N THR A 44 -8.05 -10.44 -9.19
CA THR A 44 -9.28 -10.29 -9.99
C THR A 44 -8.96 -9.80 -11.36
N GLU A 45 -8.79 -10.81 -12.23
CA GLU A 45 -8.43 -10.63 -13.65
C GLU A 45 -9.41 -9.67 -14.31
N ALA A 46 -10.68 -9.86 -13.97
CA ALA A 46 -11.76 -9.06 -14.47
C ALA A 46 -11.77 -7.64 -13.88
N GLU A 47 -11.20 -7.48 -12.66
CA GLU A 47 -11.18 -6.18 -11.98
C GLU A 47 -10.12 -5.21 -12.50
N LEU A 48 -8.82 -5.56 -12.40
CA LEU A 48 -7.75 -4.67 -12.85
C LEU A 48 -7.80 -4.42 -14.34
N GLN A 49 -8.30 -5.41 -15.10
CA GLN A 49 -8.47 -5.22 -16.53
C GLN A 49 -9.58 -4.22 -16.72
N ASP A 50 -10.51 -4.22 -15.76
CA ASP A 50 -11.58 -3.25 -15.75
C ASP A 50 -11.08 -1.89 -15.23
N MET A 51 -9.83 -1.86 -14.72
CA MET A 51 -9.26 -0.63 -14.18
C MET A 51 -8.09 -0.09 -15.00
N ILE A 52 -7.15 -0.95 -15.43
CA ILE A 52 -6.01 -0.47 -16.21
C ILE A 52 -6.52 -0.14 -17.61
N ASN A 53 -7.59 -0.83 -17.95
CA ASN A 53 -8.30 -0.70 -19.21
C ASN A 53 -9.12 0.60 -19.31
N GLU A 54 -9.75 0.99 -18.18
CA GLU A 54 -10.60 2.19 -18.14
C GLU A 54 -9.85 3.49 -17.91
N VAL A 55 -8.81 3.45 -17.08
CA VAL A 55 -8.06 4.67 -16.75
C VAL A 55 -6.84 4.94 -17.67
N ASP A 56 -6.56 4.02 -18.61
CA ASP A 56 -5.45 4.19 -19.57
C ASP A 56 -5.87 5.19 -20.67
N ALA A 57 -6.11 6.45 -20.25
CA ALA A 57 -6.53 7.53 -21.15
C ALA A 57 -5.42 7.93 -22.10
N ASP A 58 -4.20 7.79 -21.61
CA ASP A 58 -3.02 8.07 -22.41
C ASP A 58 -2.48 6.74 -22.93
N GLY A 59 -3.34 5.74 -22.75
CA GLY A 59 -3.11 4.35 -23.13
C GLY A 59 -1.67 3.88 -23.05
N ASN A 60 -1.24 3.57 -21.82
CA ASN A 60 0.11 3.12 -21.56
C ASN A 60 0.21 1.59 -21.57
N GLY A 61 -0.90 0.91 -21.89
CA GLY A 61 -0.96 -0.54 -21.84
C GLY A 61 -1.16 -0.94 -20.40
N THR A 62 -0.48 -0.15 -19.57
CA THR A 62 -0.50 -0.26 -18.16
C THR A 62 -1.27 0.98 -17.67
N ILE A 63 -0.70 1.78 -16.76
CA ILE A 63 -1.38 2.99 -16.30
C ILE A 63 -0.41 4.18 -16.25
N ASP A 64 -0.94 5.39 -16.09
CA ASP A 64 -0.11 6.59 -16.00
C ASP A 64 -0.17 7.20 -14.59
N PHE A 65 0.49 8.36 -14.39
CA PHE A 65 0.54 9.04 -13.08
C PHE A 65 -0.82 9.65 -12.63
N PRO A 66 -1.43 10.63 -13.38
CA PRO A 66 -2.71 11.27 -12.98
C PRO A 66 -3.95 10.37 -13.12
N GLU A 67 -3.94 9.55 -14.18
CA GLU A 67 -5.05 8.64 -14.50
C GLU A 67 -5.35 7.59 -13.42
N PHE A 68 -4.37 7.31 -12.55
CA PHE A 68 -4.53 6.33 -11.47
C PHE A 68 -5.42 6.85 -10.32
N LEU A 69 -5.31 8.15 -10.02
CA LEU A 69 -6.07 8.78 -8.92
C LEU A 69 -7.56 8.95 -9.23
N THR A 70 -7.96 8.83 -10.51
CA THR A 70 -9.36 8.98 -10.90
C THR A 70 -10.19 7.75 -10.58
N MET A 71 -9.56 6.59 -10.62
CA MET A 71 -10.23 5.35 -10.24
C MET A 71 -10.51 5.38 -8.75
N MET A 72 -9.55 6.00 -8.02
CA MET A 72 -9.66 6.21 -6.58
C MET A 72 -10.63 7.38 -6.32
N ALA A 73 -10.84 8.20 -7.37
CA ALA A 73 -11.73 9.36 -7.31
C ALA A 73 -13.20 8.98 -7.20
N ARG A 74 -13.61 7.94 -7.95
CA ARG A 74 -14.98 7.45 -7.95
C ARG A 74 -15.37 6.86 -6.59
N LYS A 75 -14.42 6.16 -5.96
CA LYS A 75 -14.61 5.55 -4.65
C LYS A 75 -14.45 6.56 -3.50
N MET A 76 -13.70 7.66 -3.76
CA MET A 76 -13.48 8.69 -2.76
C MET A 76 -14.69 9.66 -2.60
N LYS A 77 -15.88 9.08 -2.71
CA LYS A 77 -17.13 9.81 -2.59
C LYS A 77 -17.57 9.94 -1.12
N ASP A 78 -16.66 10.44 -0.26
CA ASP A 78 -16.90 10.63 1.19
C ASP A 78 -17.20 9.28 1.89
N THR A 79 -16.28 8.32 1.68
CA THR A 79 -16.39 6.98 2.28
C THR A 79 -15.93 6.97 3.75
N ASP A 80 -16.14 5.83 4.44
CA ASP A 80 -15.77 5.67 5.84
C ASP A 80 -14.26 5.49 6.00
N SER A 81 -13.72 6.01 7.12
CA SER A 81 -12.29 5.93 7.41
C SER A 81 -11.89 4.56 7.99
N GLU A 82 -12.60 4.12 9.04
CA GLU A 82 -12.35 2.84 9.73
C GLU A 82 -12.38 1.65 8.78
N GLU A 83 -13.20 1.72 7.73
CA GLU A 83 -13.26 0.64 6.74
C GLU A 83 -11.96 0.64 5.93
N GLU A 84 -11.42 1.85 5.72
CA GLU A 84 -10.14 2.03 5.02
C GLU A 84 -8.99 1.72 5.97
N ILE A 85 -9.25 1.86 7.30
CA ILE A 85 -8.28 1.57 8.34
C ILE A 85 -8.13 0.07 8.49
N ARG A 86 -9.27 -0.63 8.51
CA ARG A 86 -9.27 -2.11 8.62
C ARG A 86 -8.77 -2.74 7.31
N GLU A 87 -9.07 -2.06 6.18
CA GLU A 87 -8.62 -2.48 4.85
C GLU A 87 -7.13 -2.30 4.65
N ALA A 88 -6.47 -1.98 5.75
CA ALA A 88 -5.05 -1.85 5.77
C ALA A 88 -4.48 -2.46 7.05
N PHE A 89 -5.34 -2.60 8.07
CA PHE A 89 -4.97 -3.15 9.37
C PHE A 89 -4.79 -4.68 9.39
N ARG A 90 -5.91 -5.44 9.29
CA ARG A 90 -5.86 -6.93 9.32
C ARG A 90 -5.26 -7.44 8.03
N VAL A 91 -5.23 -6.53 7.08
CA VAL A 91 -4.68 -6.71 5.75
C VAL A 91 -3.14 -6.66 5.83
N PHE A 92 -2.68 -5.88 6.82
CA PHE A 92 -1.25 -5.70 7.10
C PHE A 92 -0.75 -6.81 8.04
N ASP A 93 -1.47 -7.02 9.17
CA ASP A 93 -1.15 -8.05 10.14
C ASP A 93 -1.79 -9.41 9.73
N LYS A 94 -0.96 -10.35 9.27
CA LYS A 94 -1.43 -11.67 8.84
C LYS A 94 -2.01 -12.52 9.99
N ASP A 95 -1.46 -12.35 11.20
CA ASP A 95 -1.91 -13.10 12.38
C ASP A 95 -2.97 -12.32 13.17
N GLY A 96 -2.61 -11.12 13.63
CA GLY A 96 -3.54 -10.28 14.39
C GLY A 96 -3.59 -10.63 15.87
N ASN A 97 -2.45 -10.48 16.56
CA ASN A 97 -2.36 -10.79 17.98
C ASN A 97 -1.87 -9.56 18.76
N GLY A 98 -2.30 -8.38 18.32
CA GLY A 98 -1.90 -7.13 18.97
C GLY A 98 -0.54 -6.63 18.47
N TYR A 99 0.15 -7.51 17.74
CA TYR A 99 1.47 -7.24 17.16
C TYR A 99 1.52 -7.75 15.71
N ILE A 100 2.31 -7.06 14.89
CA ILE A 100 2.51 -7.45 13.49
C ILE A 100 3.86 -8.11 13.43
N SER A 101 3.88 -9.21 12.73
CA SER A 101 5.04 -10.05 12.61
C SER A 101 6.10 -9.40 11.74
N ALA A 102 7.35 -9.79 11.98
CA ALA A 102 8.47 -9.17 11.29
C ALA A 102 8.52 -9.54 9.82
N ALA A 103 8.51 -10.85 9.56
CA ALA A 103 8.52 -11.39 8.20
C ALA A 103 7.14 -11.28 7.55
N GLU A 104 6.25 -10.49 8.16
CA GLU A 104 4.90 -10.35 7.67
C GLU A 104 4.78 -9.44 6.47
N LEU A 105 5.34 -8.22 6.51
CA LEU A 105 5.24 -7.37 5.35
C LEU A 105 5.92 -7.97 4.14
N ARG A 106 7.00 -8.77 4.33
CA ARG A 106 7.61 -9.39 3.17
C ARG A 106 6.64 -10.44 2.62
N HIS A 107 5.80 -10.99 3.52
CA HIS A 107 4.76 -11.95 3.11
C HIS A 107 3.58 -11.21 2.43
N VAL A 108 3.12 -10.13 3.08
CA VAL A 108 1.99 -9.30 2.59
C VAL A 108 2.39 -8.41 1.41
N MET A 109 3.44 -7.57 1.59
CA MET A 109 3.91 -6.65 0.56
C MET A 109 4.36 -7.39 -0.71
N THR A 110 4.85 -8.63 -0.55
CA THR A 110 5.28 -9.46 -1.67
C THR A 110 4.07 -9.75 -2.56
N ASN A 111 2.94 -9.91 -1.87
CA ASN A 111 1.65 -10.14 -2.50
C ASN A 111 1.16 -8.84 -3.13
N LEU A 112 1.74 -7.71 -2.65
CA LEU A 112 1.41 -6.38 -3.16
C LEU A 112 2.22 -6.07 -4.44
N GLY A 113 3.07 -7.03 -4.85
CA GLY A 113 3.82 -6.89 -6.11
C GLY A 113 5.27 -6.44 -5.99
N GLU A 114 5.80 -6.38 -4.77
CA GLU A 114 7.20 -6.01 -4.58
C GLU A 114 7.88 -7.08 -3.72
N LYS A 115 8.50 -8.06 -4.41
CA LYS A 115 9.17 -9.20 -3.78
C LYS A 115 10.39 -8.78 -2.95
N LEU A 116 10.21 -8.75 -1.63
CA LEU A 116 11.28 -8.41 -0.70
C LEU A 116 11.34 -9.38 0.47
N THR A 117 12.46 -9.32 1.19
CA THR A 117 12.69 -10.14 2.36
C THR A 117 12.40 -9.29 3.62
N ASP A 118 12.51 -9.90 4.81
CA ASP A 118 12.28 -9.21 6.10
C ASP A 118 13.15 -7.96 6.24
N GLU A 119 14.31 -7.98 5.58
CA GLU A 119 15.29 -6.87 5.58
C GLU A 119 14.67 -5.51 5.21
N GLU A 120 13.94 -5.51 4.10
CA GLU A 120 13.28 -4.32 3.58
C GLU A 120 12.11 -3.93 4.48
N VAL A 121 11.45 -4.97 5.02
CA VAL A 121 10.34 -4.79 5.95
C VAL A 121 10.87 -4.38 7.33
N ASP A 122 12.11 -4.82 7.64
CA ASP A 122 12.77 -4.49 8.89
C ASP A 122 12.87 -2.98 9.09
N GLU A 123 13.02 -2.25 7.98
CA GLU A 123 13.02 -0.78 8.00
C GLU A 123 11.59 -0.34 8.27
N MET A 124 10.65 -1.20 7.83
CA MET A 124 9.22 -1.01 8.03
C MET A 124 8.85 -1.29 9.50
N ILE A 125 9.40 -2.38 10.09
CA ILE A 125 9.08 -2.74 11.47
C ILE A 125 9.88 -1.93 12.50
N ARG A 126 11.08 -1.49 12.11
CA ARG A 126 11.95 -0.67 12.98
C ARG A 126 11.38 0.74 13.18
N GLU A 127 10.68 1.24 12.15
CA GLU A 127 10.07 2.57 12.20
C GLU A 127 8.76 2.59 13.01
N ALA A 128 8.17 1.41 13.21
CA ALA A 128 6.95 1.27 13.98
C ALA A 128 7.23 0.88 15.42
N ASP A 129 8.42 0.33 15.64
CA ASP A 129 8.83 -0.11 16.95
C ASP A 129 9.92 0.79 17.53
N ILE A 130 9.54 1.61 18.51
CA ILE A 130 10.46 2.52 19.19
C ILE A 130 11.36 1.77 20.18
N ASP A 131 10.87 0.60 20.61
CA ASP A 131 11.57 -0.26 21.55
C ASP A 131 12.40 -1.34 20.82
N GLY A 132 12.33 -1.35 19.47
CA GLY A 132 13.07 -2.32 18.65
C GLY A 132 12.73 -3.77 18.95
N ASP A 133 11.43 -4.10 18.99
CA ASP A 133 10.98 -5.47 19.28
C ASP A 133 10.84 -6.30 18.00
N GLY A 134 10.98 -5.66 16.82
CA GLY A 134 10.89 -6.36 15.54
C GLY A 134 9.48 -6.77 15.13
N GLN A 135 8.46 -6.19 15.78
CA GLN A 135 7.06 -6.51 15.46
C GLN A 135 6.17 -5.28 15.61
N VAL A 136 4.99 -5.22 14.95
CA VAL A 136 4.22 -3.98 15.05
C VAL A 136 2.83 -4.13 15.70
N ASN A 137 2.65 -3.43 16.82
CA ASN A 137 1.37 -3.38 17.54
C ASN A 137 0.40 -2.41 16.84
N TYR A 138 -0.87 -2.43 17.26
CA TYR A 138 -1.91 -1.58 16.67
C TYR A 138 -1.70 -0.08 16.99
N GLU A 139 -1.13 0.19 18.17
CA GLU A 139 -0.87 1.55 18.65
C GLU A 139 0.22 2.28 17.91
N GLU A 140 1.27 1.60 17.50
CA GLU A 140 2.34 2.29 16.83
C GLU A 140 2.08 2.61 15.35
N PHE A 141 1.65 1.60 14.57
CA PHE A 141 1.33 1.78 13.14
C PHE A 141 0.27 2.87 12.87
N VAL A 142 -0.63 3.11 13.83
CA VAL A 142 -1.67 4.12 13.68
C VAL A 142 -1.05 5.50 13.83
N GLN A 143 -0.17 5.54 14.81
CA GLN A 143 0.62 6.69 15.18
C GLN A 143 1.52 7.15 14.02
N MET A 144 2.06 6.15 13.33
CA MET A 144 2.93 6.35 12.18
C MET A 144 2.14 6.78 10.93
N MET A 145 0.84 6.44 10.89
CA MET A 145 -0.02 6.80 9.75
C MET A 145 -0.68 8.15 9.98
N THR A 146 -1.04 8.45 11.24
CA THR A 146 -1.61 9.76 11.58
C THR A 146 -0.49 10.81 11.37
N ALA A 147 0.73 10.28 11.23
CA ALA A 147 1.93 11.04 10.95
C ALA A 147 2.90 10.17 10.15
N LYS A 148 2.58 10.01 8.87
CA LYS A 148 3.40 9.26 7.92
C LYS A 148 4.54 10.13 7.35
N TPO B 1 8.83 1.61 4.60
CA TPO B 1 8.70 1.74 6.08
CB TPO B 1 9.31 3.07 6.58
CG2 TPO B 1 10.83 3.06 6.43
OG1 TPO B 1 8.77 4.18 5.84
C TPO B 1 7.23 1.68 6.51
O TPO B 1 6.34 1.97 5.72
H1 TPO B 1 8.30 2.38 4.13
H2 TPO B 1 8.44 0.70 4.29
H3 TPO B 1 9.82 1.67 4.32
HA TPO B 1 9.24 0.93 6.53
HB TPO B 1 9.06 3.19 7.62
HG21 TPO B 1 11.24 2.25 7.00
HG22 TPO B 1 11.23 4.00 6.80
HG23 TPO B 1 11.09 2.95 5.39
N PHE B 2 6.98 1.33 7.79
CA PHE B 2 5.60 1.23 8.35
C PHE B 2 4.82 2.55 8.14
N LYS B 3 5.57 3.67 8.09
CA LYS B 3 5.01 5.02 7.90
C LYS B 3 4.55 5.27 6.44
N GLU B 4 5.47 5.06 5.48
CA GLU B 4 5.20 5.28 4.04
C GLU B 4 4.38 4.13 3.43
N VAL B 5 4.78 2.90 3.75
CA VAL B 5 4.11 1.67 3.25
C VAL B 5 2.62 1.64 3.63
N ALA B 6 2.28 2.29 4.76
CA ALA B 6 0.89 2.37 5.25
C ALA B 6 -0.07 2.90 4.16
N ASN B 7 0.42 3.87 3.38
CA ASN B 7 -0.34 4.47 2.27
C ASN B 7 -0.48 3.51 1.07
N ALA B 8 0.40 2.50 0.99
CA ALA B 8 0.40 1.52 -0.11
C ALA B 8 -0.79 0.55 -0.05
N VAL B 9 -0.97 -0.12 1.10
CA VAL B 9 -2.09 -1.07 1.30
C VAL B 9 -3.43 -0.30 1.45
N LYS B 10 -3.35 0.94 1.95
CA LYS B 10 -4.53 1.81 2.17
C LYS B 10 -5.25 2.18 0.87
N ILE B 11 -4.51 2.26 -0.25
CA ILE B 11 -5.10 2.59 -1.56
C ILE B 11 -5.90 1.41 -2.16
N SER B 12 -5.86 0.26 -1.48
CA SER B 12 -6.58 -0.93 -1.92
C SER B 12 -7.97 -1.04 -1.24
N ALA B 13 -8.35 0.03 -0.52
CA ALA B 13 -9.64 0.08 0.18
C ALA B 13 -10.78 0.55 -0.73
N SER B 14 -10.43 0.99 -1.96
CA SER B 14 -11.40 1.47 -2.93
C SER B 14 -12.05 0.30 -3.70
N LEU B 15 -11.23 -0.71 -4.04
CA LEU B 15 -11.70 -1.90 -4.75
C LEU B 15 -12.08 -3.01 -3.79
N MET B 16 -11.25 -3.20 -2.75
CA MET B 16 -11.48 -4.22 -1.74
C MET B 16 -12.03 -3.59 -0.45
N ALA A 1 7.65 13.96 10.09
CA ALA A 1 8.32 14.05 11.42
C ALA A 1 8.62 15.50 11.79
N ASP A 2 9.07 16.29 10.80
CA ASP A 2 9.40 17.70 11.01
C ASP A 2 8.30 18.61 10.45
N GLN A 3 7.78 18.27 9.26
CA GLN A 3 6.72 19.04 8.62
C GLN A 3 5.66 18.11 8.03
N LEU A 4 4.42 18.62 8.00
CA LEU A 4 3.28 17.86 7.46
C LEU A 4 2.97 18.28 6.01
N THR A 5 4.02 18.39 5.20
CA THR A 5 3.89 18.78 3.79
C THR A 5 4.85 17.99 2.91
N GLU A 6 5.91 17.53 3.53
CA GLU A 6 6.96 16.75 2.89
C GLU A 6 6.51 15.32 2.55
N GLU A 7 5.41 14.88 3.16
CA GLU A 7 4.86 13.52 2.94
C GLU A 7 4.18 13.42 1.57
N GLN A 8 3.36 14.42 1.24
CA GLN A 8 2.62 14.46 -0.02
C GLN A 8 3.49 14.91 -1.22
N ILE A 9 4.73 15.33 -0.95
CA ILE A 9 5.63 15.79 -2.01
C ILE A 9 6.87 14.89 -2.12
N ALA A 10 7.55 14.64 -1.00
CA ALA A 10 8.76 13.81 -0.98
C ALA A 10 8.43 12.32 -0.86
N GLU A 11 7.56 11.98 0.11
CA GLU A 11 7.15 10.59 0.35
C GLU A 11 6.16 10.10 -0.71
N PHE A 12 5.56 11.03 -1.46
CA PHE A 12 4.65 10.67 -2.54
C PHE A 12 5.49 10.15 -3.70
N LYS A 13 6.65 10.81 -3.90
CA LYS A 13 7.62 10.41 -4.89
C LYS A 13 8.44 9.22 -4.37
N GLU A 14 8.04 8.80 -3.20
CA GLU A 14 8.59 7.65 -2.50
C GLU A 14 7.67 6.47 -2.74
N ALA A 15 6.36 6.79 -2.82
CA ALA A 15 5.30 5.83 -3.07
C ALA A 15 5.24 5.46 -4.56
N PHE A 16 5.49 6.46 -5.43
CA PHE A 16 5.48 6.25 -6.88
C PHE A 16 6.63 5.33 -7.29
N SER A 17 7.75 5.46 -6.58
CA SER A 17 8.94 4.63 -6.79
C SER A 17 8.70 3.20 -6.29
N LEU A 18 7.83 3.08 -5.28
CA LEU A 18 7.48 1.78 -4.68
C LEU A 18 6.52 0.97 -5.57
N PHE A 19 5.57 1.65 -6.21
CA PHE A 19 4.60 1.00 -7.09
C PHE A 19 5.10 0.91 -8.55
N ASP A 20 5.35 2.07 -9.18
CA ASP A 20 5.81 2.13 -10.58
C ASP A 20 7.23 1.57 -10.72
N LYS A 21 7.26 0.30 -11.13
CA LYS A 21 8.50 -0.47 -11.33
C LYS A 21 9.27 -0.03 -12.58
N ASP A 22 8.60 0.73 -13.47
CA ASP A 22 9.21 1.21 -14.71
C ASP A 22 9.87 2.59 -14.53
N GLY A 23 9.33 3.39 -13.60
CA GLY A 23 9.86 4.73 -13.34
C GLY A 23 9.44 5.77 -14.38
N ASP A 24 8.83 5.30 -15.48
CA ASP A 24 8.35 6.18 -16.55
C ASP A 24 6.89 6.60 -16.30
N GLY A 25 6.33 6.10 -15.20
CA GLY A 25 4.96 6.40 -14.83
C GLY A 25 3.98 5.33 -15.24
N THR A 26 4.39 4.07 -15.09
CA THR A 26 3.56 2.91 -15.44
C THR A 26 3.84 1.74 -14.52
N ILE A 27 2.77 1.04 -14.15
CA ILE A 27 2.90 -0.13 -13.28
C ILE A 27 2.34 -1.38 -13.95
N THR A 28 2.72 -2.54 -13.40
CA THR A 28 2.28 -3.83 -13.90
C THR A 28 0.80 -4.07 -13.55
N THR A 29 0.07 -4.70 -14.48
CA THR A 29 -1.35 -5.01 -14.30
C THR A 29 -1.56 -6.13 -13.28
N LYS A 30 -0.56 -6.98 -13.15
CA LYS A 30 -0.58 -8.11 -12.22
C LYS A 30 -0.64 -7.65 -10.75
N GLU A 31 -0.23 -6.40 -10.51
CA GLU A 31 -0.21 -5.77 -9.19
C GLU A 31 -1.57 -5.36 -8.69
N LEU A 32 -2.27 -4.61 -9.54
CA LEU A 32 -3.57 -4.06 -9.21
C LEU A 32 -4.57 -5.12 -8.86
N GLY A 33 -4.42 -6.30 -9.47
CA GLY A 33 -5.31 -7.38 -9.16
C GLY A 33 -5.02 -8.00 -7.82
N THR A 34 -3.81 -7.74 -7.41
CA THR A 34 -3.25 -8.23 -6.13
C THR A 34 -3.74 -7.40 -4.93
N VAL A 35 -4.57 -6.37 -5.19
CA VAL A 35 -5.12 -5.49 -4.12
C VAL A 35 -5.87 -6.28 -3.05
N MET A 36 -6.64 -7.28 -3.50
CA MET A 36 -7.42 -8.16 -2.61
C MET A 36 -6.50 -9.08 -1.83
N ARG A 37 -5.53 -9.63 -2.54
CA ARG A 37 -4.57 -10.59 -2.00
C ARG A 37 -3.71 -10.08 -0.81
N SER A 38 -3.74 -8.77 -0.55
CA SER A 38 -3.03 -8.17 0.60
C SER A 38 -3.93 -8.24 1.82
N LEU A 39 -5.23 -8.35 1.53
CA LEU A 39 -6.28 -8.50 2.53
C LEU A 39 -6.36 -9.97 2.92
N GLY A 40 -5.33 -10.74 2.49
CA GLY A 40 -5.32 -12.18 2.70
C GLY A 40 -6.49 -12.80 1.96
N GLN A 41 -6.66 -12.31 0.73
CA GLN A 41 -7.76 -12.67 -0.14
C GLN A 41 -7.33 -13.50 -1.34
N ASN A 42 -8.16 -13.39 -2.37
CA ASN A 42 -8.03 -14.08 -3.61
C ASN A 42 -7.46 -13.17 -4.73
N PRO A 43 -6.72 -13.74 -5.73
CA PRO A 43 -6.15 -12.95 -6.83
C PRO A 43 -7.18 -12.60 -7.93
N THR A 44 -7.57 -11.32 -7.98
CA THR A 44 -8.50 -10.81 -8.99
C THR A 44 -7.80 -10.55 -10.31
N GLU A 45 -7.76 -11.62 -11.10
CA GLU A 45 -7.13 -11.63 -12.43
C GLU A 45 -7.96 -10.82 -13.42
N ALA A 46 -9.26 -11.05 -13.38
CA ALA A 46 -10.22 -10.39 -14.26
C ALA A 46 -10.45 -8.90 -13.94
N GLU A 47 -10.01 -8.47 -12.74
CA GLU A 47 -10.20 -7.09 -12.29
C GLU A 47 -9.23 -6.07 -12.92
N LEU A 48 -7.92 -6.37 -12.96
CA LEU A 48 -6.93 -5.44 -13.50
C LEU A 48 -7.15 -5.13 -14.97
N GLN A 49 -7.76 -6.05 -15.69
CA GLN A 49 -8.10 -5.80 -17.08
C GLN A 49 -9.27 -4.87 -17.10
N ASP A 50 -10.15 -5.05 -16.11
CA ASP A 50 -11.29 -4.19 -15.96
C ASP A 50 -10.90 -2.83 -15.37
N MET A 51 -9.63 -2.70 -14.92
CA MET A 51 -9.16 -1.44 -14.33
C MET A 51 -8.07 -0.80 -15.16
N ILE A 52 -7.21 -1.60 -15.80
CA ILE A 52 -6.14 -1.07 -16.62
C ILE A 52 -6.79 -0.58 -17.91
N ASN A 53 -7.68 -1.44 -18.42
CA ASN A 53 -8.46 -1.21 -19.61
C ASN A 53 -9.31 0.06 -19.53
N GLU A 54 -9.78 0.37 -18.30
CA GLU A 54 -10.62 1.53 -18.05
C GLU A 54 -9.81 2.80 -17.83
N VAL A 55 -8.67 2.68 -17.15
CA VAL A 55 -7.85 3.87 -16.85
C VAL A 55 -6.61 4.06 -17.76
N ASP A 56 -6.42 3.18 -18.77
CA ASP A 56 -5.30 3.30 -19.74
C ASP A 56 -5.79 4.13 -20.95
N ALA A 57 -6.24 5.37 -20.67
CA ALA A 57 -6.77 6.28 -21.70
C ALA A 57 -5.68 6.71 -22.66
N ASP A 58 -4.46 6.76 -22.14
CA ASP A 58 -3.29 7.10 -22.92
C ASP A 58 -2.62 5.81 -23.35
N GLY A 59 -3.35 4.73 -23.05
CA GLY A 59 -2.98 3.34 -23.32
C GLY A 59 -1.49 3.05 -23.26
N ASN A 60 -1.00 2.82 -22.04
CA ASN A 60 0.40 2.52 -21.79
C ASN A 60 0.66 1.02 -21.76
N GLY A 61 -0.38 0.22 -22.06
CA GLY A 61 -0.29 -1.22 -21.94
C GLY A 61 -0.43 -1.57 -20.48
N THR A 62 0.16 -0.68 -19.71
CA THR A 62 0.14 -0.70 -18.29
C THR A 62 -0.79 0.44 -17.85
N ILE A 63 -0.36 1.30 -16.93
CA ILE A 63 -1.20 2.42 -16.49
C ILE A 63 -0.39 3.72 -16.40
N ASP A 64 -1.04 4.88 -16.57
CA ASP A 64 -0.34 6.16 -16.51
C ASP A 64 -0.85 7.03 -15.33
N PHE A 65 -0.27 8.24 -15.20
CA PHE A 65 -0.59 9.19 -14.11
C PHE A 65 -2.01 9.84 -14.18
N PRO A 66 -2.46 10.43 -15.35
CA PRO A 66 -3.78 11.11 -15.44
C PRO A 66 -4.99 10.30 -14.92
N GLU A 67 -5.30 9.18 -15.59
CA GLU A 67 -6.44 8.34 -15.21
C GLU A 67 -6.14 7.39 -14.04
N PHE A 68 -5.01 7.61 -13.34
CA PHE A 68 -4.63 6.77 -12.19
C PHE A 68 -5.52 7.06 -10.97
N LEU A 69 -5.54 8.34 -10.55
CA LEU A 69 -6.33 8.78 -9.38
C LEU A 69 -7.84 8.84 -9.66
N THR A 70 -8.26 8.58 -10.91
CA THR A 70 -9.68 8.63 -11.28
C THR A 70 -10.44 7.40 -10.82
N MET A 71 -9.81 6.24 -10.89
CA MET A 71 -10.42 5.01 -10.41
C MET A 71 -10.63 5.13 -8.90
N MET A 72 -9.66 5.80 -8.25
CA MET A 72 -9.71 6.09 -6.82
C MET A 72 -10.66 7.28 -6.57
N ALA A 73 -10.92 8.05 -7.63
CA ALA A 73 -11.79 9.24 -7.57
C ALA A 73 -13.25 8.90 -7.28
N ARG A 74 -13.77 7.84 -7.94
CA ARG A 74 -15.15 7.40 -7.76
C ARG A 74 -15.43 6.97 -6.31
N LYS A 75 -14.45 6.28 -5.70
CA LYS A 75 -14.55 5.81 -4.31
C LYS A 75 -14.23 6.93 -3.30
N MET A 76 -13.54 7.99 -3.78
CA MET A 76 -13.17 9.12 -2.94
C MET A 76 -14.35 10.10 -2.71
N LYS A 77 -15.53 9.53 -2.47
CA LYS A 77 -16.76 10.29 -2.23
C LYS A 77 -16.90 10.67 -0.74
N ASP A 78 -15.80 11.15 -0.15
CA ASP A 78 -15.73 11.56 1.27
C ASP A 78 -16.02 10.37 2.22
N THR A 79 -15.12 9.38 2.18
CA THR A 79 -15.23 8.17 3.01
C THR A 79 -14.76 8.42 4.44
N ASP A 80 -15.10 7.47 5.35
CA ASP A 80 -14.73 7.56 6.76
C ASP A 80 -13.25 7.21 6.97
N SER A 81 -12.71 7.56 8.15
CA SER A 81 -11.31 7.30 8.49
C SER A 81 -11.10 5.84 8.95
N GLU A 82 -11.90 5.41 9.94
CA GLU A 82 -11.83 4.05 10.48
C GLU A 82 -11.96 2.97 9.41
N GLU A 83 -12.74 3.25 8.36
CA GLU A 83 -12.92 2.31 7.25
C GLU A 83 -11.59 2.19 6.50
N GLU A 84 -10.89 3.33 6.41
CA GLU A 84 -9.58 3.40 5.77
C GLU A 84 -8.51 2.85 6.72
N ILE A 85 -8.82 2.87 8.04
CA ILE A 85 -7.93 2.35 9.07
C ILE A 85 -7.96 0.82 9.05
N ARG A 86 -9.17 0.25 8.97
CA ARG A 86 -9.32 -1.21 8.90
C ARG A 86 -8.86 -1.74 7.53
N GLU A 87 -9.07 -0.91 6.48
CA GLU A 87 -8.63 -1.24 5.11
C GLU A 87 -7.12 -1.14 4.97
N ALA A 88 -6.45 -0.99 6.10
CA ALA A 88 -5.03 -0.97 6.15
C ALA A 88 -4.52 -1.80 7.32
N PHE A 89 -5.39 -2.02 8.33
CA PHE A 89 -5.07 -2.78 9.54
C PHE A 89 -5.02 -4.31 9.31
N ARG A 90 -6.20 -4.92 9.04
CA ARG A 90 -6.31 -6.39 8.83
C ARG A 90 -5.65 -6.77 7.53
N VAL A 91 -5.55 -5.75 6.72
CA VAL A 91 -4.96 -5.78 5.40
C VAL A 91 -3.44 -5.81 5.53
N PHE A 92 -2.97 -5.21 6.63
CA PHE A 92 -1.55 -5.16 6.97
C PHE A 92 -1.15 -6.42 7.77
N ASP A 93 -1.84 -6.66 8.90
CA ASP A 93 -1.61 -7.81 9.74
C ASP A 93 -2.38 -9.04 9.19
N LYS A 94 -1.64 -10.07 8.74
CA LYS A 94 -2.24 -11.30 8.20
C LYS A 94 -3.05 -12.10 9.24
N ASP A 95 -2.52 -12.18 10.46
CA ASP A 95 -3.18 -12.92 11.54
C ASP A 95 -3.99 -11.99 12.45
N GLY A 96 -3.34 -10.94 12.97
CA GLY A 96 -4.01 -9.98 13.84
C GLY A 96 -4.09 -10.43 15.29
N ASN A 97 -2.96 -10.38 15.99
CA ASN A 97 -2.89 -10.77 17.39
C ASN A 97 -2.34 -9.62 18.26
N GLY A 98 -2.73 -8.39 17.90
CA GLY A 98 -2.28 -7.21 18.61
C GLY A 98 -0.91 -6.73 18.11
N TYR A 99 -0.27 -7.59 17.31
CA TYR A 99 1.05 -7.32 16.73
C TYR A 99 1.11 -7.86 15.30
N ILE A 100 1.87 -7.17 14.46
CA ILE A 100 2.08 -7.57 13.07
C ILE A 100 3.34 -8.36 13.00
N SER A 101 3.27 -9.43 12.25
CA SER A 101 4.34 -10.38 12.11
C SER A 101 5.48 -9.82 11.28
N ALA A 102 6.66 -10.36 11.53
CA ALA A 102 7.87 -9.89 10.88
C ALA A 102 7.90 -10.25 9.40
N ALA A 103 7.67 -11.52 9.12
CA ALA A 103 7.64 -12.04 7.76
C ALA A 103 6.34 -11.69 7.04
N GLU A 104 5.60 -10.72 7.60
CA GLU A 104 4.34 -10.32 7.02
C GLU A 104 4.45 -9.44 5.80
N LEU A 105 5.22 -8.34 5.85
CA LEU A 105 5.32 -7.53 4.66
C LEU A 105 5.98 -8.28 3.50
N ARG A 106 6.89 -9.24 3.78
CA ARG A 106 7.43 -10.03 2.65
C ARG A 106 6.26 -10.79 2.03
N HIS A 107 5.30 -11.17 2.89
CA HIS A 107 4.07 -11.83 2.43
C HIS A 107 3.09 -10.82 1.79
N VAL A 108 2.76 -9.76 2.54
CA VAL A 108 1.82 -8.70 2.12
C VAL A 108 2.42 -7.71 1.10
N MET A 109 3.57 -7.09 1.43
CA MET A 109 4.22 -6.12 0.53
C MET A 109 4.60 -6.73 -0.82
N THR A 110 4.92 -8.04 -0.79
CA THR A 110 5.26 -8.78 -2.00
C THR A 110 4.03 -8.84 -2.89
N ASN A 111 2.89 -8.90 -2.19
CA ASN A 111 1.57 -8.92 -2.77
C ASN A 111 1.22 -7.52 -3.32
N LEU A 112 1.97 -6.52 -2.81
CA LEU A 112 1.78 -5.13 -3.24
C LEU A 112 2.67 -4.82 -4.46
N GLY A 113 3.40 -5.85 -4.95
CA GLY A 113 4.20 -5.72 -6.16
C GLY A 113 5.68 -5.47 -5.94
N GLU A 114 6.14 -5.67 -4.71
CA GLU A 114 7.56 -5.52 -4.40
C GLU A 114 8.07 -6.78 -3.68
N LYS A 115 8.57 -7.72 -4.49
CA LYS A 115 9.08 -9.01 -3.99
C LYS A 115 10.38 -8.82 -3.20
N LEU A 116 10.24 -8.73 -1.88
CA LEU A 116 11.39 -8.55 -0.99
C LEU A 116 11.46 -9.58 0.12
N THR A 117 12.64 -9.65 0.73
CA THR A 117 12.93 -10.53 1.84
C THR A 117 12.70 -9.75 3.16
N ASP A 118 12.73 -10.46 4.30
CA ASP A 118 12.51 -9.86 5.64
C ASP A 118 13.36 -8.62 5.90
N GLU A 119 14.53 -8.57 5.28
CA GLU A 119 15.48 -7.45 5.40
C GLU A 119 14.84 -6.09 5.11
N GLU A 120 14.12 -6.03 4.00
CA GLU A 120 13.44 -4.81 3.56
C GLU A 120 12.25 -4.52 4.46
N VAL A 121 11.60 -5.61 4.92
CA VAL A 121 10.47 -5.50 5.84
C VAL A 121 10.98 -5.17 7.24
N ASP A 122 12.21 -5.64 7.55
CA ASP A 122 12.85 -5.37 8.82
C ASP A 122 13.06 -3.88 9.04
N GLU A 123 13.30 -3.16 7.93
CA GLU A 123 13.39 -1.70 7.97
C GLU A 123 11.99 -1.16 8.18
N MET A 124 11.01 -1.96 7.67
CA MET A 124 9.60 -1.67 7.80
C MET A 124 9.14 -1.89 9.25
N ILE A 125 9.58 -3.02 9.86
CA ILE A 125 9.17 -3.38 11.22
C ILE A 125 10.00 -2.68 12.31
N ARG A 126 11.26 -2.35 11.98
CA ARG A 126 12.16 -1.65 12.93
C ARG A 126 11.70 -0.22 13.18
N GLU A 127 11.09 0.40 12.15
CA GLU A 127 10.58 1.77 12.24
C GLU A 127 9.27 1.86 13.03
N ALA A 128 8.59 0.72 13.18
CA ALA A 128 7.34 0.64 13.92
C ALA A 128 7.56 0.16 15.35
N ASP A 129 8.69 -0.51 15.56
CA ASP A 129 9.04 -1.03 16.86
C ASP A 129 10.20 -0.26 17.49
N ILE A 130 9.86 0.55 18.50
CA ILE A 130 10.86 1.34 19.26
C ILE A 130 11.67 0.47 20.22
N ASP A 131 11.07 -0.67 20.57
CA ASP A 131 11.67 -1.64 21.49
C ASP A 131 12.41 -2.76 20.72
N GLY A 132 12.37 -2.69 19.38
CA GLY A 132 13.03 -3.69 18.53
C GLY A 132 12.56 -5.13 18.76
N ASP A 133 11.23 -5.32 18.76
CA ASP A 133 10.65 -6.65 18.99
C ASP A 133 10.45 -7.43 17.67
N GLY A 134 10.67 -6.74 16.53
CA GLY A 134 10.55 -7.39 15.22
C GLY A 134 9.11 -7.63 14.77
N GLN A 135 8.14 -6.99 15.42
CA GLN A 135 6.72 -7.15 15.06
C GLN A 135 5.96 -5.84 15.25
N VAL A 136 4.78 -5.65 14.60
CA VAL A 136 4.12 -4.34 14.75
C VAL A 136 2.73 -4.39 15.41
N ASN A 137 2.64 -3.78 16.60
CA ASN A 137 1.39 -3.68 17.35
C ASN A 137 0.50 -2.57 16.77
N TYR A 138 -0.77 -2.58 17.15
CA TYR A 138 -1.76 -1.62 16.67
C TYR A 138 -1.43 -0.16 17.03
N GLU A 139 -0.80 0.04 18.19
CA GLU A 139 -0.43 1.37 18.70
C GLU A 139 0.68 2.06 17.95
N GLU A 140 1.69 1.31 17.50
CA GLU A 140 2.79 1.97 16.84
C GLU A 140 2.53 2.35 15.36
N PHE A 141 2.04 1.41 14.55
CA PHE A 141 1.74 1.65 13.12
C PHE A 141 0.72 2.79 12.92
N VAL A 142 -0.19 2.99 13.88
CA VAL A 142 -1.19 4.05 13.79
C VAL A 142 -0.54 5.39 14.05
N GLN A 143 0.31 5.34 15.06
CA GLN A 143 1.12 6.43 15.55
C GLN A 143 2.06 6.93 14.45
N MET A 144 2.57 5.97 13.69
CA MET A 144 3.47 6.20 12.57
C MET A 144 2.74 6.77 11.35
N MET A 145 1.42 6.51 11.25
CA MET A 145 0.62 7.02 10.12
C MET A 145 0.04 8.38 10.45
N THR A 146 -0.34 8.59 11.71
CA THR A 146 -0.83 9.91 12.16
C THR A 146 0.37 10.88 12.14
N ALA A 147 1.57 10.28 12.02
CA ALA A 147 2.82 10.98 11.91
C ALA A 147 3.84 10.13 11.14
N LYS A 148 3.64 10.09 9.83
CA LYS A 148 4.55 9.37 8.92
C LYS A 148 5.67 10.28 8.41
N TPO B 1 10.12 1.70 7.63
CA TPO B 1 9.29 1.99 6.43
CB TPO B 1 9.73 1.16 5.21
CG2 TPO B 1 10.37 2.05 4.15
OG1 TPO B 1 10.68 0.15 5.60
C TPO B 1 7.80 1.77 6.71
O TPO B 1 6.96 2.07 5.86
H1 TPO B 1 9.90 2.38 8.39
H2 TPO B 1 11.13 1.80 7.39
H3 TPO B 1 9.94 0.75 7.97
HA TPO B 1 9.42 3.03 6.18
HB TPO B 1 8.87 0.69 4.78
HG21 TPO B 1 9.66 2.79 3.84
HG22 TPO B 1 10.66 1.46 3.30
HG23 TPO B 1 11.23 2.54 4.57
N PHE B 2 7.46 1.28 7.93
CA PHE B 2 6.06 1.06 8.37
C PHE B 2 5.24 2.36 8.25
N LYS B 3 5.96 3.50 8.33
CA LYS B 3 5.37 4.86 8.22
C LYS B 3 4.90 5.19 6.80
N GLU B 4 5.81 5.05 5.81
CA GLU B 4 5.50 5.33 4.39
C GLU B 4 4.67 4.22 3.74
N VAL B 5 4.94 2.97 4.15
CA VAL B 5 4.23 1.78 3.64
C VAL B 5 2.72 1.88 3.97
N ALA B 6 2.41 2.57 5.08
CA ALA B 6 1.02 2.78 5.54
C ALA B 6 0.13 3.36 4.42
N ASN B 7 0.67 4.34 3.68
CA ASN B 7 -0.03 4.99 2.56
C ASN B 7 -0.15 4.07 1.33
N ALA B 8 0.70 3.02 1.27
CA ALA B 8 0.72 2.07 0.15
C ALA B 8 -0.45 1.09 0.20
N VAL B 9 -0.62 0.41 1.35
CA VAL B 9 -1.71 -0.56 1.55
C VAL B 9 -3.08 0.16 1.69
N LYS B 10 -3.03 1.42 2.17
CA LYS B 10 -4.23 2.25 2.38
C LYS B 10 -4.91 2.67 1.06
N ILE B 11 -4.11 2.87 -0.02
CA ILE B 11 -4.64 3.29 -1.33
C ILE B 11 -5.35 2.13 -2.07
N SER B 12 -5.11 0.89 -1.64
CA SER B 12 -5.74 -0.29 -2.25
C SER B 12 -7.12 -0.57 -1.63
N ALA B 13 -7.65 0.44 -0.91
CA ALA B 13 -8.95 0.36 -0.25
C ALA B 13 -10.09 0.79 -1.17
N SER B 14 -9.74 1.44 -2.29
CA SER B 14 -10.72 1.92 -3.27
C SER B 14 -11.21 0.79 -4.18
N LEU B 15 -10.37 -0.23 -4.37
CA LEU B 15 -10.70 -1.39 -5.20
C LEU B 15 -11.40 -2.48 -4.40
N MET B 16 -10.95 -2.69 -3.15
CA MET B 16 -11.54 -3.69 -2.26
C MET B 16 -12.32 -3.00 -1.13
N ALA A 1 14.37 17.16 12.16
CA ALA A 1 13.24 17.99 11.67
C ALA A 1 12.36 17.19 10.71
N ASP A 2 11.04 17.21 10.96
CA ASP A 2 10.07 16.49 10.13
C ASP A 2 8.91 17.41 9.72
N GLN A 3 8.33 17.12 8.55
CA GLN A 3 7.22 17.89 8.01
C GLN A 3 6.12 16.97 7.50
N LEU A 4 4.88 17.42 7.64
CA LEU A 4 3.70 16.64 7.19
C LEU A 4 3.28 17.02 5.76
N THR A 5 4.04 17.92 5.13
CA THR A 5 3.75 18.38 3.76
C THR A 5 4.52 17.57 2.72
N GLU A 6 5.64 17.05 3.15
CA GLU A 6 6.53 16.26 2.32
C GLU A 6 5.97 14.87 1.99
N GLU A 7 5.04 14.39 2.82
CA GLU A 7 4.40 13.07 2.62
C GLU A 7 3.42 13.08 1.45
N GLN A 8 2.68 14.18 1.32
CA GLN A 8 1.67 14.35 0.26
C GLN A 8 2.26 14.72 -1.11
N ILE A 9 3.53 15.16 -1.14
CA ILE A 9 4.16 15.57 -2.41
C ILE A 9 5.47 14.82 -2.68
N ALA A 10 6.40 14.84 -1.72
CA ALA A 10 7.70 14.18 -1.87
C ALA A 10 7.61 12.65 -1.77
N GLU A 11 6.95 12.18 -0.71
CA GLU A 11 6.77 10.75 -0.47
C GLU A 11 5.69 10.14 -1.39
N PHE A 12 5.00 10.99 -2.16
CA PHE A 12 4.01 10.50 -3.12
C PHE A 12 4.74 9.80 -4.25
N LYS A 13 5.86 10.41 -4.67
CA LYS A 13 6.73 9.83 -5.68
C LYS A 13 7.62 8.75 -5.07
N GLU A 14 7.33 8.50 -3.81
CA GLU A 14 7.97 7.49 -3.01
C GLU A 14 7.02 6.31 -2.92
N ALA A 15 5.72 6.66 -2.85
CA ALA A 15 4.62 5.69 -2.81
C ALA A 15 4.35 5.13 -4.21
N PHE A 16 4.40 6.02 -5.22
CA PHE A 16 4.21 5.62 -6.61
C PHE A 16 5.38 4.79 -7.10
N SER A 17 6.55 5.08 -6.51
CA SER A 17 7.79 4.37 -6.80
C SER A 17 7.75 2.96 -6.20
N LEU A 18 6.81 2.74 -5.27
CA LEU A 18 6.62 1.44 -4.63
C LEU A 18 5.93 0.45 -5.57
N PHE A 19 4.92 0.95 -6.30
CA PHE A 19 4.16 0.14 -7.27
C PHE A 19 4.79 0.20 -8.66
N ASP A 20 5.05 1.41 -9.17
CA ASP A 20 5.64 1.63 -10.50
C ASP A 20 7.02 0.98 -10.64
N LYS A 21 6.99 -0.23 -11.16
CA LYS A 21 8.17 -1.06 -11.40
C LYS A 21 9.04 -0.55 -12.55
N ASP A 22 8.46 0.34 -13.37
CA ASP A 22 9.15 0.93 -14.52
C ASP A 22 9.77 2.29 -14.19
N GLY A 23 9.10 3.06 -13.32
CA GLY A 23 9.59 4.39 -12.93
C GLY A 23 9.33 5.47 -13.98
N ASP A 24 8.78 5.05 -15.13
CA ASP A 24 8.43 5.97 -16.22
C ASP A 24 6.99 6.45 -16.08
N GLY A 25 6.33 5.99 -15.01
CA GLY A 25 4.94 6.34 -14.72
C GLY A 25 3.95 5.31 -15.20
N THR A 26 4.34 4.04 -15.12
CA THR A 26 3.51 2.91 -15.53
C THR A 26 3.78 1.69 -14.67
N ILE A 27 2.70 1.02 -14.29
CA ILE A 27 2.82 -0.21 -13.50
C ILE A 27 2.35 -1.41 -14.31
N THR A 28 2.92 -2.57 -13.95
CA THR A 28 2.62 -3.85 -14.55
C THR A 28 1.25 -4.37 -14.09
N THR A 29 0.35 -4.67 -15.06
CA THR A 29 -1.00 -5.19 -14.78
C THR A 29 -1.00 -6.58 -14.11
N LYS A 30 0.16 -7.02 -13.66
CA LYS A 30 0.30 -8.29 -13.00
C LYS A 30 -0.22 -8.24 -11.55
N GLU A 31 0.55 -7.62 -10.64
CA GLU A 31 0.19 -7.54 -9.23
C GLU A 31 -0.82 -6.50 -8.81
N LEU A 32 -1.44 -5.73 -9.72
CA LEU A 32 -2.43 -4.75 -9.24
C LEU A 32 -3.62 -5.44 -8.59
N GLY A 33 -3.70 -6.76 -8.76
CA GLY A 33 -4.72 -7.55 -8.11
C GLY A 33 -4.43 -7.76 -6.64
N THR A 34 -3.57 -6.88 -6.14
CA THR A 34 -3.08 -6.85 -4.76
C THR A 34 -4.11 -6.32 -3.77
N VAL A 35 -5.17 -5.66 -4.27
CA VAL A 35 -6.24 -5.11 -3.42
C VAL A 35 -6.83 -6.20 -2.51
N MET A 36 -7.23 -7.31 -3.15
CA MET A 36 -7.78 -8.47 -2.44
C MET A 36 -6.70 -9.23 -1.67
N ARG A 37 -5.67 -9.63 -2.38
CA ARG A 37 -4.58 -10.47 -1.84
C ARG A 37 -3.68 -9.82 -0.77
N SER A 38 -3.95 -8.58 -0.41
CA SER A 38 -3.23 -7.91 0.68
C SER A 38 -4.04 -8.06 1.96
N LEU A 39 -5.34 -8.32 1.74
CA LEU A 39 -6.30 -8.59 2.80
C LEU A 39 -6.17 -10.06 3.20
N GLY A 40 -5.08 -10.69 2.74
CA GLY A 40 -4.88 -12.11 2.97
C GLY A 40 -6.01 -12.88 2.30
N GLN A 41 -6.32 -12.43 1.08
CA GLN A 41 -7.42 -12.94 0.28
C GLN A 41 -6.96 -13.71 -0.95
N ASN A 42 -7.88 -13.72 -1.91
CA ASN A 42 -7.74 -14.40 -3.17
C ASN A 42 -7.28 -13.46 -4.30
N PRO A 43 -6.69 -14.00 -5.41
CA PRO A 43 -6.22 -13.17 -6.55
C PRO A 43 -7.36 -12.63 -7.42
N THR A 44 -7.33 -11.32 -7.63
CA THR A 44 -8.32 -10.60 -8.45
C THR A 44 -7.66 -10.13 -9.75
N GLU A 45 -6.77 -11.00 -10.25
CA GLU A 45 -5.99 -10.80 -11.49
C GLU A 45 -6.86 -10.32 -12.66
N ALA A 46 -8.08 -10.85 -12.72
CA ALA A 46 -9.03 -10.51 -13.78
C ALA A 46 -9.61 -9.09 -13.67
N GLU A 47 -9.59 -8.52 -12.45
CA GLU A 47 -10.16 -7.18 -12.21
C GLU A 47 -9.29 -6.00 -12.66
N LEU A 48 -7.95 -6.04 -12.46
CA LEU A 48 -7.09 -4.93 -12.87
C LEU A 48 -7.10 -4.70 -14.37
N GLN A 49 -7.45 -5.74 -15.13
CA GLN A 49 -7.57 -5.60 -16.58
C GLN A 49 -8.82 -4.80 -16.84
N ASP A 50 -9.80 -4.95 -15.94
CA ASP A 50 -11.02 -4.19 -15.99
C ASP A 50 -10.75 -2.74 -15.49
N MET A 51 -9.55 -2.54 -14.89
CA MET A 51 -9.14 -1.24 -14.35
C MET A 51 -8.02 -0.63 -15.20
N ILE A 52 -7.11 -1.47 -15.69
CA ILE A 52 -5.98 -1.02 -16.50
C ILE A 52 -6.50 -0.65 -17.87
N ASN A 53 -7.57 -1.34 -18.23
CA ASN A 53 -8.28 -1.16 -19.48
C ASN A 53 -9.05 0.16 -19.52
N GLU A 54 -9.64 0.52 -18.37
CA GLU A 54 -10.46 1.73 -18.25
C GLU A 54 -9.66 3.00 -17.98
N VAL A 55 -8.61 2.90 -17.16
CA VAL A 55 -7.81 4.07 -16.81
C VAL A 55 -6.58 4.31 -17.72
N ASP A 56 -6.39 3.47 -18.74
CA ASP A 56 -5.28 3.63 -19.71
C ASP A 56 -5.71 4.63 -20.81
N ALA A 57 -5.98 5.88 -20.36
CA ALA A 57 -6.43 6.97 -21.25
C ALA A 57 -5.35 7.37 -22.22
N ASP A 58 -4.11 7.23 -21.76
CA ASP A 58 -2.95 7.52 -22.57
C ASP A 58 -2.40 6.21 -23.11
N GLY A 59 -3.22 5.19 -22.91
CA GLY A 59 -2.98 3.79 -23.30
C GLY A 59 -1.51 3.37 -23.24
N ASN A 60 -1.05 3.03 -22.05
CA ASN A 60 0.32 2.62 -21.81
C ASN A 60 0.49 1.10 -21.83
N GLY A 61 -0.61 0.38 -22.09
CA GLY A 61 -0.60 -1.07 -22.02
C GLY A 61 -0.69 -1.45 -20.57
N THR A 62 -0.04 -0.59 -19.80
CA THR A 62 0.01 -0.66 -18.39
C THR A 62 -0.91 0.47 -17.88
N ILE A 63 -0.42 1.33 -16.98
CA ILE A 63 -1.24 2.42 -16.47
C ILE A 63 -0.45 3.74 -16.43
N ASP A 64 -1.13 4.87 -16.59
CA ASP A 64 -0.47 6.16 -16.56
C ASP A 64 -0.60 6.87 -15.20
N PHE A 65 0.10 8.00 -15.05
CA PHE A 65 0.13 8.81 -13.82
C PHE A 65 -1.19 9.55 -13.49
N PRO A 66 -1.79 10.37 -14.43
CA PRO A 66 -3.01 11.17 -14.15
C PRO A 66 -4.30 10.35 -14.01
N GLU A 67 -4.53 9.41 -14.94
CA GLU A 67 -5.76 8.60 -14.94
C GLU A 67 -5.74 7.48 -13.88
N PHE A 68 -4.65 7.38 -13.10
CA PHE A 68 -4.53 6.35 -12.05
C PHE A 68 -5.42 6.67 -10.83
N LEU A 69 -5.30 7.91 -10.32
CA LEU A 69 -6.05 8.36 -9.15
C LEU A 69 -7.55 8.60 -9.42
N THR A 70 -7.97 8.58 -10.70
CA THR A 70 -9.37 8.81 -11.06
C THR A 70 -10.26 7.64 -10.73
N MET A 71 -9.72 6.42 -10.84
CA MET A 71 -10.47 5.22 -10.48
C MET A 71 -10.73 5.26 -8.97
N MET A 72 -9.75 5.80 -8.25
CA MET A 72 -9.81 6.01 -6.81
C MET A 72 -10.69 7.24 -6.51
N ALA A 73 -10.86 8.10 -7.54
CA ALA A 73 -11.65 9.32 -7.43
C ALA A 73 -13.14 9.05 -7.27
N ARG A 74 -13.65 8.06 -8.02
CA ARG A 74 -15.07 7.67 -7.97
C ARG A 74 -15.44 7.09 -6.60
N LYS A 75 -14.51 6.33 -6.01
CA LYS A 75 -14.71 5.71 -4.70
C LYS A 75 -14.46 6.69 -3.56
N MET A 76 -13.58 7.69 -3.79
CA MET A 76 -13.24 8.69 -2.78
C MET A 76 -14.33 9.79 -2.64
N LYS A 77 -15.59 9.35 -2.71
CA LYS A 77 -16.74 10.25 -2.59
C LYS A 77 -17.14 10.47 -1.13
N ASP A 78 -16.28 11.21 -0.38
CA ASP A 78 -16.50 11.53 1.05
C ASP A 78 -16.57 10.26 1.93
N THR A 79 -15.57 9.39 1.76
CA THR A 79 -15.48 8.13 2.51
C THR A 79 -14.95 8.34 3.93
N ASP A 80 -15.19 7.37 4.82
CA ASP A 80 -14.76 7.42 6.21
C ASP A 80 -13.26 7.12 6.33
N SER A 81 -12.65 7.57 7.44
CA SER A 81 -11.22 7.38 7.70
C SER A 81 -10.92 5.98 8.25
N GLU A 82 -11.64 5.60 9.33
CA GLU A 82 -11.48 4.30 9.99
C GLU A 82 -11.65 3.12 9.03
N GLU A 83 -12.50 3.30 8.01
CA GLU A 83 -12.69 2.25 7.00
C GLU A 83 -11.43 2.13 6.14
N GLU A 84 -10.79 3.28 5.93
CA GLU A 84 -9.53 3.36 5.19
C GLU A 84 -8.37 2.92 6.09
N ILE A 85 -8.58 3.07 7.43
CA ILE A 85 -7.60 2.68 8.42
C ILE A 85 -7.60 1.16 8.56
N ARG A 86 -8.81 0.57 8.61
CA ARG A 86 -8.95 -0.89 8.69
C ARG A 86 -8.55 -1.55 7.36
N GLU A 87 -8.80 -0.83 6.25
CA GLU A 87 -8.43 -1.28 4.90
C GLU A 87 -6.93 -1.21 4.68
N ALA A 88 -6.23 -0.98 5.78
CA ALA A 88 -4.81 -0.96 5.77
C ALA A 88 -4.28 -1.67 7.02
N PHE A 89 -5.14 -1.79 8.03
CA PHE A 89 -4.81 -2.43 9.30
C PHE A 89 -4.76 -3.98 9.22
N ARG A 90 -5.93 -4.62 9.04
CA ARG A 90 -6.01 -6.10 8.97
C ARG A 90 -5.42 -6.58 7.67
N VAL A 91 -5.31 -5.62 6.77
CA VAL A 91 -4.76 -5.76 5.44
C VAL A 91 -3.23 -5.82 5.55
N PHE A 92 -2.73 -5.15 6.59
CA PHE A 92 -1.30 -5.10 6.90
C PHE A 92 -0.90 -6.32 7.77
N ASP A 93 -1.70 -6.58 8.82
CA ASP A 93 -1.50 -7.70 9.73
C ASP A 93 -2.24 -8.96 9.19
N LYS A 94 -1.46 -9.95 8.72
CA LYS A 94 -2.02 -11.21 8.19
C LYS A 94 -2.77 -12.03 9.24
N ASP A 95 -2.22 -12.07 10.47
CA ASP A 95 -2.84 -12.82 11.57
C ASP A 95 -3.63 -11.89 12.49
N GLY A 96 -2.96 -10.86 13.04
CA GLY A 96 -3.60 -9.91 13.93
C GLY A 96 -3.71 -10.39 15.37
N ASN A 97 -2.60 -10.92 15.90
CA ASN A 97 -2.55 -11.42 17.27
C ASN A 97 -1.97 -10.36 18.22
N GLY A 98 -2.40 -9.10 18.03
CA GLY A 98 -1.92 -7.99 18.84
C GLY A 98 -0.60 -7.43 18.32
N TYR A 99 0.02 -8.18 17.42
CA TYR A 99 1.30 -7.82 16.81
C TYR A 99 1.35 -8.25 15.34
N ILE A 100 2.06 -7.47 14.53
CA ILE A 100 2.24 -7.74 13.10
C ILE A 100 3.54 -8.47 12.94
N SER A 101 3.47 -9.51 12.16
CA SER A 101 4.58 -10.41 11.94
C SER A 101 5.67 -9.78 11.09
N ALA A 102 6.88 -10.26 11.31
CA ALA A 102 8.05 -9.70 10.63
C ALA A 102 8.06 -10.02 9.14
N ALA A 103 7.92 -11.31 8.84
CA ALA A 103 7.88 -11.78 7.46
C ALA A 103 6.54 -11.51 6.79
N GLU A 104 5.74 -10.66 7.42
CA GLU A 104 4.41 -10.34 6.91
C GLU A 104 4.41 -9.38 5.75
N LEU A 105 5.11 -8.25 5.82
CA LEU A 105 5.10 -7.35 4.68
C LEU A 105 5.76 -7.98 3.46
N ARG A 106 6.76 -8.88 3.64
CA ARG A 106 7.32 -9.56 2.47
C ARG A 106 6.20 -10.40 1.86
N HIS A 107 5.29 -10.88 2.74
CA HIS A 107 4.13 -11.66 2.29
C HIS A 107 3.05 -10.76 1.66
N VAL A 108 2.63 -9.72 2.40
CA VAL A 108 1.58 -8.75 1.97
C VAL A 108 2.08 -7.77 0.89
N MET A 109 3.17 -7.03 1.21
CA MET A 109 3.74 -6.03 0.29
C MET A 109 4.22 -6.62 -1.03
N THR A 110 4.65 -7.88 -1.00
CA THR A 110 5.14 -8.58 -2.20
C THR A 110 4.05 -8.66 -3.25
N ASN A 111 2.83 -8.85 -2.77
CA ASN A 111 1.66 -8.90 -3.62
C ASN A 111 1.33 -7.48 -4.10
N LEU A 112 1.84 -6.50 -3.33
CA LEU A 112 1.65 -5.07 -3.64
C LEU A 112 2.56 -4.64 -4.80
N GLY A 113 3.39 -5.60 -5.31
CA GLY A 113 4.22 -5.33 -6.49
C GLY A 113 5.68 -5.03 -6.21
N GLU A 114 6.12 -5.21 -4.97
CA GLU A 114 7.53 -5.02 -4.64
C GLU A 114 8.07 -6.26 -3.92
N LYS A 115 8.60 -7.20 -4.71
CA LYS A 115 9.14 -8.47 -4.19
C LYS A 115 10.41 -8.23 -3.35
N LEU A 116 10.21 -8.08 -2.05
CA LEU A 116 11.30 -7.84 -1.12
C LEU A 116 11.42 -8.91 -0.05
N THR A 117 12.61 -8.93 0.55
CA THR A 117 12.93 -9.83 1.64
C THR A 117 12.69 -9.09 2.96
N ASP A 118 12.74 -9.81 4.10
CA ASP A 118 12.51 -9.24 5.44
C ASP A 118 13.31 -7.97 5.72
N GLU A 119 14.47 -7.88 5.08
CA GLU A 119 15.38 -6.72 5.20
C GLU A 119 14.70 -5.38 4.96
N GLU A 120 13.94 -5.33 3.87
CA GLU A 120 13.19 -4.13 3.47
C GLU A 120 12.02 -3.91 4.40
N VAL A 121 11.40 -5.02 4.84
CA VAL A 121 10.30 -4.97 5.80
C VAL A 121 10.84 -4.69 7.20
N ASP A 122 12.09 -5.14 7.45
CA ASP A 122 12.77 -4.92 8.73
C ASP A 122 12.93 -3.43 9.01
N GLU A 123 13.13 -2.65 7.94
CA GLU A 123 13.21 -1.19 8.06
C GLU A 123 11.79 -0.71 8.34
N MET A 124 10.81 -1.49 7.84
CA MET A 124 9.40 -1.25 8.04
C MET A 124 9.00 -1.60 9.48
N ILE A 125 9.47 -2.76 9.98
CA ILE A 125 9.10 -3.21 11.34
C ILE A 125 9.93 -2.53 12.44
N ARG A 126 11.16 -2.13 12.11
CA ARG A 126 12.05 -1.43 13.06
C ARG A 126 11.54 -0.02 13.36
N GLU A 127 10.90 0.60 12.36
CA GLU A 127 10.33 1.94 12.50
C GLU A 127 9.03 1.96 13.31
N ALA A 128 8.39 0.78 13.43
CA ALA A 128 7.16 0.63 14.17
C ALA A 128 7.43 0.09 15.58
N ASP A 129 8.59 -0.54 15.74
CA ASP A 129 8.98 -1.11 17.01
C ASP A 129 10.12 -0.31 17.66
N ILE A 130 9.77 0.44 18.70
CA ILE A 130 10.74 1.25 19.46
C ILE A 130 11.59 0.37 20.39
N ASP A 131 11.04 -0.80 20.71
CA ASP A 131 11.70 -1.78 21.58
C ASP A 131 12.47 -2.83 20.77
N GLY A 132 12.41 -2.72 19.43
CA GLY A 132 13.11 -3.66 18.54
C GLY A 132 12.70 -5.11 18.72
N ASP A 133 11.39 -5.37 18.72
CA ASP A 133 10.85 -6.74 18.90
C ASP A 133 10.66 -7.46 17.55
N GLY A 134 10.85 -6.72 16.44
CA GLY A 134 10.71 -7.31 15.10
C GLY A 134 9.28 -7.60 14.67
N GLN A 135 8.30 -7.03 15.37
CA GLN A 135 6.87 -7.23 15.03
C GLN A 135 6.07 -5.97 15.31
N VAL A 136 4.86 -5.78 14.69
CA VAL A 136 4.17 -4.52 14.92
C VAL A 136 2.78 -4.67 15.59
N ASN A 137 2.68 -4.17 16.81
CA ASN A 137 1.43 -4.17 17.58
C ASN A 137 0.48 -3.06 17.12
N TYR A 138 -0.79 -3.19 17.55
CA TYR A 138 -1.87 -2.26 17.19
C TYR A 138 -1.57 -0.78 17.51
N GLU A 139 -0.81 -0.56 18.58
CA GLU A 139 -0.47 0.80 19.07
C GLU A 139 0.49 1.60 18.22
N GLU A 140 1.55 1.00 17.71
CA GLU A 140 2.53 1.79 16.98
C GLU A 140 2.17 2.13 15.52
N PHE A 141 1.79 1.13 14.70
CA PHE A 141 1.44 1.36 13.26
C PHE A 141 0.37 2.44 13.07
N VAL A 142 -0.53 2.61 14.04
CA VAL A 142 -1.59 3.61 13.96
C VAL A 142 -1.01 5.00 14.19
N GLN A 143 -0.13 4.99 15.18
CA GLN A 143 0.63 6.13 15.64
C GLN A 143 1.59 6.63 14.55
N MET A 144 2.15 5.67 13.82
CA MET A 144 3.08 5.93 12.74
C MET A 144 2.39 6.48 11.49
N MET A 145 1.09 6.16 11.31
CA MET A 145 0.37 6.66 10.11
C MET A 145 -0.31 7.99 10.40
N THR A 146 -0.72 8.20 11.67
CA THR A 146 -1.29 9.48 12.08
C THR A 146 -0.16 10.51 12.12
N ALA A 147 1.08 9.96 12.07
CA ALA A 147 2.32 10.71 12.02
C ALA A 147 3.39 9.92 11.28
N LYS A 148 3.25 9.90 9.97
CA LYS A 148 4.22 9.24 9.07
C LYS A 148 5.24 10.24 8.53
N TPO B 1 8.98 1.74 4.84
CA TPO B 1 8.88 1.63 6.32
CB TPO B 1 9.56 2.83 7.01
CG2 TPO B 1 11.08 2.79 6.81
OG1 TPO B 1 9.06 4.07 6.50
C TPO B 1 7.41 1.58 6.77
O TPO B 1 6.53 1.99 6.01
H1 TPO B 1 8.53 0.91 4.39
H2 TPO B 1 9.97 1.79 4.55
H3 TPO B 1 8.49 2.60 4.51
HA TPO B 1 9.38 0.73 6.62
HB TPO B 1 9.35 2.79 8.07
HG21 TPO B 1 11.48 1.91 7.31
HG22 TPO B 1 11.53 3.68 7.24
HG23 TPO B 1 11.30 2.74 5.76
N PHE B 2 7.16 1.10 8.00
CA PHE B 2 5.78 0.99 8.56
C PHE B 2 5.04 2.35 8.49
N LYS B 3 5.81 3.45 8.54
CA LYS B 3 5.26 4.82 8.48
C LYS B 3 4.80 5.24 7.06
N GLU B 4 5.71 5.17 6.06
CA GLU B 4 5.39 5.56 4.68
C GLU B 4 4.58 4.49 3.93
N VAL B 5 4.96 3.23 4.14
CA VAL B 5 4.29 2.06 3.51
C VAL B 5 2.78 2.03 3.85
N ALA B 6 2.42 2.58 5.03
CA ALA B 6 1.03 2.64 5.49
C ALA B 6 0.10 3.26 4.43
N ASN B 7 0.62 4.28 3.72
CA ASN B 7 -0.11 4.99 2.66
C ASN B 7 -0.23 4.13 1.38
N ALA B 8 0.69 3.16 1.22
CA ALA B 8 0.73 2.27 0.05
C ALA B 8 -0.46 1.29 0.04
N VAL B 9 -0.68 0.60 1.16
CA VAL B 9 -1.79 -0.36 1.29
C VAL B 9 -3.15 0.39 1.41
N LYS B 10 -3.12 1.63 1.94
CA LYS B 10 -4.33 2.46 2.11
C LYS B 10 -5.01 2.79 0.78
N ILE B 11 -4.23 2.88 -0.31
CA ILE B 11 -4.78 3.19 -1.65
C ILE B 11 -5.64 2.02 -2.20
N SER B 12 -5.63 0.88 -1.49
CA SER B 12 -6.40 -0.30 -1.85
C SER B 12 -7.77 -0.30 -1.15
N ALA B 13 -8.07 0.80 -0.45
CA ALA B 13 -9.33 0.97 0.29
C ALA B 13 -10.49 1.38 -0.63
N SER B 14 -10.18 1.59 -1.92
CA SER B 14 -11.17 2.00 -2.91
C SER B 14 -11.78 0.79 -3.63
N LEU B 15 -10.95 -0.23 -3.88
CA LEU B 15 -11.39 -1.45 -4.56
C LEU B 15 -11.85 -2.52 -3.55
N MET B 16 -11.09 -2.68 -2.46
CA MET B 16 -11.40 -3.65 -1.42
C MET B 16 -11.35 -2.99 -0.04
N ALA A 1 3.70 16.99 15.21
CA ALA A 1 3.51 17.66 13.89
C ALA A 1 2.76 16.77 12.92
N ASP A 2 1.76 17.35 12.25
CA ASP A 2 0.93 16.63 11.28
C ASP A 2 0.86 17.37 9.95
N GLN A 3 1.32 16.72 8.87
CA GLN A 3 1.31 17.30 7.54
C GLN A 3 0.99 16.24 6.49
N LEU A 4 0.21 16.64 5.48
CA LEU A 4 -0.18 15.76 4.38
C LEU A 4 0.51 16.13 3.06
N THR A 5 1.38 17.15 3.11
CA THR A 5 2.10 17.63 1.92
C THR A 5 3.42 16.89 1.70
N GLU A 6 3.95 16.36 2.78
CA GLU A 6 5.20 15.63 2.78
C GLU A 6 5.09 14.24 2.15
N GLU A 7 3.93 13.59 2.37
CA GLU A 7 3.68 12.23 1.84
C GLU A 7 3.41 12.24 0.33
N GLN A 8 2.56 13.17 -0.12
CA GLN A 8 2.17 13.30 -1.53
C GLN A 8 3.25 13.98 -2.40
N ILE A 9 4.31 14.51 -1.76
CA ILE A 9 5.38 15.20 -2.47
C ILE A 9 6.71 14.43 -2.34
N ALA A 10 7.09 14.09 -1.11
CA ALA A 10 8.34 13.37 -0.86
C ALA A 10 8.16 11.85 -0.97
N GLU A 11 7.16 11.33 -0.25
CA GLU A 11 6.86 9.90 -0.24
C GLU A 11 6.15 9.44 -1.52
N PHE A 12 5.71 10.40 -2.36
CA PHE A 12 5.07 10.06 -3.63
C PHE A 12 6.15 9.59 -4.59
N LYS A 13 7.30 10.27 -4.56
CA LYS A 13 8.45 9.90 -5.36
C LYS A 13 9.18 8.74 -4.68
N GLU A 14 8.54 8.26 -3.64
CA GLU A 14 8.98 7.15 -2.84
C GLU A 14 8.11 5.96 -3.20
N ALA A 15 6.80 6.24 -3.33
CA ALA A 15 5.79 5.26 -3.69
C ALA A 15 5.80 4.98 -5.19
N PHE A 16 6.13 6.02 -6.00
CA PHE A 16 6.20 5.88 -7.45
C PHE A 16 7.38 5.00 -7.85
N SER A 17 8.46 5.11 -7.09
CA SER A 17 9.65 4.31 -7.30
C SER A 17 9.41 2.86 -6.86
N LEU A 18 8.56 2.70 -5.83
CA LEU A 18 8.18 1.39 -5.29
C LEU A 18 7.17 0.66 -6.19
N PHE A 19 6.22 1.43 -6.73
CA PHE A 19 5.17 0.89 -7.61
C PHE A 19 5.60 0.88 -9.08
N ASP A 20 5.81 2.07 -9.68
CA ASP A 20 6.19 2.18 -11.09
C ASP A 20 7.67 1.83 -11.29
N LYS A 21 7.86 0.55 -11.58
CA LYS A 21 9.17 -0.06 -11.81
C LYS A 21 9.80 0.36 -13.15
N ASP A 22 8.99 0.96 -14.03
CA ASP A 22 9.44 1.39 -15.35
C ASP A 22 9.98 2.83 -15.35
N GLY A 23 9.44 3.67 -14.45
CA GLY A 23 9.86 5.07 -14.35
C GLY A 23 9.28 5.97 -15.45
N ASP A 24 8.56 5.35 -16.40
CA ASP A 24 7.92 6.08 -17.50
C ASP A 24 6.51 6.51 -17.11
N GLY A 25 6.08 6.07 -15.92
CA GLY A 25 4.76 6.40 -15.40
C GLY A 25 3.73 5.31 -15.65
N THR A 26 4.15 4.05 -15.45
CA THR A 26 3.28 2.89 -15.64
C THR A 26 3.63 1.78 -14.68
N ILE A 27 2.61 1.12 -14.18
CA ILE A 27 2.78 0.02 -13.24
C ILE A 27 2.36 -1.33 -13.84
N THR A 28 2.62 -2.41 -13.09
CA THR A 28 2.27 -3.77 -13.51
C THR A 28 0.81 -4.09 -13.12
N THR A 29 0.16 -4.91 -13.94
CA THR A 29 -1.24 -5.30 -13.73
C THR A 29 -1.44 -6.26 -12.54
N LYS A 30 -0.42 -7.07 -12.28
CA LYS A 30 -0.42 -8.03 -11.19
C LYS A 30 -0.40 -7.33 -9.82
N GLU A 31 0.05 -6.07 -9.83
CA GLU A 31 0.16 -5.23 -8.64
C GLU A 31 -1.17 -4.67 -8.17
N LEU A 32 -1.92 -4.12 -9.11
CA LEU A 32 -3.21 -3.53 -8.79
C LEU A 32 -4.21 -4.60 -8.45
N GLY A 33 -3.94 -5.83 -8.90
CA GLY A 33 -4.79 -6.93 -8.59
C GLY A 33 -4.64 -7.40 -7.17
N THR A 34 -3.59 -6.86 -6.59
CA THR A 34 -3.16 -7.14 -5.21
C THR A 34 -4.02 -6.40 -4.15
N VAL A 35 -5.10 -5.73 -4.59
CA VAL A 35 -5.98 -4.99 -3.67
C VAL A 35 -6.49 -5.88 -2.54
N MET A 36 -7.18 -6.96 -2.92
CA MET A 36 -7.74 -7.93 -1.97
C MET A 36 -6.64 -8.75 -1.30
N ARG A 37 -5.70 -9.22 -2.13
CA ARG A 37 -4.60 -10.08 -1.70
C ARG A 37 -3.50 -9.38 -0.86
N SER A 38 -3.95 -8.69 0.19
CA SER A 38 -3.12 -7.99 1.16
C SER A 38 -3.86 -8.04 2.50
N LEU A 39 -5.18 -8.09 2.36
CA LEU A 39 -6.13 -8.20 3.48
C LEU A 39 -6.23 -9.65 3.93
N GLY A 40 -5.26 -10.47 3.49
CA GLY A 40 -5.30 -11.90 3.76
C GLY A 40 -6.46 -12.51 3.01
N GLN A 41 -6.60 -12.05 1.77
CA GLN A 41 -7.69 -12.41 0.89
C GLN A 41 -7.26 -13.26 -0.29
N ASN A 42 -8.08 -13.14 -1.32
CA ASN A 42 -7.97 -13.85 -2.56
C ASN A 42 -7.40 -12.98 -3.69
N PRO A 43 -6.61 -13.57 -4.66
CA PRO A 43 -6.04 -12.81 -5.79
C PRO A 43 -7.05 -12.52 -6.90
N THR A 44 -7.48 -11.26 -7.00
CA THR A 44 -8.42 -10.80 -8.02
C THR A 44 -7.71 -10.58 -9.35
N GLU A 45 -7.66 -11.67 -10.11
CA GLU A 45 -7.03 -11.71 -11.42
C GLU A 45 -7.85 -10.93 -12.45
N ALA A 46 -9.16 -11.17 -12.42
CA ALA A 46 -10.10 -10.54 -13.32
C ALA A 46 -10.36 -9.05 -13.03
N GLU A 47 -9.87 -8.57 -11.87
CA GLU A 47 -10.09 -7.18 -11.45
C GLU A 47 -9.17 -6.15 -12.14
N LEU A 48 -7.85 -6.42 -12.23
CA LEU A 48 -6.90 -5.48 -12.84
C LEU A 48 -7.18 -5.19 -14.30
N GLN A 49 -7.73 -6.16 -15.01
CA GLN A 49 -8.10 -5.94 -16.39
C GLN A 49 -9.35 -5.11 -16.39
N ASP A 50 -10.20 -5.35 -15.39
CA ASP A 50 -11.40 -4.59 -15.21
C ASP A 50 -11.11 -3.19 -14.63
N MET A 51 -9.86 -2.96 -14.21
CA MET A 51 -9.50 -1.67 -13.62
C MET A 51 -8.49 -0.91 -14.45
N ILE A 52 -7.52 -1.59 -15.07
CA ILE A 52 -6.54 -0.92 -15.90
C ILE A 52 -7.24 -0.52 -17.18
N ASN A 53 -8.15 -1.40 -17.59
CA ASN A 53 -8.97 -1.23 -18.77
C ASN A 53 -9.83 0.04 -18.66
N GLU A 54 -10.28 0.31 -17.43
CA GLU A 54 -11.09 1.48 -17.14
C GLU A 54 -10.25 2.73 -16.86
N VAL A 55 -9.05 2.51 -16.32
CA VAL A 55 -8.18 3.65 -15.99
C VAL A 55 -7.03 3.91 -17.01
N ASP A 56 -6.96 3.12 -18.09
CA ASP A 56 -5.95 3.32 -19.15
C ASP A 56 -6.56 4.20 -20.26
N ALA A 57 -6.63 5.51 -19.97
CA ALA A 57 -7.21 6.52 -20.88
C ALA A 57 -6.40 6.63 -22.15
N ASP A 58 -5.10 6.41 -22.00
CA ASP A 58 -4.18 6.44 -23.11
C ASP A 58 -3.77 5.01 -23.42
N GLY A 59 -4.53 4.10 -22.81
CA GLY A 59 -4.35 2.65 -22.91
C GLY A 59 -2.90 2.21 -23.07
N ASN A 60 -2.15 2.29 -21.97
CA ASN A 60 -0.74 1.95 -21.94
C ASN A 60 -0.49 0.45 -21.74
N GLY A 61 -1.56 -0.36 -21.78
CA GLY A 61 -1.44 -1.78 -21.48
C GLY A 61 -1.36 -1.93 -20.00
N THR A 62 -0.62 -0.97 -19.44
CA THR A 62 -0.42 -0.81 -18.05
C THR A 62 -1.24 0.44 -17.68
N ILE A 63 -0.75 1.30 -16.78
CA ILE A 63 -1.52 2.50 -16.42
C ILE A 63 -0.63 3.74 -16.42
N ASP A 64 -1.16 4.88 -16.87
CA ASP A 64 -0.38 6.12 -16.93
C ASP A 64 -0.73 7.09 -15.78
N PHE A 65 -0.12 8.29 -15.81
CA PHE A 65 -0.30 9.34 -14.78
C PHE A 65 -1.69 10.02 -14.71
N PRO A 66 -2.31 10.51 -15.85
CA PRO A 66 -3.62 11.21 -15.81
C PRO A 66 -4.78 10.42 -15.18
N GLU A 67 -5.13 9.28 -15.79
CA GLU A 67 -6.22 8.43 -15.32
C GLU A 67 -5.81 7.50 -14.14
N PHE A 68 -4.66 7.81 -13.53
CA PHE A 68 -4.10 7.05 -12.41
C PHE A 68 -4.90 7.24 -11.10
N LEU A 69 -4.97 8.49 -10.62
CA LEU A 69 -5.67 8.83 -9.36
C LEU A 69 -7.20 8.78 -9.45
N THR A 70 -7.76 8.38 -10.60
CA THR A 70 -9.22 8.31 -10.76
C THR A 70 -9.83 7.11 -10.07
N MET A 71 -9.12 5.99 -10.08
CA MET A 71 -9.58 4.78 -9.38
C MET A 71 -9.66 5.10 -7.88
N MET A 72 -8.66 5.87 -7.43
CA MET A 72 -8.56 6.33 -6.05
C MET A 72 -9.50 7.52 -5.80
N ALA A 73 -9.97 8.15 -6.90
CA ALA A 73 -10.85 9.34 -6.82
C ALA A 73 -12.16 9.11 -6.06
N ARG A 74 -13.03 8.23 -6.58
CA ARG A 74 -14.33 7.93 -5.94
C ARG A 74 -14.14 7.36 -4.54
N LYS A 75 -12.98 6.72 -4.32
CA LYS A 75 -12.64 6.13 -3.03
C LYS A 75 -12.11 7.19 -2.05
N MET A 76 -11.32 8.15 -2.57
CA MET A 76 -10.77 9.22 -1.74
C MET A 76 -11.80 10.33 -1.47
N LYS A 77 -12.74 10.04 -0.56
CA LYS A 77 -13.78 11.00 -0.18
C LYS A 77 -13.30 11.94 0.94
N ASP A 78 -11.97 11.96 1.09
CA ASP A 78 -11.22 12.78 2.07
C ASP A 78 -11.54 12.48 3.55
N THR A 79 -12.83 12.40 3.91
CA THR A 79 -13.23 12.15 5.31
C THR A 79 -13.17 10.66 5.72
N ASP A 80 -12.02 10.02 5.50
CA ASP A 80 -11.84 8.63 5.89
C ASP A 80 -11.10 8.52 7.23
N SER A 81 -11.81 8.09 8.26
CA SER A 81 -11.21 7.91 9.59
C SER A 81 -10.47 6.56 9.65
N GLU A 82 -11.13 5.55 10.23
CA GLU A 82 -10.61 4.20 10.35
C GLU A 82 -10.63 3.45 9.01
N GLU A 83 -11.29 4.02 7.99
CA GLU A 83 -11.38 3.37 6.68
C GLU A 83 -10.01 3.34 6.01
N GLU A 84 -9.27 4.43 6.16
CA GLU A 84 -7.90 4.51 5.65
C GLU A 84 -6.96 3.74 6.58
N ILE A 85 -7.42 3.53 7.84
CA ILE A 85 -6.68 2.79 8.84
C ILE A 85 -6.74 1.29 8.56
N ARG A 86 -7.96 0.77 8.33
CA ARG A 86 -8.14 -0.66 8.03
C ARG A 86 -7.63 -0.98 6.62
N GLU A 87 -7.69 0.04 5.73
CA GLU A 87 -7.19 -0.07 4.35
C GLU A 87 -5.67 -0.10 4.33
N ALA A 88 -5.09 -0.22 5.51
CA ALA A 88 -3.68 -0.33 5.64
C ALA A 88 -3.30 -1.37 6.70
N PHE A 89 -4.19 -1.56 7.70
CA PHE A 89 -3.94 -2.51 8.79
C PHE A 89 -4.10 -3.99 8.41
N ARG A 90 -5.32 -4.42 8.02
CA ARG A 90 -5.58 -5.84 7.67
C ARG A 90 -4.93 -6.13 6.32
N VAL A 91 -4.67 -5.05 5.63
CA VAL A 91 -4.06 -5.01 4.31
C VAL A 91 -2.54 -5.26 4.43
N PHE A 92 -1.99 -4.83 5.57
CA PHE A 92 -0.58 -5.00 5.91
C PHE A 92 -0.34 -6.37 6.59
N ASP A 93 -1.15 -6.67 7.63
CA ASP A 93 -1.08 -7.93 8.37
C ASP A 93 -2.05 -8.97 7.74
N LYS A 94 -1.49 -10.01 7.10
CA LYS A 94 -2.28 -11.08 6.46
C LYS A 94 -3.22 -11.82 7.41
N ASP A 95 -2.85 -11.93 8.69
CA ASP A 95 -3.67 -12.64 9.69
C ASP A 95 -4.67 -11.70 10.37
N GLY A 96 -4.16 -10.64 11.02
CA GLY A 96 -5.02 -9.68 11.72
C GLY A 96 -5.42 -10.14 13.11
N ASN A 97 -4.43 -10.26 14.00
CA ASN A 97 -4.67 -10.71 15.37
C ASN A 97 -4.17 -9.68 16.39
N GLY A 98 -4.46 -8.40 16.12
CA GLY A 98 -4.04 -7.31 17.02
C GLY A 98 -2.61 -6.87 16.77
N TYR A 99 -1.84 -7.75 16.12
CA TYR A 99 -0.43 -7.49 15.81
C TYR A 99 -0.14 -7.85 14.36
N ILE A 100 0.76 -7.09 13.75
CA ILE A 100 1.18 -7.31 12.36
C ILE A 100 2.44 -8.14 12.37
N SER A 101 2.36 -9.19 11.58
CA SER A 101 3.39 -10.20 11.50
C SER A 101 4.63 -9.69 10.80
N ALA A 102 5.76 -10.28 11.18
CA ALA A 102 7.05 -9.83 10.67
C ALA A 102 7.27 -10.18 9.21
N ALA A 103 7.13 -11.45 8.90
CA ALA A 103 7.29 -11.95 7.54
C ALA A 103 6.08 -11.64 6.67
N GLU A 104 5.17 -10.82 7.20
CA GLU A 104 3.95 -10.48 6.50
C GLU A 104 4.14 -9.46 5.42
N LEU A 105 4.81 -8.33 5.71
CA LEU A 105 5.00 -7.35 4.67
C LEU A 105 5.84 -7.88 3.53
N ARG A 106 6.78 -8.81 3.80
CA ARG A 106 7.54 -9.37 2.69
C ARG A 106 6.62 -10.26 1.85
N HIS A 107 5.58 -10.83 2.49
CA HIS A 107 4.59 -11.64 1.78
C HIS A 107 3.61 -10.73 1.01
N VAL A 108 3.14 -9.66 1.69
CA VAL A 108 2.18 -8.69 1.13
C VAL A 108 2.85 -7.74 0.11
N MET A 109 3.94 -7.07 0.55
CA MET A 109 4.68 -6.12 -0.30
C MET A 109 5.22 -6.79 -1.56
N THR A 110 5.54 -8.10 -1.46
CA THR A 110 6.05 -8.88 -2.58
C THR A 110 4.98 -9.02 -3.65
N ASN A 111 3.76 -9.19 -3.18
CA ASN A 111 2.58 -9.28 -4.02
C ASN A 111 2.24 -7.89 -4.57
N LEU A 112 2.77 -6.87 -3.88
CA LEU A 112 2.58 -5.46 -4.29
C LEU A 112 3.57 -5.06 -5.39
N GLY A 113 4.45 -6.01 -5.79
CA GLY A 113 5.38 -5.79 -6.89
C GLY A 113 6.80 -5.41 -6.46
N GLU A 114 7.10 -5.52 -5.18
CA GLU A 114 8.44 -5.24 -4.68
C GLU A 114 8.92 -6.45 -3.86
N LYS A 115 9.59 -7.38 -4.56
CA LYS A 115 10.08 -8.64 -3.97
C LYS A 115 11.20 -8.44 -2.94
N LEU A 116 10.85 -8.68 -1.67
CA LEU A 116 11.82 -8.60 -0.57
C LEU A 116 11.57 -9.66 0.48
N THR A 117 12.59 -9.89 1.30
CA THR A 117 12.54 -10.85 2.39
C THR A 117 12.20 -10.10 3.70
N ASP A 118 12.06 -10.84 4.81
CA ASP A 118 11.74 -10.26 6.13
C ASP A 118 12.75 -9.18 6.54
N GLU A 119 13.97 -9.30 6.04
CA GLU A 119 15.07 -8.37 6.29
C GLU A 119 14.70 -6.90 6.01
N GLU A 120 14.15 -6.68 4.82
CA GLU A 120 13.74 -5.35 4.35
C GLU A 120 12.52 -4.89 5.13
N VAL A 121 11.65 -5.86 5.48
CA VAL A 121 10.47 -5.58 6.28
C VAL A 121 10.85 -5.36 7.74
N ASP A 122 11.94 -6.01 8.17
CA ASP A 122 12.46 -5.90 9.53
C ASP A 122 12.79 -4.46 9.89
N GLU A 123 13.32 -3.71 8.91
CA GLU A 123 13.58 -2.29 9.09
C GLU A 123 12.23 -1.58 9.10
N MET A 124 11.27 -2.19 8.38
CA MET A 124 9.90 -1.72 8.30
C MET A 124 9.15 -2.00 9.61
N ILE A 125 9.42 -3.17 10.24
CA ILE A 125 8.73 -3.54 11.49
C ILE A 125 9.44 -2.96 12.73
N ARG A 126 10.75 -2.75 12.62
CA ARG A 126 11.56 -2.15 13.69
C ARG A 126 11.17 -0.70 13.93
N GLU A 127 10.77 -0.02 12.85
CA GLU A 127 10.33 1.39 12.90
C GLU A 127 8.97 1.54 13.59
N ALA A 128 8.23 0.44 13.69
CA ALA A 128 6.94 0.43 14.33
C ALA A 128 7.01 -0.19 15.73
N ASP A 129 8.05 -0.95 15.98
CA ASP A 129 8.25 -1.60 17.24
C ASP A 129 9.39 -0.98 18.04
N ILE A 130 9.01 -0.17 19.03
CA ILE A 130 9.99 0.49 19.93
C ILE A 130 10.57 -0.48 20.96
N ASP A 131 9.82 -1.56 21.20
CA ASP A 131 10.20 -2.59 22.16
C ASP A 131 10.92 -3.77 21.46
N GLY A 132 11.06 -3.66 20.12
CA GLY A 132 11.74 -4.69 19.33
C GLY A 132 11.10 -6.08 19.43
N ASP A 133 9.78 -6.14 19.25
CA ASP A 133 9.06 -7.43 19.32
C ASP A 133 8.92 -8.08 17.95
N GLY A 134 9.30 -7.35 16.88
CA GLY A 134 9.25 -7.88 15.52
C GLY A 134 7.86 -7.97 14.91
N GLN A 135 6.86 -7.31 15.51
CA GLN A 135 5.48 -7.35 14.99
C GLN A 135 4.76 -6.03 15.23
N VAL A 136 3.72 -5.69 14.42
CA VAL A 136 3.12 -4.37 14.61
C VAL A 136 1.62 -4.37 15.01
N ASN A 137 1.36 -4.03 16.28
CA ASN A 137 0.00 -3.92 16.81
C ASN A 137 -0.64 -2.58 16.41
N TYR A 138 -1.95 -2.43 16.73
CA TYR A 138 -2.74 -1.22 16.41
C TYR A 138 -2.11 0.08 16.94
N GLU A 139 -1.45 -0.01 18.10
CA GLU A 139 -0.85 1.15 18.79
C GLU A 139 0.19 1.94 18.02
N GLU A 140 1.26 1.32 17.55
CA GLU A 140 2.31 2.08 16.90
C GLU A 140 2.05 2.47 15.43
N PHE A 141 1.65 1.51 14.58
CA PHE A 141 1.38 1.77 13.14
C PHE A 141 0.46 2.98 12.88
N VAL A 142 -0.46 3.27 13.81
CA VAL A 142 -1.38 4.39 13.66
C VAL A 142 -0.62 5.68 13.93
N GLN A 143 0.18 5.57 14.99
CA GLN A 143 1.04 6.61 15.50
C GLN A 143 2.07 7.03 14.44
N MET A 144 2.54 6.02 13.71
CA MET A 144 3.51 6.19 12.64
C MET A 144 2.87 6.81 11.39
N MET A 145 1.56 6.64 11.22
CA MET A 145 0.84 7.19 10.06
C MET A 145 0.32 8.59 10.36
N THR A 146 -0.11 8.84 11.61
CA THR A 146 -0.55 10.17 12.02
C THR A 146 0.70 11.10 11.97
N ALA A 147 1.86 10.43 11.87
CA ALA A 147 3.15 11.06 11.74
C ALA A 147 4.06 10.18 10.89
N LYS A 148 3.78 10.20 9.59
CA LYS A 148 4.56 9.46 8.59
C LYS A 148 5.72 10.31 8.05
N TPO B 1 9.49 1.60 5.14
CA TPO B 1 9.24 1.52 6.60
CB TPO B 1 9.89 2.71 7.34
CG2 TPO B 1 11.41 2.64 7.28
OG1 TPO B 1 9.44 3.95 6.77
C TPO B 1 7.74 1.49 6.91
O TPO B 1 6.93 1.89 6.08
H1 TPO B 1 10.51 1.63 4.94
H2 TPO B 1 9.05 2.46 4.74
H3 TPO B 1 9.08 0.77 4.66
HA TPO B 1 9.69 0.62 6.96
HB TPO B 1 9.58 2.68 8.38
HG21 TPO B 1 11.73 2.84 6.26
HG22 TPO B 1 11.74 1.66 7.57
HG23 TPO B 1 11.83 3.39 7.93
N PHE B 2 7.38 1.04 8.13
CA PHE B 2 5.98 0.97 8.58
C PHE B 2 5.27 2.33 8.47
N LYS B 3 6.06 3.41 8.56
CA LYS B 3 5.56 4.80 8.46
C LYS B 3 5.17 5.21 7.03
N GLU B 4 6.11 5.09 6.08
CA GLU B 4 5.87 5.46 4.67
C GLU B 4 5.08 4.39 3.92
N VAL B 5 5.52 3.13 4.07
CA VAL B 5 4.90 1.96 3.43
C VAL B 5 3.41 1.80 3.81
N ALA B 6 3.03 2.30 4.99
CA ALA B 6 1.65 2.22 5.48
C ALA B 6 0.65 2.76 4.42
N ASN B 7 0.95 3.95 3.89
CA ASN B 7 0.14 4.60 2.84
C ASN B 7 0.32 3.90 1.47
N ALA B 8 1.42 3.14 1.33
CA ALA B 8 1.75 2.43 0.08
C ALA B 8 0.72 1.37 -0.30
N VAL B 9 0.38 0.48 0.64
CA VAL B 9 -0.63 -0.57 0.39
C VAL B 9 -2.05 0.03 0.29
N LYS B 10 -2.25 1.16 1.01
CA LYS B 10 -3.55 1.85 1.07
C LYS B 10 -4.00 2.42 -0.30
N ILE B 11 -3.05 2.87 -1.14
CA ILE B 11 -3.36 3.43 -2.48
C ILE B 11 -4.14 2.42 -3.36
N SER B 12 -3.81 1.14 -3.23
CA SER B 12 -4.48 0.08 -3.97
C SER B 12 -5.59 -0.54 -3.13
N ALA B 13 -5.44 -0.45 -1.80
CA ALA B 13 -6.42 -1.00 -0.85
C ALA B 13 -7.69 -0.14 -0.78
N SER B 14 -7.70 0.99 -1.51
CA SER B 14 -8.84 1.90 -1.56
C SER B 14 -10.02 1.26 -2.32
N LEU B 15 -9.73 0.17 -3.03
CA LEU B 15 -10.74 -0.55 -3.81
C LEU B 15 -11.51 -1.56 -2.93
N MET B 16 -10.83 -2.07 -1.88
CA MET B 16 -11.44 -3.03 -0.96
C MET B 16 -12.05 -2.31 0.25
N ALA A 1 10.70 12.66 10.54
CA ALA A 1 11.64 12.95 11.64
C ALA A 1 12.02 14.44 11.67
N ASP A 2 12.23 15.02 10.49
CA ASP A 2 12.61 16.44 10.37
C ASP A 2 11.39 17.30 10.04
N GLN A 3 10.56 16.83 9.10
CA GLN A 3 9.36 17.54 8.68
C GLN A 3 8.18 16.60 8.56
N LEU A 4 6.99 17.11 8.88
CA LEU A 4 5.75 16.32 8.82
C LEU A 4 4.84 16.76 7.66
N THR A 5 5.23 17.86 6.99
CA THR A 5 4.45 18.41 5.87
C THR A 5 4.92 17.84 4.53
N GLU A 6 6.16 17.39 4.54
CA GLU A 6 6.81 16.82 3.38
C GLU A 6 6.28 15.42 3.02
N GLU A 7 5.91 14.66 4.06
CA GLU A 7 5.37 13.30 3.90
C GLU A 7 3.94 13.30 3.33
N GLN A 8 3.32 14.48 3.29
CA GLN A 8 1.95 14.65 2.77
C GLN A 8 1.90 14.66 1.24
N ILE A 9 3.06 14.85 0.61
CA ILE A 9 3.16 14.90 -0.85
C ILE A 9 4.23 13.92 -1.36
N ALA A 10 5.18 13.56 -0.48
CA ALA A 10 6.27 12.63 -0.82
C ALA A 10 5.83 11.17 -0.75
N GLU A 11 4.87 10.91 0.13
CA GLU A 11 4.32 9.56 0.35
C GLU A 11 3.57 9.04 -0.89
N PHE A 12 3.13 9.94 -1.77
CA PHE A 12 2.47 9.55 -3.00
C PHE A 12 3.49 8.96 -3.95
N LYS A 13 4.67 9.60 -3.98
CA LYS A 13 5.79 9.13 -4.76
C LYS A 13 6.51 7.99 -4.02
N GLU A 14 5.88 7.64 -2.91
CA GLU A 14 6.30 6.56 -2.04
C GLU A 14 5.40 5.37 -2.30
N ALA A 15 4.11 5.70 -2.48
CA ALA A 15 3.06 4.72 -2.79
C ALA A 15 3.11 4.31 -4.26
N PHE A 16 3.41 5.30 -5.13
CA PHE A 16 3.50 5.05 -6.57
C PHE A 16 4.74 4.22 -6.88
N SER A 17 5.77 4.40 -6.06
CA SER A 17 7.01 3.66 -6.17
C SER A 17 6.80 2.21 -5.73
N LEU A 18 5.76 1.99 -4.90
CA LEU A 18 5.41 0.66 -4.39
C LEU A 18 4.72 -0.20 -5.46
N PHE A 19 3.84 0.44 -6.26
CA PHE A 19 3.12 -0.25 -7.33
C PHE A 19 3.92 -0.20 -8.64
N ASP A 20 4.35 1.00 -9.05
CA ASP A 20 5.15 1.18 -10.28
C ASP A 20 6.60 0.75 -10.03
N LYS A 21 6.77 -0.55 -9.81
CA LYS A 21 8.08 -1.18 -9.54
C LYS A 21 8.97 -1.23 -10.81
N ASP A 22 8.76 -0.28 -11.73
CA ASP A 22 9.53 -0.18 -12.98
C ASP A 22 10.44 1.05 -12.98
N GLY A 23 10.05 2.09 -12.23
CA GLY A 23 10.83 3.33 -12.15
C GLY A 23 10.67 4.24 -13.37
N ASP A 24 9.65 3.95 -14.18
CA ASP A 24 9.36 4.74 -15.38
C ASP A 24 8.02 5.47 -15.21
N GLY A 25 7.26 5.07 -14.18
CA GLY A 25 5.96 5.67 -13.88
C GLY A 25 4.81 4.87 -14.47
N THR A 26 5.03 3.56 -14.64
CA THR A 26 4.04 2.64 -15.19
C THR A 26 4.14 1.29 -14.51
N ILE A 27 2.98 0.68 -14.28
CA ILE A 27 2.96 -0.64 -13.63
C ILE A 27 2.67 -1.75 -14.64
N THR A 28 3.06 -2.98 -14.25
CA THR A 28 2.84 -4.18 -15.04
C THR A 28 1.32 -4.44 -15.12
N THR A 29 0.81 -4.63 -16.35
CA THR A 29 -0.63 -4.85 -16.54
C THR A 29 -1.13 -6.19 -16.04
N LYS A 30 -0.21 -7.10 -15.78
CA LYS A 30 -0.54 -8.40 -15.25
C LYS A 30 -0.87 -8.33 -13.75
N GLU A 31 0.04 -7.68 -12.99
CA GLU A 31 -0.06 -7.58 -11.52
C GLU A 31 -1.02 -6.57 -10.93
N LEU A 32 -1.54 -5.58 -11.67
CA LEU A 32 -2.40 -4.56 -11.03
C LEU A 32 -3.54 -5.18 -10.21
N GLY A 33 -3.89 -6.43 -10.53
CA GLY A 33 -4.94 -7.10 -9.80
C GLY A 33 -4.54 -7.55 -8.41
N THR A 34 -3.36 -7.10 -8.03
CA THR A 34 -2.74 -7.39 -6.74
C THR A 34 -3.32 -6.55 -5.58
N VAL A 35 -4.24 -5.61 -5.91
CA VAL A 35 -4.85 -4.71 -4.92
C VAL A 35 -5.52 -5.47 -3.76
N MET A 36 -6.26 -6.53 -4.11
CA MET A 36 -6.95 -7.37 -3.12
C MET A 36 -5.95 -8.22 -2.34
N ARG A 37 -4.94 -8.71 -3.05
CA ARG A 37 -3.91 -9.60 -2.50
C ARG A 37 -3.11 -9.08 -1.30
N SER A 38 -3.16 -7.78 -1.04
CA SER A 38 -2.49 -7.19 0.13
C SER A 38 -3.34 -7.40 1.37
N LEU A 39 -4.64 -7.57 1.11
CA LEU A 39 -5.64 -7.86 2.13
C LEU A 39 -5.61 -9.36 2.41
N GLY A 40 -4.54 -10.02 1.90
CA GLY A 40 -4.43 -11.47 2.02
C GLY A 40 -5.57 -12.12 1.25
N GLN A 41 -5.80 -11.56 0.06
CA GLN A 41 -6.89 -11.94 -0.82
C GLN A 41 -6.42 -12.64 -2.08
N ASN A 42 -7.29 -12.51 -3.08
CA ASN A 42 -7.16 -13.08 -4.38
C ASN A 42 -6.88 -12.02 -5.45
N PRO A 43 -6.30 -12.38 -6.65
CA PRO A 43 -6.02 -11.43 -7.74
C PRO A 43 -7.27 -11.04 -8.54
N THR A 44 -7.34 -9.77 -8.94
CA THR A 44 -8.45 -9.23 -9.74
C THR A 44 -8.15 -9.32 -11.21
N GLU A 45 -8.58 -10.43 -11.78
CA GLU A 45 -8.43 -10.73 -13.19
C GLU A 45 -9.33 -9.84 -14.04
N ALA A 46 -10.61 -9.80 -13.62
CA ALA A 46 -11.63 -9.01 -14.29
C ALA A 46 -11.50 -7.50 -14.04
N GLU A 47 -11.23 -7.12 -12.78
CA GLU A 47 -11.16 -5.71 -12.38
C GLU A 47 -9.88 -4.95 -12.75
N LEU A 48 -8.76 -5.65 -13.00
CA LEU A 48 -7.49 -5.01 -13.31
C LEU A 48 -7.41 -4.47 -14.73
N GLN A 49 -7.76 -5.31 -15.72
CA GLN A 49 -7.79 -4.87 -17.12
C GLN A 49 -8.93 -3.89 -17.25
N ASP A 50 -9.90 -4.04 -16.35
CA ASP A 50 -11.00 -3.13 -16.26
C ASP A 50 -10.53 -1.81 -15.62
N MET A 51 -9.33 -1.87 -14.98
CA MET A 51 -8.75 -0.69 -14.33
C MET A 51 -7.82 0.07 -15.28
N ILE A 52 -6.91 -0.64 -16.00
CA ILE A 52 -5.98 0.05 -16.89
C ILE A 52 -6.74 0.50 -18.10
N ASN A 53 -7.54 -0.43 -18.62
CA ASN A 53 -8.34 -0.23 -19.79
C ASN A 53 -9.15 1.06 -19.72
N GLU A 54 -9.70 1.33 -18.52
CA GLU A 54 -10.50 2.52 -18.26
C GLU A 54 -9.65 3.75 -17.88
N VAL A 55 -8.50 3.52 -17.25
CA VAL A 55 -7.65 4.64 -16.81
C VAL A 55 -6.50 5.01 -17.77
N ASP A 56 -6.09 4.05 -18.64
CA ASP A 56 -5.02 4.27 -19.65
C ASP A 56 -5.53 5.24 -20.75
N ALA A 57 -5.76 6.50 -20.34
CA ALA A 57 -6.28 7.57 -21.22
C ALA A 57 -5.20 8.03 -22.19
N ASP A 58 -3.97 7.95 -21.74
CA ASP A 58 -2.81 8.30 -22.54
C ASP A 58 -2.23 7.02 -23.12
N GLY A 59 -3.02 5.97 -22.90
CA GLY A 59 -2.73 4.59 -23.31
C GLY A 59 -1.25 4.21 -23.31
N ASN A 60 -0.74 3.90 -22.12
CA ASN A 60 0.65 3.52 -21.93
C ASN A 60 0.84 2.01 -22.05
N GLY A 61 -0.24 1.29 -22.39
CA GLY A 61 -0.21 -0.16 -22.41
C GLY A 61 -0.31 -0.65 -21.00
N THR A 62 0.38 0.13 -20.17
CA THR A 62 0.41 -0.04 -18.76
C THR A 62 -0.43 1.13 -18.19
N ILE A 63 -0.01 1.74 -17.10
CA ILE A 63 -0.76 2.88 -16.54
C ILE A 63 0.22 4.01 -16.18
N ASP A 64 -0.20 5.26 -16.35
CA ASP A 64 0.69 6.39 -16.07
C ASP A 64 0.50 6.94 -14.63
N PHE A 65 1.14 8.10 -14.36
CA PHE A 65 1.12 8.77 -13.05
C PHE A 65 -0.27 9.34 -12.64
N PRO A 66 -0.88 10.31 -13.39
CA PRO A 66 -2.18 10.93 -13.02
C PRO A 66 -3.39 10.01 -13.19
N GLU A 67 -3.35 9.15 -14.21
CA GLU A 67 -4.44 8.23 -14.55
C GLU A 67 -4.72 7.16 -13.47
N PHE A 68 -3.83 7.04 -12.48
CA PHE A 68 -3.97 6.05 -11.40
C PHE A 68 -5.06 6.42 -10.38
N LEU A 69 -5.14 7.71 -10.02
CA LEU A 69 -6.12 8.19 -9.03
C LEU A 69 -7.58 8.20 -9.53
N THR A 70 -7.79 7.95 -10.82
CA THR A 70 -9.13 7.95 -11.40
C THR A 70 -9.92 6.70 -11.09
N MET A 71 -9.22 5.61 -10.86
CA MET A 71 -9.87 4.36 -10.48
C MET A 71 -10.33 4.48 -9.03
N MET A 72 -9.51 5.21 -8.26
CA MET A 72 -9.78 5.53 -6.86
C MET A 72 -10.83 6.66 -6.79
N ALA A 73 -10.99 7.37 -7.94
CA ALA A 73 -11.93 8.50 -8.06
C ALA A 73 -13.39 8.09 -7.81
N ARG A 74 -13.85 7.03 -8.49
CA ARG A 74 -15.22 6.53 -8.34
C ARG A 74 -15.48 6.01 -6.92
N LYS A 75 -14.43 5.46 -6.30
CA LYS A 75 -14.51 4.92 -4.94
C LYS A 75 -14.42 6.00 -3.86
N MET A 76 -13.71 7.12 -4.14
CA MET A 76 -13.56 8.19 -3.15
C MET A 76 -14.80 9.11 -3.05
N LYS A 77 -15.98 8.49 -3.17
CA LYS A 77 -17.26 9.20 -3.10
C LYS A 77 -17.74 9.35 -1.65
N ASP A 78 -17.11 10.28 -0.91
CA ASP A 78 -17.44 10.58 0.51
C ASP A 78 -17.25 9.35 1.42
N THR A 79 -16.06 8.76 1.36
CA THR A 79 -15.71 7.58 2.16
C THR A 79 -15.34 7.94 3.60
N ASP A 80 -15.52 6.99 4.52
CA ASP A 80 -15.22 7.18 5.94
C ASP A 80 -13.72 7.01 6.21
N SER A 81 -13.24 7.60 7.31
CA SER A 81 -11.82 7.53 7.69
C SER A 81 -11.48 6.22 8.41
N GLU A 82 -12.09 5.99 9.59
CA GLU A 82 -11.85 4.79 10.41
C GLU A 82 -12.06 3.48 9.64
N GLU A 83 -13.03 3.47 8.71
CA GLU A 83 -13.28 2.27 7.90
C GLU A 83 -12.10 2.06 6.95
N GLU A 84 -11.51 3.19 6.50
CA GLU A 84 -10.33 3.18 5.66
C GLU A 84 -9.09 2.89 6.50
N ILE A 85 -9.16 3.23 7.81
CA ILE A 85 -8.08 3.00 8.75
C ILE A 85 -8.00 1.53 9.11
N ARG A 86 -9.16 0.92 9.38
CA ARG A 86 -9.22 -0.51 9.70
C ARG A 86 -8.91 -1.35 8.46
N GLU A 87 -9.16 -0.75 7.27
CA GLU A 87 -8.88 -1.38 5.98
C GLU A 87 -7.39 -1.45 5.69
N ALA A 88 -6.60 -1.11 6.71
CA ALA A 88 -5.19 -1.20 6.61
C ALA A 88 -4.57 -1.81 7.87
N PHE A 89 -5.38 -1.92 8.94
CA PHE A 89 -4.94 -2.48 10.22
C PHE A 89 -4.79 -4.03 10.24
N ARG A 90 -5.92 -4.77 10.39
CA ARG A 90 -5.89 -6.25 10.43
C ARG A 90 -5.58 -6.78 9.05
N VAL A 91 -5.68 -5.86 8.12
CA VAL A 91 -5.40 -6.05 6.70
C VAL A 91 -3.88 -6.10 6.52
N PHE A 92 -3.21 -5.38 7.43
CA PHE A 92 -1.76 -5.29 7.50
C PHE A 92 -1.17 -6.46 8.31
N ASP A 93 -1.66 -6.63 9.56
CA ASP A 93 -1.23 -7.68 10.45
C ASP A 93 -1.92 -9.02 10.07
N LYS A 94 -1.16 -9.93 9.45
CA LYS A 94 -1.65 -11.24 9.01
C LYS A 94 -2.09 -12.16 10.17
N ASP A 95 -1.44 -12.00 11.34
CA ASP A 95 -1.75 -12.82 12.52
C ASP A 95 -2.76 -12.12 13.44
N GLY A 96 -2.43 -10.89 13.87
CA GLY A 96 -3.32 -10.13 14.74
C GLY A 96 -3.18 -10.50 16.21
N ASN A 97 -1.99 -10.25 16.77
CA ASN A 97 -1.71 -10.55 18.17
C ASN A 97 -1.25 -9.28 18.92
N GLY A 98 -1.78 -8.13 18.50
CA GLY A 98 -1.41 -6.86 19.11
C GLY A 98 -0.13 -6.28 18.50
N TYR A 99 0.61 -7.15 17.82
CA TYR A 99 1.87 -6.80 17.15
C TYR A 99 1.88 -7.39 15.74
N ILE A 100 2.54 -6.68 14.84
CA ILE A 100 2.69 -7.10 13.44
C ILE A 100 4.00 -7.80 13.31
N SER A 101 3.95 -8.91 12.61
CA SER A 101 5.08 -9.78 12.42
C SER A 101 6.12 -9.17 11.51
N ALA A 102 7.36 -9.64 11.66
CA ALA A 102 8.47 -9.07 10.91
C ALA A 102 8.42 -9.43 9.44
N ALA A 103 8.31 -10.72 9.18
CA ALA A 103 8.21 -11.26 7.82
C ALA A 103 6.82 -11.05 7.23
N GLU A 104 6.02 -10.20 7.89
CA GLU A 104 4.66 -9.95 7.45
C GLU A 104 4.57 -9.03 6.25
N LEU A 105 5.22 -7.86 6.28
CA LEU A 105 5.14 -6.99 5.12
C LEU A 105 5.70 -7.65 3.88
N ARG A 106 6.70 -8.55 4.03
CA ARG A 106 7.22 -9.23 2.85
C ARG A 106 6.16 -10.23 2.37
N HIS A 107 5.33 -10.73 3.30
CA HIS A 107 4.24 -11.64 2.96
C HIS A 107 3.11 -10.88 2.27
N VAL A 108 2.83 -9.66 2.80
CA VAL A 108 1.79 -8.77 2.25
C VAL A 108 2.27 -8.10 0.95
N MET A 109 3.49 -7.54 0.99
CA MET A 109 4.10 -6.86 -0.17
C MET A 109 4.41 -7.81 -1.32
N THR A 110 4.83 -9.05 -0.98
CA THR A 110 5.12 -10.06 -2.00
C THR A 110 3.83 -10.42 -2.72
N ASN A 111 2.78 -10.49 -1.90
CA ASN A 111 1.43 -10.75 -2.35
C ASN A 111 0.87 -9.49 -3.03
N LEU A 112 1.50 -8.34 -2.73
CA LEU A 112 1.09 -7.05 -3.27
C LEU A 112 1.88 -6.72 -4.57
N GLY A 113 2.71 -7.69 -5.05
CA GLY A 113 3.39 -7.56 -6.34
C GLY A 113 4.84 -7.13 -6.34
N GLU A 114 5.47 -6.99 -5.18
CA GLU A 114 6.90 -6.66 -5.14
C GLU A 114 7.64 -7.67 -4.26
N LYS A 115 8.24 -8.66 -4.92
CA LYS A 115 8.95 -9.77 -4.26
C LYS A 115 10.19 -9.33 -3.47
N LEU A 116 10.03 -9.29 -2.14
CA LEU A 116 11.11 -8.93 -1.22
C LEU A 116 11.00 -9.73 0.06
N THR A 117 12.15 -9.95 0.71
CA THR A 117 12.21 -10.65 1.98
C THR A 117 12.13 -9.63 3.13
N ASP A 118 12.21 -10.12 4.37
CA ASP A 118 12.14 -9.29 5.60
C ASP A 118 13.07 -8.06 5.59
N GLU A 119 14.19 -8.16 4.87
CA GLU A 119 15.20 -7.08 4.78
C GLU A 119 14.61 -5.69 4.41
N GLU A 120 13.82 -5.66 3.35
CA GLU A 120 13.19 -4.42 2.88
C GLU A 120 12.09 -3.99 3.84
N VAL A 121 11.43 -5.00 4.41
CA VAL A 121 10.37 -4.79 5.41
C VAL A 121 10.98 -4.41 6.76
N ASP A 122 12.21 -4.89 7.02
CA ASP A 122 12.94 -4.61 8.25
C ASP A 122 13.13 -3.12 8.47
N GLU A 123 13.41 -2.39 7.38
CA GLU A 123 13.51 -0.94 7.44
C GLU A 123 12.10 -0.39 7.63
N MET A 124 11.15 -1.17 7.08
CA MET A 124 9.73 -0.90 7.17
C MET A 124 9.19 -1.17 8.59
N ILE A 125 9.77 -2.18 9.28
CA ILE A 125 9.31 -2.54 10.64
C ILE A 125 10.14 -1.86 11.74
N ARG A 126 11.41 -1.58 11.43
CA ARG A 126 12.31 -0.90 12.38
C ARG A 126 11.86 0.53 12.68
N GLU A 127 11.21 1.15 11.68
CA GLU A 127 10.68 2.51 11.81
C GLU A 127 9.43 2.57 12.70
N ALA A 128 8.79 1.41 12.90
CA ALA A 128 7.62 1.30 13.75
C ALA A 128 8.00 0.86 15.16
N ASP A 129 9.17 0.27 15.29
CA ASP A 129 9.66 -0.20 16.56
C ASP A 129 10.81 0.64 17.08
N ILE A 130 10.52 1.45 18.11
CA ILE A 130 11.53 2.32 18.75
C ILE A 130 12.47 1.50 19.65
N ASP A 131 11.98 0.33 20.07
CA ASP A 131 12.71 -0.58 20.93
C ASP A 131 13.45 -1.66 20.11
N GLY A 132 13.29 -1.60 18.77
CA GLY A 132 13.93 -2.56 17.86
C GLY A 132 13.56 -4.01 18.13
N ASP A 133 12.25 -4.29 18.25
CA ASP A 133 11.76 -5.64 18.51
C ASP A 133 11.45 -6.41 17.22
N GLY A 134 11.49 -5.71 16.07
CA GLY A 134 11.24 -6.35 14.78
C GLY A 134 9.77 -6.66 14.50
N GLN A 135 8.84 -6.07 15.27
CA GLN A 135 7.41 -6.32 15.07
C GLN A 135 6.59 -5.05 15.29
N VAL A 136 5.35 -4.96 14.74
CA VAL A 136 4.63 -3.70 14.91
C VAL A 136 3.30 -3.80 15.68
N ASN A 137 3.29 -3.21 16.88
CA ASN A 137 2.10 -3.13 17.74
C ASN A 137 1.16 -2.03 17.24
N TYR A 138 -0.08 -2.06 17.74
CA TYR A 138 -1.13 -1.10 17.37
C TYR A 138 -0.76 0.36 17.69
N GLU A 139 -0.01 0.56 18.77
CA GLU A 139 0.40 1.89 19.25
C GLU A 139 1.35 2.65 18.35
N GLU A 140 2.35 1.99 17.79
CA GLU A 140 3.30 2.72 16.98
C GLU A 140 2.82 3.01 15.53
N PHE A 141 2.33 1.99 14.83
CA PHE A 141 1.82 2.13 13.44
C PHE A 141 0.69 3.16 13.29
N VAL A 142 -0.06 3.42 14.37
CA VAL A 142 -1.16 4.39 14.33
C VAL A 142 -0.59 5.79 14.29
N GLN A 143 0.43 5.94 15.12
CA GLN A 143 1.21 7.13 15.30
C GLN A 143 1.92 7.52 14.00
N MET A 144 2.38 6.49 13.31
CA MET A 144 3.05 6.61 12.03
C MET A 144 2.09 6.93 10.88
N MET A 145 0.81 6.55 11.05
CA MET A 145 -0.22 6.81 10.01
C MET A 145 -0.90 8.15 10.23
N THR A 146 -1.08 8.55 11.50
CA THR A 146 -1.63 9.86 11.81
C THR A 146 -0.64 10.93 11.29
N ALA A 147 0.56 10.42 10.95
CA ALA A 147 1.63 11.18 10.35
C ALA A 147 2.41 10.29 9.39
N LYS A 148 1.79 10.04 8.24
CA LYS A 148 2.38 9.24 7.16
C LYS A 148 3.19 10.11 6.20
N TPO B 1 9.76 2.34 7.37
CA TPO B 1 8.81 2.86 6.36
CB TPO B 1 9.20 2.42 4.93
CG2 TPO B 1 10.14 3.45 4.29
OG1 TPO B 1 9.83 1.14 4.94
C TPO B 1 7.36 2.45 6.67
O TPO B 1 6.48 2.52 5.80
H1 TPO B 1 9.50 1.37 7.64
H2 TPO B 1 9.75 2.93 8.22
H3 TPO B 1 10.73 2.33 6.99
HA TPO B 1 8.86 3.94 6.40
HB TPO B 1 8.30 2.37 4.34
HG21 TPO B 1 10.41 3.11 3.31
HG22 TPO B 1 11.03 3.53 4.90
HG23 TPO B 1 9.64 4.40 4.24
N PHE B 2 7.11 2.05 7.94
CA PHE B 2 5.76 1.67 8.41
C PHE B 2 4.76 2.83 8.27
N LYS B 3 5.27 4.07 8.34
CA LYS B 3 4.46 5.30 8.21
C LYS B 3 4.00 5.57 6.76
N GLU B 4 4.96 5.60 5.81
CA GLU B 4 4.67 5.89 4.39
C GLU B 4 4.02 4.71 3.66
N VAL B 5 4.42 3.49 4.01
CA VAL B 5 3.92 2.25 3.41
C VAL B 5 2.47 1.95 3.83
N ALA B 6 2.07 2.45 5.02
CA ALA B 6 0.72 2.24 5.58
C ALA B 6 -0.41 2.57 4.58
N ASN B 7 -0.17 3.56 3.71
CA ASN B 7 -1.15 4.00 2.70
C ASN B 7 -1.28 2.98 1.54
N ALA B 8 -0.28 2.10 1.37
CA ALA B 8 -0.25 1.09 0.28
C ALA B 8 -1.45 0.13 0.29
N VAL B 9 -1.66 -0.58 1.40
CA VAL B 9 -2.79 -1.52 1.54
C VAL B 9 -4.14 -0.77 1.67
N LYS B 10 -4.08 0.46 2.20
CA LYS B 10 -5.25 1.32 2.40
C LYS B 10 -5.87 1.75 1.06
N ILE B 11 -5.01 2.11 0.08
CA ILE B 11 -5.46 2.55 -1.25
C ILE B 11 -5.96 1.36 -2.10
N SER B 12 -5.52 0.15 -1.75
CA SER B 12 -5.91 -1.08 -2.45
C SER B 12 -7.19 -1.69 -1.87
N ALA B 13 -7.62 -1.17 -0.71
CA ALA B 13 -8.83 -1.63 -0.03
C ALA B 13 -10.08 -0.92 -0.55
N SER B 14 -9.88 0.12 -1.37
CA SER B 14 -10.98 0.90 -1.96
C SER B 14 -11.66 0.14 -3.10
N LEU B 15 -10.90 -0.76 -3.74
CA LEU B 15 -11.40 -1.57 -4.86
C LEU B 15 -11.98 -2.90 -4.36
N MET B 16 -11.77 -3.19 -3.06
CA MET B 16 -12.25 -4.42 -2.43
C MET B 16 -13.60 -4.17 -1.75
#